data_6X04
#
_entry.id   6X04
#
_cell.length_a   85.799
_cell.length_b   204.761
_cell.length_c   205.833
_cell.angle_alpha   90.000
_cell.angle_beta   90.000
_cell.angle_gamma   90.000
#
_symmetry.space_group_name_H-M   'P 21 21 21'
#
loop_
_entity.id
_entity.type
_entity.pdbx_description
1 polymer 'Nucleoporin NUP133'
2 polymer VHH-SAN5
3 water water
#
loop_
_entity_poly.entity_id
_entity_poly.type
_entity_poly.pdbx_seq_one_letter_code
_entity_poly.pdbx_strand_id
1 'polypeptide(L)'
;GFDNSKVFTENNRYIVKTLQTDYSSGFSNDDELNGYIDMQIGYGLVNDHKKVYIWNIHSTQKDTPYITVPFRSDDNDEIA
VAPRCILTFPATMDESPLALNPNDQDETGGLIIIKGSKAIYYEDINSINNLNFKLSEKFSHELELPINSSGGEKCDLMLN
CEPAGIVLSTNMGRIFFITIRNSMGKPQLKLGKLLNKPFKLGIWSKIFNTNSSVVSLRNGPILGKGTRLVYITTNKGIFQ
TWQLSATNSHPTKLIDVNIYEAILESLQDLYPFAHGTLKIWDSHPLQDESSQLFLSSIYDSSCNETYYILSTIIFDSSSN
SFTIFSTYRLNTFMESITDTKFKPKIFIPQMENANDTNEVTSILVMFPNAVVITQVNSKLDSSYSMRRKWEDIVSLRNDI
DIIGSGYDSKSLYVLTKQMGVLQFFVKE
;
A,C,E,G,I,K
2 'polypeptide(L)'
;QVQLVESGGGLVQAGGSLRLSCAASGSIGSLDAMAWYRRAPGKQRERVASISRYGTYYVDSVKGRFTISRDNAKNTVYLQ
MNSLKPEDTGVYYCKGVMEVGGVIDEYWGQGTQVTVSS
;
B,D,F,H,J,L
#
# COMPACT_ATOMS: atom_id res chain seq x y z
N PHE A 8 29.20 -40.15 -5.65
CA PHE A 8 30.13 -39.12 -6.10
C PHE A 8 29.68 -37.75 -5.60
N THR A 9 28.39 -37.45 -5.78
CA THR A 9 27.78 -36.23 -5.26
C THR A 9 26.31 -36.54 -5.05
N GLU A 10 25.90 -36.71 -3.78
CA GLU A 10 24.62 -37.31 -3.48
C GLU A 10 23.97 -36.60 -2.30
N ASN A 11 22.64 -36.51 -2.33
CA ASN A 11 21.86 -36.17 -1.16
C ASN A 11 20.72 -37.19 -1.10
N ASN A 12 19.72 -36.91 -0.27
CA ASN A 12 18.59 -37.82 -0.05
C ASN A 12 17.65 -37.96 -1.26
N ARG A 13 17.93 -37.40 -2.44
CA ARG A 13 16.95 -37.43 -3.52
C ARG A 13 17.55 -37.88 -4.85
N TYR A 14 18.83 -37.56 -5.09
CA TYR A 14 19.44 -37.88 -6.37
C TYR A 14 20.95 -37.91 -6.23
N ILE A 15 21.59 -38.45 -7.26
CA ILE A 15 23.04 -38.61 -7.34
C ILE A 15 23.50 -38.01 -8.67
N VAL A 16 24.67 -37.36 -8.64
CA VAL A 16 25.27 -36.80 -9.86
C VAL A 16 26.69 -37.36 -9.95
N LYS A 17 26.94 -38.18 -10.96
CA LYS A 17 28.23 -38.84 -11.16
C LYS A 17 28.88 -38.34 -12.44
N THR A 18 30.19 -38.20 -12.43
CA THR A 18 30.90 -37.56 -13.54
C THR A 18 31.23 -38.53 -14.67
N LEU A 19 31.40 -39.83 -14.37
CA LEU A 19 31.84 -40.82 -15.34
C LEU A 19 33.24 -40.50 -15.88
N GLN A 20 33.81 -41.40 -16.69
CA GLN A 20 35.20 -41.28 -17.11
C GLN A 20 35.41 -41.11 -18.61
N THR A 21 34.34 -41.12 -19.41
CA THR A 21 34.51 -40.97 -20.85
C THR A 21 35.11 -39.62 -21.19
N ASP A 22 35.99 -39.59 -22.19
CA ASP A 22 36.67 -38.36 -22.59
C ASP A 22 37.00 -38.44 -24.06
N TYR A 23 36.47 -37.50 -24.84
CA TYR A 23 36.68 -37.46 -26.29
C TYR A 23 37.66 -36.36 -26.62
N SER A 24 38.73 -36.72 -27.34
CA SER A 24 39.75 -35.75 -27.75
C SER A 24 39.45 -35.31 -29.18
N SER A 25 38.87 -34.12 -29.30
CA SER A 25 38.62 -33.54 -30.62
C SER A 25 39.31 -32.18 -30.73
N GLY A 26 38.74 -31.29 -31.53
CA GLY A 26 39.25 -29.94 -31.66
C GLY A 26 40.65 -29.87 -32.24
N ASP A 31 36.72 -26.74 -33.33
CA ASP A 31 36.38 -26.68 -31.92
C ASP A 31 34.90 -26.39 -31.72
N GLU A 32 34.06 -27.24 -32.30
CA GLU A 32 32.61 -27.14 -32.16
C GLU A 32 32.03 -28.53 -32.31
N LEU A 33 31.36 -29.02 -31.27
CA LEU A 33 30.95 -30.42 -31.20
C LEU A 33 29.44 -30.57 -31.16
N ASN A 34 28.97 -31.67 -31.74
CA ASN A 34 27.61 -32.14 -31.58
C ASN A 34 27.67 -33.60 -31.20
N GLY A 35 26.56 -34.13 -30.70
CA GLY A 35 26.55 -35.54 -30.35
C GLY A 35 25.39 -35.87 -29.44
N TYR A 36 25.26 -37.16 -29.17
CA TYR A 36 24.21 -37.67 -28.28
C TYR A 36 24.57 -39.09 -27.87
N ILE A 37 23.68 -39.71 -27.10
CA ILE A 37 23.94 -41.04 -26.54
C ILE A 37 22.63 -41.81 -26.45
N ASP A 38 22.53 -42.90 -27.21
CA ASP A 38 21.32 -43.71 -27.31
C ASP A 38 21.52 -44.95 -26.45
N MET A 39 20.75 -45.04 -25.35
CA MET A 39 20.89 -46.14 -24.42
C MET A 39 20.08 -47.38 -24.80
N GLN A 40 19.08 -47.23 -25.67
CA GLN A 40 18.36 -48.41 -26.15
C GLN A 40 19.23 -49.21 -27.11
N ILE A 41 19.87 -48.53 -28.07
CA ILE A 41 20.88 -49.17 -28.90
C ILE A 41 22.09 -49.54 -28.05
N GLY A 42 22.43 -48.70 -27.07
CA GLY A 42 23.56 -48.94 -26.21
C GLY A 42 24.85 -48.29 -26.65
N TYR A 43 24.79 -47.24 -27.46
CA TYR A 43 25.97 -46.60 -28.01
C TYR A 43 25.80 -45.09 -27.94
N GLY A 44 26.90 -44.39 -27.73
CA GLY A 44 26.95 -42.94 -27.83
C GLY A 44 27.83 -42.55 -28.99
N LEU A 45 27.52 -41.40 -29.60
CA LEU A 45 28.36 -40.87 -30.68
C LEU A 45 28.54 -39.38 -30.46
N VAL A 46 29.71 -38.89 -30.87
CA VAL A 46 30.08 -37.49 -30.83
C VAL A 46 30.81 -37.15 -32.12
N ASN A 47 30.41 -36.08 -32.78
CA ASN A 47 31.01 -35.73 -34.07
C ASN A 47 31.23 -34.23 -34.16
N ASP A 48 32.19 -33.87 -35.01
CA ASP A 48 32.43 -32.49 -35.40
C ASP A 48 32.30 -32.36 -36.91
N HIS A 49 33.16 -31.55 -37.54
CA HIS A 49 33.11 -31.34 -38.97
C HIS A 49 33.93 -32.36 -39.77
N LYS A 50 34.71 -33.22 -39.11
CA LYS A 50 35.63 -34.09 -39.79
C LYS A 50 35.40 -35.58 -39.55
N LYS A 51 34.97 -35.98 -38.35
CA LYS A 51 34.79 -37.39 -38.06
C LYS A 51 33.71 -37.57 -37.00
N VAL A 52 33.21 -38.80 -36.90
CA VAL A 52 32.25 -39.19 -35.87
C VAL A 52 32.84 -40.34 -35.07
N TYR A 53 32.69 -40.27 -33.76
CA TYR A 53 33.20 -41.26 -32.82
C TYR A 53 32.01 -41.97 -32.21
N ILE A 54 32.01 -43.30 -32.32
CA ILE A 54 30.98 -44.15 -31.73
C ILE A 54 31.65 -45.00 -30.66
N TRP A 55 30.89 -45.31 -29.62
CA TRP A 55 31.40 -46.13 -28.51
C TRP A 55 30.22 -46.63 -27.70
N ASN A 56 30.18 -47.93 -27.43
CA ASN A 56 29.10 -48.44 -26.59
C ASN A 56 29.30 -47.98 -25.15
N ILE A 57 28.19 -47.77 -24.46
CA ILE A 57 28.23 -47.21 -23.11
C ILE A 57 28.53 -48.30 -22.09
N HIS A 58 29.14 -49.38 -22.57
CA HIS A 58 29.57 -50.47 -21.70
C HIS A 58 31.09 -50.54 -21.65
N PRO A 65 39.52 -47.68 -28.87
CA PRO A 65 38.42 -47.25 -27.98
C PRO A 65 37.25 -46.63 -28.72
N TYR A 66 37.46 -45.44 -29.29
CA TYR A 66 36.41 -44.74 -30.03
C TYR A 66 36.48 -45.19 -31.49
N ILE A 67 35.47 -45.94 -31.95
CA ILE A 67 35.47 -46.34 -33.35
C ILE A 67 35.08 -45.13 -34.20
N THR A 68 35.81 -44.91 -35.29
CA THR A 68 35.78 -43.66 -36.01
C THR A 68 35.23 -43.88 -37.41
N VAL A 69 34.42 -42.91 -37.88
CA VAL A 69 34.01 -42.84 -39.26
C VAL A 69 34.31 -41.43 -39.77
N PRO A 70 35.16 -41.27 -40.77
CA PRO A 70 35.42 -39.93 -41.32
C PRO A 70 34.36 -39.55 -42.34
N PHE A 71 34.46 -38.30 -42.81
CA PHE A 71 33.52 -37.78 -43.81
C PHE A 71 34.25 -37.56 -45.13
N PRO A 83 27.18 -31.44 -40.06
CA PRO A 83 26.89 -32.85 -40.30
C PRO A 83 26.22 -33.52 -39.10
N ARG A 84 25.06 -34.13 -39.30
CA ARG A 84 24.27 -34.66 -38.19
C ARG A 84 24.05 -36.16 -38.36
N CYS A 85 24.37 -36.92 -37.32
CA CYS A 85 24.39 -38.38 -37.38
C CYS A 85 23.36 -38.97 -36.43
N ILE A 86 22.99 -40.22 -36.69
CA ILE A 86 22.08 -40.95 -35.83
C ILE A 86 22.39 -42.43 -35.94
N LEU A 87 22.34 -43.13 -34.80
CA LEU A 87 22.57 -44.57 -34.77
C LEU A 87 21.26 -45.32 -35.01
N THR A 88 21.37 -46.48 -35.63
CA THR A 88 20.22 -47.33 -35.92
C THR A 88 20.38 -48.67 -35.22
N PHE A 89 19.29 -49.43 -35.19
CA PHE A 89 19.28 -50.72 -34.53
C PHE A 89 19.85 -51.81 -35.44
N PRO A 90 20.50 -52.84 -34.87
CA PRO A 90 21.09 -53.93 -35.66
C PRO A 90 20.03 -54.84 -36.28
N GLU A 107 26.76 -57.85 -30.85
CA GLU A 107 25.77 -57.39 -31.81
C GLU A 107 25.81 -55.86 -31.93
N THR A 108 25.92 -55.36 -33.16
CA THR A 108 26.20 -53.96 -33.40
C THR A 108 25.89 -53.62 -34.85
N GLY A 109 25.35 -52.42 -35.09
CA GLY A 109 25.18 -51.96 -36.46
C GLY A 109 24.25 -50.79 -36.69
N GLY A 110 24.68 -49.84 -37.53
CA GLY A 110 23.79 -48.81 -38.05
C GLY A 110 24.20 -47.37 -37.81
N LEU A 111 24.52 -46.65 -38.88
CA LEU A 111 24.85 -45.22 -38.78
C LEU A 111 24.29 -44.48 -39.99
N ILE A 112 23.52 -43.42 -39.74
CA ILE A 112 23.04 -42.53 -40.79
C ILE A 112 23.70 -41.18 -40.59
N ILE A 113 24.19 -40.60 -41.68
CA ILE A 113 24.84 -39.29 -41.68
C ILE A 113 24.12 -38.40 -42.67
N ILE A 114 23.76 -37.19 -42.24
CA ILE A 114 23.18 -36.18 -43.11
C ILE A 114 24.19 -35.05 -43.23
N LYS A 115 24.62 -34.78 -44.47
CA LYS A 115 25.51 -33.67 -44.79
C LYS A 115 24.90 -32.92 -45.95
N GLY A 116 24.54 -31.66 -45.72
CA GLY A 116 23.84 -30.90 -46.73
C GLY A 116 22.52 -31.56 -47.07
N SER A 117 22.33 -31.85 -48.35
CA SER A 117 21.14 -32.54 -48.84
C SER A 117 21.36 -34.04 -49.02
N LYS A 118 22.52 -34.56 -48.65
CA LYS A 118 22.86 -35.95 -48.86
C LYS A 118 22.72 -36.73 -47.56
N ALA A 119 22.09 -37.89 -47.63
CA ALA A 119 22.01 -38.81 -46.50
C ALA A 119 22.67 -40.13 -46.90
N ILE A 120 23.50 -40.66 -46.02
CA ILE A 120 24.21 -41.90 -46.26
C ILE A 120 23.99 -42.84 -45.08
N TYR A 121 23.78 -44.12 -45.36
CA TYR A 121 23.40 -45.10 -44.36
C TYR A 121 24.31 -46.31 -44.45
N TYR A 122 24.94 -46.65 -43.33
CA TYR A 122 25.72 -47.88 -43.17
C TYR A 122 24.89 -48.82 -42.30
N GLU A 123 24.45 -49.94 -42.88
CA GLU A 123 23.57 -50.86 -42.15
C GLU A 123 24.30 -51.55 -41.00
N ASP A 124 25.62 -51.72 -41.12
CA ASP A 124 26.41 -52.43 -40.12
C ASP A 124 27.69 -51.63 -39.88
N ILE A 125 27.74 -50.98 -38.75
CA ILE A 125 28.85 -50.22 -38.39
C ILE A 125 29.96 -51.13 -37.93
N ASN A 126 29.58 -52.36 -37.65
CA ASN A 126 30.47 -53.39 -37.18
C ASN A 126 31.33 -53.97 -38.21
N SER A 127 31.08 -53.58 -39.44
CA SER A 127 31.78 -54.03 -40.58
C SER A 127 32.69 -52.93 -41.04
N ILE A 128 33.18 -52.13 -40.10
CA ILE A 128 34.11 -51.08 -40.37
C ILE A 128 35.33 -50.88 -39.43
N ASN A 129 36.55 -51.19 -39.88
CA ASN A 129 37.86 -50.77 -39.29
C ASN A 129 38.64 -50.39 -40.54
N ASN A 130 37.98 -49.70 -41.45
CA ASN A 130 38.52 -49.37 -42.71
C ASN A 130 38.55 -47.92 -42.91
N LEU A 131 39.35 -47.51 -43.87
CA LEU A 131 39.46 -46.12 -44.21
C LEU A 131 38.99 -45.89 -45.61
N ASN A 132 38.04 -44.97 -45.81
CA ASN A 132 37.52 -44.64 -47.13
C ASN A 132 36.70 -43.40 -47.06
N GLU A 137 35.32 -49.04 -47.13
CA GLU A 137 34.35 -48.65 -46.11
C GLU A 137 33.08 -48.12 -46.75
N LYS A 138 32.97 -48.29 -48.07
CA LYS A 138 31.83 -47.78 -48.83
C LYS A 138 30.87 -48.92 -49.18
N PHE A 139 30.12 -49.42 -48.18
CA PHE A 139 29.03 -50.39 -48.35
C PHE A 139 27.81 -49.66 -47.82
N SER A 140 27.56 -48.50 -48.37
CA SER A 140 26.52 -47.61 -47.87
C SER A 140 25.43 -47.40 -48.91
N HIS A 141 24.26 -47.00 -48.42
CA HIS A 141 23.18 -46.53 -49.28
C HIS A 141 23.15 -45.01 -49.22
N GLU A 142 22.73 -44.38 -50.32
CA GLU A 142 22.72 -42.94 -50.41
C GLU A 142 21.35 -42.44 -50.86
N LEU A 143 21.04 -41.21 -50.49
CA LEU A 143 19.77 -40.60 -50.84
C LEU A 143 19.94 -39.08 -50.88
N GLU A 144 19.63 -38.48 -52.02
CA GLU A 144 19.57 -37.03 -52.12
C GLU A 144 18.26 -36.52 -51.54
N LEU A 145 18.35 -35.62 -50.61
CA LEU A 145 17.16 -35.07 -49.98
C LEU A 145 16.82 -33.71 -50.57
N PRO A 146 15.50 -33.33 -50.57
CA PRO A 146 15.06 -32.02 -51.08
C PRO A 146 15.35 -30.87 -50.11
N ILE A 147 16.58 -30.84 -49.59
CA ILE A 147 17.02 -29.80 -48.67
C ILE A 147 17.78 -28.75 -49.47
N ASN A 148 17.31 -27.51 -49.39
CA ASN A 148 17.94 -26.38 -50.09
C ASN A 148 19.18 -25.97 -49.29
N SER A 149 20.31 -26.59 -49.60
CA SER A 149 21.54 -26.30 -48.88
C SER A 149 22.07 -24.90 -49.20
N SER A 150 21.80 -24.41 -50.41
CA SER A 150 22.30 -23.09 -50.79
C SER A 150 21.56 -21.98 -50.05
N GLY A 151 20.30 -22.21 -49.67
CA GLY A 151 19.52 -21.21 -48.99
C GLY A 151 19.69 -21.21 -47.48
N GLY A 152 20.84 -21.70 -47.00
CA GLY A 152 21.12 -21.71 -45.58
C GLY A 152 20.36 -22.73 -44.77
N GLU A 153 19.66 -23.64 -45.41
CA GLU A 153 18.85 -24.64 -44.70
C GLU A 153 19.70 -25.85 -44.34
N LYS A 154 19.58 -26.30 -43.10
CA LYS A 154 20.28 -27.47 -42.61
C LYS A 154 19.32 -28.33 -41.80
N CYS A 155 19.64 -29.62 -41.71
CA CYS A 155 18.89 -30.51 -40.85
C CYS A 155 19.14 -30.16 -39.38
N ASP A 156 18.08 -30.18 -38.58
CA ASP A 156 18.14 -29.76 -37.19
C ASP A 156 17.86 -30.93 -36.25
N LEU A 157 16.61 -31.38 -36.17
CA LEU A 157 16.22 -32.47 -35.29
C LEU A 157 16.00 -33.75 -36.10
N MET A 158 16.26 -34.89 -35.46
CA MET A 158 16.03 -36.18 -36.09
C MET A 158 15.75 -37.21 -35.01
N LEU A 159 14.86 -38.15 -35.32
CA LEU A 159 14.41 -39.17 -34.38
C LEU A 159 14.56 -40.54 -35.03
N ASN A 160 14.97 -41.53 -34.22
CA ASN A 160 14.95 -42.92 -34.62
C ASN A 160 13.61 -43.51 -34.19
N CYS A 161 12.73 -43.76 -35.16
CA CYS A 161 11.41 -44.32 -34.89
C CYS A 161 11.27 -45.73 -35.48
N GLU A 162 12.35 -46.50 -35.46
CA GLU A 162 12.27 -47.89 -35.89
C GLU A 162 11.23 -48.62 -35.05
N PRO A 163 10.53 -49.62 -35.62
CA PRO A 163 10.73 -50.24 -36.94
C PRO A 163 10.16 -49.47 -38.12
N ALA A 164 9.68 -48.24 -37.91
CA ALA A 164 9.10 -47.47 -39.01
C ALA A 164 10.17 -46.84 -39.88
N GLY A 165 11.14 -46.18 -39.27
CA GLY A 165 12.19 -45.52 -40.02
C GLY A 165 12.85 -44.39 -39.27
N ILE A 166 13.12 -43.28 -39.96
CA ILE A 166 13.78 -42.12 -39.39
C ILE A 166 12.98 -40.87 -39.77
N VAL A 167 12.70 -40.01 -38.79
CA VAL A 167 12.04 -38.74 -39.03
C VAL A 167 13.06 -37.62 -38.86
N LEU A 168 13.13 -36.73 -39.83
CA LEU A 168 14.04 -35.59 -39.80
C LEU A 168 13.23 -34.30 -39.86
N SER A 169 13.77 -33.25 -39.25
CA SER A 169 13.23 -31.91 -39.39
C SER A 169 14.36 -30.96 -39.77
N THR A 170 14.00 -29.84 -40.36
CA THR A 170 14.98 -28.87 -40.83
C THR A 170 14.80 -27.55 -40.10
N ASN A 171 15.79 -26.67 -40.27
CA ASN A 171 15.70 -25.33 -39.70
C ASN A 171 14.57 -24.50 -40.32
N MET A 172 14.04 -24.93 -41.46
CA MET A 172 12.99 -24.21 -42.17
C MET A 172 11.60 -24.80 -41.95
N GLY A 173 11.48 -25.85 -41.14
CA GLY A 173 10.18 -26.38 -40.75
C GLY A 173 9.71 -27.61 -41.51
N ARG A 174 10.41 -28.01 -42.56
CA ARG A 174 10.01 -29.20 -43.30
C ARG A 174 10.33 -30.46 -42.51
N ILE A 175 9.53 -31.50 -42.71
CA ILE A 175 9.64 -32.76 -41.97
C ILE A 175 9.66 -33.91 -42.97
N PHE A 176 10.66 -34.77 -42.86
CA PHE A 176 10.82 -35.92 -43.74
C PHE A 176 10.63 -37.21 -42.95
N PHE A 177 9.91 -38.16 -43.53
CA PHE A 177 9.88 -39.54 -43.07
C PHE A 177 10.63 -40.38 -44.09
N ILE A 178 11.69 -41.07 -43.64
CA ILE A 178 12.61 -41.83 -44.46
C ILE A 178 12.58 -43.28 -43.99
N THR A 179 12.57 -44.21 -44.93
CA THR A 179 12.54 -45.64 -44.62
C THR A 179 13.92 -46.24 -44.82
N ILE A 180 14.31 -47.15 -43.92
CA ILE A 180 15.57 -47.85 -44.04
C ILE A 180 15.39 -49.31 -44.47
N ARG A 181 14.26 -49.93 -44.15
CA ARG A 181 13.92 -51.28 -44.62
C ARG A 181 12.85 -51.17 -45.69
N ASN A 182 13.05 -51.85 -46.81
CA ASN A 182 12.21 -51.67 -48.00
C ASN A 182 11.40 -52.94 -48.26
N SER A 183 10.35 -53.13 -47.46
CA SER A 183 9.29 -54.09 -47.74
C SER A 183 9.76 -55.53 -47.87
N MET A 184 11.05 -55.80 -47.65
CA MET A 184 11.54 -57.17 -47.74
C MET A 184 12.71 -57.42 -46.80
N GLY A 185 12.85 -56.65 -45.72
CA GLY A 185 14.03 -56.69 -44.90
C GLY A 185 15.27 -56.10 -45.53
N LYS A 186 15.21 -55.72 -46.81
CA LYS A 186 16.39 -55.20 -47.49
C LYS A 186 16.72 -53.80 -46.96
N PRO A 187 18.00 -53.44 -46.90
CA PRO A 187 18.35 -52.09 -46.46
C PRO A 187 18.26 -51.08 -47.59
N GLN A 188 17.47 -50.01 -47.41
CA GLN A 188 17.39 -48.96 -48.41
C GLN A 188 17.42 -47.60 -47.73
N LEU A 189 17.43 -46.55 -48.55
CA LEU A 189 17.38 -45.17 -48.07
C LEU A 189 16.46 -44.41 -49.03
N LYS A 190 15.15 -44.61 -48.83
CA LYS A 190 14.14 -44.00 -49.66
C LYS A 190 13.32 -43.00 -48.85
N LEU A 191 12.81 -41.98 -49.53
CA LEU A 191 11.99 -40.97 -48.89
C LEU A 191 10.57 -41.51 -48.71
N GLY A 192 10.10 -41.54 -47.47
CA GLY A 192 8.76 -41.98 -47.19
C GLY A 192 7.73 -40.93 -47.54
N LYS A 193 7.84 -39.76 -46.93
CA LYS A 193 6.89 -38.68 -47.19
C LYS A 193 7.38 -37.38 -46.55
N LEU A 194 6.64 -36.31 -46.82
CA LEU A 194 6.79 -35.03 -46.14
C LEU A 194 5.59 -34.81 -45.22
N LEU A 195 5.86 -34.26 -44.03
CA LEU A 195 4.84 -34.07 -43.01
C LEU A 195 4.71 -32.59 -42.65
N ASN A 196 4.77 -31.71 -43.65
CA ASN A 196 4.74 -30.27 -43.42
C ASN A 196 3.73 -29.51 -44.26
N LYS A 197 3.26 -30.07 -45.38
CA LYS A 197 2.32 -29.39 -46.27
C LYS A 197 2.82 -28.03 -46.72
N ASN A 211 8.50 -18.02 -39.35
CA ASN A 211 9.39 -17.98 -38.19
C ASN A 211 9.02 -19.07 -37.19
N SER A 212 8.45 -20.16 -37.67
CA SER A 212 8.11 -21.31 -36.84
C SER A 212 9.02 -22.48 -37.17
N SER A 213 9.13 -23.40 -36.21
CA SER A 213 10.07 -24.52 -36.34
C SER A 213 9.58 -25.68 -35.49
N VAL A 214 10.05 -26.88 -35.84
CA VAL A 214 9.80 -28.08 -35.05
C VAL A 214 10.71 -28.06 -33.84
N VAL A 215 10.16 -28.38 -32.67
CA VAL A 215 10.93 -28.34 -31.43
C VAL A 215 10.98 -29.68 -30.71
N SER A 216 10.20 -30.68 -31.12
CA SER A 216 10.26 -31.98 -30.47
C SER A 216 9.78 -33.06 -31.41
N LEU A 217 10.43 -34.21 -31.37
CA LEU A 217 10.00 -35.42 -32.07
C LEU A 217 10.14 -36.59 -31.10
N ARG A 218 9.05 -37.31 -30.86
CA ARG A 218 9.04 -38.37 -29.87
C ARG A 218 8.42 -39.63 -30.46
N ASN A 219 8.77 -40.76 -29.84
CA ASN A 219 8.22 -42.06 -30.21
C ASN A 219 6.95 -42.35 -29.44
N GLY A 220 5.95 -42.88 -30.14
CA GLY A 220 4.76 -43.38 -29.51
C GLY A 220 4.83 -44.89 -29.41
N PRO A 221 3.72 -45.52 -29.01
CA PRO A 221 3.69 -46.98 -28.90
C PRO A 221 3.81 -47.63 -30.27
N ILE A 222 4.28 -48.88 -30.27
CA ILE A 222 4.36 -49.67 -31.50
C ILE A 222 2.98 -50.26 -31.77
N LEU A 223 2.39 -49.88 -32.91
CA LEU A 223 1.04 -50.31 -33.25
C LEU A 223 0.99 -51.63 -34.00
N GLY A 224 2.14 -52.20 -34.36
CA GLY A 224 2.16 -53.46 -35.07
C GLY A 224 3.52 -53.72 -35.68
N LYS A 225 3.54 -54.63 -36.64
CA LYS A 225 4.78 -54.95 -37.34
C LYS A 225 5.19 -53.78 -38.22
N GLY A 226 6.32 -53.15 -37.89
CA GLY A 226 6.83 -52.04 -38.67
C GLY A 226 6.10 -50.73 -38.51
N THR A 227 5.05 -50.69 -37.69
CA THR A 227 4.22 -49.49 -37.53
C THR A 227 4.42 -48.88 -36.15
N ARG A 228 4.45 -47.55 -36.10
CA ARG A 228 4.71 -46.83 -34.86
C ARG A 228 4.09 -45.44 -34.93
N LEU A 229 3.68 -44.95 -33.77
CA LEU A 229 3.21 -43.57 -33.63
C LEU A 229 4.39 -42.65 -33.34
N VAL A 230 4.32 -41.45 -33.90
CA VAL A 230 5.34 -40.42 -33.70
C VAL A 230 4.65 -39.10 -33.42
N TYR A 231 5.09 -38.40 -32.39
CA TYR A 231 4.54 -37.11 -32.02
C TYR A 231 5.45 -35.98 -32.51
N ILE A 232 4.83 -34.90 -32.98
CA ILE A 232 5.54 -33.75 -33.51
C ILE A 232 4.98 -32.50 -32.86
N THR A 233 5.87 -31.65 -32.35
CA THR A 233 5.49 -30.38 -31.72
C THR A 233 6.25 -29.25 -32.39
N THR A 234 5.56 -28.13 -32.63
CA THR A 234 6.17 -26.99 -33.29
C THR A 234 6.25 -25.79 -32.34
N ASN A 235 7.09 -24.80 -32.58
CA ASN A 235 7.13 -23.70 -31.62
C ASN A 235 5.93 -22.86 -31.57
N LYS A 236 5.10 -22.87 -32.60
CA LYS A 236 3.89 -22.07 -32.52
C LYS A 236 2.69 -22.82 -31.95
N GLY A 237 2.90 -24.02 -31.41
CA GLY A 237 1.86 -24.73 -30.68
C GLY A 237 1.15 -25.85 -31.42
N ILE A 238 1.62 -26.21 -32.61
CA ILE A 238 1.01 -27.31 -33.35
C ILE A 238 1.50 -28.64 -32.78
N PHE A 239 0.55 -29.55 -32.51
CA PHE A 239 0.87 -30.89 -32.03
C PHE A 239 0.20 -31.91 -32.95
N GLN A 240 0.96 -32.92 -33.36
CA GLN A 240 0.48 -33.94 -34.26
C GLN A 240 0.92 -35.32 -33.79
N THR A 241 0.01 -36.28 -33.90
CA THR A 241 0.31 -37.69 -33.73
C THR A 241 0.13 -38.36 -35.08
N TRP A 242 1.23 -38.88 -35.62
CA TRP A 242 1.29 -39.55 -36.91
C TRP A 242 1.46 -41.04 -36.72
N GLN A 243 0.86 -41.83 -37.61
CA GLN A 243 1.10 -43.27 -37.67
C GLN A 243 1.96 -43.54 -38.90
N LEU A 244 3.22 -43.92 -38.66
CA LEU A 244 4.17 -44.20 -39.73
C LEU A 244 4.47 -45.69 -39.74
N SER A 245 4.91 -46.19 -40.90
CA SER A 245 5.22 -47.61 -41.02
C SER A 245 6.23 -47.82 -42.15
N ALA A 246 7.05 -48.82 -41.99
CA ALA A 246 8.03 -49.17 -42.99
C ALA A 246 7.40 -49.92 -44.11
N THR A 247 6.28 -50.52 -43.83
CA THR A 247 5.52 -51.28 -44.76
C THR A 247 4.84 -50.44 -45.80
N ASN A 248 4.38 -51.11 -46.82
CA ASN A 248 3.74 -50.40 -47.88
C ASN A 248 2.47 -49.99 -47.24
N SER A 249 2.40 -48.69 -47.01
CA SER A 249 1.28 -48.02 -46.39
C SER A 249 1.54 -46.54 -46.50
N HIS A 250 0.53 -45.78 -46.16
CA HIS A 250 0.63 -44.33 -46.24
C HIS A 250 0.63 -43.72 -44.85
N PRO A 251 1.38 -42.62 -44.65
CA PRO A 251 1.30 -41.90 -43.37
C PRO A 251 -0.10 -41.32 -43.18
N THR A 252 -0.55 -41.31 -41.94
CA THR A 252 -1.86 -40.80 -41.58
C THR A 252 -1.80 -40.06 -40.25
N LYS A 253 -2.44 -38.90 -40.21
CA LYS A 253 -2.48 -38.09 -38.99
C LYS A 253 -3.61 -38.60 -38.10
N LEU A 254 -3.25 -39.11 -36.92
CA LEU A 254 -4.26 -39.46 -35.93
C LEU A 254 -4.63 -38.29 -35.05
N ILE A 255 -3.73 -37.34 -34.85
CA ILE A 255 -4.02 -36.13 -34.09
C ILE A 255 -3.38 -34.93 -34.78
N ASP A 256 -4.14 -33.85 -34.94
CA ASP A 256 -3.60 -32.60 -35.50
C ASP A 256 -4.36 -31.45 -34.84
N VAL A 257 -3.76 -30.88 -33.79
CA VAL A 257 -4.39 -29.79 -33.05
C VAL A 257 -3.38 -28.67 -32.83
N ASN A 258 -3.88 -27.53 -32.35
CA ASN A 258 -3.05 -26.40 -31.97
C ASN A 258 -3.37 -26.07 -30.51
N ILE A 259 -2.40 -26.29 -29.63
CA ILE A 259 -2.59 -26.07 -28.20
C ILE A 259 -2.13 -24.69 -27.75
N TYR A 260 -1.73 -23.82 -28.67
CA TYR A 260 -1.15 -22.53 -28.29
C TYR A 260 -2.17 -21.66 -27.57
N GLU A 261 -3.36 -21.50 -28.17
CA GLU A 261 -4.38 -20.65 -27.57
C GLU A 261 -4.82 -21.17 -26.21
N ALA A 262 -4.83 -22.49 -26.01
CA ALA A 262 -5.28 -23.05 -24.73
C ALA A 262 -4.30 -22.72 -23.61
N ILE A 263 -3.01 -22.96 -23.83
CA ILE A 263 -2.01 -22.61 -22.83
C ILE A 263 -2.02 -21.10 -22.58
N LEU A 264 -2.16 -20.32 -23.66
CA LEU A 264 -2.23 -18.87 -23.51
C LEU A 264 -3.39 -18.46 -22.61
N GLU A 265 -4.57 -19.01 -22.86
CA GLU A 265 -5.73 -18.72 -22.03
C GLU A 265 -5.54 -19.20 -20.60
N SER A 266 -4.76 -20.27 -20.41
CA SER A 266 -4.50 -20.75 -19.06
C SER A 266 -3.53 -19.85 -18.31
N LEU A 267 -2.74 -19.05 -19.02
CA LEU A 267 -1.77 -18.17 -18.36
C LEU A 267 -2.16 -16.69 -18.37
N GLN A 268 -3.11 -16.27 -19.19
CA GLN A 268 -3.26 -14.85 -19.52
C GLN A 268 -3.77 -14.04 -18.33
N ASP A 269 -4.68 -14.60 -17.54
CA ASP A 269 -5.24 -13.86 -16.41
C ASP A 269 -4.17 -13.59 -15.36
N LEU A 270 -3.39 -14.62 -15.01
CA LEU A 270 -2.37 -14.45 -13.99
C LEU A 270 -1.14 -13.75 -14.53
N TYR A 271 -0.79 -14.01 -15.79
CA TYR A 271 0.37 -13.42 -16.45
C TYR A 271 -0.06 -12.83 -17.79
N PRO A 272 -0.54 -11.59 -17.80
CA PRO A 272 -0.95 -10.98 -19.08
C PRO A 272 0.18 -10.90 -20.10
N PHE A 273 1.43 -10.80 -19.66
CA PHE A 273 2.56 -10.64 -20.56
C PHE A 273 2.82 -11.91 -21.35
N ALA A 274 1.99 -12.94 -21.13
CA ALA A 274 2.09 -14.16 -21.92
C ALA A 274 1.77 -13.88 -23.39
N HIS A 275 0.90 -12.93 -23.68
CA HIS A 275 0.55 -12.58 -25.05
C HIS A 275 1.74 -11.96 -25.76
N GLY A 276 2.17 -12.56 -26.87
CA GLY A 276 3.29 -12.07 -27.62
C GLY A 276 4.64 -12.59 -27.18
N THR A 277 4.69 -13.35 -26.08
CA THR A 277 5.95 -13.94 -25.60
C THR A 277 5.88 -15.43 -25.37
N LEU A 278 4.70 -16.05 -25.38
CA LEU A 278 4.58 -17.48 -25.13
C LEU A 278 5.25 -18.27 -26.25
N LYS A 279 6.10 -19.23 -25.87
CA LYS A 279 6.73 -20.08 -26.86
C LYS A 279 6.90 -21.49 -26.31
N ILE A 280 6.65 -22.48 -27.15
CA ILE A 280 6.79 -23.89 -26.79
C ILE A 280 8.21 -24.34 -27.11
N TRP A 281 8.84 -25.04 -26.16
CA TRP A 281 10.20 -25.53 -26.30
C TRP A 281 10.29 -27.04 -26.51
N ASP A 282 9.42 -27.81 -25.89
CA ASP A 282 9.57 -29.26 -25.90
C ASP A 282 8.27 -29.92 -25.45
N SER A 283 8.14 -31.20 -25.77
CA SER A 283 7.05 -32.03 -25.29
C SER A 283 7.56 -33.44 -25.06
N HIS A 284 6.82 -34.20 -24.24
CA HIS A 284 7.21 -35.54 -23.84
C HIS A 284 5.96 -36.34 -23.54
N PRO A 285 5.86 -37.57 -24.03
CA PRO A 285 4.70 -38.41 -23.69
C PRO A 285 4.72 -38.80 -22.23
N LEU A 286 3.53 -39.16 -21.73
CA LEU A 286 3.37 -39.63 -20.36
C LEU A 286 2.91 -41.08 -20.37
N GLN A 287 2.68 -41.62 -19.17
CA GLN A 287 2.34 -43.03 -19.03
C GLN A 287 1.05 -43.38 -19.79
N ASP A 288 0.17 -42.41 -20.00
CA ASP A 288 -1.05 -42.60 -20.78
C ASP A 288 -0.79 -42.16 -22.23
N GLU A 289 -1.22 -43.00 -23.17
CA GLU A 289 -0.97 -42.70 -24.59
C GLU A 289 -1.62 -41.38 -25.01
N SER A 290 -2.71 -40.99 -24.36
CA SER A 290 -3.46 -39.79 -24.72
C SER A 290 -2.97 -38.54 -23.99
N SER A 291 -2.00 -38.66 -23.08
CA SER A 291 -1.51 -37.53 -22.30
C SER A 291 -0.11 -37.14 -22.74
N GLN A 292 0.15 -35.83 -22.78
CA GLN A 292 1.45 -35.31 -23.14
C GLN A 292 1.83 -34.18 -22.20
N LEU A 293 3.12 -34.06 -21.93
CA LEU A 293 3.66 -32.97 -21.15
C LEU A 293 4.32 -31.95 -22.07
N PHE A 294 4.13 -30.67 -21.79
CA PHE A 294 4.67 -29.59 -22.60
C PHE A 294 5.46 -28.62 -21.73
N LEU A 295 6.54 -28.09 -22.30
CA LEU A 295 7.41 -27.11 -21.65
C LEU A 295 7.31 -25.84 -22.46
N SER A 296 6.71 -24.81 -21.89
CA SER A 296 6.57 -23.50 -22.52
C SER A 296 7.31 -22.46 -21.70
N SER A 297 7.42 -21.26 -22.27
CA SER A 297 8.01 -20.14 -21.55
C SER A 297 7.30 -18.86 -21.93
N ILE A 298 7.13 -17.98 -20.94
CA ILE A 298 6.62 -16.63 -21.14
C ILE A 298 7.66 -15.65 -20.60
N TYR A 299 7.54 -14.39 -21.02
CA TYR A 299 8.52 -13.38 -20.68
C TYR A 299 7.81 -12.09 -20.26
N ASP A 300 8.22 -11.55 -19.11
CA ASP A 300 7.78 -10.26 -18.61
C ASP A 300 8.91 -9.27 -18.87
N SER A 301 8.71 -8.41 -19.88
CA SER A 301 9.71 -7.41 -20.25
C SER A 301 9.77 -6.28 -19.25
N SER A 302 8.70 -6.04 -18.49
CA SER A 302 8.72 -5.00 -17.48
C SER A 302 9.75 -5.30 -16.40
N CYS A 303 9.70 -6.51 -15.84
CA CYS A 303 10.61 -6.91 -14.79
C CYS A 303 11.76 -7.77 -15.28
N ASN A 304 11.86 -7.99 -16.60
CA ASN A 304 12.92 -8.79 -17.21
C ASN A 304 12.99 -10.18 -16.56
N GLU A 305 11.87 -10.88 -16.63
CA GLU A 305 11.78 -12.21 -16.01
C GLU A 305 11.24 -13.22 -17.00
N THR A 306 11.80 -14.43 -16.96
CA THR A 306 11.34 -15.52 -17.81
C THR A 306 10.73 -16.60 -16.92
N TYR A 307 9.51 -17.02 -17.27
CA TYR A 307 8.83 -18.07 -16.53
C TYR A 307 8.68 -19.30 -17.42
N TYR A 308 8.94 -20.47 -16.85
CA TYR A 308 8.82 -21.74 -17.55
C TYR A 308 7.63 -22.51 -17.01
N ILE A 309 6.88 -23.15 -17.92
CA ILE A 309 5.57 -23.71 -17.63
C ILE A 309 5.54 -25.16 -18.11
N LEU A 310 5.15 -26.07 -17.22
CA LEU A 310 4.88 -27.45 -17.57
C LEU A 310 3.36 -27.65 -17.62
N SER A 311 2.87 -28.05 -18.79
CA SER A 311 1.44 -28.21 -19.03
C SER A 311 1.17 -29.66 -19.38
N THR A 312 0.37 -30.32 -18.56
CA THR A 312 -0.10 -31.67 -18.84
C THR A 312 -1.44 -31.58 -19.55
N ILE A 313 -1.49 -32.12 -20.77
CA ILE A 313 -2.64 -32.04 -21.67
C ILE A 313 -3.10 -33.45 -22.01
N ILE A 314 -4.41 -33.63 -22.09
CA ILE A 314 -5.01 -34.92 -22.40
C ILE A 314 -5.69 -34.81 -23.76
N PHE A 315 -5.33 -35.70 -24.67
CA PHE A 315 -5.85 -35.68 -26.04
C PHE A 315 -6.92 -36.73 -26.24
N ASP A 316 -7.76 -36.51 -27.24
CA ASP A 316 -8.87 -37.39 -27.58
C ASP A 316 -8.85 -37.63 -29.10
N SER A 317 -8.46 -38.84 -29.50
CA SER A 317 -8.36 -39.16 -30.91
C SER A 317 -9.71 -39.27 -31.60
N SER A 318 -10.79 -39.43 -30.84
CA SER A 318 -12.11 -39.54 -31.45
C SER A 318 -12.56 -38.22 -32.04
N SER A 319 -12.40 -37.12 -31.29
CA SER A 319 -12.88 -35.82 -31.71
C SER A 319 -11.77 -34.87 -32.15
N ASN A 320 -10.51 -35.30 -32.10
CA ASN A 320 -9.37 -34.43 -32.41
C ASN A 320 -9.39 -33.19 -31.53
N SER A 321 -9.52 -33.41 -30.22
CA SER A 321 -9.63 -32.33 -29.26
C SER A 321 -8.76 -32.65 -28.05
N PHE A 322 -8.77 -31.76 -27.06
CA PHE A 322 -7.92 -31.89 -25.89
C PHE A 322 -8.44 -31.01 -24.78
N THR A 323 -7.83 -31.14 -23.60
CA THR A 323 -8.15 -30.33 -22.43
C THR A 323 -6.92 -30.20 -21.57
N ILE A 324 -6.62 -28.98 -21.13
CA ILE A 324 -5.47 -28.73 -20.26
C ILE A 324 -5.74 -29.38 -18.91
N PHE A 325 -4.96 -30.40 -18.57
CA PHE A 325 -5.17 -31.07 -17.30
C PHE A 325 -4.50 -30.35 -16.14
N SER A 326 -3.24 -29.96 -16.31
CA SER A 326 -2.56 -29.29 -15.20
C SER A 326 -1.52 -28.31 -15.73
N THR A 327 -1.20 -27.32 -14.90
CA THR A 327 -0.27 -26.25 -15.25
C THR A 327 0.60 -25.93 -14.04
N TYR A 328 1.92 -25.94 -14.25
CA TYR A 328 2.89 -25.73 -13.17
C TYR A 328 3.94 -24.76 -13.65
N ARG A 329 4.29 -23.78 -12.81
CA ARG A 329 5.35 -22.82 -13.11
C ARG A 329 6.57 -23.14 -12.26
N LEU A 330 7.70 -23.40 -12.92
CA LEU A 330 8.92 -23.76 -12.18
C LEU A 330 9.32 -22.64 -11.24
N ASN A 331 9.72 -23.02 -10.02
CA ASN A 331 10.13 -22.06 -9.01
C ASN A 331 11.64 -21.80 -9.00
N THR A 332 12.43 -22.69 -9.62
CA THR A 332 13.88 -22.68 -9.43
C THR A 332 14.67 -22.17 -10.63
N PHE A 333 14.05 -21.97 -11.78
CA PHE A 333 14.77 -21.50 -12.96
C PHE A 333 13.92 -20.46 -13.68
N MET A 334 14.46 -19.25 -13.81
CA MET A 334 13.74 -18.12 -14.39
C MET A 334 14.68 -17.27 -15.25
N GLU A 335 15.52 -17.93 -16.03
CA GLU A 335 16.49 -17.25 -16.89
C GLU A 335 16.14 -17.44 -18.35
N SER A 336 16.34 -16.39 -19.14
CA SER A 336 16.10 -16.48 -20.57
C SER A 336 17.17 -17.33 -21.24
N ILE A 337 16.88 -17.76 -22.47
CA ILE A 337 17.82 -18.55 -23.25
C ILE A 337 18.42 -17.68 -24.33
N THR A 338 19.55 -17.04 -24.02
CA THR A 338 20.21 -16.15 -24.97
C THR A 338 20.89 -16.93 -26.09
N ASP A 339 21.54 -18.03 -25.76
CA ASP A 339 22.16 -18.89 -26.78
C ASP A 339 21.05 -19.55 -27.59
N THR A 340 20.81 -19.02 -28.78
CA THR A 340 19.70 -19.50 -29.62
C THR A 340 19.93 -20.90 -30.15
N LYS A 341 21.12 -21.46 -30.00
CA LYS A 341 21.41 -22.80 -30.47
C LYS A 341 20.98 -23.89 -29.49
N PHE A 342 20.71 -23.54 -28.23
CA PHE A 342 20.35 -24.52 -27.22
C PHE A 342 18.83 -24.65 -27.12
N LYS A 343 18.37 -25.88 -26.88
CA LYS A 343 16.95 -26.18 -26.75
C LYS A 343 16.72 -26.97 -25.46
N PRO A 344 16.06 -26.38 -24.46
CA PRO A 344 15.84 -27.10 -23.20
C PRO A 344 15.00 -28.34 -23.42
N LYS A 345 15.25 -29.38 -22.62
CA LYS A 345 14.64 -30.67 -22.92
C LYS A 345 14.03 -31.34 -21.69
N ILE A 346 12.93 -32.08 -21.92
CA ILE A 346 12.26 -32.85 -20.88
C ILE A 346 12.81 -34.27 -20.90
N PHE A 347 13.02 -34.84 -19.71
CA PHE A 347 13.43 -36.22 -19.55
C PHE A 347 12.58 -36.87 -18.47
N ILE A 348 11.97 -38.00 -18.78
CA ILE A 348 11.27 -38.80 -17.79
C ILE A 348 11.88 -40.19 -17.84
N PRO A 349 13.00 -40.43 -17.15
CA PRO A 349 13.66 -41.76 -17.27
C PRO A 349 12.75 -42.93 -16.93
N GLN A 350 11.89 -42.77 -15.92
CA GLN A 350 10.98 -43.85 -15.54
C GLN A 350 10.06 -44.27 -16.68
N MET A 351 9.93 -43.45 -17.72
CA MET A 351 9.12 -43.81 -18.88
C MET A 351 9.70 -45.00 -19.65
N GLU A 352 10.97 -45.35 -19.40
CA GLU A 352 11.60 -46.41 -20.17
C GLU A 352 11.28 -47.81 -19.64
N ASN A 353 11.01 -47.95 -18.34
CA ASN A 353 10.63 -49.23 -17.77
C ASN A 353 9.17 -49.52 -18.09
N ALA A 354 8.93 -50.62 -18.83
CA ALA A 354 7.57 -50.94 -19.23
C ALA A 354 6.67 -51.26 -18.04
N ASN A 355 7.24 -51.86 -17.00
CA ASN A 355 6.48 -52.20 -15.80
C ASN A 355 6.76 -51.21 -14.67
N ASP A 356 6.42 -49.94 -14.95
CA ASP A 356 6.63 -48.86 -13.98
C ASP A 356 5.46 -48.83 -13.02
N THR A 357 5.69 -49.24 -11.78
CA THR A 357 4.67 -49.27 -10.74
C THR A 357 5.11 -48.35 -9.60
N ASN A 358 5.12 -47.05 -9.86
CA ASN A 358 5.56 -46.05 -8.90
C ASN A 358 4.55 -44.92 -8.86
N GLU A 359 4.17 -44.50 -7.66
CA GLU A 359 3.13 -43.47 -7.51
C GLU A 359 3.62 -42.11 -7.98
N VAL A 360 4.92 -41.86 -7.89
CA VAL A 360 5.50 -40.56 -8.23
C VAL A 360 6.27 -40.69 -9.54
N THR A 361 6.23 -39.64 -10.34
CA THR A 361 6.94 -39.57 -11.61
C THR A 361 7.93 -38.42 -11.54
N SER A 362 9.21 -38.72 -11.76
CA SER A 362 10.27 -37.73 -11.70
C SER A 362 10.53 -37.18 -13.10
N ILE A 363 10.33 -35.88 -13.28
CA ILE A 363 10.66 -35.21 -14.53
C ILE A 363 11.88 -34.33 -14.30
N LEU A 364 12.76 -34.32 -15.29
CA LEU A 364 13.96 -33.48 -15.29
C LEU A 364 13.90 -32.57 -16.50
N VAL A 365 14.31 -31.32 -16.31
CA VAL A 365 14.36 -30.34 -17.39
C VAL A 365 15.79 -29.86 -17.51
N MET A 366 16.35 -29.98 -18.70
CA MET A 366 17.73 -29.59 -18.96
C MET A 366 17.74 -28.20 -19.59
N PHE A 367 18.38 -27.26 -18.90
CA PHE A 367 18.66 -25.89 -19.30
C PHE A 367 20.16 -25.71 -19.46
N PRO A 368 20.59 -24.73 -20.29
CA PRO A 368 22.02 -24.64 -20.66
C PRO A 368 23.00 -24.77 -19.52
N ASN A 369 22.64 -24.33 -18.30
CA ASN A 369 23.55 -24.45 -17.17
C ASN A 369 22.88 -25.02 -15.92
N ALA A 370 21.81 -25.80 -16.06
CA ALA A 370 21.12 -26.30 -14.88
C ALA A 370 20.24 -27.49 -15.27
N VAL A 371 19.94 -28.31 -14.26
CA VAL A 371 18.99 -29.41 -14.41
C VAL A 371 17.97 -29.29 -13.29
N VAL A 372 16.73 -29.00 -13.65
CA VAL A 372 15.64 -28.90 -12.68
C VAL A 372 14.99 -30.26 -12.52
N ILE A 373 14.72 -30.64 -11.28
CA ILE A 373 14.16 -31.96 -10.97
C ILE A 373 12.88 -31.74 -10.17
N THR A 374 11.77 -32.28 -10.67
CA THR A 374 10.52 -32.18 -9.94
C THR A 374 9.79 -33.52 -10.01
N GLN A 375 8.76 -33.66 -9.19
CA GLN A 375 7.97 -34.87 -9.13
C GLN A 375 6.50 -34.51 -9.26
N VAL A 376 5.75 -35.37 -9.95
CA VAL A 376 4.31 -35.26 -10.08
C VAL A 376 3.70 -36.62 -9.76
N ASN A 377 2.38 -36.67 -9.74
CA ASN A 377 1.69 -37.95 -9.60
C ASN A 377 1.65 -38.66 -10.94
N SER A 378 1.91 -39.96 -10.93
CA SER A 378 1.85 -40.75 -12.16
C SER A 378 0.42 -40.79 -12.70
N LYS A 379 -0.55 -41.08 -11.83
CA LYS A 379 -1.94 -41.17 -12.24
C LYS A 379 -2.57 -39.79 -12.23
N LEU A 380 -3.00 -39.33 -13.41
CA LEU A 380 -3.65 -38.02 -13.56
C LEU A 380 -5.10 -38.13 -13.07
N ASP A 381 -5.23 -38.19 -11.75
CA ASP A 381 -6.53 -38.36 -11.11
C ASP A 381 -6.88 -37.17 -10.24
N SER A 382 -7.81 -37.35 -9.30
CA SER A 382 -8.19 -36.27 -8.39
C SER A 382 -7.21 -36.08 -7.25
N SER A 383 -6.43 -37.10 -6.90
CA SER A 383 -5.38 -36.99 -5.90
C SER A 383 -4.09 -36.40 -6.45
N TYR A 384 -4.14 -35.84 -7.66
CA TYR A 384 -2.94 -35.33 -8.32
C TYR A 384 -2.30 -34.20 -7.51
N SER A 385 -3.08 -33.17 -7.21
CA SER A 385 -2.58 -32.00 -6.48
C SER A 385 -2.84 -32.09 -4.98
N MET A 386 -3.26 -33.25 -4.49
CA MET A 386 -3.54 -33.39 -3.06
C MET A 386 -2.27 -33.29 -2.22
N ARG A 387 -1.12 -33.70 -2.78
CA ARG A 387 0.16 -33.65 -2.09
C ARG A 387 1.08 -32.69 -2.85
N ARG A 388 1.55 -31.66 -2.17
CA ARG A 388 2.49 -30.72 -2.76
C ARG A 388 3.87 -31.36 -2.88
N LYS A 389 4.48 -31.22 -4.05
CA LYS A 389 5.76 -31.85 -4.35
C LYS A 389 6.90 -30.84 -4.23
N TRP A 390 8.12 -31.37 -4.19
CA TRP A 390 9.32 -30.55 -4.14
C TRP A 390 9.88 -30.31 -5.54
N GLU A 391 10.64 -29.23 -5.67
CA GLU A 391 11.35 -28.91 -6.90
C GLU A 391 12.77 -28.52 -6.53
N ASP A 392 13.74 -29.26 -7.06
CA ASP A 392 15.15 -29.04 -6.78
C ASP A 392 15.88 -28.70 -8.07
N ILE A 393 17.13 -28.28 -7.94
CA ILE A 393 17.93 -27.88 -9.09
C ILE A 393 19.37 -28.31 -8.87
N VAL A 394 20.02 -28.73 -9.95
CA VAL A 394 21.46 -28.96 -9.99
C VAL A 394 22.05 -27.85 -10.83
N SER A 395 22.78 -26.94 -10.17
CA SER A 395 23.36 -25.77 -10.82
C SER A 395 24.76 -26.12 -11.28
N LEU A 396 24.96 -26.17 -12.59
CA LEU A 396 26.27 -26.40 -13.16
C LEU A 396 26.99 -25.06 -13.36
N ARG A 397 28.30 -25.15 -13.57
CA ARG A 397 29.07 -23.95 -13.86
C ARG A 397 28.62 -23.36 -15.20
N ASN A 398 28.66 -22.04 -15.30
CA ASN A 398 28.22 -21.37 -16.52
C ASN A 398 29.17 -21.67 -17.67
N ASP A 399 30.23 -22.43 -17.39
CA ASP A 399 31.21 -22.82 -18.40
C ASP A 399 30.70 -23.97 -19.27
N ILE A 400 30.02 -24.95 -18.66
CA ILE A 400 29.75 -26.21 -19.34
C ILE A 400 29.00 -25.97 -20.63
N ASP A 401 29.46 -26.61 -21.70
CA ASP A 401 28.82 -26.54 -23.01
C ASP A 401 28.14 -27.89 -23.25
N ILE A 402 26.84 -27.94 -22.99
CA ILE A 402 26.07 -29.15 -23.25
C ILE A 402 25.92 -29.32 -24.75
N ILE A 403 26.39 -30.45 -25.26
CA ILE A 403 26.32 -30.75 -26.69
C ILE A 403 25.36 -31.89 -27.01
N GLY A 404 24.81 -32.56 -26.02
CA GLY A 404 23.87 -33.63 -26.27
C GLY A 404 23.43 -34.29 -24.98
N SER A 405 22.50 -35.24 -25.13
CA SER A 405 21.92 -35.91 -23.98
C SER A 405 21.53 -37.33 -24.34
N GLY A 406 21.09 -38.06 -23.31
CA GLY A 406 20.58 -39.41 -23.46
C GLY A 406 19.96 -39.83 -22.14
N TYR A 407 19.38 -41.04 -22.15
CA TYR A 407 18.70 -41.47 -20.93
C TYR A 407 18.37 -42.95 -21.02
N ASP A 408 18.32 -43.59 -19.85
CA ASP A 408 17.77 -44.94 -19.72
C ASP A 408 16.63 -44.91 -18.71
N SER A 409 16.32 -46.06 -18.12
CA SER A 409 15.17 -46.15 -17.23
C SER A 409 15.41 -45.55 -15.85
N LYS A 410 16.67 -45.27 -15.50
CA LYS A 410 17.00 -44.80 -14.16
C LYS A 410 17.68 -43.44 -14.11
N SER A 411 18.26 -42.95 -15.21
CA SER A 411 19.12 -41.79 -15.12
C SER A 411 19.14 -41.03 -16.43
N LEU A 412 19.67 -39.81 -16.35
CA LEU A 412 19.87 -38.91 -17.48
C LEU A 412 21.36 -38.70 -17.69
N TYR A 413 21.78 -38.59 -18.94
CA TYR A 413 23.18 -38.41 -19.30
C TYR A 413 23.31 -37.13 -20.12
N VAL A 414 24.25 -36.28 -19.72
CA VAL A 414 24.49 -34.98 -20.36
C VAL A 414 25.93 -34.95 -20.84
N LEU A 415 26.12 -34.61 -22.12
CA LEU A 415 27.45 -34.58 -22.73
C LEU A 415 27.94 -33.14 -22.72
N THR A 416 28.99 -32.87 -21.97
CA THR A 416 29.67 -31.59 -22.03
C THR A 416 30.74 -31.64 -23.10
N LYS A 417 31.33 -30.48 -23.36
CA LYS A 417 32.45 -30.40 -24.30
C LYS A 417 33.80 -30.62 -23.63
N GLN A 418 33.89 -30.39 -22.32
CA GLN A 418 35.17 -30.50 -21.63
C GLN A 418 35.11 -31.18 -20.27
N MET A 419 33.92 -31.46 -19.73
CA MET A 419 33.79 -32.03 -18.39
C MET A 419 33.30 -33.48 -18.41
N GLY A 420 33.19 -34.09 -19.59
CA GLY A 420 32.80 -35.49 -19.67
C GLY A 420 31.32 -35.71 -19.84
N VAL A 421 30.79 -36.76 -19.22
CA VAL A 421 29.38 -37.15 -19.36
C VAL A 421 28.79 -37.23 -17.96
N LEU A 422 28.00 -36.23 -17.59
CA LEU A 422 27.38 -36.20 -16.28
C LEU A 422 26.13 -37.08 -16.25
N GLN A 423 25.94 -37.80 -15.15
CA GLN A 423 24.81 -38.70 -14.98
C GLN A 423 24.00 -38.26 -13.77
N PHE A 424 22.72 -38.01 -13.98
CA PHE A 424 21.77 -37.62 -12.95
C PHE A 424 20.86 -38.80 -12.66
N PHE A 425 20.86 -39.28 -11.42
CA PHE A 425 20.17 -40.50 -11.03
C PHE A 425 19.19 -40.15 -9.91
N VAL A 426 17.90 -40.10 -10.23
CA VAL A 426 16.87 -39.75 -9.25
C VAL A 426 16.52 -40.99 -8.45
N LYS A 427 16.87 -40.99 -7.16
CA LYS A 427 16.57 -42.10 -6.27
C LYS A 427 15.09 -42.07 -5.91
N GLU A 428 14.34 -43.07 -6.37
CA GLU A 428 12.91 -43.16 -6.09
C GLU A 428 12.40 -44.58 -6.33
N VAL B 2 -14.74 -24.57 -3.90
CA VAL B 2 -14.58 -23.15 -4.21
C VAL B 2 -15.42 -22.78 -5.43
N GLN B 3 -16.56 -22.13 -5.18
CA GLN B 3 -17.47 -21.74 -6.24
C GLN B 3 -17.31 -20.25 -6.56
N LEU B 4 -17.94 -19.83 -7.65
CA LEU B 4 -18.00 -18.44 -8.06
C LEU B 4 -19.44 -18.11 -8.41
N VAL B 5 -20.04 -17.17 -7.70
CA VAL B 5 -21.41 -16.75 -7.92
C VAL B 5 -21.40 -15.37 -8.57
N GLU B 6 -22.13 -15.22 -9.66
CA GLU B 6 -22.15 -14.00 -10.45
C GLU B 6 -23.51 -13.32 -10.34
N SER B 7 -23.50 -11.99 -10.33
CA SER B 7 -24.71 -11.20 -10.19
C SER B 7 -24.63 -9.98 -11.11
N GLY B 8 -25.81 -9.46 -11.47
CA GLY B 8 -25.89 -8.20 -12.19
C GLY B 8 -26.35 -8.28 -13.62
N GLY B 9 -26.65 -9.47 -14.15
CA GLY B 9 -27.03 -9.61 -15.54
C GLY B 9 -28.44 -9.11 -15.79
N GLY B 10 -28.91 -9.38 -17.02
CA GLY B 10 -30.26 -9.01 -17.40
C GLY B 10 -30.36 -8.32 -18.75
N LEU B 11 -31.39 -7.49 -18.93
CA LEU B 11 -31.60 -6.74 -20.16
C LEU B 11 -31.41 -5.25 -19.92
N VAL B 12 -30.79 -4.57 -20.90
CA VAL B 12 -30.51 -3.14 -20.82
C VAL B 12 -30.64 -2.54 -22.21
N GLN B 13 -31.07 -1.27 -22.25
CA GLN B 13 -31.18 -0.54 -23.50
C GLN B 13 -29.81 -0.11 -24.00
N ALA B 14 -29.69 0.02 -25.32
CA ALA B 14 -28.45 0.50 -25.93
C ALA B 14 -28.07 1.85 -25.36
N GLY B 15 -26.81 1.98 -24.94
CA GLY B 15 -26.35 3.17 -24.25
C GLY B 15 -26.47 3.11 -22.74
N GLY B 16 -27.13 2.10 -22.19
CA GLY B 16 -27.25 1.94 -20.76
C GLY B 16 -25.97 1.42 -20.15
N SER B 17 -26.10 0.95 -18.90
CA SER B 17 -24.94 0.48 -18.15
C SER B 17 -25.38 -0.59 -17.16
N LEU B 18 -24.44 -1.48 -16.82
CA LEU B 18 -24.63 -2.52 -15.83
C LEU B 18 -23.42 -2.55 -14.91
N ARG B 19 -23.54 -3.33 -13.84
CA ARG B 19 -22.42 -3.61 -12.95
C ARG B 19 -22.48 -5.07 -12.57
N LEU B 20 -21.72 -5.90 -13.28
CA LEU B 20 -21.61 -7.31 -12.91
C LEU B 20 -20.71 -7.45 -11.68
N SER B 21 -20.93 -8.51 -10.91
CA SER B 21 -20.10 -8.77 -9.75
C SER B 21 -20.02 -10.26 -9.51
N CYS B 22 -18.89 -10.69 -8.95
CA CYS B 22 -18.68 -12.09 -8.56
C CYS B 22 -17.86 -12.10 -7.29
N ALA B 23 -18.40 -12.71 -6.22
CA ALA B 23 -17.81 -12.59 -4.90
C ALA B 23 -17.50 -13.91 -4.20
N ALA B 24 -18.03 -15.04 -4.69
CA ALA B 24 -17.90 -16.28 -3.95
C ALA B 24 -16.43 -16.67 -3.77
N SER B 25 -16.17 -17.44 -2.72
CA SER B 25 -14.82 -17.85 -2.35
C SER B 25 -14.88 -19.28 -1.81
N GLY B 26 -13.87 -19.66 -1.04
CA GLY B 26 -13.81 -20.98 -0.44
C GLY B 26 -12.91 -20.97 0.77
N SER B 27 -12.20 -22.08 0.96
CA SER B 27 -11.30 -22.19 2.10
C SER B 27 -10.00 -21.42 1.86
N ILE B 28 -9.41 -21.59 0.67
CA ILE B 28 -8.12 -20.97 0.39
C ILE B 28 -8.29 -19.44 0.31
N GLY B 29 -7.18 -18.74 0.54
CA GLY B 29 -7.19 -17.30 0.66
C GLY B 29 -7.41 -16.53 -0.63
N SER B 30 -6.78 -15.35 -0.73
CA SER B 30 -7.03 -14.44 -1.84
C SER B 30 -6.59 -15.05 -3.16
N LEU B 31 -7.48 -15.00 -4.15
CA LEU B 31 -7.13 -15.46 -5.50
C LEU B 31 -6.06 -14.54 -6.09
N ASP B 32 -5.19 -15.14 -6.91
CA ASP B 32 -4.09 -14.37 -7.49
C ASP B 32 -4.57 -13.49 -8.65
N ALA B 33 -5.51 -13.98 -9.45
CA ALA B 33 -6.02 -13.20 -10.57
C ALA B 33 -7.52 -13.43 -10.69
N MET B 34 -8.22 -12.42 -11.21
CA MET B 34 -9.64 -12.60 -11.46
C MET B 34 -10.06 -11.82 -12.71
N ALA B 35 -10.99 -12.39 -13.46
CA ALA B 35 -11.25 -11.93 -14.81
C ALA B 35 -12.70 -12.16 -15.21
N TRP B 36 -13.12 -11.42 -16.23
CA TRP B 36 -14.42 -11.58 -16.87
C TRP B 36 -14.23 -11.96 -18.33
N TYR B 37 -14.91 -13.03 -18.74
CA TYR B 37 -14.96 -13.50 -20.11
C TYR B 37 -16.39 -13.38 -20.62
N ARG B 38 -16.57 -13.44 -21.93
CA ARG B 38 -17.91 -13.45 -22.48
C ARG B 38 -17.95 -14.27 -23.77
N ARG B 39 -19.11 -14.82 -24.02
CA ARG B 39 -19.36 -15.59 -25.20
C ARG B 39 -20.57 -14.99 -25.83
N ALA B 40 -20.39 -14.31 -26.95
CA ALA B 40 -21.48 -13.69 -27.68
C ALA B 40 -22.21 -14.74 -28.51
N PRO B 41 -23.45 -14.48 -28.92
CA PRO B 41 -24.18 -15.45 -29.75
C PRO B 41 -23.47 -15.68 -31.07
N GLY B 42 -23.02 -16.91 -31.29
CA GLY B 42 -22.34 -17.30 -32.50
C GLY B 42 -20.83 -17.20 -32.46
N LYS B 43 -20.30 -16.28 -31.66
CA LYS B 43 -18.86 -16.08 -31.55
C LYS B 43 -18.26 -17.04 -30.53
N GLN B 44 -16.94 -16.97 -30.39
CA GLN B 44 -16.21 -17.78 -29.42
C GLN B 44 -15.98 -16.99 -28.14
N ARG B 45 -15.74 -17.72 -27.05
CA ARG B 45 -15.54 -17.10 -25.75
C ARG B 45 -14.22 -16.35 -25.71
N GLU B 46 -14.28 -15.07 -25.37
CA GLU B 46 -13.11 -14.21 -25.27
C GLU B 46 -12.96 -13.71 -23.83
N ARG B 47 -11.71 -13.56 -23.40
CA ARG B 47 -11.44 -12.75 -22.22
C ARG B 47 -11.90 -11.32 -22.50
N VAL B 48 -12.60 -10.71 -21.55
CA VAL B 48 -13.03 -9.33 -21.64
C VAL B 48 -12.15 -8.42 -20.80
N ALA B 49 -12.02 -8.74 -19.51
CA ALA B 49 -11.12 -7.98 -18.65
C ALA B 49 -10.46 -8.92 -17.66
N SER B 50 -9.32 -8.50 -17.13
CA SER B 50 -8.65 -9.27 -16.10
C SER B 50 -7.87 -8.34 -15.19
N ILE B 51 -7.67 -8.76 -13.94
CA ILE B 51 -6.91 -7.99 -12.97
C ILE B 51 -6.05 -8.93 -12.16
N SER B 52 -4.79 -8.57 -11.99
CA SER B 52 -3.87 -9.36 -11.19
C SER B 52 -2.69 -8.49 -10.82
N ARG B 53 -1.86 -8.99 -9.90
CA ARG B 53 -0.65 -8.30 -9.50
C ARG B 53 0.14 -7.80 -10.70
N TYR B 54 0.12 -8.55 -11.80
CA TYR B 54 0.94 -8.24 -12.96
C TYR B 54 0.26 -7.34 -13.98
N GLY B 55 -0.94 -6.85 -13.71
CA GLY B 55 -1.57 -5.84 -14.53
C GLY B 55 -3.07 -6.06 -14.64
N THR B 56 -3.74 -5.07 -15.24
CA THR B 56 -5.18 -5.10 -15.48
C THR B 56 -5.40 -4.96 -16.98
N TYR B 57 -5.86 -6.03 -17.62
CA TYR B 57 -6.04 -6.10 -19.06
C TYR B 57 -7.49 -5.80 -19.43
N TYR B 58 -7.66 -5.05 -20.52
CA TYR B 58 -8.96 -4.84 -21.15
C TYR B 58 -8.87 -5.18 -22.63
N VAL B 59 -9.98 -5.63 -23.20
CA VAL B 59 -10.05 -5.88 -24.64
C VAL B 59 -10.35 -4.57 -25.35
N ASP B 60 -9.73 -4.39 -26.53
CA ASP B 60 -9.85 -3.12 -27.25
C ASP B 60 -11.31 -2.74 -27.52
N SER B 61 -12.17 -3.74 -27.73
CA SER B 61 -13.56 -3.44 -28.05
C SER B 61 -14.34 -2.92 -26.85
N VAL B 62 -13.85 -3.14 -25.63
CA VAL B 62 -14.49 -2.64 -24.43
C VAL B 62 -13.64 -1.60 -23.71
N LYS B 63 -12.51 -1.21 -24.27
CA LYS B 63 -11.61 -0.29 -23.60
C LYS B 63 -12.24 1.09 -23.49
N GLY B 64 -12.18 1.67 -22.29
CA GLY B 64 -12.78 2.96 -22.02
C GLY B 64 -14.21 2.89 -21.52
N ARG B 65 -14.94 1.83 -21.89
CA ARG B 65 -16.32 1.66 -21.45
C ARG B 65 -16.45 0.71 -20.27
N PHE B 66 -15.53 -0.23 -20.10
CA PHE B 66 -15.58 -1.21 -19.04
C PHE B 66 -14.49 -0.89 -18.01
N THR B 67 -14.81 -1.16 -16.74
CA THR B 67 -13.88 -0.99 -15.64
C THR B 67 -13.95 -2.22 -14.76
N ILE B 68 -12.86 -2.99 -14.70
CA ILE B 68 -12.76 -4.12 -13.78
C ILE B 68 -12.09 -3.62 -12.51
N SER B 69 -12.67 -3.99 -11.37
CA SER B 69 -12.13 -3.56 -10.08
C SER B 69 -12.29 -4.69 -9.07
N ARG B 70 -11.45 -4.64 -8.04
CA ARG B 70 -11.41 -5.70 -7.04
C ARG B 70 -10.73 -5.17 -5.79
N ASP B 71 -11.39 -5.33 -4.65
CA ASP B 71 -10.78 -4.99 -3.37
C ASP B 71 -9.74 -6.05 -3.01
N ASN B 72 -8.63 -5.60 -2.43
CA ASN B 72 -7.57 -6.54 -2.06
C ASN B 72 -8.01 -7.46 -0.92
N ALA B 73 -8.94 -7.02 -0.08
CA ALA B 73 -9.25 -7.75 1.13
C ALA B 73 -10.05 -9.01 0.83
N LYS B 74 -11.04 -8.91 -0.06
CA LYS B 74 -11.94 -10.00 -0.35
C LYS B 74 -11.87 -10.37 -1.83
N ASN B 75 -12.28 -11.60 -2.13
CA ASN B 75 -12.25 -12.14 -3.48
C ASN B 75 -13.56 -11.79 -4.21
N THR B 76 -13.71 -10.49 -4.48
CA THR B 76 -14.86 -9.97 -5.19
C THR B 76 -14.38 -9.10 -6.34
N VAL B 77 -14.98 -9.30 -7.51
CA VAL B 77 -14.65 -8.52 -8.69
C VAL B 77 -15.91 -7.88 -9.24
N TYR B 78 -15.82 -6.59 -9.55
CA TYR B 78 -16.89 -5.84 -10.18
C TYR B 78 -16.46 -5.47 -11.59
N LEU B 79 -17.41 -5.54 -12.52
CA LEU B 79 -17.22 -5.12 -13.90
C LEU B 79 -18.27 -4.06 -14.18
N GLN B 80 -17.84 -2.79 -14.17
CA GLN B 80 -18.71 -1.67 -14.52
C GLN B 80 -18.74 -1.54 -16.03
N MET B 81 -19.90 -1.79 -16.63
CA MET B 81 -20.07 -1.77 -18.09
C MET B 81 -20.89 -0.54 -18.45
N ASN B 82 -20.20 0.52 -18.88
CA ASN B 82 -20.84 1.75 -19.29
C ASN B 82 -20.97 1.78 -20.81
N SER B 83 -21.98 2.51 -21.29
CA SER B 83 -22.17 2.78 -22.71
C SER B 83 -22.20 1.48 -23.52
N LEU B 84 -23.28 0.73 -23.31
CA LEU B 84 -23.38 -0.60 -23.87
C LEU B 84 -23.89 -0.58 -25.31
N LYS B 85 -23.44 -1.55 -26.09
CA LYS B 85 -23.80 -1.72 -27.49
C LYS B 85 -24.49 -3.06 -27.68
N PRO B 86 -25.22 -3.24 -28.79
CA PRO B 86 -25.76 -4.58 -29.10
C PRO B 86 -24.68 -5.64 -29.25
N GLU B 87 -23.49 -5.27 -29.72
CA GLU B 87 -22.38 -6.20 -29.83
C GLU B 87 -21.92 -6.74 -28.48
N ASP B 88 -22.34 -6.11 -27.38
CA ASP B 88 -21.97 -6.56 -26.05
C ASP B 88 -22.87 -7.67 -25.51
N THR B 89 -23.93 -8.03 -26.23
CA THR B 89 -24.83 -9.07 -25.76
C THR B 89 -24.13 -10.42 -25.73
N GLY B 90 -24.24 -11.12 -24.62
CA GLY B 90 -23.63 -12.44 -24.51
C GLY B 90 -23.71 -12.97 -23.09
N VAL B 91 -23.14 -14.15 -22.92
CA VAL B 91 -23.05 -14.79 -21.61
C VAL B 91 -21.70 -14.44 -21.00
N TYR B 92 -21.72 -13.77 -19.86
CA TYR B 92 -20.51 -13.33 -19.17
C TYR B 92 -20.19 -14.30 -18.03
N TYR B 93 -18.94 -14.75 -18.01
CA TYR B 93 -18.44 -15.66 -16.99
C TYR B 93 -17.37 -14.96 -16.17
N CYS B 94 -17.29 -15.32 -14.89
CA CYS B 94 -16.18 -14.91 -14.05
C CYS B 94 -15.18 -16.06 -13.90
N LYS B 95 -13.92 -15.69 -13.75
CA LYS B 95 -12.84 -16.68 -13.65
C LYS B 95 -11.85 -16.23 -12.58
N GLY B 96 -11.53 -17.14 -11.67
CA GLY B 96 -10.49 -16.92 -10.68
C GLY B 96 -9.32 -17.84 -10.94
N VAL B 97 -8.12 -17.35 -10.66
CA VAL B 97 -6.89 -18.11 -10.86
C VAL B 97 -6.06 -18.01 -9.59
N MET B 98 -5.68 -19.17 -9.05
CA MET B 98 -4.87 -19.27 -7.85
C MET B 98 -3.52 -19.89 -8.18
N GLU B 99 -2.47 -19.38 -7.54
CA GLU B 99 -1.11 -19.88 -7.75
C GLU B 99 -0.48 -20.16 -6.40
N VAL B 100 -0.19 -21.43 -6.12
CA VAL B 100 0.43 -21.86 -4.88
C VAL B 100 1.66 -22.69 -5.23
N GLY B 101 2.85 -22.14 -4.96
CA GLY B 101 4.09 -22.87 -5.20
C GLY B 101 4.30 -23.29 -6.64
N GLY B 102 3.78 -22.53 -7.58
CA GLY B 102 3.84 -22.88 -8.98
C GLY B 102 2.63 -23.63 -9.49
N VAL B 103 1.84 -24.26 -8.61
CA VAL B 103 0.62 -24.92 -9.02
C VAL B 103 -0.43 -23.87 -9.33
N ILE B 104 -0.96 -23.91 -10.55
CA ILE B 104 -1.90 -22.91 -11.05
C ILE B 104 -3.24 -23.59 -11.26
N ASP B 105 -4.27 -23.06 -10.62
CA ASP B 105 -5.62 -23.62 -10.68
C ASP B 105 -6.61 -22.57 -11.17
N GLU B 106 -7.55 -23.01 -12.00
CA GLU B 106 -8.61 -22.17 -12.54
C GLU B 106 -9.93 -22.50 -11.85
N TYR B 107 -10.81 -21.51 -11.77
CA TYR B 107 -12.16 -21.69 -11.26
C TYR B 107 -13.11 -20.81 -12.06
N TRP B 108 -14.25 -21.37 -12.44
CA TRP B 108 -15.21 -20.70 -13.31
C TRP B 108 -16.56 -20.59 -12.63
N GLY B 109 -17.16 -19.41 -12.72
CA GLY B 109 -18.59 -19.30 -12.50
C GLY B 109 -19.36 -19.92 -13.64
N GLN B 110 -20.68 -20.01 -13.46
CA GLN B 110 -21.50 -20.72 -14.42
C GLN B 110 -22.22 -19.80 -15.41
N GLY B 111 -22.00 -18.49 -15.33
CA GLY B 111 -22.41 -17.60 -16.40
C GLY B 111 -23.58 -16.71 -15.99
N THR B 112 -23.76 -15.64 -16.77
CA THR B 112 -24.85 -14.69 -16.57
C THR B 112 -25.19 -14.07 -17.91
N GLN B 113 -26.47 -14.06 -18.27
CA GLN B 113 -26.88 -13.52 -19.56
C GLN B 113 -26.99 -11.99 -19.51
N VAL B 114 -26.46 -11.34 -20.54
CA VAL B 114 -26.56 -9.89 -20.69
C VAL B 114 -27.08 -9.61 -22.09
N THR B 115 -28.25 -8.97 -22.17
CA THR B 115 -28.89 -8.62 -23.42
C THR B 115 -28.96 -7.10 -23.53
N VAL B 116 -28.58 -6.57 -24.69
CA VAL B 116 -28.61 -5.15 -24.95
C VAL B 116 -29.51 -4.90 -26.17
N SER B 117 -30.41 -3.94 -26.04
CA SER B 117 -31.32 -3.59 -27.14
C SER B 117 -30.71 -2.53 -28.05
N PHE C 8 -19.28 -8.29 46.70
CA PHE C 8 -18.70 -6.98 46.94
C PHE C 8 -18.44 -6.24 45.63
N THR C 9 -17.80 -6.93 44.68
CA THR C 9 -17.53 -6.38 43.36
C THR C 9 -17.44 -7.56 42.39
N GLU C 10 -18.52 -7.81 41.66
CA GLU C 10 -18.65 -9.04 40.90
C GLU C 10 -19.16 -8.76 39.50
N ASN C 11 -18.80 -9.66 38.59
CA ASN C 11 -19.43 -9.74 37.27
C ASN C 11 -19.68 -11.22 36.99
N ASN C 12 -19.89 -11.57 35.72
CA ASN C 12 -20.25 -12.94 35.36
C ASN C 12 -19.06 -13.90 35.38
N ARG C 13 -17.86 -13.43 35.74
CA ARG C 13 -16.68 -14.27 35.59
C ARG C 13 -15.89 -14.42 36.89
N TYR C 14 -15.91 -13.41 37.75
CA TYR C 14 -15.09 -13.42 38.96
C TYR C 14 -15.66 -12.43 39.97
N ILE C 15 -15.15 -12.54 41.20
CA ILE C 15 -15.53 -11.65 42.30
C ILE C 15 -14.26 -11.18 43.00
N VAL C 16 -14.28 -9.92 43.46
CA VAL C 16 -13.15 -9.32 44.15
C VAL C 16 -13.66 -8.75 45.46
N LYS C 17 -13.33 -9.40 46.56
CA LYS C 17 -13.79 -9.02 47.90
C LYS C 17 -12.63 -8.55 48.75
N THR C 18 -12.89 -7.57 49.62
CA THR C 18 -11.86 -7.02 50.49
C THR C 18 -12.15 -7.48 51.91
N LEU C 19 -11.18 -8.17 52.51
CA LEU C 19 -11.37 -8.69 53.85
C LEU C 19 -11.28 -7.56 54.88
N GLN C 20 -12.03 -7.70 55.97
CA GLN C 20 -12.03 -6.72 57.04
C GLN C 20 -10.79 -6.83 57.93
N THR C 21 -9.97 -7.87 57.75
CA THR C 21 -8.77 -8.03 58.55
C THR C 21 -7.74 -6.98 58.17
N ASP C 22 -7.31 -6.19 59.16
CA ASP C 22 -6.30 -5.17 58.96
C ASP C 22 -5.23 -5.31 60.05
N TYR C 23 -4.08 -4.69 59.78
CA TYR C 23 -2.94 -4.75 60.69
C TYR C 23 -2.31 -3.37 60.77
N SER C 24 -2.24 -2.83 61.97
CA SER C 24 -1.73 -1.48 62.20
C SER C 24 -0.27 -1.54 62.63
N SER C 25 0.57 -0.79 61.93
CA SER C 25 1.98 -0.68 62.29
C SER C 25 2.61 0.56 61.66
N ASP C 31 6.88 2.74 57.13
CA ASP C 31 8.19 2.21 56.78
C ASP C 31 8.07 0.93 55.98
N GLU C 32 9.21 0.33 55.64
CA GLU C 32 9.23 -0.86 54.82
C GLU C 32 8.63 -2.05 55.57
N LEU C 33 7.95 -2.93 54.84
CA LEU C 33 7.13 -3.96 55.45
C LEU C 33 6.87 -5.07 54.44
N ASN C 34 6.89 -6.32 54.90
CA ASN C 34 6.80 -7.49 54.02
C ASN C 34 5.92 -8.54 54.69
N GLY C 35 5.63 -9.60 53.95
CA GLY C 35 4.84 -10.69 54.50
C GLY C 35 4.19 -11.49 53.39
N TYR C 36 3.36 -12.46 53.82
CA TYR C 36 2.65 -13.35 52.90
C TYR C 36 1.52 -14.03 53.67
N ILE C 37 0.87 -15.01 53.03
CA ILE C 37 -0.26 -15.71 53.62
C ILE C 37 -0.30 -17.16 53.13
N ASP C 38 -0.15 -18.12 54.05
CA ASP C 38 -0.13 -19.53 53.73
C ASP C 38 -1.49 -20.12 54.06
N MET C 39 -2.22 -20.56 53.03
CA MET C 39 -3.56 -21.10 53.21
C MET C 39 -3.57 -22.60 53.52
N GLN C 40 -2.50 -23.33 53.15
CA GLN C 40 -2.40 -24.72 53.54
C GLN C 40 -2.14 -24.85 55.04
N ILE C 41 -1.25 -24.02 55.57
CA ILE C 41 -1.08 -23.95 57.02
C ILE C 41 -2.31 -23.29 57.66
N GLY C 42 -2.87 -22.30 56.99
CA GLY C 42 -4.07 -21.64 57.48
C GLY C 42 -3.86 -20.32 58.18
N TYR C 43 -2.70 -19.68 57.99
CA TYR C 43 -2.39 -18.44 58.70
C TYR C 43 -1.69 -17.47 57.76
N GLY C 44 -1.81 -16.17 58.10
CA GLY C 44 -1.11 -15.12 57.40
C GLY C 44 -0.08 -14.47 58.31
N LEU C 45 0.97 -13.90 57.70
CA LEU C 45 2.12 -13.37 58.41
C LEU C 45 2.51 -12.04 57.78
N VAL C 46 2.82 -11.06 58.62
CA VAL C 46 3.24 -9.75 58.15
C VAL C 46 4.20 -9.14 59.17
N ASN C 47 5.39 -8.75 58.71
CA ASN C 47 6.44 -8.26 59.57
C ASN C 47 7.06 -6.99 58.99
N ASP C 48 7.74 -6.26 59.87
CA ASP C 48 8.60 -5.16 59.44
C ASP C 48 9.99 -5.36 60.03
N HIS C 49 10.68 -4.26 60.37
CA HIS C 49 12.01 -4.36 60.96
C HIS C 49 11.98 -4.66 62.45
N LYS C 50 10.81 -4.63 63.09
CA LYS C 50 10.74 -4.74 64.55
C LYS C 50 9.99 -5.97 65.03
N LYS C 51 8.84 -6.30 64.43
CA LYS C 51 8.04 -7.41 64.92
C LYS C 51 7.33 -8.08 63.75
N VAL C 52 6.79 -9.26 64.02
CA VAL C 52 6.01 -10.02 63.05
C VAL C 52 4.67 -10.38 63.67
N TYR C 53 3.60 -10.25 62.89
CA TYR C 53 2.25 -10.56 63.33
C TYR C 53 1.73 -11.75 62.53
N ILE C 54 1.21 -12.74 63.24
CA ILE C 54 0.68 -13.97 62.66
C ILE C 54 -0.78 -14.08 63.06
N TRP C 55 -1.61 -14.57 62.14
CA TRP C 55 -3.05 -14.64 62.41
C TRP C 55 -3.70 -15.64 61.48
N ASN C 56 -4.48 -16.57 62.03
CA ASN C 56 -5.17 -17.54 61.20
C ASN C 56 -6.24 -16.87 60.35
N ILE C 57 -6.39 -17.34 59.11
CA ILE C 57 -7.34 -16.75 58.18
C ILE C 57 -8.76 -17.22 58.50
N TYR C 66 -3.92 -13.02 66.76
CA TYR C 66 -2.92 -12.24 66.05
C TYR C 66 -1.65 -12.08 66.90
N ILE C 67 -0.89 -13.17 67.02
CA ILE C 67 0.29 -13.18 67.85
C ILE C 67 1.36 -12.26 67.26
N THR C 68 2.23 -11.74 68.13
CA THR C 68 3.33 -10.89 67.73
C THR C 68 4.63 -11.46 68.30
N VAL C 69 5.64 -11.55 67.45
CA VAL C 69 6.97 -12.02 67.84
C VAL C 69 7.99 -10.95 67.43
N PRO C 70 8.80 -10.43 68.36
CA PRO C 70 9.79 -9.40 68.03
C PRO C 70 11.19 -9.98 67.82
N PRO C 83 14.37 -8.50 57.56
CA PRO C 83 14.08 -9.80 58.17
C PRO C 83 12.95 -10.54 57.43
N ARG C 84 13.20 -11.81 57.06
CA ARG C 84 12.24 -12.57 56.27
C ARG C 84 11.76 -13.78 57.06
N CYS C 85 10.45 -13.94 57.17
CA CYS C 85 9.86 -14.99 57.99
C CYS C 85 9.05 -15.95 57.14
N ILE C 86 8.83 -17.14 57.68
CA ILE C 86 8.09 -18.19 57.00
C ILE C 86 7.41 -19.07 58.04
N LEU C 87 6.12 -19.33 57.84
CA LEU C 87 5.38 -20.23 58.72
C LEU C 87 5.62 -21.68 58.33
N THR C 88 5.70 -22.54 59.33
CA THR C 88 5.91 -23.97 59.12
C THR C 88 4.67 -24.74 59.56
N PHE C 89 4.63 -26.01 59.15
CA PHE C 89 3.51 -26.87 59.47
C PHE C 89 3.65 -27.43 60.89
N PRO C 90 2.53 -27.73 61.56
CA PRO C 90 2.54 -28.35 62.90
C PRO C 90 3.27 -29.69 62.91
N THR C 108 -0.81 -26.38 66.01
CA THR C 108 -0.58 -25.52 64.87
C THR C 108 0.83 -25.60 64.29
N GLY C 109 1.51 -24.47 64.11
CA GLY C 109 2.82 -24.55 63.51
C GLY C 109 3.91 -23.64 64.00
N GLY C 110 5.08 -23.84 63.43
CA GLY C 110 6.26 -23.09 63.79
C GLY C 110 6.49 -21.88 62.97
N LEU C 111 7.61 -21.27 63.19
CA LEU C 111 7.99 -20.02 62.54
C LEU C 111 9.50 -19.94 62.38
N ILE C 112 9.96 -19.65 61.16
CA ILE C 112 11.38 -19.48 60.87
C ILE C 112 11.62 -18.03 60.50
N ILE C 113 12.67 -17.44 61.06
CA ILE C 113 13.02 -16.04 60.81
C ILE C 113 14.48 -15.99 60.38
N ILE C 114 14.75 -15.29 59.27
CA ILE C 114 16.10 -15.09 58.76
C ILE C 114 16.41 -13.61 58.89
N LYS C 115 17.52 -13.31 59.57
CA LYS C 115 18.03 -11.96 59.72
C LYS C 115 19.54 -12.00 59.52
N GLY C 116 20.03 -11.27 58.52
CA GLY C 116 21.44 -11.32 58.20
C GLY C 116 21.82 -12.72 57.75
N SER C 117 22.77 -13.33 58.46
CA SER C 117 23.17 -14.71 58.21
C SER C 117 22.67 -15.66 59.30
N LYS C 118 21.72 -15.23 60.11
CA LYS C 118 21.23 -16.02 61.23
C LYS C 118 19.79 -16.44 61.00
N ALA C 119 19.52 -17.74 61.14
CA ALA C 119 18.17 -18.30 61.00
C ALA C 119 17.75 -18.88 62.35
N ILE C 120 16.53 -18.56 62.77
CA ILE C 120 15.99 -19.01 64.05
C ILE C 120 14.64 -19.66 63.83
N TYR C 121 14.44 -20.82 64.45
CA TYR C 121 13.23 -21.61 64.31
C TYR C 121 12.52 -21.70 65.66
N TYR C 122 11.18 -21.65 65.60
CA TYR C 122 10.32 -21.92 66.74
C TYR C 122 9.35 -23.03 66.34
N GLU C 123 9.55 -24.23 66.90
CA GLU C 123 8.74 -25.39 66.54
C GLU C 123 7.28 -25.19 66.93
N PHE C 139 11.42 -23.70 70.90
CA PHE C 139 12.76 -24.14 71.26
C PHE C 139 13.38 -25.00 70.17
N SER C 140 14.00 -24.36 69.18
CA SER C 140 14.67 -25.04 68.09
C SER C 140 16.02 -24.38 67.83
N HIS C 141 17.02 -25.19 67.51
CA HIS C 141 18.39 -24.69 67.36
C HIS C 141 18.49 -23.72 66.19
N GLU C 142 19.51 -22.87 66.25
CA GLU C 142 19.78 -21.86 65.24
C GLU C 142 21.19 -22.03 64.72
N LEU C 143 21.33 -22.16 63.40
CA LEU C 143 22.62 -22.36 62.76
C LEU C 143 22.90 -21.20 61.81
N GLU C 144 24.09 -20.62 61.92
CA GLU C 144 24.46 -19.52 61.05
C GLU C 144 24.56 -19.99 59.60
N LEU C 145 24.11 -19.12 58.67
CA LEU C 145 24.10 -19.43 57.25
C LEU C 145 25.31 -18.80 56.57
N PRO C 146 25.79 -19.39 55.48
CA PRO C 146 26.96 -18.83 54.77
C PRO C 146 26.60 -17.61 53.92
N ILE C 147 25.75 -16.73 54.44
CA ILE C 147 25.35 -15.52 53.73
C ILE C 147 26.30 -14.40 54.11
N ASN C 148 26.92 -13.79 53.10
CA ASN C 148 27.84 -12.66 53.32
C ASN C 148 26.99 -11.41 53.52
N SER C 149 26.65 -11.13 54.79
CA SER C 149 25.82 -9.98 55.09
C SER C 149 26.55 -8.67 54.89
N SER C 150 27.88 -8.66 55.07
CA SER C 150 28.65 -7.44 54.87
C SER C 150 28.74 -7.05 53.40
N GLY C 151 28.59 -8.01 52.48
CA GLY C 151 28.66 -7.71 51.07
C GLY C 151 27.34 -7.32 50.46
N GLY C 152 26.44 -6.79 51.28
CA GLY C 152 25.13 -6.35 50.81
C GLY C 152 24.19 -7.46 50.39
N GLU C 153 24.54 -8.72 50.66
CA GLU C 153 23.70 -9.84 50.27
C GLU C 153 22.60 -10.08 51.30
N LYS C 154 21.40 -10.35 50.81
CA LYS C 154 20.25 -10.63 51.67
C LYS C 154 19.46 -11.78 51.09
N CYS C 155 18.72 -12.47 51.96
CA CYS C 155 17.79 -13.50 51.51
C CYS C 155 16.62 -12.86 50.80
N ASP C 156 16.23 -13.44 49.65
CA ASP C 156 15.19 -12.88 48.80
C ASP C 156 13.96 -13.77 48.78
N LEU C 157 14.05 -14.96 48.20
CA LEU C 157 12.93 -15.88 48.10
C LEU C 157 13.12 -17.04 49.06
N MET C 158 12.00 -17.66 49.45
CA MET C 158 12.04 -18.83 50.30
C MET C 158 10.72 -19.60 50.13
N LEU C 159 10.82 -20.92 50.18
CA LEU C 159 9.68 -21.81 49.94
C LEU C 159 9.58 -22.83 51.05
N ASN C 160 8.36 -23.12 51.48
CA ASN C 160 8.09 -24.19 52.44
C ASN C 160 7.82 -25.47 51.67
N CYS C 161 8.77 -26.40 51.70
CA CYS C 161 8.68 -27.65 50.97
C CYS C 161 8.67 -28.85 51.91
N GLU C 162 7.91 -28.75 53.00
CA GLU C 162 7.76 -29.87 53.90
C GLU C 162 7.05 -31.02 53.17
N PRO C 163 7.33 -32.28 53.54
CA PRO C 163 8.17 -32.75 54.64
C PRO C 163 9.68 -32.72 54.38
N ALA C 164 10.10 -32.18 53.24
CA ALA C 164 11.53 -32.17 52.93
C ALA C 164 12.29 -31.15 53.77
N GLY C 165 11.77 -29.93 53.84
CA GLY C 165 12.42 -28.89 54.62
C GLY C 165 12.04 -27.52 54.08
N ILE C 166 13.04 -26.65 54.01
CA ILE C 166 12.87 -25.28 53.55
C ILE C 166 13.94 -24.95 52.51
N VAL C 167 13.54 -24.31 51.42
CA VAL C 167 14.46 -23.85 50.39
C VAL C 167 14.52 -22.33 50.45
N LEU C 168 15.75 -21.80 50.39
CA LEU C 168 15.97 -20.35 50.40
C LEU C 168 16.83 -19.95 49.21
N SER C 169 16.68 -18.69 48.81
CA SER C 169 17.53 -18.10 47.79
C SER C 169 17.94 -16.71 48.23
N THR C 170 19.04 -16.23 47.66
CA THR C 170 19.60 -14.93 48.02
C THR C 170 19.63 -14.00 46.82
N ASN C 171 19.91 -12.73 47.08
CA ASN C 171 20.03 -11.74 46.03
C ASN C 171 21.24 -11.96 45.14
N MET C 172 22.17 -12.83 45.54
CA MET C 172 23.38 -13.11 44.77
C MET C 172 23.27 -14.39 43.94
N GLY C 173 22.18 -15.14 44.07
CA GLY C 173 21.94 -16.34 43.29
C GLY C 173 22.14 -17.65 44.01
N ARG C 174 22.62 -17.62 45.26
CA ARG C 174 22.84 -18.85 45.99
C ARG C 174 21.52 -19.45 46.45
N ILE C 175 21.49 -20.78 46.56
CA ILE C 175 20.31 -21.53 46.95
C ILE C 175 20.67 -22.47 48.09
N PHE C 176 19.84 -22.50 49.13
CA PHE C 176 20.05 -23.34 50.30
C PHE C 176 18.88 -24.30 50.47
N PHE C 177 19.19 -25.55 50.79
CA PHE C 177 18.21 -26.51 51.27
C PHE C 177 18.51 -26.82 52.73
N ILE C 178 17.55 -26.53 53.61
CA ILE C 178 17.70 -26.64 55.05
C ILE C 178 16.67 -27.64 55.57
N THR C 179 17.09 -28.47 56.52
CA THR C 179 16.17 -29.45 57.12
C THR C 179 15.56 -28.92 58.41
N GLY C 185 12.30 -37.31 63.75
CA GLY C 185 11.22 -36.37 63.99
C GLY C 185 11.62 -35.23 64.91
N LYS C 186 12.88 -35.21 65.31
CA LYS C 186 13.36 -34.17 66.21
C LYS C 186 13.45 -32.84 65.45
N PRO C 187 13.14 -31.72 66.12
CA PRO C 187 13.23 -30.41 65.46
C PRO C 187 14.68 -29.97 65.37
N GLN C 188 15.15 -29.73 64.14
CA GLN C 188 16.50 -29.28 63.89
C GLN C 188 16.48 -28.10 62.92
N LEU C 189 17.65 -27.49 62.74
CA LEU C 189 17.85 -26.41 61.78
C LEU C 189 19.29 -26.54 61.27
N LYS C 190 19.52 -27.58 60.48
CA LYS C 190 20.82 -27.87 59.90
C LYS C 190 20.78 -27.64 58.39
N LEU C 191 21.94 -27.30 57.83
CA LEU C 191 22.04 -27.08 56.40
C LEU C 191 21.98 -28.41 55.66
N GLY C 192 21.10 -28.48 54.67
CA GLY C 192 20.99 -29.67 53.85
C GLY C 192 22.02 -29.68 52.73
N LYS C 193 21.96 -28.67 51.87
CA LYS C 193 22.90 -28.59 50.74
C LYS C 193 22.80 -27.22 50.08
N LEU C 194 23.75 -26.97 49.17
CA LEU C 194 23.72 -25.84 48.26
C LEU C 194 23.40 -26.34 46.85
N LEU C 195 22.54 -25.60 46.15
CA LEU C 195 22.03 -26.02 44.85
C LEU C 195 22.39 -25.00 43.77
N ASN C 196 23.58 -24.41 43.87
CA ASN C 196 24.00 -23.37 42.94
C ASN C 196 25.33 -23.64 42.24
N LYS C 197 26.17 -24.52 42.77
CA LYS C 197 27.49 -24.82 42.20
C LYS C 197 28.34 -23.57 42.06
N SER C 212 22.63 -12.74 37.38
CA SER C 212 21.44 -13.59 37.34
C SER C 212 20.90 -13.84 38.75
N SER C 213 19.61 -14.16 38.84
CA SER C 213 18.99 -14.39 40.13
C SER C 213 17.83 -15.36 39.98
N VAL C 214 17.48 -16.02 41.08
CA VAL C 214 16.35 -16.95 41.09
C VAL C 214 15.05 -16.16 41.09
N VAL C 215 14.08 -16.64 40.33
CA VAL C 215 12.81 -15.92 40.17
C VAL C 215 11.60 -16.75 40.55
N SER C 216 11.76 -18.03 40.87
CA SER C 216 10.61 -18.85 41.28
C SER C 216 11.08 -20.09 42.01
N LEU C 217 10.33 -20.48 43.05
CA LEU C 217 10.53 -21.73 43.77
C LEU C 217 9.17 -22.35 44.01
N ARG C 218 8.96 -23.55 43.48
CA ARG C 218 7.64 -24.17 43.47
C ARG C 218 7.72 -25.59 44.04
N ASN C 219 6.62 -25.99 44.68
CA ASN C 219 6.50 -27.36 45.20
C ASN C 219 6.02 -28.30 44.12
N GLY C 220 6.62 -29.48 44.07
CA GLY C 220 6.17 -30.55 43.22
C GLY C 220 5.41 -31.59 44.02
N PRO C 221 5.12 -32.74 43.40
CA PRO C 221 4.45 -33.82 44.13
C PRO C 221 5.32 -34.37 45.25
N ILE C 222 4.71 -35.15 46.13
CA ILE C 222 5.43 -35.78 47.22
C ILE C 222 5.83 -37.19 46.84
N LYS C 225 7.02 -39.55 51.02
CA LYS C 225 7.05 -39.31 52.45
C LYS C 225 8.46 -38.89 52.88
N GLY C 226 8.58 -37.67 53.41
CA GLY C 226 9.87 -37.08 53.67
C GLY C 226 10.61 -36.61 52.44
N THR C 227 10.19 -37.03 51.25
CA THR C 227 10.83 -36.67 50.00
C THR C 227 9.83 -35.91 49.12
N ARG C 228 10.33 -34.94 48.37
CA ARG C 228 9.46 -34.08 47.57
C ARG C 228 10.25 -33.43 46.45
N LEU C 229 9.56 -33.16 45.35
CA LEU C 229 10.15 -32.46 44.21
C LEU C 229 10.01 -30.95 44.39
N VAL C 230 11.01 -30.23 43.91
CA VAL C 230 11.05 -28.77 43.98
C VAL C 230 11.55 -28.24 42.64
N TYR C 231 10.85 -27.24 42.11
CA TYR C 231 11.23 -26.61 40.84
C TYR C 231 11.87 -25.26 41.11
N ILE C 232 12.96 -24.99 40.38
CA ILE C 232 13.72 -23.75 40.52
C ILE C 232 13.90 -23.14 39.14
N THR C 233 13.65 -21.84 39.04
CA THR C 233 13.78 -21.10 37.79
C THR C 233 14.62 -19.86 38.02
N THR C 234 15.51 -19.57 37.08
CA THR C 234 16.39 -18.42 37.16
C THR C 234 16.02 -17.38 36.12
N ASN C 235 16.56 -16.17 36.28
CA ASN C 235 16.27 -15.09 35.36
C ASN C 235 16.86 -15.35 33.98
N LYS C 236 17.96 -16.09 33.92
CA LYS C 236 18.64 -16.39 32.67
C LYS C 236 18.06 -17.61 31.95
N GLY C 237 16.96 -18.16 32.46
CA GLY C 237 16.27 -19.26 31.80
C GLY C 237 16.62 -20.65 32.26
N ILE C 238 17.32 -20.79 33.38
CA ILE C 238 17.71 -22.11 33.88
C ILE C 238 16.54 -22.67 34.68
N PHE C 239 16.08 -23.86 34.29
CA PHE C 239 15.03 -24.58 35.02
C PHE C 239 15.60 -25.87 35.57
N GLN C 240 15.22 -26.19 36.81
CA GLN C 240 15.71 -27.38 37.48
C GLN C 240 14.59 -28.01 38.28
N THR C 241 14.56 -29.34 38.27
CA THR C 241 13.70 -30.14 39.13
C THR C 241 14.59 -30.98 40.03
N TRP C 242 14.55 -30.70 41.32
CA TRP C 242 15.32 -31.39 42.36
C TRP C 242 14.41 -32.30 43.16
N GLN C 243 15.01 -33.38 43.69
CA GLN C 243 14.34 -34.27 44.64
C GLN C 243 15.02 -34.11 45.99
N LEU C 244 14.34 -33.46 46.92
CA LEU C 244 14.89 -33.20 48.24
C LEU C 244 14.22 -34.10 49.27
N SER C 245 14.92 -34.31 50.40
CA SER C 245 14.39 -35.18 51.43
C SER C 245 15.02 -34.80 52.78
N ALA C 246 14.22 -34.88 53.84
CA ALA C 246 14.74 -34.65 55.18
C ALA C 246 15.57 -35.83 55.66
N THR C 247 15.27 -37.04 55.18
CA THR C 247 16.00 -38.23 55.59
C THR C 247 17.42 -38.21 55.06
N PRO C 251 20.54 -34.78 47.98
CA PRO C 251 19.91 -34.01 46.91
C PRO C 251 20.32 -34.50 45.52
N THR C 252 19.36 -34.56 44.59
CA THR C 252 19.62 -35.05 43.25
C THR C 252 18.79 -34.27 42.24
N LYS C 253 19.42 -33.90 41.13
CA LYS C 253 18.75 -33.18 40.06
C LYS C 253 18.08 -34.17 39.11
N LEU C 254 16.76 -34.09 39.00
CA LEU C 254 16.05 -34.88 38.01
C LEU C 254 15.92 -34.13 36.69
N ILE C 255 15.89 -32.80 36.71
CA ILE C 255 15.86 -31.99 35.50
C ILE C 255 16.80 -30.81 35.67
N ASP C 256 17.59 -30.50 34.63
CA ASP C 256 18.45 -29.33 34.64
C ASP C 256 18.64 -28.89 33.19
N VAL C 257 17.83 -27.92 32.75
CA VAL C 257 17.83 -27.48 31.37
C VAL C 257 17.84 -25.96 31.31
N ASN C 258 18.02 -25.44 30.09
CA ASN C 258 18.03 -24.01 29.83
C ASN C 258 17.00 -23.72 28.75
N ILE C 259 15.90 -23.07 29.14
CA ILE C 259 14.79 -22.82 28.24
C ILE C 259 14.84 -21.42 27.62
N TYR C 260 15.86 -20.63 27.93
CA TYR C 260 15.95 -19.26 27.42
C TYR C 260 15.99 -19.26 25.89
N GLU C 261 16.86 -20.08 25.30
CA GLU C 261 17.05 -20.06 23.86
C GLU C 261 15.80 -20.55 23.12
N ALA C 262 15.09 -21.53 23.72
CA ALA C 262 13.89 -22.07 23.07
C ALA C 262 12.79 -21.02 22.99
N ILE C 263 12.51 -20.35 24.11
CA ILE C 263 11.52 -19.28 24.11
C ILE C 263 11.94 -18.16 23.16
N LEU C 264 13.24 -17.82 23.17
CA LEU C 264 13.74 -16.78 22.29
C LEU C 264 13.51 -17.11 20.83
N GLU C 265 13.78 -18.36 20.44
CA GLU C 265 13.52 -18.80 19.07
C GLU C 265 12.02 -18.79 18.77
N SER C 266 11.19 -19.11 19.76
CA SER C 266 9.75 -19.07 19.56
C SER C 266 9.25 -17.64 19.38
N LEU C 267 10.01 -16.64 19.84
CA LEU C 267 9.58 -15.25 19.74
C LEU C 267 10.36 -14.43 18.72
N GLN C 268 11.49 -14.92 18.21
CA GLN C 268 12.42 -14.05 17.50
C GLN C 268 11.90 -13.64 16.12
N ASP C 269 11.22 -14.54 15.42
CA ASP C 269 10.73 -14.23 14.09
C ASP C 269 9.62 -13.20 14.14
N LEU C 270 8.69 -13.35 15.08
CA LEU C 270 7.60 -12.41 15.21
C LEU C 270 8.05 -11.11 15.89
N TYR C 271 8.95 -11.22 16.87
CA TYR C 271 9.43 -10.08 17.65
C TYR C 271 10.95 -10.10 17.66
N PRO C 272 11.60 -9.50 16.65
CA PRO C 272 13.07 -9.52 16.62
C PRO C 272 13.72 -8.82 17.80
N PHE C 273 13.03 -7.85 18.42
CA PHE C 273 13.58 -7.14 19.57
C PHE C 273 13.69 -8.01 20.81
N ALA C 274 13.19 -9.26 20.76
CA ALA C 274 13.32 -10.15 21.91
C ALA C 274 14.76 -10.41 22.25
N HIS C 275 15.65 -10.42 21.25
CA HIS C 275 17.08 -10.57 21.49
C HIS C 275 17.58 -9.37 22.31
N GLY C 276 18.10 -9.66 23.50
CA GLY C 276 18.62 -8.62 24.37
C GLY C 276 17.64 -8.01 25.33
N THR C 277 16.37 -8.44 25.32
CA THR C 277 15.37 -7.96 26.27
C THR C 277 14.56 -9.07 26.91
N LEU C 278 14.62 -10.30 26.41
CA LEU C 278 13.85 -11.39 26.99
C LEU C 278 14.33 -11.69 28.41
N LYS C 279 13.39 -11.78 29.35
CA LYS C 279 13.74 -12.11 30.73
C LYS C 279 12.60 -12.87 31.38
N ILE C 280 12.97 -13.91 32.14
CA ILE C 280 12.00 -14.74 32.85
C ILE C 280 11.67 -14.08 34.18
N TRP C 281 10.39 -14.12 34.54
CA TRP C 281 9.91 -13.55 35.79
C TRP C 281 9.41 -14.58 36.78
N ASP C 282 8.75 -15.65 36.30
CA ASP C 282 8.13 -16.61 37.19
C ASP C 282 7.81 -17.87 36.41
N SER C 283 7.48 -18.93 37.15
CA SER C 283 7.02 -20.18 36.57
C SER C 283 6.00 -20.80 37.52
N HIS C 284 5.25 -21.77 37.00
CA HIS C 284 4.20 -22.43 37.76
C HIS C 284 3.95 -23.81 37.19
N PRO C 285 3.87 -24.83 38.04
CA PRO C 285 3.54 -26.18 37.53
C PRO C 285 2.09 -26.26 37.08
N LEU C 286 1.84 -27.20 36.18
CA LEU C 286 0.51 -27.47 35.66
C LEU C 286 0.03 -28.83 36.17
N GLN C 287 -1.17 -29.23 35.71
CA GLN C 287 -1.76 -30.48 36.18
C GLN C 287 -0.87 -31.69 35.88
N ASP C 288 -0.14 -31.64 34.77
CA ASP C 288 0.81 -32.70 34.42
C ASP C 288 2.14 -32.41 35.11
N GLU C 289 2.74 -33.44 35.70
CA GLU C 289 4.00 -33.26 36.41
C GLU C 289 5.11 -32.80 35.48
N SER C 290 5.04 -33.15 34.19
CA SER C 290 6.07 -32.83 33.23
C SER C 290 5.86 -31.50 32.53
N SER C 291 4.77 -30.79 32.83
CA SER C 291 4.43 -29.54 32.16
C SER C 291 4.54 -28.37 33.13
N GLN C 292 5.08 -27.25 32.62
CA GLN C 292 5.24 -26.03 33.40
C GLN C 292 4.77 -24.84 32.56
N LEU C 293 4.45 -23.76 33.26
CA LEU C 293 3.99 -22.51 32.64
C LEU C 293 4.94 -21.40 33.05
N PHE C 294 5.58 -20.77 32.06
CA PHE C 294 6.58 -19.75 32.31
C PHE C 294 6.08 -18.38 31.90
N LEU C 295 6.41 -17.38 32.71
CA LEU C 295 6.07 -15.98 32.46
C LEU C 295 7.34 -15.22 32.11
N SER C 296 7.32 -14.53 30.98
CA SER C 296 8.51 -13.86 30.45
C SER C 296 8.12 -12.49 29.93
N SER C 297 9.13 -11.68 29.65
CA SER C 297 8.89 -10.36 29.08
C SER C 297 9.93 -10.05 28.00
N ILE C 298 9.47 -9.33 26.98
CA ILE C 298 10.33 -8.77 25.94
C ILE C 298 9.99 -7.29 25.80
N TYR C 299 10.95 -6.51 25.31
CA TYR C 299 10.82 -5.06 25.24
C TYR C 299 11.17 -4.55 23.86
N ASP C 300 10.27 -3.75 23.29
CA ASP C 300 10.51 -3.02 22.04
C ASP C 300 10.85 -1.59 22.40
N SER C 301 12.13 -1.23 22.22
CA SER C 301 12.61 0.09 22.62
C SER C 301 12.22 1.16 21.62
N SER C 302 12.03 0.80 20.36
CA SER C 302 11.62 1.77 19.35
C SER C 302 10.26 2.37 19.69
N CYS C 303 9.29 1.52 20.03
CA CYS C 303 7.94 1.95 20.36
C CYS C 303 7.70 2.05 21.86
N ASN C 304 8.69 1.67 22.68
CA ASN C 304 8.60 1.73 24.14
C ASN C 304 7.42 0.89 24.64
N GLU C 305 7.44 -0.39 24.29
CA GLU C 305 6.37 -1.31 24.66
C GLU C 305 6.95 -2.56 25.29
N THR C 306 6.24 -3.11 26.25
CA THR C 306 6.65 -4.35 26.91
C THR C 306 5.58 -5.40 26.70
N TYR C 307 5.98 -6.57 26.21
CA TYR C 307 5.08 -7.67 25.99
C TYR C 307 5.39 -8.79 26.97
N TYR C 308 4.34 -9.37 27.55
CA TYR C 308 4.46 -10.47 28.50
C TYR C 308 3.96 -11.75 27.85
N ILE C 309 4.70 -12.84 28.09
CA ILE C 309 4.54 -14.10 27.37
C ILE C 309 4.30 -15.21 28.39
N LEU C 310 3.30 -16.04 28.13
CA LEU C 310 3.04 -17.27 28.87
C LEU C 310 3.40 -18.43 27.95
N SER C 311 4.43 -19.18 28.33
CA SER C 311 4.92 -20.30 27.54
C SER C 311 4.66 -21.59 28.29
N THR C 312 3.85 -22.47 27.70
CA THR C 312 3.60 -23.79 28.24
C THR C 312 4.62 -24.75 27.65
N ILE C 313 5.44 -25.35 28.53
CA ILE C 313 6.54 -26.23 28.15
C ILE C 313 6.28 -27.60 28.76
N ILE C 314 6.74 -28.65 28.06
CA ILE C 314 6.62 -30.03 28.51
C ILE C 314 8.01 -30.63 28.61
N PHE C 315 8.31 -31.24 29.76
CA PHE C 315 9.64 -31.77 30.03
C PHE C 315 9.65 -33.28 29.97
N ASP C 316 10.83 -33.83 29.65
CA ASP C 316 11.06 -35.27 29.59
C ASP C 316 12.21 -35.60 30.53
N SER C 317 11.91 -36.34 31.60
CA SER C 317 12.96 -36.70 32.56
C SER C 317 13.91 -37.76 32.01
N SER C 318 13.50 -38.48 30.96
CA SER C 318 14.35 -39.56 30.44
C SER C 318 15.57 -38.99 29.71
N SER C 319 15.38 -37.93 28.93
CA SER C 319 16.44 -37.37 28.11
C SER C 319 16.86 -35.97 28.52
N ASN C 320 16.30 -35.43 29.60
CA ASN C 320 16.58 -34.07 30.07
C ASN C 320 16.37 -33.07 28.92
N SER C 321 15.24 -33.20 28.24
CA SER C 321 14.89 -32.35 27.11
C SER C 321 13.50 -31.77 27.34
N PHE C 322 13.06 -30.92 26.41
CA PHE C 322 11.77 -30.25 26.55
C PHE C 322 11.34 -29.73 25.19
N THR C 323 10.04 -29.45 25.08
CA THR C 323 9.45 -28.80 23.92
C THR C 323 8.47 -27.74 24.39
N ILE C 324 8.39 -26.64 23.64
CA ILE C 324 7.46 -25.56 23.94
C ILE C 324 6.10 -25.96 23.38
N PHE C 325 5.13 -26.24 24.27
CA PHE C 325 3.81 -26.64 23.79
C PHE C 325 3.02 -25.46 23.25
N SER C 326 3.01 -24.34 23.98
CA SER C 326 2.19 -23.21 23.53
C SER C 326 2.81 -21.89 23.97
N THR C 327 2.42 -20.83 23.28
CA THR C 327 2.93 -19.49 23.52
C THR C 327 1.79 -18.48 23.38
N TYR C 328 1.59 -17.66 24.41
CA TYR C 328 0.49 -16.70 24.45
C TYR C 328 1.00 -15.34 24.89
N ARG C 329 0.64 -14.29 24.17
CA ARG C 329 1.01 -12.93 24.54
C ARG C 329 -0.18 -12.24 25.19
N LEU C 330 0.05 -11.67 26.38
CA LEU C 330 -1.03 -11.01 27.10
C LEU C 330 -1.51 -9.77 26.35
N ASN C 331 -2.83 -9.62 26.26
CA ASN C 331 -3.43 -8.53 25.50
C ASN C 331 -3.74 -7.31 26.36
N THR C 332 -3.82 -7.46 27.68
CA THR C 332 -4.37 -6.42 28.54
C THR C 332 -3.34 -5.67 29.38
N PHE C 333 -2.13 -6.20 29.54
CA PHE C 333 -1.10 -5.57 30.36
C PHE C 333 0.20 -5.47 29.57
N MET C 334 0.71 -4.24 29.40
CA MET C 334 1.86 -4.02 28.52
C MET C 334 2.78 -2.91 29.00
N GLU C 335 2.85 -2.66 30.31
CA GLU C 335 3.74 -1.65 30.85
C GLU C 335 4.92 -2.29 31.57
N SER C 336 6.03 -1.56 31.61
CA SER C 336 7.26 -2.08 32.19
C SER C 336 7.18 -2.08 33.72
N ILE C 337 8.09 -2.83 34.34
CA ILE C 337 8.16 -2.94 35.79
C ILE C 337 9.35 -2.09 36.22
N THR C 338 9.07 -0.82 36.56
CA THR C 338 10.13 0.09 36.98
C THR C 338 10.61 -0.24 38.38
N ASP C 339 9.68 -0.56 39.29
CA ASP C 339 10.03 -0.92 40.66
C ASP C 339 10.76 -2.26 40.64
N THR C 340 12.10 -2.22 40.74
CA THR C 340 12.90 -3.42 40.67
C THR C 340 12.72 -4.34 41.87
N LYS C 341 11.94 -3.92 42.87
CA LYS C 341 11.71 -4.78 44.03
C LYS C 341 10.56 -5.74 43.81
N PHE C 342 9.62 -5.40 42.93
CA PHE C 342 8.46 -6.23 42.69
C PHE C 342 8.78 -7.37 41.74
N LYS C 343 8.14 -8.51 41.97
CA LYS C 343 8.30 -9.69 41.12
C LYS C 343 6.93 -10.25 40.77
N PRO C 344 6.51 -10.17 39.52
CA PRO C 344 5.17 -10.70 39.16
C PRO C 344 5.09 -12.19 39.40
N LYS C 345 3.88 -12.65 39.72
CA LYS C 345 3.66 -14.03 40.14
C LYS C 345 2.46 -14.62 39.42
N ILE C 346 2.60 -15.89 39.04
CA ILE C 346 1.52 -16.66 38.43
C ILE C 346 0.73 -17.34 39.55
N PHE C 347 -0.58 -17.47 39.34
CA PHE C 347 -1.44 -18.18 40.28
C PHE C 347 -2.39 -19.06 39.50
N ILE C 348 -2.50 -20.32 39.92
CA ILE C 348 -3.49 -21.25 39.37
C ILE C 348 -4.22 -21.89 40.55
N PRO C 349 -5.26 -21.25 41.09
CA PRO C 349 -5.87 -21.75 42.33
C PRO C 349 -6.41 -23.16 42.24
N GLN C 350 -7.01 -23.53 41.12
CA GLN C 350 -7.57 -24.88 40.97
C GLN C 350 -6.51 -25.97 41.06
N MET C 351 -5.23 -25.62 40.98
CA MET C 351 -4.16 -26.60 41.10
C MET C 351 -4.08 -27.12 42.53
N ASN C 355 -8.62 -33.26 43.15
CA ASN C 355 -9.63 -33.88 42.30
C ASN C 355 -10.28 -32.84 41.40
N ASP C 356 -9.47 -32.17 40.59
CA ASP C 356 -9.95 -31.11 39.71
C ASP C 356 -10.37 -31.73 38.38
N THR C 357 -11.67 -31.77 38.13
CA THR C 357 -12.22 -32.27 36.88
C THR C 357 -12.92 -31.13 36.14
N ASN C 358 -12.10 -30.19 35.66
CA ASN C 358 -12.58 -29.00 34.98
C ASN C 358 -11.87 -28.87 33.64
N GLU C 359 -12.64 -28.56 32.59
CA GLU C 359 -12.09 -28.47 31.25
C GLU C 359 -11.28 -27.20 31.05
N VAL C 360 -11.61 -26.13 31.77
CA VAL C 360 -10.93 -24.85 31.64
C VAL C 360 -10.12 -24.59 32.90
N THR C 361 -8.89 -24.09 32.72
CA THR C 361 -8.01 -23.73 33.80
C THR C 361 -7.87 -22.21 33.84
N SER C 362 -8.21 -21.61 34.98
CA SER C 362 -8.09 -20.17 35.16
C SER C 362 -6.70 -19.86 35.72
N ILE C 363 -5.95 -19.04 35.00
CA ILE C 363 -4.64 -18.59 35.46
C ILE C 363 -4.73 -17.10 35.75
N LEU C 364 -4.16 -16.69 36.89
CA LEU C 364 -4.07 -15.29 37.27
C LEU C 364 -2.62 -14.87 37.28
N VAL C 365 -2.36 -13.63 36.89
CA VAL C 365 -1.01 -13.06 36.90
C VAL C 365 -1.06 -11.76 37.69
N MET C 366 -0.28 -11.68 38.75
CA MET C 366 -0.29 -10.53 39.64
C MET C 366 0.83 -9.56 39.25
N PHE C 367 0.45 -8.33 38.91
CA PHE C 367 1.38 -7.28 38.54
C PHE C 367 1.42 -6.22 39.64
N PRO C 368 2.29 -5.21 39.57
CA PRO C 368 2.30 -4.18 40.63
C PRO C 368 0.95 -3.53 40.89
N ASN C 369 0.18 -3.21 39.84
CA ASN C 369 -1.05 -2.46 40.03
C ASN C 369 -2.24 -3.09 39.30
N ALA C 370 -2.14 -4.36 38.94
CA ALA C 370 -3.24 -5.02 38.24
C ALA C 370 -3.14 -6.52 38.43
N VAL C 371 -4.23 -7.21 38.08
CA VAL C 371 -4.28 -8.67 38.08
C VAL C 371 -4.96 -9.10 36.78
N VAL C 372 -4.23 -9.83 35.95
CA VAL C 372 -4.74 -10.33 34.69
C VAL C 372 -5.33 -11.72 34.91
N ILE C 373 -6.52 -11.96 34.36
CA ILE C 373 -7.23 -13.23 34.52
C ILE C 373 -7.55 -13.76 33.13
N THR C 374 -7.06 -14.96 32.83
CA THR C 374 -7.31 -15.61 31.56
C THR C 374 -7.60 -17.09 31.81
N GLN C 375 -8.01 -17.78 30.75
CA GLN C 375 -8.37 -19.20 30.83
C GLN C 375 -7.72 -19.97 29.70
N VAL C 376 -7.33 -21.21 29.99
CA VAL C 376 -6.81 -22.15 29.01
C VAL C 376 -7.54 -23.48 29.20
N ASN C 377 -7.17 -24.47 28.39
CA ASN C 377 -7.68 -25.82 28.56
C ASN C 377 -6.75 -26.60 29.49
N SER C 378 -7.35 -27.47 30.31
CA SER C 378 -6.56 -28.25 31.25
C SER C 378 -5.72 -29.30 30.53
N LYS C 379 -6.36 -30.13 29.70
CA LYS C 379 -5.66 -31.16 28.96
C LYS C 379 -4.95 -30.53 27.76
N LEU C 380 -3.61 -30.58 27.76
CA LEU C 380 -2.80 -30.02 26.68
C LEU C 380 -2.88 -30.96 25.48
N ASP C 381 -4.01 -30.88 24.78
CA ASP C 381 -4.30 -31.77 23.66
C ASP C 381 -4.38 -30.98 22.36
N SER C 382 -4.91 -31.62 21.31
CA SER C 382 -5.04 -30.97 20.02
C SER C 382 -6.17 -29.96 20.00
N SER C 383 -7.17 -30.14 20.85
CA SER C 383 -8.27 -29.19 20.99
C SER C 383 -7.93 -28.03 21.92
N TYR C 384 -6.64 -27.83 22.21
CA TYR C 384 -6.23 -26.78 23.14
C TYR C 384 -6.59 -25.40 22.61
N SER C 385 -6.16 -25.09 21.39
CA SER C 385 -6.44 -23.80 20.76
C SER C 385 -7.69 -23.81 19.91
N MET C 386 -8.55 -24.82 20.07
CA MET C 386 -9.75 -24.90 19.25
C MET C 386 -10.78 -23.85 19.64
N ARG C 387 -10.82 -23.46 20.90
CA ARG C 387 -11.76 -22.46 21.39
C ARG C 387 -11.01 -21.23 21.87
N ARG C 388 -11.39 -20.06 21.34
CA ARG C 388 -10.75 -18.82 21.72
C ARG C 388 -11.23 -18.39 23.10
N LYS C 389 -10.29 -18.11 24.00
CA LYS C 389 -10.59 -17.79 25.38
C LYS C 389 -10.56 -16.28 25.59
N TRP C 390 -11.08 -15.85 26.74
CA TRP C 390 -11.11 -14.44 27.12
C TRP C 390 -10.01 -14.13 28.13
N GLU C 391 -9.60 -12.86 28.15
CA GLU C 391 -8.62 -12.36 29.10
C GLU C 391 -9.11 -11.03 29.65
N ASP C 392 -9.33 -10.98 30.95
CA ASP C 392 -9.77 -9.77 31.63
C ASP C 392 -8.69 -9.29 32.58
N ILE C 393 -8.87 -8.09 33.10
CA ILE C 393 -7.88 -7.46 33.96
C ILE C 393 -8.60 -6.66 35.05
N VAL C 394 -8.10 -6.79 36.29
CA VAL C 394 -8.61 -6.03 37.43
C VAL C 394 -7.58 -4.96 37.74
N SER C 395 -7.84 -3.73 37.27
CA SER C 395 -6.92 -2.63 37.50
C SER C 395 -7.12 -2.06 38.88
N LEU C 396 -6.06 -2.08 39.69
CA LEU C 396 -6.08 -1.47 41.01
C LEU C 396 -5.52 -0.05 40.92
N ARG C 397 -5.88 0.77 41.91
CA ARG C 397 -5.35 2.12 41.96
C ARG C 397 -3.83 2.07 42.03
N ASN C 398 -3.18 3.00 41.34
CA ASN C 398 -1.72 3.02 41.27
C ASN C 398 -1.09 3.28 42.64
N ASP C 399 -1.93 3.50 43.65
CA ASP C 399 -1.43 3.70 45.00
C ASP C 399 -1.10 2.39 45.71
N ILE C 400 -1.83 1.32 45.40
CA ILE C 400 -1.73 0.10 46.20
C ILE C 400 -0.32 -0.45 46.14
N ASP C 401 0.23 -0.76 47.32
CA ASP C 401 1.56 -1.33 47.46
C ASP C 401 1.41 -2.79 47.87
N ILE C 402 1.51 -3.69 46.89
CA ILE C 402 1.37 -5.11 47.17
C ILE C 402 2.62 -5.61 47.89
N ILE C 403 2.41 -6.23 49.05
CA ILE C 403 3.52 -6.69 49.87
C ILE C 403 3.63 -8.21 49.93
N GLY C 404 2.59 -8.94 49.54
CA GLY C 404 2.64 -10.40 49.60
C GLY C 404 1.42 -11.00 48.97
N SER C 405 1.42 -12.33 48.87
CA SER C 405 0.36 -13.04 48.17
C SER C 405 0.18 -14.42 48.76
N GLY C 406 -0.92 -15.05 48.37
CA GLY C 406 -1.25 -16.41 48.77
C GLY C 406 -2.44 -16.89 47.97
N TYR C 407 -2.86 -18.13 48.25
CA TYR C 407 -3.90 -18.73 47.45
C TYR C 407 -4.40 -20.01 48.11
N ASP C 408 -5.68 -20.32 47.89
CA ASP C 408 -6.21 -21.63 48.23
C ASP C 408 -6.62 -22.35 46.94
N SER C 409 -7.72 -23.12 46.98
CA SER C 409 -8.17 -23.86 45.83
C SER C 409 -9.18 -23.12 44.97
N LYS C 410 -9.64 -21.94 45.41
CA LYS C 410 -10.65 -21.19 44.68
C LYS C 410 -10.33 -19.72 44.45
N SER C 411 -9.40 -19.14 45.20
CA SER C 411 -9.18 -17.70 45.10
C SER C 411 -7.73 -17.36 45.36
N LEU C 412 -7.39 -16.11 45.05
CA LEU C 412 -6.07 -15.53 45.26
C LEU C 412 -6.18 -14.41 46.29
N TYR C 413 -5.16 -14.29 47.14
CA TYR C 413 -5.13 -13.27 48.19
C TYR C 413 -3.92 -12.39 48.00
N VAL C 414 -4.15 -11.08 47.93
CA VAL C 414 -3.09 -10.08 47.75
C VAL C 414 -3.08 -9.19 48.98
N LEU C 415 -1.89 -8.95 49.53
CA LEU C 415 -1.73 -8.16 50.75
C LEU C 415 -1.27 -6.77 50.37
N THR C 416 -2.16 -5.79 50.53
CA THR C 416 -1.79 -4.40 50.39
C THR C 416 -1.23 -3.87 51.72
N LYS C 417 -0.63 -2.69 51.67
CA LYS C 417 -0.13 -2.05 52.87
C LYS C 417 -1.18 -1.24 53.61
N GLN C 418 -2.15 -0.66 52.89
CA GLN C 418 -3.14 0.21 53.49
C GLN C 418 -4.58 -0.11 53.11
N MET C 419 -4.82 -1.02 52.17
CA MET C 419 -6.17 -1.32 51.69
C MET C 419 -6.63 -2.72 52.08
N GLY C 420 -5.94 -3.38 53.00
CA GLY C 420 -6.37 -4.67 53.48
C GLY C 420 -5.87 -5.85 52.66
N VAL C 421 -6.68 -6.90 52.58
CA VAL C 421 -6.33 -8.13 51.87
C VAL C 421 -7.38 -8.36 50.80
N LEU C 422 -6.99 -8.20 49.54
CA LEU C 422 -7.91 -8.40 48.43
C LEU C 422 -7.98 -9.88 48.06
N GLN C 423 -9.16 -10.32 47.65
CA GLN C 423 -9.41 -11.71 47.30
C GLN C 423 -10.08 -11.78 45.93
N PHE C 424 -9.47 -12.54 45.03
CA PHE C 424 -9.91 -12.71 43.65
C PHE C 424 -10.38 -14.14 43.48
N PHE C 425 -11.70 -14.33 43.36
CA PHE C 425 -12.29 -15.66 43.22
C PHE C 425 -12.85 -15.81 41.81
N VAL C 426 -12.30 -16.77 41.07
CA VAL C 426 -12.73 -17.01 39.69
C VAL C 426 -13.90 -17.98 39.72
N LYS C 427 -15.09 -17.49 39.39
CA LYS C 427 -16.28 -18.33 39.33
C LYS C 427 -16.22 -19.21 38.08
N GLU C 428 -15.99 -20.51 38.28
CA GLU C 428 -15.89 -21.44 37.17
C GLU C 428 -16.21 -22.86 37.62
N VAL D 2 -2.58 -28.71 6.22
CA VAL D 2 -2.05 -27.40 5.90
C VAL D 2 -0.52 -27.41 6.06
N GLN D 3 0.17 -27.70 4.97
CA GLN D 3 1.58 -28.07 5.00
C GLN D 3 2.47 -26.91 4.55
N LEU D 4 3.76 -27.05 4.86
CA LEU D 4 4.79 -26.17 4.32
C LEU D 4 5.77 -27.02 3.52
N VAL D 5 5.92 -26.70 2.23
CA VAL D 5 6.78 -27.45 1.31
C VAL D 5 7.74 -26.48 0.64
N GLU D 6 9.03 -26.78 0.72
CA GLU D 6 10.08 -25.90 0.23
C GLU D 6 10.65 -26.40 -1.08
N SER D 7 11.17 -25.47 -1.89
CA SER D 7 11.77 -25.77 -3.17
C SER D 7 13.04 -24.96 -3.33
N GLY D 8 13.88 -25.40 -4.27
CA GLY D 8 15.11 -24.70 -4.59
C GLY D 8 16.38 -25.35 -4.08
N GLY D 9 16.27 -26.37 -3.23
CA GLY D 9 17.45 -27.08 -2.77
C GLY D 9 18.11 -27.82 -3.90
N GLY D 10 19.29 -28.33 -3.62
CA GLY D 10 20.01 -29.09 -4.62
C GLY D 10 21.51 -28.98 -4.44
N LEU D 11 22.21 -29.10 -5.57
CA LEU D 11 23.66 -29.16 -5.62
C LEU D 11 24.20 -27.95 -6.37
N VAL D 12 25.20 -27.29 -5.77
CA VAL D 12 25.89 -26.15 -6.38
C VAL D 12 27.36 -26.27 -6.02
N GLN D 13 28.22 -25.71 -6.86
CA GLN D 13 29.63 -25.59 -6.49
C GLN D 13 29.88 -24.28 -5.78
N ALA D 14 30.95 -24.23 -4.99
CA ALA D 14 31.26 -23.05 -4.19
C ALA D 14 31.34 -21.80 -5.07
N GLY D 15 30.73 -20.72 -4.58
CA GLY D 15 30.65 -19.48 -5.33
C GLY D 15 29.40 -19.34 -6.17
N GLY D 16 28.54 -20.35 -6.21
CA GLY D 16 27.32 -20.30 -6.98
C GLY D 16 26.18 -19.70 -6.19
N SER D 17 24.95 -19.95 -6.67
CA SER D 17 23.78 -19.33 -6.07
C SER D 17 22.58 -20.26 -6.21
N LEU D 18 21.65 -20.10 -5.27
CA LEU D 18 20.37 -20.81 -5.27
C LEU D 18 19.28 -19.82 -4.90
N ARG D 19 18.03 -20.22 -5.13
CA ARG D 19 16.88 -19.46 -4.65
C ARG D 19 15.89 -20.44 -4.03
N LEU D 20 15.96 -20.57 -2.70
CA LEU D 20 14.95 -21.33 -1.99
C LEU D 20 13.61 -20.59 -2.00
N SER D 21 12.55 -21.34 -1.96
CA SER D 21 11.26 -20.78 -1.88
C SER D 21 10.29 -21.68 -1.15
N CYS D 22 9.38 -21.11 -0.43
CA CYS D 22 8.39 -21.86 0.25
C CYS D 22 7.17 -21.11 0.15
N ALA D 23 6.20 -21.70 -0.47
CA ALA D 23 4.99 -21.04 -0.65
C ALA D 23 3.88 -21.70 0.00
N ALA D 24 4.09 -22.50 0.99
CA ALA D 24 3.00 -23.21 1.54
C ALA D 24 1.88 -22.40 2.11
N SER D 25 0.68 -22.80 1.81
CA SER D 25 -0.48 -22.20 2.35
C SER D 25 -1.60 -23.24 2.41
N GLY D 26 -2.74 -22.83 2.95
CA GLY D 26 -3.91 -23.68 3.10
C GLY D 26 -5.09 -22.91 3.64
N SER D 27 -5.68 -23.41 4.72
CA SER D 27 -6.81 -22.71 5.32
C SER D 27 -6.38 -21.43 6.02
N ILE D 28 -5.13 -21.37 6.47
CA ILE D 28 -4.67 -20.29 7.34
C ILE D 28 -4.60 -18.97 6.57
N GLY D 29 -4.80 -17.88 7.30
CA GLY D 29 -4.68 -16.54 6.75
C GLY D 29 -3.23 -16.10 6.68
N SER D 30 -3.06 -14.80 6.44
CA SER D 30 -1.75 -14.22 6.18
C SER D 30 -0.85 -14.32 7.41
N LEU D 31 0.27 -15.02 7.26
CA LEU D 31 1.23 -15.21 8.34
C LEU D 31 1.84 -13.87 8.76
N ASP D 32 2.14 -13.76 10.05
CA ASP D 32 2.73 -12.54 10.57
C ASP D 32 4.24 -12.50 10.37
N ALA D 33 4.91 -13.66 10.40
CA ALA D 33 6.36 -13.69 10.22
C ALA D 33 6.74 -14.93 9.43
N MET D 34 7.78 -14.79 8.61
CA MET D 34 8.27 -15.92 7.82
C MET D 34 9.79 -15.93 7.82
N ALA D 35 10.39 -17.11 7.98
CA ALA D 35 11.81 -17.21 8.25
C ALA D 35 12.39 -18.46 7.60
N TRP D 36 13.70 -18.45 7.44
CA TRP D 36 14.50 -19.58 7.00
C TRP D 36 15.53 -19.92 8.07
N TYR D 37 15.50 -21.18 8.51
CA TYR D 37 16.48 -21.76 9.41
C TYR D 37 17.29 -22.81 8.65
N ARG D 38 18.41 -23.22 9.22
CA ARG D 38 19.19 -24.30 8.62
C ARG D 38 19.88 -25.10 9.70
N ARG D 39 20.19 -26.33 9.35
CA ARG D 39 20.91 -27.23 10.19
C ARG D 39 22.06 -27.83 9.45
N ALA D 40 23.24 -27.45 9.81
CA ALA D 40 24.44 -27.98 9.20
C ALA D 40 24.72 -29.37 9.78
N PRO D 41 25.38 -30.24 9.02
CA PRO D 41 25.73 -31.57 9.55
C PRO D 41 26.59 -31.48 10.80
N GLY D 42 26.03 -31.88 11.94
CA GLY D 42 26.75 -31.82 13.19
C GLY D 42 26.35 -30.66 14.09
N LYS D 43 26.12 -29.49 13.49
CA LYS D 43 25.78 -28.31 14.25
C LYS D 43 24.31 -28.33 14.65
N GLN D 44 23.86 -27.25 15.29
CA GLN D 44 22.48 -27.10 15.73
C GLN D 44 21.73 -26.13 14.82
N ARG D 45 20.40 -26.29 14.80
CA ARG D 45 19.56 -25.48 13.93
C ARG D 45 19.65 -24.00 14.33
N GLU D 46 19.93 -23.15 13.35
CA GLU D 46 20.08 -21.72 13.57
C GLU D 46 19.20 -20.95 12.59
N ARG D 47 18.74 -19.78 13.03
CA ARG D 47 17.97 -18.91 12.16
C ARG D 47 18.90 -18.25 11.14
N VAL D 48 18.56 -18.38 9.86
CA VAL D 48 19.32 -17.74 8.79
C VAL D 48 18.76 -16.36 8.48
N ALA D 49 17.46 -16.26 8.24
CA ALA D 49 16.88 -14.97 7.93
C ALA D 49 15.41 -14.97 8.31
N SER D 50 14.86 -13.78 8.56
CA SER D 50 13.45 -13.69 8.90
C SER D 50 12.90 -12.37 8.40
N ILE D 51 11.57 -12.31 8.29
CA ILE D 51 10.90 -11.10 7.81
C ILE D 51 9.53 -11.03 8.46
N SER D 52 9.21 -9.83 8.95
CA SER D 52 7.96 -9.53 9.63
C SER D 52 7.69 -8.04 9.48
N ARG D 53 6.60 -7.59 10.09
CA ARG D 53 6.24 -6.18 10.08
C ARG D 53 7.29 -5.30 10.74
N TYR D 54 8.22 -5.89 11.50
CA TYR D 54 9.30 -5.14 12.12
C TYR D 54 10.50 -4.98 11.20
N GLY D 55 10.59 -5.75 10.13
CA GLY D 55 11.66 -5.62 9.16
C GLY D 55 12.40 -6.94 8.97
N THR D 56 13.28 -6.91 7.97
CA THR D 56 14.04 -8.10 7.60
C THR D 56 15.28 -8.24 8.49
N TYR D 57 15.49 -9.44 9.02
CA TYR D 57 16.65 -9.78 9.83
C TYR D 57 17.50 -10.81 9.08
N TYR D 58 18.82 -10.63 9.15
CA TYR D 58 19.77 -11.59 8.61
C TYR D 58 20.79 -11.94 9.69
N VAL D 59 21.13 -13.22 9.80
CA VAL D 59 22.28 -13.60 10.61
C VAL D 59 23.54 -13.07 9.93
N ASP D 60 24.55 -12.75 10.75
CA ASP D 60 25.71 -12.02 10.24
C ASP D 60 26.52 -12.84 9.23
N SER D 61 26.54 -14.18 9.38
CA SER D 61 27.36 -15.00 8.51
C SER D 61 26.88 -14.93 7.06
N VAL D 62 25.57 -14.76 6.85
CA VAL D 62 25.02 -14.66 5.51
C VAL D 62 24.78 -13.22 5.08
N LYS D 63 24.99 -12.25 5.96
CA LYS D 63 24.77 -10.86 5.61
C LYS D 63 25.73 -10.42 4.50
N GLY D 64 25.19 -9.69 3.53
CA GLY D 64 25.94 -9.33 2.35
C GLY D 64 25.91 -10.36 1.24
N ARG D 65 25.35 -11.54 1.49
CA ARG D 65 25.26 -12.59 0.49
C ARG D 65 23.84 -13.06 0.22
N PHE D 66 22.96 -13.07 1.22
CA PHE D 66 21.62 -13.59 1.07
C PHE D 66 20.60 -12.46 1.07
N THR D 67 19.44 -12.75 0.50
CA THR D 67 18.33 -11.80 0.46
C THR D 67 17.03 -12.55 0.69
N ILE D 68 16.31 -12.20 1.77
CA ILE D 68 15.00 -12.77 2.05
C ILE D 68 13.95 -11.80 1.53
N SER D 69 12.90 -12.35 0.91
CA SER D 69 11.83 -11.50 0.38
C SER D 69 10.51 -12.23 0.51
N ARG D 70 9.43 -11.47 0.47
CA ARG D 70 8.09 -12.03 0.63
C ARG D 70 7.13 -11.24 -0.23
N ASP D 71 6.43 -11.93 -1.14
CA ASP D 71 5.36 -11.30 -1.90
C ASP D 71 4.31 -10.78 -0.94
N ASN D 72 4.05 -9.48 -0.99
CA ASN D 72 3.21 -8.81 -0.01
C ASN D 72 1.88 -9.54 0.19
N ALA D 73 1.59 -9.85 1.47
CA ALA D 73 0.36 -10.47 1.94
C ALA D 73 0.30 -11.97 1.68
N LYS D 74 0.97 -12.45 0.63
CA LYS D 74 0.97 -13.87 0.35
C LYS D 74 1.81 -14.63 1.38
N ASN D 75 1.48 -15.90 1.56
CA ASN D 75 2.26 -16.79 2.44
C ASN D 75 3.37 -17.49 1.66
N THR D 76 4.15 -16.70 0.92
CA THR D 76 5.26 -17.20 0.11
C THR D 76 6.52 -16.42 0.48
N VAL D 77 7.59 -17.14 0.79
CA VAL D 77 8.86 -16.51 1.15
C VAL D 77 9.96 -17.06 0.25
N TYR D 78 10.93 -16.20 -0.07
CA TYR D 78 12.06 -16.56 -0.92
C TYR D 78 13.36 -16.21 -0.21
N LEU D 79 14.35 -17.09 -0.36
CA LEU D 79 15.69 -16.89 0.18
C LEU D 79 16.68 -17.04 -0.97
N GLN D 80 17.20 -15.91 -1.46
CA GLN D 80 18.22 -15.90 -2.51
C GLN D 80 19.59 -16.01 -1.85
N MET D 81 20.31 -17.09 -2.16
CA MET D 81 21.63 -17.37 -1.60
C MET D 81 22.67 -17.20 -2.70
N ASN D 82 23.44 -16.12 -2.63
CA ASN D 82 24.52 -15.86 -3.57
C ASN D 82 25.87 -16.15 -2.91
N SER D 83 26.87 -16.39 -3.77
CA SER D 83 28.27 -16.55 -3.35
C SER D 83 28.40 -17.58 -2.23
N LEU D 84 27.96 -18.80 -2.54
CA LEU D 84 27.84 -19.84 -1.53
C LEU D 84 29.20 -20.43 -1.16
N LYS D 85 29.30 -20.87 0.08
CA LYS D 85 30.48 -21.51 0.65
C LYS D 85 30.15 -22.93 1.08
N PRO D 86 31.16 -23.80 1.17
CA PRO D 86 30.90 -25.16 1.70
C PRO D 86 30.26 -25.18 3.07
N GLU D 87 30.50 -24.15 3.89
CA GLU D 87 29.88 -24.06 5.21
C GLU D 87 28.39 -23.80 5.14
N ASP D 88 27.85 -23.40 3.99
CA ASP D 88 26.42 -23.19 3.83
C ASP D 88 25.66 -24.50 3.60
N THR D 89 26.35 -25.62 3.52
CA THR D 89 25.69 -26.91 3.30
C THR D 89 24.84 -27.29 4.50
N GLY D 90 23.65 -27.81 4.24
CA GLY D 90 22.81 -28.30 5.31
C GLY D 90 21.37 -28.44 4.85
N VAL D 91 20.51 -28.73 5.83
CA VAL D 91 19.07 -28.85 5.61
C VAL D 91 18.42 -27.52 5.95
N TYR D 92 17.72 -26.94 4.99
CA TYR D 92 17.08 -25.64 5.16
C TYR D 92 15.58 -25.82 5.37
N TYR D 93 15.07 -25.20 6.43
CA TYR D 93 13.66 -25.26 6.79
C TYR D 93 13.04 -23.87 6.67
N CYS D 94 11.79 -23.82 6.25
CA CYS D 94 10.98 -22.61 6.32
C CYS D 94 10.10 -22.66 7.55
N LYS D 95 9.89 -21.49 8.15
CA LYS D 95 9.07 -21.36 9.35
C LYS D 95 8.09 -20.22 9.17
N GLY D 96 6.84 -20.46 9.50
CA GLY D 96 5.82 -19.42 9.51
C GLY D 96 5.27 -19.26 10.91
N VAL D 97 5.04 -18.01 11.32
CA VAL D 97 4.53 -17.70 12.66
C VAL D 97 3.34 -16.76 12.52
N MET D 98 2.29 -17.05 13.28
CA MET D 98 1.07 -16.25 13.27
C MET D 98 0.61 -15.93 14.68
N GLU D 99 0.20 -14.69 14.90
CA GLU D 99 -0.36 -14.25 16.18
C GLU D 99 -1.77 -13.73 15.94
N VAL D 100 -2.75 -14.36 16.59
CA VAL D 100 -4.15 -13.94 16.50
C VAL D 100 -4.74 -13.96 17.90
N GLY D 101 -5.28 -12.82 18.34
CA GLY D 101 -5.83 -12.71 19.69
C GLY D 101 -4.84 -13.01 20.79
N GLY D 102 -3.55 -12.86 20.53
CA GLY D 102 -2.52 -13.24 21.48
C GLY D 102 -2.01 -14.65 21.33
N VAL D 103 -2.77 -15.53 20.68
CA VAL D 103 -2.33 -16.91 20.49
C VAL D 103 -1.31 -16.95 19.37
N ILE D 104 -0.18 -17.61 19.63
CA ILE D 104 0.97 -17.63 18.72
C ILE D 104 1.18 -19.06 18.26
N ASP D 105 1.20 -19.25 16.94
CA ASP D 105 1.32 -20.58 16.34
C ASP D 105 2.50 -20.61 15.37
N GLU D 106 3.24 -21.73 15.42
CA GLU D 106 4.35 -22.00 14.52
C GLU D 106 3.93 -23.05 13.48
N TYR D 107 4.57 -22.98 12.32
CA TYR D 107 4.38 -23.95 11.26
C TYR D 107 5.72 -24.20 10.59
N TRP D 108 6.06 -25.47 10.40
CA TRP D 108 7.37 -25.85 9.90
C TRP D 108 7.23 -26.64 8.60
N GLY D 109 8.20 -26.46 7.71
CA GLY D 109 8.29 -27.29 6.52
C GLY D 109 9.09 -28.55 6.78
N GLN D 110 9.08 -29.44 5.78
CA GLN D 110 9.82 -30.69 5.90
C GLN D 110 11.31 -30.49 5.67
N GLY D 111 11.71 -29.42 5.01
CA GLY D 111 13.11 -29.11 4.79
C GLY D 111 13.58 -29.53 3.41
N THR D 112 14.71 -28.96 3.00
CA THR D 112 15.30 -29.26 1.70
C THR D 112 16.82 -29.22 1.84
N GLN D 113 17.48 -30.15 1.16
CA GLN D 113 18.93 -30.24 1.26
C GLN D 113 19.61 -29.25 0.32
N VAL D 114 20.65 -28.60 0.81
CA VAL D 114 21.48 -27.72 0.01
C VAL D 114 22.93 -28.16 0.20
N THR D 115 23.58 -28.55 -0.90
CA THR D 115 24.95 -29.07 -0.88
C THR D 115 25.81 -28.19 -1.76
N VAL D 116 26.85 -27.60 -1.17
CA VAL D 116 27.79 -26.73 -1.87
C VAL D 116 29.13 -27.45 -1.95
N SER D 117 29.78 -27.32 -3.10
CA SER D 117 31.06 -27.96 -3.34
C SER D 117 32.21 -26.95 -3.37
N VAL E 7 -40.36 -12.12 -28.04
CA VAL E 7 -41.16 -12.05 -26.81
C VAL E 7 -40.33 -11.42 -25.70
N PHE E 8 -39.90 -10.18 -25.93
CA PHE E 8 -39.13 -9.37 -24.98
C PHE E 8 -37.88 -10.16 -24.59
N THR E 9 -37.65 -10.44 -23.32
CA THR E 9 -36.41 -11.09 -22.88
C THR E 9 -36.76 -12.42 -22.20
N GLU E 10 -36.04 -13.47 -22.58
CA GLU E 10 -36.25 -14.81 -22.03
C GLU E 10 -34.91 -15.43 -21.68
N ASN E 11 -34.82 -16.03 -20.50
CA ASN E 11 -33.69 -16.86 -20.13
C ASN E 11 -34.22 -17.98 -19.24
N ASN E 12 -33.33 -18.62 -18.48
CA ASN E 12 -33.74 -19.74 -17.64
C ASN E 12 -34.68 -19.29 -16.53
N ARG E 13 -34.30 -18.23 -15.80
CA ARG E 13 -34.98 -17.88 -14.57
C ARG E 13 -36.26 -17.08 -14.82
N TYR E 14 -36.16 -15.97 -15.55
CA TYR E 14 -37.30 -15.11 -15.79
C TYR E 14 -37.49 -14.90 -17.29
N ILE E 15 -38.73 -14.70 -17.71
CA ILE E 15 -39.10 -14.41 -19.09
C ILE E 15 -40.16 -13.31 -19.04
N VAL E 16 -39.96 -12.25 -19.80
CA VAL E 16 -40.92 -11.15 -19.86
C VAL E 16 -41.66 -11.20 -21.18
N LYS E 17 -42.98 -11.07 -21.12
CA LYS E 17 -43.87 -10.97 -22.27
C LYS E 17 -44.34 -9.53 -22.45
N THR E 18 -44.95 -9.28 -23.61
CA THR E 18 -45.26 -7.92 -24.05
C THR E 18 -46.73 -7.60 -24.05
N LEU E 19 -47.58 -8.52 -24.51
CA LEU E 19 -49.03 -8.29 -24.59
C LEU E 19 -49.37 -7.05 -25.41
N LEU E 33 -52.25 9.99 -17.03
CA LEU E 33 -52.93 8.72 -16.88
C LEU E 33 -52.66 8.06 -15.53
N ASN E 34 -53.64 7.30 -15.05
CA ASN E 34 -53.50 6.49 -13.85
C ASN E 34 -54.28 5.20 -14.06
N GLY E 35 -54.08 4.25 -13.15
CA GLY E 35 -54.78 2.98 -13.21
C GLY E 35 -53.93 1.87 -12.65
N TYR E 36 -54.50 0.67 -12.68
CA TYR E 36 -53.84 -0.52 -12.17
C TYR E 36 -54.47 -1.73 -12.86
N ILE E 37 -54.12 -2.93 -12.39
CA ILE E 37 -54.67 -4.16 -12.94
C ILE E 37 -54.86 -5.15 -11.79
N ASP E 38 -56.09 -5.62 -11.60
CA ASP E 38 -56.44 -6.54 -10.53
C ASP E 38 -56.67 -7.92 -11.16
N MET E 39 -55.77 -8.85 -10.87
CA MET E 39 -55.84 -10.19 -11.45
C MET E 39 -56.76 -11.12 -10.67
N GLN E 40 -57.00 -10.84 -9.38
CA GLN E 40 -57.94 -11.66 -8.62
C GLN E 40 -59.38 -11.40 -9.11
N ILE E 41 -59.75 -10.13 -9.25
CA ILE E 41 -61.02 -9.80 -9.86
C ILE E 41 -61.01 -10.16 -11.34
N GLY E 42 -59.86 -10.07 -11.98
CA GLY E 42 -59.71 -10.44 -13.36
C GLY E 42 -59.86 -9.32 -14.37
N TYR E 43 -59.78 -8.07 -13.95
CA TYR E 43 -59.99 -6.93 -14.82
C TYR E 43 -58.86 -5.93 -14.68
N GLY E 44 -58.69 -5.11 -15.71
CA GLY E 44 -57.74 -4.03 -15.70
C GLY E 44 -58.45 -2.69 -15.83
N LEU E 45 -57.91 -1.68 -15.15
CA LEU E 45 -58.55 -0.37 -15.08
C LEU E 45 -57.53 0.71 -15.42
N VAL E 46 -57.98 1.71 -16.17
CA VAL E 46 -57.15 2.86 -16.53
C VAL E 46 -58.05 4.06 -16.73
N ASN E 47 -57.73 5.16 -16.05
CA ASN E 47 -58.55 6.37 -16.08
C ASN E 47 -57.66 7.60 -16.15
N ASP E 48 -58.20 8.67 -16.71
CA ASP E 48 -57.56 9.98 -16.66
C ASP E 48 -58.43 10.95 -15.90
N HIS E 49 -58.52 12.19 -16.37
CA HIS E 49 -59.36 13.20 -15.73
C HIS E 49 -60.79 13.19 -16.26
N LYS E 50 -61.09 12.39 -17.29
CA LYS E 50 -62.39 12.43 -17.93
C LYS E 50 -63.15 11.11 -17.83
N LYS E 51 -62.53 9.99 -18.19
CA LYS E 51 -63.23 8.72 -18.24
C LYS E 51 -62.35 7.63 -17.66
N VAL E 52 -62.98 6.48 -17.39
CA VAL E 52 -62.31 5.30 -16.85
C VAL E 52 -62.63 4.12 -17.76
N TYR E 53 -61.60 3.38 -18.16
CA TYR E 53 -61.76 2.21 -19.03
C TYR E 53 -61.46 0.95 -18.23
N ILE E 54 -62.39 0.01 -18.24
CA ILE E 54 -62.26 -1.25 -17.54
C ILE E 54 -62.38 -2.38 -18.56
N TRP E 55 -61.52 -3.40 -18.41
CA TRP E 55 -61.47 -4.50 -19.37
C TRP E 55 -60.88 -5.72 -18.69
N ASN E 56 -61.52 -6.88 -18.90
CA ASN E 56 -61.04 -8.12 -18.34
C ASN E 56 -59.75 -8.57 -19.03
N ILE E 57 -58.83 -9.14 -18.26
CA ILE E 57 -57.56 -9.58 -18.79
C ILE E 57 -57.73 -10.90 -19.55
N TYR E 66 -64.56 -3.65 -22.93
CA TYR E 66 -63.82 -2.48 -22.47
C TYR E 66 -64.77 -1.33 -22.16
N ILE E 67 -65.48 -1.46 -21.03
CA ILE E 67 -66.50 -0.47 -20.67
C ILE E 67 -65.84 0.88 -20.36
N THR E 68 -66.63 1.94 -20.52
CA THR E 68 -66.18 3.30 -20.25
C THR E 68 -67.19 3.98 -19.33
N VAL E 69 -66.70 4.52 -18.22
CA VAL E 69 -67.55 5.24 -17.28
C VAL E 69 -67.05 6.67 -17.11
N PRO E 83 -58.68 11.87 -9.94
CA PRO E 83 -59.80 10.96 -9.70
C PRO E 83 -59.35 9.49 -9.70
N ARG E 84 -59.45 8.83 -8.55
CA ARG E 84 -58.85 7.51 -8.38
C ARG E 84 -59.94 6.45 -8.23
N CYS E 85 -59.81 5.36 -8.98
CA CYS E 85 -60.83 4.33 -9.05
C CYS E 85 -60.28 3.00 -8.56
N ILE E 86 -61.21 2.11 -8.18
CA ILE E 86 -60.85 0.77 -7.78
C ILE E 86 -62.01 -0.18 -8.11
N LEU E 87 -61.67 -1.32 -8.67
CA LEU E 87 -62.67 -2.35 -8.95
C LEU E 87 -62.93 -3.16 -7.69
N THR E 88 -64.19 -3.57 -7.52
CA THR E 88 -64.62 -4.36 -6.38
C THR E 88 -65.12 -5.72 -6.86
N PHE E 89 -65.11 -6.69 -5.94
CA PHE E 89 -65.57 -8.02 -6.27
C PHE E 89 -67.08 -8.03 -6.50
N PRO E 90 -67.58 -8.94 -7.36
CA PRO E 90 -69.02 -9.07 -7.60
C PRO E 90 -69.79 -9.51 -6.35
N GLY E 110 -68.33 -4.15 -9.97
CA GLY E 110 -68.22 -3.12 -8.95
C GLY E 110 -67.14 -2.11 -9.27
N LEU E 111 -67.38 -0.84 -8.92
CA LEU E 111 -66.42 0.21 -9.24
C LEU E 111 -66.62 1.36 -8.26
N ILE E 112 -65.58 1.69 -7.50
CA ILE E 112 -65.60 2.83 -6.60
C ILE E 112 -64.73 3.92 -7.20
N ILE E 113 -65.21 5.16 -7.15
CA ILE E 113 -64.53 6.32 -7.71
C ILE E 113 -64.43 7.37 -6.62
N ILE E 114 -63.21 7.90 -6.42
CA ILE E 114 -62.96 8.96 -5.45
C ILE E 114 -62.55 10.21 -6.22
N LYS E 115 -63.31 11.28 -6.02
CA LYS E 115 -63.02 12.59 -6.61
C LYS E 115 -63.21 13.64 -5.52
N GLY E 116 -62.13 14.36 -5.21
CA GLY E 116 -62.18 15.31 -4.13
C GLY E 116 -62.47 14.60 -2.82
N SER E 117 -63.54 15.02 -2.15
CA SER E 117 -64.00 14.38 -0.92
C SER E 117 -65.20 13.49 -1.13
N LYS E 118 -65.56 13.20 -2.39
CA LYS E 118 -66.76 12.43 -2.70
C LYS E 118 -66.38 11.07 -3.28
N ALA E 119 -66.91 10.02 -2.68
CA ALA E 119 -66.75 8.65 -3.17
C ALA E 119 -68.08 8.14 -3.70
N ILE E 120 -68.04 7.44 -4.83
CA ILE E 120 -69.23 6.92 -5.49
C ILE E 120 -68.99 5.45 -5.80
N TYR E 121 -69.91 4.60 -5.35
CA TYR E 121 -69.84 3.16 -5.51
C TYR E 121 -70.92 2.72 -6.49
N TYR E 122 -70.49 2.11 -7.60
CA TYR E 122 -71.38 1.44 -8.54
C TYR E 122 -71.32 -0.05 -8.25
N GLU E 123 -72.49 -0.63 -7.90
CA GLU E 123 -72.53 -2.02 -7.47
C GLU E 123 -71.99 -2.97 -8.54
N ASP E 124 -72.28 -2.69 -9.81
CA ASP E 124 -71.82 -3.50 -10.93
C ASP E 124 -71.01 -2.66 -11.89
N ILE E 125 -69.90 -3.22 -12.38
CA ILE E 125 -68.99 -2.45 -13.25
C ILE E 125 -69.74 -1.95 -14.48
N ASN E 126 -70.54 -2.81 -15.10
CA ASN E 126 -71.38 -2.40 -16.23
C ASN E 126 -72.67 -1.81 -15.69
N SER E 127 -72.62 -0.51 -15.34
CA SER E 127 -73.80 0.23 -14.92
C SER E 127 -74.28 1.21 -15.97
N ILE E 128 -73.40 1.72 -16.83
CA ILE E 128 -73.79 2.64 -17.89
C ILE E 128 -73.32 2.12 -19.26
N GLU E 137 -82.39 6.57 -13.73
CA GLU E 137 -81.59 5.35 -13.75
C GLU E 137 -80.19 5.60 -13.17
N LYS E 138 -80.05 5.36 -11.86
CA LYS E 138 -78.78 5.58 -11.18
C LYS E 138 -78.72 4.63 -9.97
N PHE E 139 -78.01 3.53 -10.13
CA PHE E 139 -77.75 2.60 -9.02
C PHE E 139 -76.39 2.87 -8.41
N SER E 140 -76.24 4.09 -7.88
CA SER E 140 -74.98 4.58 -7.34
C SER E 140 -75.15 4.99 -5.90
N HIS E 141 -74.22 4.57 -5.05
CA HIS E 141 -74.17 5.01 -3.67
C HIS E 141 -73.07 6.06 -3.51
N GLU E 142 -73.24 6.96 -2.56
CA GLU E 142 -72.33 8.08 -2.40
C GLU E 142 -71.93 8.26 -0.94
N LEU E 143 -70.78 8.90 -0.75
CA LEU E 143 -70.28 9.18 0.60
C LEU E 143 -69.37 10.41 0.55
N GLU E 144 -69.64 11.37 1.43
CA GLU E 144 -68.77 12.52 1.58
C GLU E 144 -67.68 12.20 2.58
N LEU E 145 -66.44 12.38 2.16
CA LEU E 145 -65.33 12.00 3.02
C LEU E 145 -64.71 13.22 3.70
N PRO E 146 -64.12 13.04 4.89
CA PRO E 146 -63.52 14.19 5.58
C PRO E 146 -62.18 14.60 5.00
N ILE E 147 -62.08 14.63 3.68
CA ILE E 147 -60.86 15.02 2.99
C ILE E 147 -60.93 16.51 2.70
N ASN E 148 -59.93 17.26 3.19
CA ASN E 148 -59.86 18.70 2.97
C ASN E 148 -59.33 18.93 1.56
N SER E 149 -60.25 19.04 0.60
CA SER E 149 -59.86 19.20 -0.79
C SER E 149 -59.32 20.61 -1.07
N SER E 150 -59.79 21.61 -0.34
CA SER E 150 -59.28 22.97 -0.53
C SER E 150 -57.85 23.12 -0.03
N GLY E 151 -57.43 22.28 0.90
CA GLY E 151 -56.09 22.34 1.43
C GLY E 151 -55.09 21.53 0.62
N GLY E 152 -55.39 21.31 -0.66
CA GLY E 152 -54.49 20.59 -1.53
C GLY E 152 -54.33 19.12 -1.22
N GLU E 153 -55.24 18.54 -0.46
CA GLU E 153 -55.17 17.13 -0.07
C GLU E 153 -55.91 16.27 -1.08
N LYS E 154 -55.29 15.16 -1.46
CA LYS E 154 -55.88 14.22 -2.40
C LYS E 154 -55.67 12.80 -1.90
N CYS E 155 -56.50 11.89 -2.39
CA CYS E 155 -56.30 10.47 -2.11
C CYS E 155 -55.07 9.96 -2.85
N ASP E 156 -54.29 9.11 -2.16
CA ASP E 156 -53.02 8.63 -2.71
C ASP E 156 -53.03 7.13 -2.92
N LEU E 157 -53.04 6.33 -1.85
CA LEU E 157 -53.06 4.89 -1.96
C LEU E 157 -54.43 4.35 -1.57
N MET E 158 -54.75 3.16 -2.07
CA MET E 158 -56.00 2.50 -1.75
C MET E 158 -55.87 1.01 -2.02
N LEU E 159 -56.44 0.20 -1.14
CA LEU E 159 -56.34 -1.25 -1.19
C LEU E 159 -57.71 -1.88 -1.12
N ASN E 160 -57.96 -2.86 -1.98
CA ASN E 160 -59.18 -3.64 -1.92
C ASN E 160 -58.99 -4.76 -0.90
N CYS E 161 -59.51 -4.54 0.31
CA CYS E 161 -59.43 -5.56 1.35
C CYS E 161 -60.77 -6.23 1.55
N GLU E 162 -61.37 -6.70 0.46
CA GLU E 162 -62.64 -7.40 0.56
C GLU E 162 -62.45 -8.76 1.22
N PRO E 163 -63.48 -9.27 1.91
CA PRO E 163 -64.83 -8.73 2.08
C PRO E 163 -64.91 -7.61 3.10
N ALA E 164 -63.81 -7.35 3.81
CA ALA E 164 -63.84 -6.36 4.87
C ALA E 164 -64.14 -4.94 4.39
N GLY E 165 -64.00 -4.65 3.10
CA GLY E 165 -64.27 -3.31 2.61
C GLY E 165 -63.13 -2.70 1.81
N ILE E 166 -62.82 -1.43 2.06
CA ILE E 166 -61.76 -0.72 1.34
C ILE E 166 -61.01 0.20 2.29
N VAL E 167 -59.68 0.19 2.19
CA VAL E 167 -58.82 1.09 2.95
C VAL E 167 -58.26 2.13 1.99
N LEU E 168 -58.22 3.38 2.44
CA LEU E 168 -57.69 4.48 1.66
C LEU E 168 -56.70 5.28 2.50
N SER E 169 -55.75 5.89 1.81
CA SER E 169 -54.80 6.80 2.43
C SER E 169 -54.75 8.09 1.62
N THR E 170 -54.32 9.16 2.28
CA THR E 170 -54.25 10.47 1.65
C THR E 170 -52.81 10.94 1.61
N ASN E 171 -52.59 12.03 0.87
CA ASN E 171 -51.27 12.65 0.83
C ASN E 171 -50.89 13.30 2.16
N MET E 172 -51.86 13.49 3.05
CA MET E 172 -51.62 14.10 4.35
C MET E 172 -51.41 13.07 5.46
N GLY E 173 -51.49 11.79 5.12
CA GLY E 173 -51.29 10.72 6.09
C GLY E 173 -52.56 10.08 6.63
N ARG E 174 -53.70 10.64 6.27
CA ARG E 174 -55.00 10.14 6.73
C ARG E 174 -55.32 8.76 6.15
N ILE E 175 -55.78 7.86 7.01
CA ILE E 175 -56.14 6.51 6.59
C ILE E 175 -57.65 6.31 6.73
N PHE E 176 -58.27 5.73 5.71
CA PHE E 176 -59.71 5.50 5.72
C PHE E 176 -60.07 4.03 5.55
N PHE E 177 -61.18 3.63 6.16
CA PHE E 177 -61.67 2.26 6.08
C PHE E 177 -63.17 2.29 5.85
N ILE E 178 -63.58 2.29 4.58
CA ILE E 178 -64.99 2.34 4.23
C ILE E 178 -65.61 0.98 3.90
N THR E 179 -66.71 0.68 4.58
CA THR E 179 -67.44 -0.56 4.37
C THR E 179 -68.28 -0.47 3.09
N ILE E 180 -68.38 -1.59 2.37
CA ILE E 180 -69.20 -1.66 1.18
C ILE E 180 -70.47 -2.48 1.39
N ARG E 181 -70.45 -3.45 2.30
CA ARG E 181 -71.63 -4.24 2.65
C ARG E 181 -72.07 -3.87 4.06
N ASN E 182 -73.35 -3.54 4.23
CA ASN E 182 -73.86 -3.09 5.53
C ASN E 182 -74.57 -4.16 6.35
N SER E 183 -73.84 -5.18 6.82
CA SER E 183 -74.28 -6.22 7.77
C SER E 183 -75.49 -7.04 7.30
N MET E 184 -76.06 -6.76 6.14
CA MET E 184 -77.19 -7.55 5.64
C MET E 184 -76.99 -7.96 4.19
N GLY E 185 -75.75 -7.92 3.72
CA GLY E 185 -75.46 -8.09 2.32
C GLY E 185 -75.82 -6.91 1.45
N LYS E 186 -76.43 -5.87 2.02
CA LYS E 186 -76.85 -4.72 1.22
C LYS E 186 -75.63 -3.87 0.87
N PRO E 187 -75.61 -3.28 -0.32
CA PRO E 187 -74.48 -2.41 -0.72
C PRO E 187 -74.61 -1.04 -0.07
N GLN E 188 -73.61 -0.65 0.71
CA GLN E 188 -73.56 0.65 1.36
C GLN E 188 -72.22 1.31 1.04
N LEU E 189 -72.08 2.56 1.49
CA LEU E 189 -70.84 3.30 1.36
C LEU E 189 -70.74 4.19 2.60
N LYS E 190 -70.45 3.57 3.74
CA LYS E 190 -70.37 4.24 5.01
C LYS E 190 -68.94 4.19 5.55
N LEU E 191 -68.57 5.23 6.29
CA LEU E 191 -67.25 5.30 6.88
C LEU E 191 -67.15 4.31 8.04
N GLY E 192 -66.11 3.47 8.01
CA GLY E 192 -65.88 2.53 9.08
C GLY E 192 -65.13 3.17 10.24
N LYS E 193 -63.94 3.68 9.97
CA LYS E 193 -63.15 4.32 11.01
C LYS E 193 -61.97 5.06 10.39
N LEU E 194 -61.24 5.78 11.25
CA LEU E 194 -59.95 6.37 10.91
C LEU E 194 -58.85 5.64 11.67
N LEU E 195 -57.73 5.41 11.00
CA LEU E 195 -56.62 4.64 11.55
C LEU E 195 -55.35 5.49 11.63
N ASN E 196 -55.50 6.77 11.94
CA ASN E 196 -54.38 7.70 11.95
C ASN E 196 -54.14 8.40 13.28
N LYS E 197 -55.16 8.51 14.14
CA LYS E 197 -55.06 9.20 15.42
C LYS E 197 -54.60 10.65 15.24
N SER E 212 -44.47 12.78 7.11
CA SER E 212 -44.57 11.33 6.93
C SER E 212 -45.83 10.97 6.16
N SER E 213 -45.77 9.86 5.44
CA SER E 213 -46.90 9.40 4.65
C SER E 213 -46.91 7.88 4.61
N VAL E 214 -48.08 7.32 4.31
CA VAL E 214 -48.23 5.88 4.14
C VAL E 214 -47.62 5.47 2.80
N VAL E 215 -46.85 4.39 2.81
CA VAL E 215 -46.17 3.91 1.62
C VAL E 215 -46.62 2.54 1.16
N SER E 216 -47.43 1.83 1.96
CA SER E 216 -47.88 0.50 1.55
C SER E 216 -49.15 0.13 2.29
N LEU E 217 -50.01 -0.61 1.59
CA LEU E 217 -51.21 -1.21 2.15
C LEU E 217 -51.36 -2.60 1.55
N ARG E 218 -51.45 -3.61 2.41
CA ARG E 218 -51.41 -5.00 1.97
C ARG E 218 -52.51 -5.79 2.65
N ASN E 219 -52.88 -6.91 2.03
CA ASN E 219 -53.90 -7.81 2.56
C ASN E 219 -53.25 -8.89 3.41
N GLY E 220 -53.93 -9.27 4.49
CA GLY E 220 -53.44 -10.31 5.38
C GLY E 220 -54.29 -11.56 5.35
N GLY E 226 -65.99 -12.27 6.82
CA GLY E 226 -66.13 -10.83 6.73
C GLY E 226 -65.05 -10.07 7.48
N THR E 227 -64.10 -10.80 8.04
CA THR E 227 -62.99 -10.21 8.79
C THR E 227 -61.67 -10.51 8.08
N ARG E 228 -60.74 -9.57 8.18
CA ARG E 228 -59.46 -9.71 7.49
C ARG E 228 -58.42 -8.82 8.16
N LEU E 229 -57.16 -9.25 8.07
CA LEU E 229 -56.03 -8.47 8.55
C LEU E 229 -55.49 -7.59 7.42
N VAL E 230 -55.01 -6.40 7.80
CA VAL E 230 -54.45 -5.44 6.85
C VAL E 230 -53.18 -4.86 7.46
N TYR E 231 -52.12 -4.78 6.66
CA TYR E 231 -50.85 -4.24 7.11
C TYR E 231 -50.65 -2.83 6.54
N ILE E 232 -50.14 -1.93 7.38
CA ILE E 232 -49.90 -0.54 7.02
C ILE E 232 -48.46 -0.21 7.36
N THR E 233 -47.76 0.46 6.43
CA THR E 233 -46.39 0.87 6.65
C THR E 233 -46.24 2.33 6.24
N THR E 234 -45.50 3.09 7.04
CA THR E 234 -45.34 4.52 6.82
C THR E 234 -43.93 4.86 6.34
N ASN E 235 -43.75 6.12 5.97
CA ASN E 235 -42.45 6.58 5.49
C ASN E 235 -41.40 6.52 6.59
N LYS E 236 -41.77 6.88 7.81
CA LYS E 236 -40.85 6.93 8.93
C LYS E 236 -40.68 5.59 9.64
N GLY E 237 -41.23 4.52 9.09
CA GLY E 237 -41.00 3.18 9.61
C GLY E 237 -42.03 2.64 10.57
N ILE E 238 -43.23 3.22 10.63
CA ILE E 238 -44.29 2.70 11.47
C ILE E 238 -44.99 1.56 10.74
N PHE E 239 -45.17 0.43 11.44
CA PHE E 239 -45.85 -0.73 10.88
C PHE E 239 -46.99 -1.12 11.80
N GLN E 240 -48.13 -1.44 11.21
CA GLN E 240 -49.33 -1.78 11.94
C GLN E 240 -50.05 -2.94 11.27
N THR E 241 -50.53 -3.87 12.08
CA THR E 241 -51.43 -4.93 11.65
C THR E 241 -52.78 -4.68 12.31
N TRP E 242 -53.79 -4.39 11.47
CA TRP E 242 -55.16 -4.11 11.89
C TRP E 242 -56.05 -5.30 11.57
N GLN E 243 -57.03 -5.56 12.43
CA GLN E 243 -58.07 -6.53 12.16
C GLN E 243 -59.36 -5.77 11.85
N LEU E 244 -59.75 -5.76 10.58
CA LEU E 244 -60.93 -5.04 10.14
C LEU E 244 -62.03 -6.03 9.79
N SER E 245 -63.28 -5.55 9.84
CA SER E 245 -64.43 -6.38 9.54
C SER E 245 -65.58 -5.51 9.07
N ALA E 246 -66.38 -6.04 8.14
CA ALA E 246 -67.58 -5.34 7.70
C ALA E 246 -68.70 -5.44 8.72
N THR E 247 -68.70 -6.49 9.53
CA THR E 247 -69.71 -6.67 10.57
C THR E 247 -69.50 -5.67 11.71
N PRO E 251 -62.71 -1.96 14.70
CA PRO E 251 -61.29 -2.01 14.34
C PRO E 251 -60.39 -2.17 15.56
N THR E 252 -59.35 -2.99 15.45
CA THR E 252 -58.44 -3.24 16.56
C THR E 252 -57.03 -3.48 16.01
N LYS E 253 -56.05 -2.83 16.62
CA LYS E 253 -54.66 -3.03 16.21
C LYS E 253 -54.10 -4.28 16.86
N LEU E 254 -53.66 -5.23 16.04
CA LEU E 254 -52.94 -6.38 16.56
C LEU E 254 -51.44 -6.13 16.62
N ILE E 255 -50.91 -5.27 15.76
CA ILE E 255 -49.50 -4.90 15.79
C ILE E 255 -49.36 -3.40 15.57
N ASP E 256 -48.48 -2.77 16.34
CA ASP E 256 -48.15 -1.35 16.13
C ASP E 256 -46.74 -1.13 16.66
N VAL E 257 -45.76 -1.17 15.74
CA VAL E 257 -44.35 -1.05 16.10
C VAL E 257 -43.68 -0.04 15.17
N ASN E 258 -42.45 0.32 15.53
CA ASN E 258 -41.62 1.21 14.71
C ASN E 258 -40.31 0.48 14.43
N ILE E 259 -40.13 0.08 13.16
CA ILE E 259 -38.96 -0.69 12.77
C ILE E 259 -37.83 0.17 12.23
N TYR E 260 -37.98 1.50 12.25
CA TYR E 260 -36.99 2.38 11.64
C TYR E 260 -35.63 2.25 12.32
N GLU E 261 -35.63 2.34 13.65
CA GLU E 261 -34.37 2.30 14.40
C GLU E 261 -33.66 0.96 14.24
N ALA E 262 -34.42 -0.13 14.09
CA ALA E 262 -33.80 -1.44 13.95
C ALA E 262 -33.02 -1.55 12.65
N ILE E 263 -33.64 -1.15 11.54
CA ILE E 263 -32.95 -1.15 10.25
C ILE E 263 -31.77 -0.20 10.28
N LEU E 264 -31.96 0.98 10.89
CA LEU E 264 -30.88 1.96 10.97
C LEU E 264 -29.70 1.40 11.74
N GLU E 265 -29.96 0.63 12.81
CA GLU E 265 -28.88 0.00 13.57
C GLU E 265 -28.23 -1.11 12.78
N SER E 266 -29.02 -1.88 12.01
CA SER E 266 -28.45 -2.93 11.19
C SER E 266 -27.63 -2.38 10.02
N LEU E 267 -27.75 -1.08 9.72
CA LEU E 267 -27.00 -0.48 8.63
C LEU E 267 -25.91 0.49 9.07
N GLN E 268 -25.96 1.02 10.29
CA GLN E 268 -25.17 2.21 10.63
C GLN E 268 -23.68 1.93 10.67
N ASP E 269 -23.26 0.75 11.14
CA ASP E 269 -21.83 0.45 11.19
C ASP E 269 -21.24 0.38 9.79
N LEU E 270 -21.89 -0.38 8.90
CA LEU E 270 -21.39 -0.51 7.54
C LEU E 270 -21.64 0.75 6.72
N TYR E 271 -22.76 1.42 6.97
CA TYR E 271 -23.18 2.60 6.21
C TYR E 271 -23.53 3.71 7.20
N PRO E 272 -22.54 4.47 7.65
CA PRO E 272 -22.83 5.55 8.62
C PRO E 272 -23.67 6.68 8.04
N PHE E 273 -23.74 6.82 6.71
CA PHE E 273 -24.56 7.84 6.10
C PHE E 273 -26.05 7.51 6.17
N ALA E 274 -26.41 6.32 6.65
CA ALA E 274 -27.82 5.98 6.79
C ALA E 274 -28.54 6.91 7.75
N HIS E 275 -27.82 7.46 8.72
CA HIS E 275 -28.40 8.47 9.62
C HIS E 275 -28.70 9.73 8.82
N GLY E 276 -29.99 10.04 8.67
CA GLY E 276 -30.42 11.20 7.92
C GLY E 276 -30.87 10.93 6.51
N THR E 277 -30.75 9.69 6.03
CA THR E 277 -31.18 9.33 4.68
C THR E 277 -32.00 8.05 4.60
N LEU E 278 -32.12 7.29 5.68
CA LEU E 278 -32.89 6.06 5.64
C LEU E 278 -34.37 6.38 5.47
N LYS E 279 -35.01 5.72 4.49
CA LYS E 279 -36.43 5.93 4.25
C LYS E 279 -37.06 4.65 3.72
N ILE E 280 -38.25 4.34 4.21
CA ILE E 280 -38.99 3.14 3.81
C ILE E 280 -39.82 3.48 2.59
N TRP E 281 -39.93 2.53 1.66
CA TRP E 281 -40.70 2.71 0.45
C TRP E 281 -41.86 1.75 0.28
N ASP E 282 -41.75 0.52 0.80
CA ASP E 282 -42.81 -0.47 0.62
C ASP E 282 -42.60 -1.60 1.62
N SER E 283 -43.62 -2.45 1.73
CA SER E 283 -43.53 -3.69 2.50
C SER E 283 -44.41 -4.73 1.84
N HIS E 284 -44.08 -6.00 2.06
CA HIS E 284 -44.81 -7.09 1.45
C HIS E 284 -44.83 -8.27 2.40
N PRO E 285 -45.99 -8.88 2.65
CA PRO E 285 -46.03 -10.05 3.51
C PRO E 285 -45.36 -11.25 2.86
N LEU E 286 -44.91 -12.17 3.70
CA LEU E 286 -44.26 -13.40 3.25
C LEU E 286 -45.17 -14.58 3.53
N GLN E 287 -44.65 -15.79 3.27
CA GLN E 287 -45.44 -16.99 3.49
C GLN E 287 -45.85 -17.15 4.96
N ASP E 288 -45.00 -16.74 5.88
CA ASP E 288 -45.32 -16.76 7.30
C ASP E 288 -46.10 -15.48 7.65
N GLU E 289 -47.17 -15.65 8.42
CA GLU E 289 -48.00 -14.50 8.79
C GLU E 289 -47.21 -13.50 9.62
N SER E 290 -46.25 -13.97 10.42
CA SER E 290 -45.50 -13.11 11.32
C SER E 290 -44.24 -12.52 10.69
N SER E 291 -44.00 -12.78 9.40
CA SER E 291 -42.81 -12.29 8.72
C SER E 291 -43.19 -11.29 7.64
N GLN E 292 -42.39 -10.24 7.52
CA GLN E 292 -42.61 -9.19 6.52
C GLN E 292 -41.28 -8.84 5.86
N LEU E 293 -41.38 -8.37 4.62
CA LEU E 293 -40.23 -7.88 3.87
C LEU E 293 -40.39 -6.38 3.66
N PHE E 294 -39.31 -5.63 3.88
CA PHE E 294 -39.33 -4.18 3.81
C PHE E 294 -38.29 -3.68 2.82
N LEU E 295 -38.70 -2.77 1.95
CA LEU E 295 -37.81 -2.12 0.99
C LEU E 295 -37.49 -0.73 1.52
N SER E 296 -36.20 -0.44 1.67
CA SER E 296 -35.73 0.81 2.24
C SER E 296 -34.63 1.38 1.35
N SER E 297 -34.23 2.61 1.65
CA SER E 297 -33.17 3.24 0.88
C SER E 297 -32.35 4.15 1.78
N ILE E 298 -31.04 4.21 1.51
CA ILE E 298 -30.12 5.14 2.15
C ILE E 298 -29.31 5.82 1.05
N TYR E 299 -28.71 6.96 1.41
CA TYR E 299 -28.04 7.81 0.44
C TYR E 299 -26.68 8.25 0.96
N ASP E 300 -25.65 8.08 0.14
CA ASP E 300 -24.31 8.59 0.41
C ASP E 300 -24.13 9.86 -0.41
N SER E 301 -24.14 11.01 0.28
CA SER E 301 -24.04 12.30 -0.39
C SER E 301 -22.63 12.62 -0.86
N SER E 302 -21.62 11.98 -0.25
CA SER E 302 -20.25 12.18 -0.70
C SER E 302 -20.06 11.63 -2.10
N CYS E 303 -20.50 10.39 -2.34
CA CYS E 303 -20.36 9.73 -3.63
C CYS E 303 -21.62 9.83 -4.48
N ASN E 304 -22.68 10.47 -3.97
CA ASN E 304 -23.93 10.63 -4.70
C ASN E 304 -24.51 9.28 -5.12
N GLU E 305 -24.61 8.37 -4.17
CA GLU E 305 -25.07 7.01 -4.44
C GLU E 305 -26.29 6.69 -3.57
N THR E 306 -27.17 5.85 -4.11
CA THR E 306 -28.40 5.45 -3.43
C THR E 306 -28.43 3.94 -3.33
N TYR E 307 -28.49 3.42 -2.11
CA TYR E 307 -28.51 1.99 -1.86
C TYR E 307 -29.91 1.56 -1.41
N TYR E 308 -30.44 0.51 -2.02
CA TYR E 308 -31.73 -0.03 -1.66
C TYR E 308 -31.54 -1.32 -0.88
N ILE E 309 -32.40 -1.52 0.12
CA ILE E 309 -32.22 -2.56 1.12
C ILE E 309 -33.51 -3.36 1.23
N LEU E 310 -33.37 -4.68 1.36
CA LEU E 310 -34.48 -5.59 1.67
C LEU E 310 -34.23 -6.17 3.05
N SER E 311 -35.19 -5.95 3.95
CA SER E 311 -35.08 -6.37 5.33
C SER E 311 -36.22 -7.34 5.65
N THR E 312 -35.87 -8.59 5.95
CA THR E 312 -36.83 -9.57 6.40
C THR E 312 -36.91 -9.52 7.92
N ILE E 313 -38.09 -9.20 8.44
CA ILE E 313 -38.34 -9.01 9.87
C ILE E 313 -39.39 -10.01 10.31
N ILE E 314 -39.26 -10.51 11.54
CA ILE E 314 -40.21 -11.44 12.13
C ILE E 314 -40.88 -10.76 13.31
N PHE E 315 -42.21 -10.72 13.30
CA PHE E 315 -42.98 -10.06 14.33
C PHE E 315 -43.54 -11.06 15.33
N ASP E 316 -43.83 -10.57 16.53
CA ASP E 316 -44.45 -11.36 17.59
C ASP E 316 -45.68 -10.62 18.08
N SER E 317 -46.86 -11.21 17.86
CA SER E 317 -48.11 -10.56 18.27
C SER E 317 -48.32 -10.60 19.78
N SER E 318 -47.61 -11.48 20.49
CA SER E 318 -47.79 -11.59 21.93
C SER E 318 -47.21 -10.40 22.66
N SER E 319 -46.00 -9.99 22.29
CA SER E 319 -45.27 -8.94 22.99
C SER E 319 -45.17 -7.65 22.20
N ASN E 320 -45.73 -7.59 20.99
CA ASN E 320 -45.65 -6.40 20.13
C ASN E 320 -44.19 -6.01 19.86
N SER E 321 -43.39 -7.01 19.52
CA SER E 321 -41.97 -6.84 19.27
C SER E 321 -41.59 -7.53 17.96
N PHE E 322 -40.30 -7.50 17.63
CA PHE E 322 -39.82 -8.00 16.36
C PHE E 322 -38.30 -8.13 16.40
N THR E 323 -37.77 -8.90 15.45
CA THR E 323 -36.33 -9.04 15.26
C THR E 323 -36.04 -9.01 13.76
N ILE E 324 -34.91 -8.39 13.40
CA ILE E 324 -34.48 -8.32 12.00
C ILE E 324 -33.87 -9.67 11.63
N PHE E 325 -34.54 -10.42 10.76
CA PHE E 325 -34.03 -11.73 10.37
C PHE E 325 -32.92 -11.63 9.34
N SER E 326 -33.11 -10.83 8.30
CA SER E 326 -32.10 -10.76 7.25
C SER E 326 -32.07 -9.37 6.62
N THR E 327 -30.89 -9.01 6.09
CA THR E 327 -30.68 -7.73 5.44
C THR E 327 -29.87 -7.95 4.16
N TYR E 328 -30.36 -7.38 3.06
CA TYR E 328 -29.73 -7.54 1.75
C TYR E 328 -29.69 -6.20 1.05
N ARG E 329 -28.60 -5.92 0.33
CA ARG E 329 -28.45 -4.70 -0.44
C ARG E 329 -28.48 -5.03 -1.92
N LEU E 330 -29.29 -4.30 -2.68
CA LEU E 330 -29.41 -4.55 -4.10
C LEU E 330 -28.15 -4.12 -4.84
N ASN E 331 -27.63 -5.03 -5.67
CA ASN E 331 -26.40 -4.76 -6.41
C ASN E 331 -26.63 -4.07 -7.74
N THR E 332 -27.83 -4.19 -8.33
CA THR E 332 -28.06 -3.81 -9.71
C THR E 332 -28.76 -2.46 -9.89
N PHE E 333 -29.39 -1.92 -8.86
CA PHE E 333 -30.11 -0.66 -8.98
C PHE E 333 -29.64 0.29 -7.88
N MET E 334 -29.11 1.46 -8.30
CA MET E 334 -28.53 2.37 -7.31
C MET E 334 -28.78 3.85 -7.61
N GLU E 335 -29.83 4.20 -8.35
CA GLU E 335 -30.13 5.60 -8.67
C GLU E 335 -31.33 6.09 -7.87
N SER E 336 -31.27 7.34 -7.44
CA SER E 336 -32.32 7.92 -6.62
C SER E 336 -33.60 8.09 -7.44
N ILE E 337 -34.69 8.35 -6.73
CA ILE E 337 -36.01 8.50 -7.34
C ILE E 337 -36.31 10.00 -7.36
N THR E 338 -35.88 10.67 -8.43
CA THR E 338 -36.15 12.10 -8.57
C THR E 338 -37.64 12.36 -8.77
N ASP E 339 -38.30 11.54 -9.56
CA ASP E 339 -39.74 11.67 -9.79
C ASP E 339 -40.47 11.31 -8.50
N THR E 340 -40.86 12.34 -7.74
CA THR E 340 -41.50 12.13 -6.45
C THR E 340 -42.89 11.52 -6.58
N LYS E 341 -43.44 11.42 -7.78
CA LYS E 341 -44.76 10.84 -7.95
C LYS E 341 -44.72 9.31 -7.95
N PHE E 342 -43.59 8.73 -8.33
CA PHE E 342 -43.49 7.27 -8.39
C PHE E 342 -43.21 6.69 -7.00
N LYS E 343 -43.71 5.47 -6.79
CA LYS E 343 -43.44 4.73 -5.57
C LYS E 343 -43.06 3.30 -5.92
N PRO E 344 -41.83 2.87 -5.62
CA PRO E 344 -41.43 1.49 -5.92
C PRO E 344 -42.28 0.50 -5.15
N LYS E 345 -42.53 -0.65 -5.79
CA LYS E 345 -43.43 -1.66 -5.25
C LYS E 345 -42.75 -3.03 -5.28
N ILE E 346 -43.00 -3.82 -4.24
CA ILE E 346 -42.48 -5.18 -4.14
C ILE E 346 -43.56 -6.14 -4.62
N PHE E 347 -43.17 -7.13 -5.42
CA PHE E 347 -44.03 -8.25 -5.79
C PHE E 347 -43.29 -9.54 -5.45
N ILE E 348 -43.93 -10.40 -4.66
CA ILE E 348 -43.39 -11.72 -4.34
C ILE E 348 -44.45 -12.74 -4.74
N PRO E 349 -44.68 -12.97 -6.04
CA PRO E 349 -45.81 -13.81 -6.46
C PRO E 349 -45.63 -15.30 -6.21
N GLN E 350 -44.60 -15.68 -5.46
CA GLN E 350 -44.37 -17.08 -5.14
C GLN E 350 -45.40 -17.58 -4.13
N SER E 362 -37.67 -15.15 -3.70
CA SER E 362 -37.85 -14.83 -5.12
C SER E 362 -38.70 -13.57 -5.25
N ILE E 363 -38.09 -12.42 -4.96
CA ILE E 363 -38.81 -11.15 -4.93
C ILE E 363 -38.53 -10.36 -6.20
N LEU E 364 -39.50 -9.54 -6.59
CA LEU E 364 -39.35 -8.60 -7.70
C LEU E 364 -39.66 -7.20 -7.18
N VAL E 365 -38.88 -6.23 -7.64
CA VAL E 365 -39.03 -4.84 -7.20
C VAL E 365 -39.17 -3.96 -8.43
N MET E 366 -40.22 -3.15 -8.47
CA MET E 366 -40.53 -2.32 -9.62
C MET E 366 -40.06 -0.89 -9.35
N PHE E 367 -39.17 -0.41 -10.20
CA PHE E 367 -38.65 0.94 -10.18
C PHE E 367 -39.16 1.71 -11.40
N PRO E 368 -38.94 3.03 -11.45
CA PRO E 368 -39.48 3.81 -12.58
C PRO E 368 -39.07 3.31 -13.96
N ASN E 369 -37.87 2.76 -14.11
CA ASN E 369 -37.37 2.38 -15.42
C ASN E 369 -36.68 1.02 -15.38
N ALA E 370 -37.01 0.17 -14.40
CA ALA E 370 -36.38 -1.14 -14.30
C ALA E 370 -37.21 -2.03 -13.38
N VAL E 371 -36.94 -3.32 -13.46
CA VAL E 371 -37.50 -4.33 -12.57
C VAL E 371 -36.37 -5.23 -12.10
N VAL E 372 -36.07 -5.21 -10.81
CA VAL E 372 -35.05 -6.05 -10.22
C VAL E 372 -35.67 -7.37 -9.81
N ILE E 373 -34.97 -8.47 -10.13
CA ILE E 373 -35.43 -9.82 -9.82
C ILE E 373 -34.33 -10.54 -9.04
N THR E 374 -34.66 -11.05 -7.87
CA THR E 374 -33.73 -11.79 -7.03
C THR E 374 -34.45 -12.97 -6.41
N GLN E 375 -33.68 -13.83 -5.75
CA GLN E 375 -34.24 -15.00 -5.08
C GLN E 375 -33.71 -15.16 -3.67
N LYS E 389 -27.35 -16.62 -3.89
CA LYS E 389 -28.39 -16.44 -4.90
C LYS E 389 -27.93 -15.45 -5.98
N TRP E 390 -28.77 -15.27 -6.99
CA TRP E 390 -28.48 -14.36 -8.10
C TRP E 390 -29.46 -13.19 -8.11
N GLU E 391 -29.03 -12.12 -8.78
CA GLU E 391 -29.84 -10.90 -8.89
C GLU E 391 -29.68 -10.34 -10.29
N ASP E 392 -30.80 -10.25 -11.02
CA ASP E 392 -30.82 -9.73 -12.37
C ASP E 392 -31.73 -8.50 -12.44
N ILE E 393 -31.66 -7.79 -13.56
CA ILE E 393 -32.41 -6.56 -13.75
C ILE E 393 -32.92 -6.49 -15.17
N VAL E 394 -34.16 -6.04 -15.34
CA VAL E 394 -34.76 -5.79 -16.64
C VAL E 394 -34.86 -4.27 -16.78
N SER E 395 -33.86 -3.66 -17.41
CA SER E 395 -33.86 -2.22 -17.60
C SER E 395 -34.71 -1.86 -18.83
N LEU E 396 -35.69 -1.00 -18.62
CA LEU E 396 -36.55 -0.51 -19.68
C LEU E 396 -36.02 0.82 -20.19
N ARG E 397 -36.55 1.25 -21.34
CA ARG E 397 -36.17 2.54 -21.89
C ARG E 397 -36.52 3.65 -20.91
N ASN E 398 -35.68 4.68 -20.86
CA ASN E 398 -35.88 5.78 -19.91
C ASN E 398 -37.12 6.58 -20.28
N ASP E 399 -37.75 6.21 -21.40
CA ASP E 399 -38.97 6.84 -21.88
C ASP E 399 -40.24 6.28 -21.25
N ILE E 400 -40.23 4.99 -20.87
CA ILE E 400 -41.47 4.37 -20.42
C ILE E 400 -41.94 5.03 -19.14
N ASP E 401 -43.24 5.30 -19.06
CA ASP E 401 -43.86 5.91 -17.89
C ASP E 401 -44.78 4.87 -17.25
N ILE E 402 -44.34 4.31 -16.12
CA ILE E 402 -45.11 3.29 -15.42
C ILE E 402 -46.22 3.98 -14.65
N ILE E 403 -47.46 3.60 -14.94
CA ILE E 403 -48.62 4.20 -14.29
C ILE E 403 -49.33 3.25 -13.34
N GLY E 404 -49.08 1.95 -13.42
CA GLY E 404 -49.76 1.01 -12.54
C GLY E 404 -49.16 -0.37 -12.64
N SER E 405 -49.62 -1.25 -11.75
CA SER E 405 -49.09 -2.60 -11.67
C SER E 405 -50.15 -3.56 -11.15
N GLY E 406 -49.81 -4.85 -11.22
CA GLY E 406 -50.67 -5.92 -10.74
C GLY E 406 -49.91 -7.22 -10.81
N TYR E 407 -50.59 -8.31 -10.47
CA TYR E 407 -49.90 -9.59 -10.39
C TYR E 407 -50.91 -10.71 -10.18
N ASP E 408 -50.56 -11.89 -10.71
CA ASP E 408 -51.27 -13.12 -10.37
C ASP E 408 -50.34 -14.03 -9.57
N SER E 409 -50.39 -15.33 -9.82
CA SER E 409 -49.57 -16.29 -9.09
C SER E 409 -48.27 -16.64 -9.79
N LYS E 410 -48.09 -16.22 -11.04
CA LYS E 410 -46.91 -16.57 -11.80
C LYS E 410 -46.17 -15.39 -12.41
N SER E 411 -46.78 -14.20 -12.47
CA SER E 411 -46.16 -13.08 -13.17
C SER E 411 -46.58 -11.77 -12.53
N LEU E 412 -45.92 -10.70 -12.97
CA LEU E 412 -46.18 -9.34 -12.57
C LEU E 412 -46.49 -8.49 -13.79
N TYR E 413 -47.50 -7.64 -13.70
CA TYR E 413 -47.95 -6.83 -14.82
C TYR E 413 -47.66 -5.36 -14.55
N VAL E 414 -47.05 -4.69 -15.51
CA VAL E 414 -46.70 -3.28 -15.42
C VAL E 414 -47.37 -2.55 -16.58
N LEU E 415 -48.06 -1.46 -16.26
CA LEU E 415 -48.79 -0.68 -17.25
C LEU E 415 -47.97 0.55 -17.64
N THR E 416 -47.55 0.59 -18.90
CA THR E 416 -46.94 1.79 -19.44
C THR E 416 -48.00 2.68 -20.07
N LYS E 417 -47.62 3.93 -20.36
CA LYS E 417 -48.56 4.83 -21.01
C LYS E 417 -48.59 4.64 -22.52
N GLN E 418 -47.47 4.22 -23.12
CA GLN E 418 -47.36 4.15 -24.57
C GLN E 418 -46.83 2.84 -25.11
N MET E 419 -46.42 1.89 -24.26
CA MET E 419 -45.81 0.66 -24.73
C MET E 419 -46.56 -0.59 -24.27
N GLY E 420 -47.79 -0.44 -23.80
CA GLY E 420 -48.62 -1.57 -23.46
C GLY E 420 -48.52 -2.05 -22.02
N VAL E 421 -48.71 -3.35 -21.81
CA VAL E 421 -48.70 -3.96 -20.48
C VAL E 421 -47.63 -5.03 -20.49
N LEU E 422 -46.47 -4.72 -19.91
CA LEU E 422 -45.37 -5.67 -19.82
C LEU E 422 -45.65 -6.70 -18.73
N GLN E 423 -45.25 -7.94 -18.99
CA GLN E 423 -45.45 -9.06 -18.08
C GLN E 423 -44.10 -9.65 -17.73
N PHE E 424 -43.92 -9.97 -16.46
CA PHE E 424 -42.66 -10.54 -15.93
C PHE E 424 -43.02 -11.86 -15.26
N PHE E 425 -42.77 -12.99 -15.93
CA PHE E 425 -43.07 -14.31 -15.40
C PHE E 425 -41.75 -14.99 -15.05
N VAL E 426 -41.54 -15.23 -13.76
CA VAL E 426 -40.32 -15.88 -13.29
C VAL E 426 -40.48 -17.38 -13.46
N LYS E 427 -39.70 -17.98 -14.35
CA LYS E 427 -39.75 -19.42 -14.59
C LYS E 427 -39.00 -20.13 -13.46
N GLU E 428 -39.75 -20.76 -12.58
CA GLU E 428 -39.18 -21.48 -11.44
C GLU E 428 -40.12 -22.56 -10.94
N VAL F 2 -17.38 -18.71 12.70
CA VAL F 2 -16.69 -17.46 12.98
C VAL F 2 -17.09 -16.93 14.35
N GLN F 3 -16.09 -16.72 15.21
CA GLN F 3 -16.32 -16.34 16.61
C GLN F 3 -15.64 -15.01 16.91
N LEU F 4 -16.20 -14.32 17.92
CA LEU F 4 -15.67 -13.04 18.39
C LEU F 4 -15.58 -13.09 19.92
N VAL F 5 -14.36 -12.98 20.44
CA VAL F 5 -14.13 -12.93 21.89
C VAL F 5 -13.40 -11.63 22.21
N GLU F 6 -13.94 -10.87 23.16
CA GLU F 6 -13.39 -9.58 23.54
C GLU F 6 -12.59 -9.72 24.83
N SER F 7 -11.47 -9.01 24.88
CA SER F 7 -10.60 -8.97 26.05
C SER F 7 -10.47 -7.54 26.54
N GLY F 8 -10.06 -7.39 27.80
CA GLY F 8 -9.77 -6.10 28.37
C GLY F 8 -10.73 -5.64 29.46
N GLY F 9 -11.89 -6.28 29.58
CA GLY F 9 -12.85 -5.88 30.60
C GLY F 9 -12.34 -6.15 32.00
N GLY F 10 -13.09 -5.63 32.97
CA GLY F 10 -12.77 -5.84 34.37
C GLY F 10 -13.13 -4.68 35.27
N LEU F 11 -12.18 -4.29 36.12
CA LEU F 11 -12.38 -3.22 37.10
C LEU F 11 -11.42 -2.07 36.82
N VAL F 12 -11.89 -0.85 37.10
CA VAL F 12 -11.05 0.33 37.00
C VAL F 12 -11.68 1.42 37.86
N GLN F 13 -10.85 2.32 38.36
CA GLN F 13 -11.31 3.43 39.18
C GLN F 13 -11.61 4.65 38.30
N ALA F 14 -12.32 5.61 38.88
CA ALA F 14 -12.66 6.83 38.15
C ALA F 14 -11.39 7.60 37.81
N GLY F 15 -11.32 8.09 36.57
CA GLY F 15 -10.13 8.73 36.07
C GLY F 15 -9.10 7.78 35.49
N GLY F 16 -9.27 6.47 35.67
CA GLY F 16 -8.36 5.51 35.10
C GLY F 16 -8.60 5.29 33.62
N SER F 17 -7.85 4.35 33.05
CA SER F 17 -7.93 4.07 31.63
C SER F 17 -8.01 2.56 31.43
N LEU F 18 -8.40 2.17 30.21
CA LEU F 18 -8.59 0.78 29.86
C LEU F 18 -8.45 0.66 28.35
N ARG F 19 -8.19 -0.56 27.87
CA ARG F 19 -8.16 -0.81 26.43
C ARG F 19 -8.86 -2.13 26.15
N LEU F 20 -10.07 -2.06 25.59
CA LEU F 20 -10.74 -3.25 25.10
C LEU F 20 -10.16 -3.66 23.76
N SER F 21 -10.20 -4.96 23.49
CA SER F 21 -9.66 -5.50 22.25
C SER F 21 -10.45 -6.73 21.86
N CYS F 22 -10.64 -6.91 20.55
CA CYS F 22 -11.34 -8.09 20.05
C CYS F 22 -10.79 -8.45 18.67
N ALA F 23 -10.42 -9.72 18.49
CA ALA F 23 -9.88 -10.22 17.23
C ALA F 23 -10.77 -11.34 16.73
N ALA F 24 -11.35 -11.16 15.54
CA ALA F 24 -12.16 -12.20 14.93
C ALA F 24 -11.28 -13.38 14.55
N SER F 25 -11.73 -14.58 14.91
CA SER F 25 -11.08 -15.83 14.51
C SER F 25 -12.02 -16.61 13.61
N GLY F 26 -11.51 -17.09 12.50
CA GLY F 26 -12.30 -17.88 11.58
C GLY F 26 -11.82 -17.70 10.15
N SER F 27 -12.61 -18.25 9.22
CA SER F 27 -12.20 -18.31 7.83
C SER F 27 -12.54 -17.03 7.07
N ILE F 28 -13.42 -16.19 7.61
CA ILE F 28 -13.96 -15.08 6.84
C ILE F 28 -12.84 -14.12 6.43
N GLY F 29 -13.10 -13.39 5.33
CA GLY F 29 -12.20 -12.35 4.88
C GLY F 29 -12.32 -11.12 5.74
N SER F 30 -11.60 -10.07 5.33
CA SER F 30 -11.56 -8.84 6.10
C SER F 30 -12.97 -8.26 6.24
N LEU F 31 -13.38 -8.04 7.48
CA LEU F 31 -14.72 -7.51 7.75
C LEU F 31 -14.85 -6.11 7.19
N ASP F 32 -16.04 -5.81 6.66
CA ASP F 32 -16.26 -4.49 6.05
C ASP F 32 -16.33 -3.39 7.09
N ALA F 33 -16.86 -3.68 8.28
CA ALA F 33 -16.84 -2.67 9.34
C ALA F 33 -16.80 -3.36 10.69
N MET F 34 -16.21 -2.67 11.67
CA MET F 34 -16.09 -3.19 13.02
C MET F 34 -16.43 -2.12 14.02
N ALA F 35 -17.12 -2.50 15.10
CA ALA F 35 -17.69 -1.53 16.01
C ALA F 35 -17.70 -2.08 17.44
N TRP F 36 -17.74 -1.14 18.39
CA TRP F 36 -17.97 -1.44 19.79
C TRP F 36 -19.31 -0.85 20.21
N TYR F 37 -20.12 -1.68 20.88
CA TYR F 37 -21.39 -1.29 21.46
C TYR F 37 -21.30 -1.47 22.98
N ARG F 38 -22.19 -0.78 23.69
CA ARG F 38 -22.26 -0.93 25.14
C ARG F 38 -23.71 -1.00 25.59
N ARG F 39 -23.94 -1.78 26.64
CA ARG F 39 -25.24 -1.90 27.30
C ARG F 39 -25.02 -1.58 28.78
N ALA F 40 -25.47 -0.41 29.20
CA ALA F 40 -25.36 -0.03 30.59
C ALA F 40 -26.45 -0.73 31.40
N PRO F 41 -26.24 -0.89 32.71
CA PRO F 41 -27.29 -1.47 33.56
C PRO F 41 -28.56 -0.63 33.55
N GLY F 42 -29.62 -1.15 32.95
CA GLY F 42 -30.89 -0.44 32.88
C GLY F 42 -31.16 0.17 31.53
N LYS F 43 -30.15 0.80 30.93
CA LYS F 43 -30.30 1.45 29.64
C LYS F 43 -30.27 0.41 28.51
N GLN F 44 -30.46 0.90 27.29
CA GLN F 44 -30.45 0.06 26.09
C GLN F 44 -29.06 0.01 25.48
N ARG F 45 -28.86 -0.95 24.59
CA ARG F 45 -27.57 -1.13 23.91
C ARG F 45 -27.37 -0.04 22.87
N GLU F 46 -26.26 0.67 22.97
CA GLU F 46 -25.94 1.76 22.07
C GLU F 46 -24.59 1.51 21.41
N ARG F 47 -24.45 1.92 20.14
CA ARG F 47 -23.16 1.90 19.49
C ARG F 47 -22.30 3.01 20.07
N VAL F 48 -21.14 2.64 20.62
CA VAL F 48 -20.24 3.66 21.14
C VAL F 48 -19.21 4.08 20.10
N ALA F 49 -18.72 3.14 19.28
CA ALA F 49 -17.74 3.51 18.27
C ALA F 49 -17.84 2.56 17.09
N SER F 50 -17.46 3.04 15.91
CA SER F 50 -17.47 2.18 14.73
C SER F 50 -16.38 2.63 13.76
N ILE F 51 -16.00 1.73 12.85
CA ILE F 51 -14.96 2.04 11.87
C ILE F 51 -15.27 1.25 10.60
N SER F 52 -15.08 1.91 9.46
CA SER F 52 -15.35 1.35 8.13
C SER F 52 -14.54 2.16 7.12
N ARG F 53 -14.69 1.82 5.85
CA ARG F 53 -13.96 2.49 4.81
C ARG F 53 -14.26 3.95 4.77
N TYR F 54 -15.45 4.31 5.15
CA TYR F 54 -15.84 5.72 5.12
C TYR F 54 -15.13 6.52 6.20
N GLY F 55 -14.82 5.88 7.32
CA GLY F 55 -14.12 6.53 8.41
C GLY F 55 -14.49 5.93 9.75
N THR F 56 -14.18 6.66 10.82
CA THR F 56 -14.48 6.25 12.17
C THR F 56 -15.54 7.16 12.78
N TYR F 57 -16.51 6.55 13.44
CA TYR F 57 -17.62 7.24 14.07
C TYR F 57 -17.52 7.10 15.59
N TYR F 58 -17.66 8.22 16.29
CA TYR F 58 -17.76 8.26 17.74
C TYR F 58 -19.09 8.91 18.14
N VAL F 59 -19.63 8.46 19.26
CA VAL F 59 -20.76 9.15 19.89
C VAL F 59 -20.21 10.29 20.75
N ASP F 60 -20.93 11.43 20.75
CA ASP F 60 -20.46 12.61 21.47
C ASP F 60 -20.18 12.32 22.94
N SER F 61 -20.88 11.34 23.52
CA SER F 61 -20.68 11.02 24.92
C SER F 61 -19.24 10.58 25.20
N VAL F 62 -18.56 10.04 24.19
CA VAL F 62 -17.21 9.51 24.34
C VAL F 62 -16.19 10.19 23.45
N LYS F 63 -16.62 11.14 22.61
CA LYS F 63 -15.67 11.83 21.73
C LYS F 63 -14.74 12.71 22.56
N GLY F 64 -13.44 12.62 22.28
CA GLY F 64 -12.43 13.26 23.10
C GLY F 64 -11.98 12.44 24.28
N ARG F 65 -12.65 11.32 24.57
CA ARG F 65 -12.28 10.43 25.65
C ARG F 65 -12.00 9.00 25.20
N PHE F 66 -12.66 8.53 24.15
CA PHE F 66 -12.45 7.19 23.62
C PHE F 66 -11.75 7.27 22.28
N THR F 67 -11.10 6.17 21.90
CA THR F 67 -10.42 6.06 20.61
C THR F 67 -10.57 4.64 20.09
N ILE F 68 -11.22 4.49 18.95
CA ILE F 68 -11.33 3.20 18.27
C ILE F 68 -10.25 3.12 17.22
N SER F 69 -9.66 1.93 17.07
CA SER F 69 -8.62 1.71 16.08
C SER F 69 -8.69 0.27 15.59
N ARG F 70 -8.15 0.06 14.39
CA ARG F 70 -8.18 -1.26 13.76
C ARG F 70 -6.80 -1.55 13.17
N ASP F 71 -6.27 -2.73 13.49
CA ASP F 71 -5.00 -3.15 12.90
C ASP F 71 -5.16 -3.28 11.39
N ASN F 72 -4.24 -2.65 10.65
CA ASN F 72 -4.32 -2.51 9.20
C ASN F 72 -4.64 -3.82 8.50
N ALA F 73 -5.86 -3.90 7.93
CA ALA F 73 -6.33 -5.07 7.19
C ALA F 73 -6.31 -6.33 8.06
N LYS F 74 -6.85 -6.19 9.27
CA LYS F 74 -6.96 -7.30 10.21
C LYS F 74 -8.26 -7.15 11.01
N ASN F 75 -8.93 -8.27 11.26
CA ASN F 75 -10.21 -8.28 11.96
C ASN F 75 -9.98 -8.14 13.48
N THR F 76 -9.28 -7.07 13.85
CA THR F 76 -8.94 -6.77 15.23
C THR F 76 -9.23 -5.32 15.54
N VAL F 77 -10.04 -5.07 16.55
CA VAL F 77 -10.38 -3.73 16.98
C VAL F 77 -9.82 -3.50 18.38
N TYR F 78 -9.46 -2.25 18.64
CA TYR F 78 -9.07 -1.77 19.95
C TYR F 78 -9.91 -0.55 20.28
N LEU F 79 -10.37 -0.47 21.53
CA LEU F 79 -11.11 0.67 22.06
C LEU F 79 -10.36 1.15 23.29
N GLN F 80 -9.55 2.20 23.12
CA GLN F 80 -8.87 2.83 24.25
C GLN F 80 -9.85 3.78 24.92
N MET F 81 -10.22 3.47 26.16
CA MET F 81 -11.15 4.26 26.95
C MET F 81 -10.33 5.02 27.99
N ASN F 82 -10.29 6.35 27.86
CA ASN F 82 -9.59 7.23 28.77
C ASN F 82 -10.59 8.07 29.56
N SER F 83 -10.14 8.55 30.72
CA SER F 83 -10.93 9.44 31.57
C SER F 83 -12.32 8.85 31.84
N LEU F 84 -12.32 7.69 32.46
CA LEU F 84 -13.55 6.94 32.67
C LEU F 84 -14.48 7.66 33.65
N LYS F 85 -15.75 7.29 33.58
CA LYS F 85 -16.81 7.78 34.45
C LYS F 85 -17.62 6.60 34.95
N PRO F 86 -18.29 6.74 36.10
CA PRO F 86 -19.21 5.68 36.54
C PRO F 86 -20.32 5.41 35.55
N GLU F 87 -20.68 6.39 34.71
CA GLU F 87 -21.69 6.18 33.69
C GLU F 87 -21.22 5.29 32.54
N ASP F 88 -19.92 5.02 32.46
CA ASP F 88 -19.37 4.14 31.43
C ASP F 88 -19.40 2.67 31.83
N THR F 89 -19.87 2.35 33.02
CA THR F 89 -19.96 0.96 33.46
C THR F 89 -21.03 0.22 32.66
N GLY F 90 -20.70 -0.98 32.20
CA GLY F 90 -21.67 -1.75 31.44
C GLY F 90 -20.99 -2.91 30.71
N VAL F 91 -21.80 -3.60 29.92
CA VAL F 91 -21.34 -4.74 29.13
C VAL F 91 -21.01 -4.25 27.73
N TYR F 92 -19.75 -4.36 27.34
CA TYR F 92 -19.29 -3.93 26.04
C TYR F 92 -19.21 -5.12 25.09
N TYR F 93 -19.87 -5.00 23.95
CA TYR F 93 -19.87 -6.03 22.91
C TYR F 93 -19.08 -5.54 21.71
N CYS F 94 -18.40 -6.45 21.04
CA CYS F 94 -17.77 -6.18 19.76
C CYS F 94 -18.67 -6.71 18.64
N LYS F 95 -18.74 -5.96 17.55
CA LYS F 95 -19.62 -6.30 16.44
C LYS F 95 -18.84 -6.18 15.14
N GLY F 96 -18.97 -7.19 14.28
CA GLY F 96 -18.36 -7.15 12.98
C GLY F 96 -19.37 -7.36 11.88
N VAL F 97 -19.42 -6.47 10.89
CA VAL F 97 -20.40 -6.57 9.81
C VAL F 97 -19.66 -6.72 8.49
N MET F 98 -20.16 -7.64 7.66
CA MET F 98 -19.55 -7.96 6.38
C MET F 98 -20.61 -7.99 5.30
N GLU F 99 -20.28 -7.42 4.14
CA GLU F 99 -21.19 -7.36 3.00
C GLU F 99 -20.57 -8.17 1.85
N VAL F 100 -21.18 -9.30 1.53
CA VAL F 100 -20.69 -10.19 0.48
C VAL F 100 -21.81 -10.40 -0.53
N GLY F 101 -21.56 -10.00 -1.78
CA GLY F 101 -22.55 -10.14 -2.84
C GLY F 101 -23.87 -9.46 -2.54
N GLY F 102 -23.86 -8.39 -1.73
CA GLY F 102 -25.06 -7.74 -1.32
C GLY F 102 -25.66 -8.25 -0.02
N VAL F 103 -25.35 -9.50 0.35
CA VAL F 103 -25.85 -10.04 1.61
C VAL F 103 -25.07 -9.42 2.77
N ILE F 104 -25.80 -8.91 3.75
CA ILE F 104 -25.22 -8.24 4.91
C ILE F 104 -25.30 -9.18 6.11
N ASP F 105 -24.17 -9.38 6.78
CA ASP F 105 -24.06 -10.32 7.88
C ASP F 105 -23.48 -9.63 9.09
N GLU F 106 -24.11 -9.84 10.25
CA GLU F 106 -23.63 -9.36 11.54
C GLU F 106 -23.04 -10.51 12.34
N TYR F 107 -22.01 -10.19 13.14
CA TYR F 107 -21.43 -11.14 14.07
C TYR F 107 -21.16 -10.43 15.39
N TRP F 108 -21.68 -10.99 16.48
CA TRP F 108 -21.56 -10.40 17.80
C TRP F 108 -20.70 -11.27 18.70
N GLY F 109 -19.83 -10.64 19.48
CA GLY F 109 -19.20 -11.31 20.59
C GLY F 109 -20.16 -11.41 21.76
N GLN F 110 -19.81 -12.27 22.71
CA GLN F 110 -20.69 -12.47 23.86
C GLN F 110 -20.54 -11.39 24.92
N GLY F 111 -19.56 -10.49 24.79
CA GLY F 111 -19.49 -9.30 25.60
C GLY F 111 -18.54 -9.45 26.79
N THR F 112 -18.09 -8.31 27.29
CA THR F 112 -17.23 -8.25 28.46
C THR F 112 -17.68 -7.13 29.38
N GLN F 113 -17.66 -7.37 30.69
CA GLN F 113 -18.10 -6.38 31.65
C GLN F 113 -16.97 -5.38 31.93
N VAL F 114 -17.33 -4.11 32.06
CA VAL F 114 -16.40 -3.06 32.43
C VAL F 114 -17.03 -2.28 33.57
N THR F 115 -16.34 -2.20 34.71
CA THR F 115 -16.86 -1.55 35.90
C THR F 115 -15.93 -0.39 36.28
N VAL F 116 -16.53 0.78 36.52
CA VAL F 116 -15.81 1.98 36.91
C VAL F 116 -16.32 2.42 38.28
N SER F 117 -15.41 2.71 39.19
CA SER F 117 -15.78 3.14 40.53
C SER F 117 -15.80 4.66 40.64
N LYS G 6 53.11 -2.42 -5.01
CA LYS G 6 53.29 -1.53 -3.87
C LYS G 6 52.03 -0.72 -3.58
N VAL G 7 51.41 -0.18 -4.62
CA VAL G 7 50.23 0.66 -4.43
C VAL G 7 49.00 -0.24 -4.33
N PHE G 8 48.15 0.05 -3.35
CA PHE G 8 46.95 -0.73 -3.06
C PHE G 8 45.71 -0.16 -3.73
N THR G 9 45.55 1.16 -3.63
CA THR G 9 44.57 1.89 -4.42
C THR G 9 45.02 3.34 -4.43
N GLU G 10 44.96 3.98 -5.60
CA GLU G 10 45.27 5.39 -5.77
C GLU G 10 44.22 6.01 -6.67
N ASN G 11 43.75 7.21 -6.30
CA ASN G 11 42.79 7.95 -7.11
C ASN G 11 42.98 9.44 -6.86
N ASN G 12 42.07 10.24 -7.41
CA ASN G 12 42.18 11.69 -7.32
C ASN G 12 42.10 12.19 -5.89
N ARG G 13 41.63 11.37 -4.95
CA ARG G 13 41.41 11.78 -3.58
C ARG G 13 42.39 11.16 -2.59
N TYR G 14 42.87 9.95 -2.83
CA TYR G 14 43.76 9.32 -1.87
C TYR G 14 44.56 8.21 -2.54
N ILE G 15 45.62 7.80 -1.84
CA ILE G 15 46.47 6.68 -2.23
C ILE G 15 46.58 5.76 -1.03
N VAL G 16 46.65 4.45 -1.30
CA VAL G 16 46.95 3.46 -0.27
C VAL G 16 48.20 2.71 -0.69
N LYS G 17 49.27 2.87 0.09
CA LYS G 17 50.53 2.20 -0.15
C LYS G 17 50.69 1.02 0.79
N THR G 18 51.32 -0.05 0.28
CA THR G 18 51.51 -1.26 1.07
C THR G 18 52.67 -1.13 2.07
N LEU G 19 53.64 -0.27 1.78
CA LEU G 19 54.76 0.01 2.69
C LEU G 19 55.44 -1.27 3.22
N TYR G 23 57.25 -8.76 9.14
CA TYR G 23 58.01 -9.19 10.30
C TYR G 23 58.01 -10.72 10.38
N SER G 24 58.95 -11.26 11.15
CA SER G 24 59.10 -12.71 11.34
C SER G 24 59.05 -13.02 12.83
N SER G 25 57.84 -13.03 13.38
CA SER G 25 57.63 -13.35 14.79
C SER G 25 56.29 -14.09 14.92
N GLY G 26 56.20 -15.25 14.27
CA GLY G 26 54.99 -16.03 14.27
C GLY G 26 54.60 -16.54 15.64
N ASP G 31 51.83 -16.17 18.12
CA ASP G 31 50.71 -16.05 17.20
C ASP G 31 49.61 -15.18 17.82
N GLU G 32 50.01 -14.03 18.37
CA GLU G 32 49.10 -13.07 18.98
C GLU G 32 49.83 -11.76 19.24
N LEU G 33 49.75 -10.84 18.29
CA LEU G 33 50.61 -9.65 18.28
C LEU G 33 49.86 -8.42 18.78
N ASN G 34 50.66 -7.43 19.19
CA ASN G 34 50.18 -6.10 19.54
C ASN G 34 51.26 -5.11 19.14
N GLY G 35 50.92 -3.82 19.14
CA GLY G 35 51.89 -2.80 18.83
C GLY G 35 51.24 -1.61 18.15
N TYR G 36 52.08 -0.67 17.73
CA TYR G 36 51.61 0.57 17.11
C TYR G 36 52.80 1.24 16.43
N ILE G 37 52.61 2.49 16.01
CA ILE G 37 53.63 3.24 15.29
C ILE G 37 53.50 4.71 15.66
N ASP G 38 54.60 5.30 16.14
CA ASP G 38 54.65 6.69 16.58
C ASP G 38 55.49 7.46 15.56
N MET G 39 54.82 8.33 14.79
CA MET G 39 55.51 9.09 13.75
C MET G 39 56.18 10.35 14.29
N GLN G 40 55.77 10.84 15.46
CA GLN G 40 56.43 12.00 16.05
C GLN G 40 57.80 11.63 16.59
N ILE G 41 57.88 10.54 17.35
CA ILE G 41 59.18 10.03 17.77
C ILE G 41 59.90 9.40 16.59
N GLY G 42 59.15 8.93 15.60
CA GLY G 42 59.74 8.40 14.38
C GLY G 42 60.02 6.91 14.38
N TYR G 43 59.39 6.14 15.26
CA TYR G 43 59.66 4.72 15.39
C TYR G 43 58.35 3.94 15.44
N GLY G 44 58.42 2.67 15.02
CA GLY G 44 57.31 1.75 15.14
C GLY G 44 57.69 0.59 16.04
N LEU G 45 56.68 0.03 16.71
CA LEU G 45 56.89 -0.97 17.75
C LEU G 45 55.89 -2.10 17.58
N VAL G 46 56.24 -3.33 17.88
CA VAL G 46 55.29 -4.45 17.78
C VAL G 46 55.74 -5.65 18.61
N ASN G 47 54.87 -6.26 19.41
CA ASN G 47 55.33 -7.36 20.21
C ASN G 47 54.40 -8.46 20.52
N ASP G 48 54.97 -9.59 20.90
CA ASP G 48 54.21 -10.76 21.31
C ASP G 48 54.43 -10.92 22.81
N HIS G 49 54.36 -12.15 23.28
CA HIS G 49 54.54 -12.46 24.68
C HIS G 49 55.98 -12.73 25.06
N LYS G 50 56.90 -12.49 24.14
CA LYS G 50 58.30 -12.75 24.37
C LYS G 50 59.23 -11.59 24.13
N LYS G 51 59.14 -10.96 22.98
CA LYS G 51 60.04 -9.84 22.72
C LYS G 51 59.39 -8.74 21.90
N VAL G 52 59.91 -7.54 22.06
CA VAL G 52 59.39 -6.35 21.39
C VAL G 52 60.41 -5.88 20.37
N TYR G 53 59.94 -5.54 19.19
CA TYR G 53 60.74 -5.13 18.04
C TYR G 53 60.51 -3.64 17.71
N ILE G 54 61.53 -2.80 17.74
CA ILE G 54 61.45 -1.36 17.52
C ILE G 54 62.26 -1.04 16.27
N TRP G 55 61.74 -0.11 15.46
CA TRP G 55 62.42 0.22 14.21
C TRP G 55 61.96 1.58 13.71
N ASN G 56 62.90 2.45 13.37
CA ASN G 56 62.50 3.77 12.88
C ASN G 56 61.92 3.67 11.47
N ILE G 57 60.94 4.52 11.21
CA ILE G 57 60.20 4.46 9.95
C ILE G 57 61.00 5.09 8.81
N TYR G 66 66.35 -2.31 13.87
CA TYR G 66 65.20 -3.05 14.39
C TYR G 66 65.58 -3.78 15.69
N ILE G 67 65.77 -2.99 16.75
CA ILE G 67 66.22 -3.54 18.02
C ILE G 67 65.16 -4.47 18.61
N THR G 68 65.63 -5.44 19.39
CA THR G 68 64.77 -6.40 20.07
C THR G 68 65.02 -6.33 21.57
N VAL G 69 63.94 -6.30 22.35
CA VAL G 69 64.05 -6.27 23.80
C VAL G 69 63.17 -7.37 24.39
N PRO G 70 63.72 -8.28 25.20
CA PRO G 70 62.89 -9.32 25.80
C PRO G 70 62.51 -9.03 27.23
N PHE G 71 61.67 -9.88 27.82
CA PHE G 71 61.27 -9.74 29.21
C PHE G 71 60.76 -11.05 29.78
N PRO G 83 51.50 -8.08 27.72
CA PRO G 83 52.49 -7.02 27.95
C PRO G 83 52.36 -5.88 26.95
N ARG G 84 52.29 -4.64 27.44
CA ARG G 84 52.02 -3.49 26.58
C ARG G 84 53.14 -2.46 26.71
N CYS G 85 53.63 -1.99 25.56
CA CYS G 85 54.80 -1.12 25.52
C CYS G 85 54.46 0.21 24.86
N ILE G 86 55.31 1.20 25.11
CA ILE G 86 55.16 2.52 24.50
C ILE G 86 56.54 3.16 24.39
N LEU G 87 56.75 3.87 23.28
CA LEU G 87 57.99 4.60 23.08
C LEU G 87 57.91 5.99 23.69
N THR G 88 59.06 6.50 24.12
CA THR G 88 59.12 7.83 24.72
C THR G 88 60.11 8.72 23.96
N GLY G 109 65.26 7.43 21.59
CA GLY G 109 65.45 6.61 22.77
C GLY G 109 64.29 6.67 23.76
N GLY G 110 64.08 5.57 24.48
CA GLY G 110 63.05 5.50 25.52
C GLY G 110 62.04 4.42 25.22
N LEU G 111 61.70 3.65 26.26
CA LEU G 111 60.75 2.55 26.12
C LEU G 111 60.19 2.19 27.49
N ILE G 112 58.87 2.18 27.60
CA ILE G 112 58.19 1.76 28.83
C ILE G 112 57.43 0.47 28.53
N ILE G 113 57.52 -0.48 29.45
CA ILE G 113 56.87 -1.77 29.32
C ILE G 113 56.04 -2.03 30.57
N ILE G 114 54.77 -2.40 30.38
CA ILE G 114 53.86 -2.73 31.46
C ILE G 114 53.53 -4.21 31.37
N LYS G 115 53.81 -4.93 32.45
CA LYS G 115 53.47 -6.35 32.57
C LYS G 115 52.84 -6.55 33.93
N GLY G 116 51.60 -7.03 33.95
CA GLY G 116 50.88 -7.17 35.21
C GLY G 116 50.72 -5.83 35.88
N SER G 117 51.24 -5.72 37.09
CA SER G 117 51.22 -4.47 37.85
C SER G 117 52.59 -3.80 37.89
N LYS G 118 53.52 -4.22 37.04
CA LYS G 118 54.89 -3.72 37.06
C LYS G 118 55.20 -2.96 35.78
N ALA G 119 55.68 -1.73 35.93
CA ALA G 119 56.12 -0.91 34.82
C ALA G 119 57.62 -0.71 34.89
N ILE G 120 58.28 -0.78 33.74
CA ILE G 120 59.73 -0.65 33.64
C ILE G 120 60.06 0.32 32.51
N TYR G 121 60.96 1.26 32.78
CA TYR G 121 61.28 2.36 31.88
C TYR G 121 62.78 2.33 31.55
N TYR G 122 63.08 2.33 30.26
CA TYR G 122 64.45 2.49 29.76
C TYR G 122 64.53 3.90 29.17
N GLU G 123 65.29 4.78 29.83
CA GLU G 123 65.39 6.16 29.42
C GLU G 123 66.06 6.32 28.06
N ASP G 124 66.86 5.35 27.64
CA ASP G 124 67.55 5.40 26.36
C ASP G 124 67.58 3.99 25.79
N ILE G 125 66.77 3.74 24.76
CA ILE G 125 66.81 2.44 24.10
C ILE G 125 68.06 2.29 23.24
N ASN G 126 68.68 3.41 22.85
CA ASN G 126 69.93 3.36 22.11
C ASN G 126 71.13 3.03 22.99
N SER G 127 70.89 2.69 24.26
CA SER G 127 71.90 2.10 25.13
C SER G 127 71.65 0.62 25.35
N ILE G 128 71.03 -0.03 24.37
CA ILE G 128 70.68 -1.44 24.46
C ILE G 128 71.10 -2.17 23.19
N PHE G 139 70.10 2.51 31.83
CA PHE G 139 69.60 3.28 32.96
C PHE G 139 68.10 3.07 33.15
N SER G 140 67.74 1.93 33.74
CA SER G 140 66.35 1.53 33.85
C SER G 140 65.69 2.12 35.10
N HIS G 141 64.38 1.92 35.19
CA HIS G 141 63.54 2.39 36.28
C HIS G 141 62.39 1.43 36.43
N GLU G 142 61.86 1.30 37.66
CA GLU G 142 60.77 0.38 37.92
C GLU G 142 59.71 1.06 38.77
N LEU G 143 58.48 0.57 38.65
CA LEU G 143 57.37 1.07 39.45
C LEU G 143 56.33 -0.03 39.61
N GLU G 144 55.83 -0.16 40.84
CA GLU G 144 54.73 -1.08 41.14
C GLU G 144 53.42 -0.31 41.06
N LEU G 145 52.51 -0.79 40.22
CA LEU G 145 51.25 -0.09 40.02
C LEU G 145 50.13 -0.77 40.80
N PRO G 146 49.11 0.01 41.24
CA PRO G 146 47.96 -0.54 41.98
C PRO G 146 46.98 -1.30 41.08
N ILE G 147 47.52 -2.12 40.18
CA ILE G 147 46.70 -2.92 39.28
C ILE G 147 46.49 -4.29 39.92
N ASN G 148 45.23 -4.69 40.02
CA ASN G 148 44.87 -6.00 40.58
C ASN G 148 45.03 -7.05 39.49
N SER G 149 46.24 -7.60 39.38
CA SER G 149 46.52 -8.56 38.33
C SER G 149 45.81 -9.89 38.55
N SER G 150 45.58 -10.26 39.81
CA SER G 150 44.88 -11.52 40.08
C SER G 150 43.41 -11.43 39.72
N GLY G 151 42.81 -10.25 39.81
CA GLY G 151 41.41 -10.08 39.50
C GLY G 151 41.13 -9.92 38.02
N GLY G 152 42.04 -10.43 37.19
CA GLY G 152 41.87 -10.37 35.75
C GLY G 152 42.03 -9.00 35.13
N GLU G 153 42.56 -8.03 35.86
CA GLU G 153 42.70 -6.67 35.36
C GLU G 153 44.02 -6.50 34.63
N LYS G 154 43.95 -5.93 33.43
CA LYS G 154 45.14 -5.63 32.62
C LYS G 154 45.05 -4.20 32.13
N CYS G 155 46.19 -3.66 31.75
CA CYS G 155 46.22 -2.35 31.10
C CYS G 155 45.69 -2.47 29.67
N ASP G 156 44.88 -1.48 29.27
CA ASP G 156 44.20 -1.52 27.98
C ASP G 156 44.73 -0.42 27.06
N LEU G 157 44.45 0.85 27.36
CA LEU G 157 44.90 1.96 26.56
C LEU G 157 46.04 2.70 27.26
N MET G 158 46.85 3.39 26.47
CA MET G 158 47.93 4.22 27.01
C MET G 158 48.28 5.28 25.98
N LEU G 159 48.67 6.45 26.49
CA LEU G 159 48.97 7.62 25.66
C LEU G 159 50.28 8.23 26.11
N ASN G 160 51.08 8.67 25.15
CA ASN G 160 52.29 9.44 25.41
C ASN G 160 51.94 10.93 25.36
N CYS G 161 51.89 11.56 26.53
CA CYS G 161 51.53 12.97 26.65
C CYS G 161 52.70 13.80 27.17
N GLU G 162 53.89 13.54 26.65
CA GLU G 162 55.04 14.34 27.04
C GLU G 162 54.85 15.78 26.55
N PRO G 163 55.41 16.77 27.27
CA PRO G 163 56.32 16.64 28.42
C PRO G 163 55.66 16.25 29.74
N ALA G 164 54.32 16.17 29.78
CA ALA G 164 53.63 15.93 31.05
C ALA G 164 53.98 14.57 31.63
N GLY G 165 53.86 13.52 30.84
CA GLY G 165 54.17 12.18 31.30
C GLY G 165 53.45 11.15 30.44
N ILE G 166 52.88 10.14 31.11
CA ILE G 166 52.19 9.04 30.45
C ILE G 166 50.85 8.82 31.14
N VAL G 167 49.81 8.61 30.35
CA VAL G 167 48.47 8.30 30.86
C VAL G 167 48.14 6.86 30.48
N LEU G 168 47.67 6.10 31.45
CA LEU G 168 47.28 4.71 31.25
C LEU G 168 45.84 4.51 31.68
N SER G 169 45.16 3.56 31.04
CA SER G 169 43.85 3.11 31.44
C SER G 169 43.84 1.59 31.52
N THR G 170 42.94 1.06 32.33
CA THR G 170 42.84 -0.37 32.53
C THR G 170 41.50 -0.90 31.99
N ASN G 171 41.40 -2.22 31.94
CA ASN G 171 40.14 -2.85 31.53
C ASN G 171 39.03 -2.61 32.54
N MET G 172 39.37 -2.27 33.78
CA MET G 172 38.38 -2.03 34.83
C MET G 172 37.89 -0.59 34.87
N GLY G 173 38.59 0.33 34.21
CA GLY G 173 38.18 1.73 34.17
C GLY G 173 39.07 2.68 34.93
N ARG G 174 40.10 2.20 35.62
CA ARG G 174 40.99 3.07 36.36
C ARG G 174 41.97 3.77 35.43
N ILE G 175 42.31 5.01 35.76
CA ILE G 175 43.19 5.84 34.96
C ILE G 175 44.36 6.28 35.83
N PHE G 176 45.57 6.16 35.28
CA PHE G 176 46.80 6.54 35.97
C PHE G 176 47.51 7.63 35.19
N PHE G 177 47.98 8.66 35.91
CA PHE G 177 48.92 9.63 35.37
C PHE G 177 50.26 9.38 36.04
N ILE G 178 51.27 9.08 35.21
CA ILE G 178 52.60 8.67 35.66
C ILE G 178 53.62 9.67 35.10
N THR G 179 54.59 10.05 35.92
CA THR G 179 55.62 11.00 35.53
C THR G 179 56.92 10.26 35.21
N ILE G 180 57.62 10.73 34.18
CA ILE G 180 58.90 10.17 33.81
C ILE G 180 60.08 11.09 34.13
N ARG G 181 59.85 12.39 34.30
CA ARG G 181 60.89 13.35 34.62
C ARG G 181 60.56 14.01 35.96
N ASN G 182 61.43 13.82 36.94
CA ASN G 182 61.13 14.20 38.33
C ASN G 182 61.72 15.56 38.65
N SER G 183 61.14 16.59 38.02
CA SER G 183 61.30 17.98 38.42
C SER G 183 62.74 18.52 38.32
N MET G 184 63.71 17.63 38.04
CA MET G 184 65.10 18.05 37.89
C MET G 184 65.68 17.56 36.57
N GLY G 185 64.83 17.25 35.60
CA GLY G 185 65.26 16.56 34.40
C GLY G 185 65.65 15.12 34.61
N LYS G 186 65.70 14.65 35.85
CA LYS G 186 66.12 13.28 36.13
C LYS G 186 65.03 12.31 35.70
N PRO G 187 65.40 11.17 35.12
CA PRO G 187 64.39 10.18 34.72
C PRO G 187 63.85 9.45 35.95
N GLN G 188 62.52 9.41 36.04
CA GLN G 188 61.84 8.72 37.13
C GLN G 188 60.71 7.88 36.55
N LEU G 189 59.96 7.22 37.44
CA LEU G 189 58.79 6.44 37.09
C LEU G 189 57.91 6.39 38.34
N LYS G 190 57.32 7.54 38.68
CA LYS G 190 56.52 7.69 39.88
C LYS G 190 55.06 7.94 39.51
N LEU G 191 54.16 7.48 40.38
CA LEU G 191 52.75 7.69 40.15
C LEU G 191 52.38 9.15 40.40
N GLY G 192 51.80 9.78 39.38
CA GLY G 192 51.32 11.14 39.52
C GLY G 192 49.99 11.21 40.24
N LYS G 193 48.98 10.58 39.67
CA LYS G 193 47.64 10.62 40.28
C LYS G 193 46.73 9.58 39.64
N LEU G 194 45.56 9.41 40.25
CA LEU G 194 44.47 8.65 39.67
C LEU G 194 43.37 9.61 39.24
N LEU G 195 42.77 9.33 38.08
CA LEU G 195 41.78 10.21 37.46
C LEU G 195 40.43 9.52 37.30
N ASN G 196 40.06 8.69 38.27
CA ASN G 196 38.85 7.88 38.17
C ASN G 196 37.90 8.02 39.34
N LYS G 197 38.35 8.52 40.49
CA LYS G 197 37.50 8.65 41.68
C LYS G 197 36.86 7.32 42.08
N ASN G 211 30.36 -1.64 34.03
CA ASN G 211 30.41 -2.06 32.64
C ASN G 211 30.76 -0.91 31.72
N SER G 212 31.40 0.12 32.27
CA SER G 212 31.87 1.26 31.50
C SER G 212 33.39 1.21 31.41
N SER G 213 33.94 1.77 30.33
CA SER G 213 35.37 1.71 30.10
C SER G 213 35.83 2.94 29.33
N VAL G 214 37.11 3.26 29.47
CA VAL G 214 37.71 4.35 28.71
C VAL G 214 37.91 3.90 27.27
N VAL G 215 37.54 4.75 26.32
CA VAL G 215 37.59 4.41 24.90
C VAL G 215 38.54 5.29 24.11
N SER G 216 39.06 6.37 24.67
CA SER G 216 39.98 7.22 23.92
C SER G 216 40.81 8.06 24.88
N LEU G 217 42.07 8.27 24.52
CA LEU G 217 42.98 9.18 25.21
C LEU G 217 43.72 9.98 24.14
N ARG G 218 43.60 11.31 24.20
CA ARG G 218 44.17 12.17 23.18
C ARG G 218 44.98 13.28 23.82
N ASN G 219 45.93 13.81 23.05
CA ASN G 219 46.75 14.92 23.49
C ASN G 219 46.09 16.25 23.17
N GLY G 220 46.18 17.19 24.11
CA GLY G 220 45.75 18.54 23.88
C GLY G 220 46.93 19.44 23.60
N PRO G 221 46.70 20.75 23.56
CA PRO G 221 47.80 21.69 23.37
C PRO G 221 48.72 21.72 24.59
N ILE G 222 49.93 22.24 24.38
CA ILE G 222 50.90 22.39 25.45
C ILE G 222 50.70 23.76 26.08
N LEU G 223 50.37 23.77 27.38
CA LEU G 223 50.07 25.01 28.08
C LEU G 223 51.32 25.73 28.57
N GLY G 224 52.43 25.02 28.74
CA GLY G 224 53.64 25.65 29.21
C GLY G 224 54.76 24.64 29.38
N LYS G 225 55.72 25.00 30.22
CA LYS G 225 56.86 24.13 30.49
C LYS G 225 56.40 22.91 31.28
N GLY G 226 56.35 21.76 30.61
CA GLY G 226 55.96 20.52 31.25
C GLY G 226 54.47 20.31 31.43
N THR G 227 53.64 21.25 31.02
CA THR G 227 52.20 21.14 31.18
C THR G 227 51.53 20.89 29.84
N ARG G 228 50.44 20.12 29.88
CA ARG G 228 49.76 19.71 28.65
C ARG G 228 48.34 19.27 28.99
N LEU G 229 47.43 19.50 28.06
CA LEU G 229 46.05 19.04 28.21
C LEU G 229 45.90 17.62 27.66
N VAL G 230 44.99 16.88 28.27
CA VAL G 230 44.70 15.50 27.87
C VAL G 230 43.20 15.29 27.90
N TYR G 231 42.65 14.71 26.83
CA TYR G 231 41.23 14.45 26.71
C TYR G 231 40.93 12.97 26.96
N ILE G 232 39.88 12.70 27.72
CA ILE G 232 39.50 11.36 28.13
C ILE G 232 38.02 11.16 27.82
N THR G 233 37.71 10.10 27.08
CA THR G 233 36.34 9.75 26.71
C THR G 233 36.02 8.35 27.22
N THR G 234 34.81 8.18 27.76
CA THR G 234 34.41 6.88 28.28
C THR G 234 33.30 6.28 27.42
N ASN G 235 32.99 5.02 27.70
CA ASN G 235 31.98 4.30 26.93
C ASN G 235 30.60 4.93 27.13
N LYS G 236 30.31 5.39 28.35
CA LYS G 236 28.99 5.89 28.70
C LYS G 236 28.81 7.38 28.40
N GLY G 237 29.78 8.01 27.74
CA GLY G 237 29.63 9.38 27.31
C GLY G 237 30.27 10.44 28.19
N ILE G 238 31.11 10.05 29.15
CA ILE G 238 31.82 11.02 29.97
C ILE G 238 33.01 11.56 29.19
N PHE G 239 33.13 12.88 29.11
CA PHE G 239 34.26 13.53 28.49
C PHE G 239 34.93 14.45 29.49
N GLN G 240 36.27 14.39 29.53
CA GLN G 240 37.04 15.16 30.49
C GLN G 240 38.26 15.75 29.80
N THR G 241 38.51 17.03 30.09
CA THR G 241 39.75 17.69 29.72
C THR G 241 40.53 17.93 31.00
N TRP G 242 41.67 17.23 31.14
CA TRP G 242 42.58 17.31 32.27
C TRP G 242 43.79 18.16 31.92
N GLN G 243 44.34 18.83 32.93
CA GLN G 243 45.59 19.56 32.81
C GLN G 243 46.64 18.79 33.59
N LEU G 244 47.59 18.17 32.87
CA LEU G 244 48.61 17.33 33.46
C LEU G 244 49.96 18.02 33.37
N SER G 245 50.69 18.05 34.47
CA SER G 245 51.95 18.76 34.59
C SER G 245 53.12 17.78 34.66
N ALA G 246 54.31 18.28 34.35
CA ALA G 246 55.55 17.54 34.58
C ALA G 246 56.34 18.04 35.78
N THR G 247 56.09 19.27 36.24
CA THR G 247 56.84 19.83 37.34
C THR G 247 56.16 19.49 38.65
N ASN G 248 55.46 18.36 38.66
CA ASN G 248 54.78 17.84 39.85
C ASN G 248 53.84 18.88 40.44
N SER G 249 52.88 19.31 39.62
CA SER G 249 51.88 20.26 40.09
C SER G 249 50.64 19.52 40.56
N HIS G 250 49.46 20.07 40.29
CA HIS G 250 48.20 19.48 40.76
C HIS G 250 47.30 19.15 39.57
N PRO G 251 46.98 17.88 39.34
CA PRO G 251 46.06 17.53 38.23
C PRO G 251 44.71 18.21 38.40
N THR G 252 44.40 19.13 37.48
CA THR G 252 43.17 19.90 37.52
C THR G 252 42.29 19.54 36.33
N LYS G 253 41.00 19.36 36.58
CA LYS G 253 40.04 18.95 35.57
C LYS G 253 39.36 20.19 35.00
N LEU G 254 39.73 20.56 33.77
CA LEU G 254 39.16 21.75 33.16
C LEU G 254 37.78 21.49 32.57
N ILE G 255 37.52 20.27 32.12
CA ILE G 255 36.20 19.91 31.59
C ILE G 255 35.81 18.55 32.14
N ASP G 256 34.55 18.43 32.59
CA ASP G 256 34.00 17.16 33.07
C ASP G 256 32.50 17.17 32.79
N VAL G 257 32.13 16.65 31.61
CA VAL G 257 30.75 16.68 31.18
C VAL G 257 30.31 15.29 30.74
N ASN G 258 29.01 15.13 30.57
CA ASN G 258 28.41 13.91 30.04
C ASN G 258 27.62 14.29 28.80
N ILE G 259 28.09 13.84 27.63
CA ILE G 259 27.45 14.18 26.36
C ILE G 259 26.48 13.11 25.89
N TYR G 260 26.29 12.05 26.67
CA TYR G 260 25.50 10.92 26.21
C TYR G 260 24.06 11.33 25.90
N GLU G 261 23.42 12.04 26.84
CA GLU G 261 22.03 12.44 26.64
C GLU G 261 21.87 13.37 25.45
N ALA G 262 22.86 14.20 25.17
CA ALA G 262 22.76 15.14 24.05
C ALA G 262 22.76 14.40 22.72
N ILE G 263 23.73 13.49 22.53
CA ILE G 263 23.76 12.70 21.30
C ILE G 263 22.50 11.85 21.17
N LEU G 264 22.03 11.29 22.28
CA LEU G 264 20.81 10.50 22.26
C LEU G 264 19.62 11.33 21.80
N GLU G 265 19.47 12.54 22.36
CA GLU G 265 18.38 13.43 21.94
C GLU G 265 18.55 13.86 20.49
N SER G 266 19.79 13.93 20.01
CA SER G 266 20.01 14.26 18.60
C SER G 266 19.65 13.11 17.68
N LEU G 267 19.64 11.87 18.18
CA LEU G 267 19.33 10.72 17.35
C LEU G 267 17.96 10.10 17.60
N GLN G 268 17.33 10.38 18.74
CA GLN G 268 16.21 9.55 19.19
C GLN G 268 14.99 9.68 18.28
N ASP G 269 14.73 10.88 17.77
CA ASP G 269 13.59 11.08 16.88
C ASP G 269 13.75 10.30 15.59
N LEU G 270 14.93 10.38 14.98
CA LEU G 270 15.16 9.71 13.71
C LEU G 270 15.38 8.21 13.91
N TYR G 271 16.07 7.83 14.99
CA TYR G 271 16.36 6.44 15.30
C TYR G 271 15.96 6.18 16.75
N PRO G 272 14.71 5.77 16.99
CA PRO G 272 14.28 5.50 18.37
C PRO G 272 15.05 4.38 19.04
N PHE G 273 15.53 3.40 18.25
CA PHE G 273 16.31 2.30 18.82
C PHE G 273 17.64 2.74 19.39
N ALA G 274 18.03 4.01 19.22
CA ALA G 274 19.23 4.52 19.87
C ALA G 274 19.13 4.43 21.39
N HIS G 275 17.92 4.40 21.93
CA HIS G 275 17.74 4.16 23.37
C HIS G 275 18.08 2.73 23.70
N GLY G 276 19.16 2.53 24.46
CA GLY G 276 19.58 1.21 24.88
C GLY G 276 20.70 0.61 24.06
N THR G 277 21.10 1.24 22.96
CA THR G 277 22.20 0.74 22.13
C THR G 277 23.27 1.77 21.83
N LEU G 278 23.03 3.05 22.12
CA LEU G 278 24.05 4.07 21.83
C LEU G 278 25.30 3.82 22.66
N LYS G 279 26.45 3.80 21.98
CA LYS G 279 27.72 3.64 22.68
C LYS G 279 28.80 4.45 22.00
N ILE G 280 29.65 5.09 22.81
CA ILE G 280 30.74 5.92 22.31
C ILE G 280 31.97 5.03 22.13
N TRP G 281 32.64 5.18 21.00
CA TRP G 281 33.80 4.36 20.66
C TRP G 281 35.12 5.12 20.68
N ASP G 282 35.13 6.38 20.26
CA ASP G 282 36.38 7.12 20.14
C ASP G 282 36.05 8.61 20.09
N SER G 283 37.09 9.43 20.27
CA SER G 283 36.97 10.87 20.12
C SER G 283 38.28 11.40 19.56
N HIS G 284 38.21 12.60 18.97
CA HIS G 284 39.37 13.19 18.34
C HIS G 284 39.25 14.71 18.39
N PRO G 285 40.29 15.42 18.83
CA PRO G 285 40.23 16.88 18.85
C PRO G 285 40.22 17.46 17.44
N LEU G 286 39.67 18.66 17.32
CA LEU G 286 39.58 19.38 16.07
C LEU G 286 40.55 20.56 16.08
N GLN G 287 40.50 21.36 15.01
CA GLN G 287 41.39 22.50 14.90
C GLN G 287 41.12 23.53 16.00
N ASP G 288 39.87 23.63 16.45
CA ASP G 288 39.53 24.50 17.56
C ASP G 288 39.73 23.73 18.86
N GLU G 289 40.39 24.38 19.84
CA GLU G 289 40.66 23.72 21.11
C GLU G 289 39.37 23.31 21.82
N SER G 290 38.30 24.06 21.62
CA SER G 290 37.04 23.83 22.31
C SER G 290 36.13 22.85 21.59
N SER G 291 36.51 22.34 20.42
CA SER G 291 35.67 21.46 19.63
C SER G 291 36.27 20.06 19.59
N GLN G 292 35.39 19.06 19.66
CA GLN G 292 35.78 17.66 19.58
C GLN G 292 34.86 16.93 18.62
N LEU G 293 35.36 15.83 18.07
CA LEU G 293 34.59 14.93 17.20
C LEU G 293 34.47 13.59 17.88
N PHE G 294 33.26 13.05 17.94
CA PHE G 294 32.98 11.79 18.62
C PHE G 294 32.42 10.78 17.64
N LEU G 295 32.83 9.52 17.83
CA LEU G 295 32.31 8.39 17.06
C LEU G 295 31.41 7.58 17.98
N SER G 296 30.19 7.35 17.54
CA SER G 296 29.19 6.62 18.31
C SER G 296 28.56 5.56 17.42
N SER G 297 27.88 4.61 18.05
CA SER G 297 27.17 3.60 17.29
C SER G 297 25.82 3.32 17.93
N ILE G 298 24.83 3.09 17.08
CA ILE G 298 23.49 2.67 17.48
C ILE G 298 23.18 1.38 16.73
N TYR G 299 22.27 0.58 17.31
CA TYR G 299 21.98 -0.75 16.80
C TYR G 299 20.47 -0.94 16.68
N ASP G 300 20.01 -1.26 15.47
CA ASP G 300 18.62 -1.62 15.21
C ASP G 300 18.51 -3.14 15.24
N SER G 301 17.88 -3.66 16.29
CA SER G 301 17.73 -5.11 16.44
C SER G 301 16.68 -5.67 15.50
N SER G 302 15.69 -4.85 15.12
CA SER G 302 14.67 -5.31 14.19
C SER G 302 15.28 -5.66 12.84
N CYS G 303 16.09 -4.75 12.29
CA CYS G 303 16.75 -4.97 11.02
C CYS G 303 18.14 -5.58 11.15
N ASN G 304 18.65 -5.69 12.38
CA ASN G 304 20.01 -6.20 12.64
C ASN G 304 21.05 -5.36 11.90
N GLU G 305 21.02 -4.06 12.16
CA GLU G 305 21.92 -3.13 11.51
C GLU G 305 22.61 -2.27 12.56
N THR G 306 23.80 -1.78 12.23
CA THR G 306 24.57 -0.91 13.12
C THR G 306 24.91 0.37 12.37
N TYR G 307 24.47 1.50 12.88
CA TYR G 307 24.79 2.80 12.32
C TYR G 307 25.88 3.47 13.14
N TYR G 308 26.79 4.16 12.47
CA TYR G 308 27.88 4.89 13.11
C TYR G 308 27.68 6.39 12.89
N ILE G 309 27.84 7.15 13.97
CA ILE G 309 27.53 8.57 14.00
C ILE G 309 28.80 9.35 14.33
N LEU G 310 29.06 10.39 13.56
CA LEU G 310 30.11 11.37 13.85
C LEU G 310 29.43 12.64 14.36
N SER G 311 29.71 12.98 15.61
CA SER G 311 29.10 14.14 16.27
C SER G 311 30.18 15.18 16.54
N THR G 312 30.00 16.36 15.98
CA THR G 312 30.90 17.49 16.24
C THR G 312 30.29 18.34 17.35
N ILE G 313 31.01 18.45 18.47
CA ILE G 313 30.55 19.14 19.67
C ILE G 313 31.54 20.26 19.98
N ILE G 314 31.01 21.34 20.57
CA ILE G 314 31.80 22.50 20.95
C ILE G 314 31.66 22.70 22.46
N PHE G 315 32.78 22.84 23.15
CA PHE G 315 32.82 22.88 24.60
C PHE G 315 33.12 24.29 25.10
N ASP G 316 32.50 24.66 26.22
CA ASP G 316 32.71 25.94 26.89
C ASP G 316 33.34 25.68 28.24
N SER G 317 34.58 26.14 28.43
CA SER G 317 35.30 25.92 29.68
C SER G 317 34.84 26.86 30.79
N SER G 318 34.15 27.94 30.45
CA SER G 318 33.71 28.88 31.47
C SER G 318 32.55 28.31 32.28
N SER G 319 31.58 27.67 31.61
CA SER G 319 30.38 27.17 32.25
C SER G 319 30.34 25.65 32.34
N ASN G 320 31.38 24.96 31.84
CA ASN G 320 31.42 23.49 31.83
C ASN G 320 30.21 22.92 31.08
N SER G 321 29.97 23.48 29.88
CA SER G 321 28.82 23.10 29.07
C SER G 321 29.26 22.92 27.62
N PHE G 322 28.33 22.49 26.78
CA PHE G 322 28.63 22.14 25.40
C PHE G 322 27.37 22.24 24.56
N THR G 323 27.57 22.27 23.24
CA THR G 323 26.47 22.23 22.28
C THR G 323 26.87 21.33 21.12
N ILE G 324 25.92 20.50 20.67
CA ILE G 324 26.15 19.62 19.53
C ILE G 324 26.13 20.48 18.27
N PHE G 325 27.27 20.59 17.59
CA PHE G 325 27.31 21.43 16.40
C PHE G 325 26.81 20.70 15.17
N SER G 326 27.17 19.43 15.01
CA SER G 326 26.73 18.72 13.81
C SER G 326 26.67 17.23 14.07
N THR G 327 25.90 16.54 13.23
CA THR G 327 25.66 15.10 13.35
C THR G 327 25.62 14.49 11.95
N TYR G 328 26.41 13.43 11.75
CA TYR G 328 26.54 12.79 10.45
C TYR G 328 26.51 11.28 10.62
N ARG G 329 25.80 10.58 9.73
CA ARG G 329 25.77 9.12 9.74
C ARG G 329 26.60 8.59 8.57
N LEU G 330 27.50 7.65 8.86
CA LEU G 330 28.34 7.08 7.82
C LEU G 330 27.48 6.24 6.87
N ASN G 331 27.64 6.48 5.57
CA ASN G 331 26.84 5.75 4.58
C ASN G 331 27.48 4.41 4.21
N THR G 332 28.81 4.28 4.34
CA THR G 332 29.55 3.20 3.70
C THR G 332 29.86 2.03 4.61
N PHE G 333 29.61 2.14 5.92
CA PHE G 333 29.95 1.07 6.85
C PHE G 333 28.83 0.92 7.87
N MET G 334 28.24 -0.28 7.94
CA MET G 334 27.07 -0.47 8.79
C MET G 334 27.04 -1.82 9.50
N GLU G 335 28.16 -2.53 9.59
CA GLU G 335 28.19 -3.81 10.29
C GLU G 335 28.73 -3.65 11.69
N SER G 336 28.26 -4.52 12.59
CA SER G 336 28.64 -4.45 13.99
C SER G 336 30.09 -4.89 14.19
N ILE G 337 30.59 -4.67 15.41
CA ILE G 337 31.95 -5.05 15.77
C ILE G 337 31.89 -6.26 16.68
N THR G 338 31.94 -7.46 16.09
CA THR G 338 31.81 -8.68 16.88
C THR G 338 33.05 -8.94 17.72
N ASP G 339 34.23 -8.68 17.17
CA ASP G 339 35.49 -8.86 17.89
C ASP G 339 35.59 -7.80 18.98
N THR G 340 35.27 -8.19 20.22
CA THR G 340 35.25 -7.26 21.34
C THR G 340 36.63 -6.71 21.71
N LYS G 341 37.69 -7.20 21.07
CA LYS G 341 39.03 -6.69 21.32
C LYS G 341 39.37 -5.47 20.49
N PHE G 342 38.69 -5.27 19.35
CA PHE G 342 39.02 -4.17 18.46
C PHE G 342 38.45 -2.87 18.98
N LYS G 343 39.22 -1.80 18.84
CA LYS G 343 38.81 -0.46 19.25
C LYS G 343 38.93 0.49 18.06
N PRO G 344 37.82 0.93 17.48
CA PRO G 344 37.90 1.84 16.34
C PRO G 344 38.57 3.15 16.70
N LYS G 345 39.15 3.80 15.69
CA LYS G 345 39.93 5.01 15.90
C LYS G 345 39.67 6.02 14.78
N ILE G 346 39.73 7.30 15.15
CA ILE G 346 39.56 8.40 14.21
C ILE G 346 40.92 9.02 13.94
N PHE G 347 41.14 9.44 12.69
CA PHE G 347 42.30 10.24 12.33
C PHE G 347 41.84 11.45 11.55
N ILE G 348 42.37 12.62 11.91
CA ILE G 348 42.05 13.87 11.23
C ILE G 348 43.35 14.56 10.83
N PRO G 349 43.65 14.67 9.54
CA PRO G 349 44.92 15.29 9.12
C PRO G 349 44.99 16.79 9.39
N GLN G 350 46.11 17.39 9.01
CA GLN G 350 46.45 18.78 9.32
C GLN G 350 46.26 19.08 10.81
N ASN G 358 43.84 24.83 4.77
CA ASN G 358 43.01 23.94 3.96
C ASN G 358 41.54 24.08 4.33
N GLU G 359 40.68 24.26 3.33
CA GLU G 359 39.27 24.50 3.57
C GLU G 359 38.51 23.22 3.89
N VAL G 360 38.97 22.09 3.36
CA VAL G 360 38.31 20.80 3.56
C VAL G 360 39.05 20.02 4.63
N THR G 361 38.29 19.41 5.54
CA THR G 361 38.83 18.56 6.60
C THR G 361 38.43 17.12 6.31
N SER G 362 39.38 16.33 5.86
CA SER G 362 39.16 14.90 5.73
C SER G 362 39.17 14.25 7.10
N ILE G 363 38.34 13.23 7.28
CA ILE G 363 38.32 12.44 8.51
C ILE G 363 38.29 10.97 8.11
N LEU G 364 39.18 10.18 8.71
CA LEU G 364 39.24 8.75 8.48
C LEU G 364 38.81 8.00 9.73
N VAL G 365 38.14 6.87 9.54
CA VAL G 365 37.72 6.00 10.64
C VAL G 365 38.19 4.60 10.34
N MET G 366 38.88 3.99 11.30
CA MET G 366 39.49 2.67 11.12
C MET G 366 38.60 1.62 11.78
N PHE G 367 37.99 0.77 10.97
CA PHE G 367 37.21 -0.37 11.42
C PHE G 367 38.03 -1.65 11.24
N PRO G 368 37.57 -2.78 11.81
CA PRO G 368 38.38 -4.01 11.72
C PRO G 368 38.82 -4.39 10.32
N ASN G 369 37.94 -4.30 9.32
CA ASN G 369 38.26 -4.76 7.98
C ASN G 369 38.11 -3.65 6.94
N ALA G 370 38.07 -2.39 7.36
CA ALA G 370 37.88 -1.31 6.41
C ALA G 370 38.28 0.01 7.06
N VAL G 371 38.52 1.01 6.20
CA VAL G 371 38.74 2.39 6.63
C VAL G 371 37.79 3.28 5.82
N VAL G 372 36.99 4.07 6.53
CA VAL G 372 36.05 5.00 5.91
C VAL G 372 36.71 6.37 5.82
N ILE G 373 36.60 7.00 4.66
CA ILE G 373 37.20 8.32 4.42
C ILE G 373 36.10 9.28 4.02
N THR G 374 35.98 10.39 4.76
CA THR G 374 34.98 11.40 4.49
C THR G 374 35.61 12.78 4.70
N GLN G 375 34.93 13.80 4.19
CA GLN G 375 35.43 15.17 4.33
C GLN G 375 34.39 16.11 4.93
N LYS G 389 29.56 16.92 0.54
CA LYS G 389 30.83 16.21 0.59
C LYS G 389 30.68 14.77 0.10
N TRP G 390 31.79 14.04 0.03
CA TRP G 390 31.79 12.65 -0.38
C TRP G 390 32.32 11.76 0.73
N GLU G 391 31.95 10.49 0.67
CA GLU G 391 32.39 9.49 1.64
C GLU G 391 32.66 8.19 0.91
N ASP G 392 33.89 7.70 0.99
CA ASP G 392 34.30 6.45 0.36
C ASP G 392 34.72 5.44 1.41
N ILE G 393 34.76 4.18 1.01
CA ILE G 393 35.24 3.10 1.86
C ILE G 393 36.40 2.41 1.14
N VAL G 394 37.38 1.98 1.93
CA VAL G 394 38.50 1.19 1.43
C VAL G 394 38.45 -0.13 2.18
N SER G 395 37.75 -1.11 1.60
CA SER G 395 37.61 -2.42 2.23
C SER G 395 38.88 -3.24 2.06
N LEU G 396 39.28 -3.89 3.13
CA LEU G 396 40.37 -4.86 3.12
C LEU G 396 39.80 -6.26 3.17
N ARG G 397 40.62 -7.24 2.81
CA ARG G 397 40.20 -8.63 2.90
C ARG G 397 39.82 -8.97 4.33
N ASN G 398 38.78 -9.78 4.49
CA ASN G 398 38.25 -10.09 5.82
C ASN G 398 39.24 -10.92 6.63
N ASP G 399 40.42 -11.18 6.05
CA ASP G 399 41.50 -11.89 6.71
C ASP G 399 42.38 -10.99 7.55
N ILE G 400 42.61 -9.75 7.10
CA ILE G 400 43.63 -8.90 7.73
C ILE G 400 43.29 -8.67 9.20
N ASP G 401 44.31 -8.74 10.04
CA ASP G 401 44.17 -8.53 11.48
C ASP G 401 44.87 -7.22 11.82
N ILE G 402 44.09 -6.18 12.04
CA ILE G 402 44.63 -4.87 12.43
C ILE G 402 45.04 -4.93 13.90
N ILE G 403 46.31 -4.68 14.18
CA ILE G 403 46.82 -4.73 15.54
C ILE G 403 47.12 -3.34 16.11
N GLY G 404 47.27 -2.32 15.28
CA GLY G 404 47.56 -0.99 15.79
C GLY G 404 47.56 0.02 14.66
N SER G 405 47.74 1.28 15.04
CA SER G 405 47.71 2.37 14.09
C SER G 405 48.60 3.51 14.56
N GLY G 406 48.85 4.43 13.64
CA GLY G 406 49.63 5.63 13.90
C GLY G 406 49.33 6.65 12.82
N TYR G 407 49.97 7.81 12.95
CA TYR G 407 49.67 8.93 12.07
C TYR G 407 50.80 9.95 12.14
N ASP G 408 51.14 10.54 11.00
CA ASP G 408 51.96 11.76 10.98
C ASP G 408 51.02 12.94 10.77
N SER G 409 51.46 13.94 9.99
CA SER G 409 50.66 15.15 9.83
C SER G 409 49.50 14.95 8.87
N LYS G 410 49.67 14.12 7.84
CA LYS G 410 48.70 14.04 6.75
C LYS G 410 48.25 12.64 6.37
N SER G 411 48.67 11.59 7.07
CA SER G 411 48.35 10.24 6.63
C SER G 411 48.19 9.32 7.83
N LEU G 412 47.52 8.19 7.59
CA LEU G 412 47.27 7.18 8.61
C LEU G 412 48.04 5.91 8.28
N TYR G 413 48.47 5.20 9.31
CA TYR G 413 49.21 3.96 9.16
C TYR G 413 48.52 2.88 9.98
N VAL G 414 48.28 1.73 9.34
CA VAL G 414 47.59 0.60 9.95
C VAL G 414 48.55 -0.59 9.93
N LEU G 415 48.67 -1.27 11.07
CA LEU G 415 49.56 -2.42 11.20
C LEU G 415 48.76 -3.70 11.08
N THR G 416 49.08 -4.50 10.08
CA THR G 416 48.52 -5.84 9.93
C THR G 416 49.49 -6.86 10.49
N LYS G 417 48.96 -8.06 10.76
CA LYS G 417 49.81 -9.12 11.27
C LYS G 417 50.57 -9.83 10.16
N GLN G 418 49.98 -9.93 8.96
CA GLN G 418 50.55 -10.71 7.88
C GLN G 418 50.70 -9.98 6.56
N MET G 419 50.07 -8.81 6.39
CA MET G 419 50.10 -8.10 5.12
C MET G 419 50.88 -6.79 5.18
N GLY G 420 51.58 -6.52 6.28
CA GLY G 420 52.43 -5.35 6.36
C GLY G 420 51.78 -4.13 7.00
N VAL G 421 52.20 -2.95 6.58
CA VAL G 421 51.75 -1.69 7.15
C VAL G 421 51.12 -0.86 6.03
N LEU G 422 49.81 -0.70 6.08
CA LEU G 422 49.09 0.05 5.06
C LEU G 422 49.12 1.54 5.38
N GLN G 423 49.42 2.36 4.38
CA GLN G 423 49.47 3.81 4.53
C GLN G 423 48.35 4.44 3.71
N PHE G 424 47.45 5.15 4.38
CA PHE G 424 46.35 5.88 3.76
C PHE G 424 46.74 7.36 3.70
N PHE G 425 46.93 7.87 2.49
CA PHE G 425 47.39 9.23 2.24
C PHE G 425 46.31 9.98 1.49
N VAL G 426 45.74 11.01 2.11
CA VAL G 426 44.63 11.75 1.53
C VAL G 426 45.21 12.89 0.70
N LYS G 427 45.20 12.72 -0.62
CA LYS G 427 45.66 13.77 -1.53
C LYS G 427 44.69 14.95 -1.47
N GLU G 428 45.10 16.03 -0.82
CA GLU G 428 44.25 17.20 -0.68
C GLU G 428 45.08 18.46 -0.50
N VAL H 2 13.53 27.28 5.84
CA VAL H 2 12.78 26.12 6.33
C VAL H 2 12.26 26.39 7.74
N GLN H 3 10.95 26.65 7.85
CA GLN H 3 10.32 27.03 9.10
C GLN H 3 9.17 26.08 9.43
N LEU H 4 8.88 25.97 10.72
CA LEU H 4 7.79 25.15 11.22
C LEU H 4 6.85 26.02 12.04
N VAL H 5 5.56 25.98 11.71
CA VAL H 5 4.55 26.75 12.43
C VAL H 5 3.57 25.77 13.08
N GLU H 6 3.19 26.07 14.31
CA GLU H 6 2.37 25.18 15.12
C GLU H 6 1.06 25.85 15.48
N SER H 7 -0.02 25.08 15.48
CA SER H 7 -1.34 25.56 15.84
C SER H 7 -2.03 24.56 16.75
N GLY H 8 -3.20 24.95 17.26
CA GLY H 8 -4.02 24.07 18.06
C GLY H 8 -3.93 24.29 19.56
N GLY H 9 -3.01 25.14 20.02
CA GLY H 9 -2.80 25.32 21.45
C GLY H 9 -3.91 26.13 22.10
N GLY H 10 -3.64 26.56 23.33
CA GLY H 10 -4.59 27.35 24.08
C GLY H 10 -4.84 26.85 25.49
N LEU H 11 -6.09 26.93 25.95
CA LEU H 11 -6.47 26.54 27.30
C LEU H 11 -7.62 25.55 27.25
N VAL H 12 -7.57 24.55 28.14
CA VAL H 12 -8.54 23.46 28.20
C VAL H 12 -8.75 23.10 29.66
N GLN H 13 -9.95 22.62 29.98
CA GLN H 13 -10.23 22.09 31.30
C GLN H 13 -9.70 20.66 31.43
N ALA H 14 -9.62 20.20 32.68
CA ALA H 14 -9.21 18.81 32.92
C ALA H 14 -10.19 17.86 32.26
N GLY H 15 -9.66 16.90 31.51
CA GLY H 15 -10.48 15.95 30.79
C GLY H 15 -10.85 16.35 29.38
N GLY H 16 -10.55 17.59 28.97
CA GLY H 16 -10.79 18.02 27.62
C GLY H 16 -9.77 17.47 26.64
N SER H 17 -9.80 17.99 25.42
CA SER H 17 -8.96 17.49 24.36
C SER H 17 -8.51 18.63 23.45
N LEU H 18 -7.34 18.44 22.84
CA LEU H 18 -6.81 19.34 21.83
C LEU H 18 -6.27 18.51 20.67
N ARG H 19 -5.93 19.19 19.58
CA ARG H 19 -5.20 18.56 18.48
C ARG H 19 -4.17 19.57 17.97
N LEU H 20 -2.95 19.45 18.49
CA LEU H 20 -1.87 20.28 17.98
C LEU H 20 -1.51 19.84 16.57
N SER H 21 -1.01 20.78 15.77
CA SER H 21 -0.56 20.44 14.43
C SER H 21 0.62 21.34 14.08
N CYS H 22 1.50 20.83 13.23
CA CYS H 22 2.62 21.61 12.71
C CYS H 22 2.89 21.20 11.27
N ALA H 23 3.00 22.19 10.40
CA ALA H 23 3.31 21.98 8.99
C ALA H 23 4.59 22.71 8.64
N ALA H 24 5.56 21.98 8.10
CA ALA H 24 6.82 22.56 7.65
C ALA H 24 6.67 23.13 6.25
N SER H 25 7.15 24.36 6.07
CA SER H 25 7.19 25.01 4.76
C SER H 25 8.63 25.37 4.42
N GLY H 26 8.97 25.28 3.12
CA GLY H 26 10.32 25.57 2.66
C GLY H 26 10.83 24.66 1.55
N SER H 27 11.96 25.02 0.94
CA SER H 27 12.55 24.20 -0.13
C SER H 27 13.21 22.98 0.51
N ILE H 28 12.39 21.97 0.78
CA ILE H 28 12.87 20.74 1.41
C ILE H 28 11.89 19.63 1.08
N GLY H 29 12.38 18.39 1.08
CA GLY H 29 11.56 17.23 0.80
C GLY H 29 10.80 16.75 2.01
N SER H 30 10.37 15.49 1.95
CA SER H 30 9.69 14.89 3.08
C SER H 30 10.65 14.70 4.25
N LEU H 31 10.25 15.19 5.43
CA LEU H 31 11.08 15.00 6.62
C LEU H 31 11.17 13.52 6.97
N ASP H 32 12.32 13.11 7.49
CA ASP H 32 12.49 11.71 7.86
C ASP H 32 11.74 11.38 9.15
N ALA H 33 11.73 12.30 10.11
CA ALA H 33 11.01 12.07 11.36
C ALA H 33 10.40 13.36 11.86
N MET H 34 9.30 13.23 12.61
CA MET H 34 8.67 14.41 13.20
C MET H 34 8.19 14.06 14.60
N ALA H 35 8.38 15.00 15.54
CA ALA H 35 8.18 14.72 16.95
C ALA H 35 7.59 15.93 17.65
N TRP H 36 7.00 15.67 18.82
CA TRP H 36 6.50 16.71 19.72
C TRP H 36 7.19 16.58 21.06
N TYR H 37 7.74 17.70 21.54
CA TYR H 37 8.35 17.86 22.85
C TYR H 37 7.51 18.84 23.67
N ARG H 38 7.76 18.88 24.97
CA ARG H 38 7.10 19.87 25.81
C ARG H 38 8.01 20.26 26.97
N ARG H 39 7.83 21.49 27.44
CA ARG H 39 8.52 22.01 28.61
C ARG H 39 7.46 22.51 29.58
N ALA H 40 7.34 21.83 30.73
CA ALA H 40 6.42 22.23 31.78
C ALA H 40 7.06 23.34 32.60
N PRO H 41 6.25 24.15 33.31
CA PRO H 41 6.82 25.21 34.14
C PRO H 41 7.78 24.67 35.20
N GLY H 42 9.07 24.94 35.02
CA GLY H 42 10.08 24.52 35.98
C GLY H 42 10.92 23.35 35.52
N LYS H 43 10.29 22.38 34.87
CA LYS H 43 10.98 21.15 34.49
C LYS H 43 11.82 21.37 33.22
N GLN H 44 12.45 20.30 32.76
CA GLN H 44 13.28 20.32 31.56
C GLN H 44 12.51 19.79 30.36
N ARG H 45 13.06 20.04 29.18
CA ARG H 45 12.39 19.63 27.94
C ARG H 45 12.43 18.12 27.77
N GLU H 46 11.27 17.52 27.51
CA GLU H 46 11.14 16.09 27.35
C GLU H 46 10.47 15.78 26.01
N ARG H 47 10.80 14.62 25.45
CA ARG H 47 10.15 14.18 24.22
C ARG H 47 8.80 13.54 24.57
N VAL H 48 7.73 14.08 24.00
CA VAL H 48 6.39 13.54 24.23
C VAL H 48 6.06 12.44 23.24
N ALA H 49 6.22 12.71 21.96
CA ALA H 49 5.92 11.70 20.96
C ALA H 49 6.84 11.90 19.78
N SER H 50 6.99 10.85 18.98
CA SER H 50 7.78 10.93 17.76
C SER H 50 7.27 9.87 16.79
N ILE H 51 7.36 10.19 15.49
CA ILE H 51 6.98 9.26 14.43
C ILE H 51 8.04 9.30 13.33
N SER H 52 8.39 8.12 12.83
CA SER H 52 9.40 7.99 11.79
C SER H 52 9.15 6.70 11.01
N ARG H 53 10.10 6.36 10.13
CA ARG H 53 10.03 5.12 9.35
C ARG H 53 9.75 3.92 10.25
N TYR H 54 10.26 3.95 11.47
CA TYR H 54 10.20 2.80 12.36
C TYR H 54 8.96 2.78 13.23
N GLY H 55 8.09 3.78 13.12
CA GLY H 55 6.89 3.78 13.93
C GLY H 55 6.80 4.96 14.86
N THR H 56 6.09 4.77 15.98
CA THR H 56 5.76 5.85 16.90
C THR H 56 6.30 5.54 18.29
N TYR H 57 6.98 6.51 18.88
CA TYR H 57 7.35 6.48 20.28
C TYR H 57 6.45 7.43 21.07
N TYR H 58 5.99 6.96 22.23
CA TYR H 58 5.25 7.77 23.19
C TYR H 58 5.92 7.66 24.55
N VAL H 59 6.04 8.78 25.25
CA VAL H 59 6.48 8.73 26.64
C VAL H 59 5.37 8.09 27.48
N ASP H 60 5.78 7.47 28.58
CA ASP H 60 4.84 6.67 29.37
C ASP H 60 3.73 7.53 29.97
N SER H 61 4.03 8.77 30.35
CA SER H 61 3.07 9.62 31.02
C SER H 61 1.90 10.02 30.12
N VAL H 62 2.09 9.98 28.80
CA VAL H 62 1.04 10.34 27.86
C VAL H 62 0.56 9.14 27.04
N LYS H 63 1.05 7.94 27.32
CA LYS H 63 0.69 6.77 26.53
C LYS H 63 -0.78 6.43 26.73
N GLY H 64 -1.51 6.26 25.62
CA GLY H 64 -2.92 5.98 25.63
C GLY H 64 -3.79 7.21 25.47
N ARG H 65 -3.31 8.37 25.91
CA ARG H 65 -4.07 9.62 25.81
C ARG H 65 -3.65 10.48 24.63
N PHE H 66 -2.40 10.38 24.20
CA PHE H 66 -1.90 11.15 23.06
C PHE H 66 -1.70 10.22 21.86
N THR H 67 -1.96 10.76 20.68
CA THR H 67 -1.79 10.05 19.42
C THR H 67 -1.09 10.96 18.43
N ILE H 68 0.10 10.56 17.99
CA ILE H 68 0.83 11.30 16.96
C ILE H 68 0.49 10.71 15.61
N SER H 69 0.26 11.59 14.63
CA SER H 69 -0.17 11.18 13.30
C SER H 69 0.58 12.02 12.27
N ARG H 70 0.70 11.49 11.06
CA ARG H 70 1.43 12.17 10.01
C ARG H 70 0.79 11.89 8.65
N ASP H 71 0.57 12.95 7.87
CA ASP H 71 0.24 12.80 6.45
C ASP H 71 1.51 12.36 5.74
N ASN H 72 1.64 11.04 5.55
CA ASN H 72 2.84 10.36 5.08
C ASN H 72 3.73 11.20 4.17
N ALA H 73 3.16 11.74 3.09
CA ALA H 73 3.96 12.52 2.15
C ALA H 73 4.10 13.98 2.58
N LYS H 74 3.06 14.54 3.19
CA LYS H 74 3.10 15.94 3.60
C LYS H 74 3.99 16.13 4.83
N ASN H 75 4.53 17.35 4.97
CA ASN H 75 5.32 17.71 6.13
C ASN H 75 4.43 18.26 7.26
N THR H 76 3.33 17.56 7.53
CA THR H 76 2.36 17.96 8.54
C THR H 76 2.23 16.84 9.57
N VAL H 77 2.48 17.17 10.83
CA VAL H 77 2.36 16.22 11.93
C VAL H 77 1.29 16.73 12.89
N TYR H 78 0.50 15.80 13.42
CA TYR H 78 -0.59 16.11 14.34
C TYR H 78 -0.34 15.38 15.66
N LEU H 79 -0.82 15.99 16.74
CA LEU H 79 -0.75 15.39 18.08
C LEU H 79 -2.13 15.57 18.71
N GLN H 80 -2.91 14.49 18.72
CA GLN H 80 -4.20 14.47 19.38
C GLN H 80 -4.00 14.22 20.87
N MET H 81 -4.41 15.18 21.71
CA MET H 81 -4.23 15.08 23.15
C MET H 81 -5.62 14.94 23.78
N ASN H 82 -5.97 13.72 24.16
CA ASN H 82 -7.24 13.42 24.81
C ASN H 82 -7.05 13.26 26.31
N SER H 83 -8.09 13.58 27.06
CA SER H 83 -8.14 13.40 28.51
C SER H 83 -6.94 14.08 29.18
N LEU H 84 -6.94 15.40 29.08
CA LEU H 84 -5.82 16.20 29.54
C LEU H 84 -5.80 16.33 31.06
N LYS H 85 -4.60 16.45 31.61
CA LYS H 85 -4.37 16.64 33.03
C LYS H 85 -3.61 17.94 33.25
N PRO H 86 -3.76 18.56 34.42
CA PRO H 86 -3.00 19.80 34.71
C PRO H 86 -1.49 19.63 34.55
N GLU H 87 -0.97 18.43 34.74
CA GLU H 87 0.45 18.18 34.55
C GLU H 87 0.87 18.21 33.09
N ASP H 88 -0.09 18.31 32.16
CA ASP H 88 0.20 18.46 30.74
C ASP H 88 0.43 19.92 30.35
N THR H 89 0.31 20.85 31.29
CA THR H 89 0.48 22.26 30.98
C THR H 89 1.95 22.55 30.68
N GLY H 90 2.20 23.21 29.55
CA GLY H 90 3.55 23.60 29.20
C GLY H 90 3.59 24.16 27.80
N VAL H 91 4.81 24.49 27.38
CA VAL H 91 5.05 24.95 26.01
C VAL H 91 5.43 23.73 25.16
N TYR H 92 4.64 23.46 24.13
CA TYR H 92 4.83 22.31 23.26
C TYR H 92 5.53 22.73 21.97
N TYR H 93 6.63 22.05 21.66
CA TYR H 93 7.42 22.33 20.48
C TYR H 93 7.29 21.17 19.49
N CYS H 94 7.34 21.51 18.21
CA CYS H 94 7.47 20.51 17.16
C CYS H 94 8.91 20.46 16.68
N LYS H 95 9.40 19.25 16.42
CA LYS H 95 10.75 19.04 15.94
C LYS H 95 10.70 18.19 14.68
N GLY H 96 11.51 18.55 13.70
CA GLY H 96 11.61 17.80 12.46
C GLY H 96 13.04 17.40 12.18
N VAL H 97 13.25 16.14 11.80
CA VAL H 97 14.57 15.59 11.61
C VAL H 97 14.70 15.11 10.17
N MET H 98 15.76 15.58 9.49
CA MET H 98 16.02 15.27 8.09
C MET H 98 17.37 14.58 7.97
N GLU H 99 17.43 13.51 7.18
CA GLU H 99 18.68 12.80 6.92
C GLU H 99 18.84 12.66 5.42
N VAL H 100 19.85 13.34 4.87
CA VAL H 100 20.16 13.27 3.44
C VAL H 100 21.66 13.02 3.29
N GLY H 101 22.00 11.91 2.64
CA GLY H 101 23.39 11.57 2.40
C GLY H 101 24.20 11.42 3.67
N GLY H 102 23.53 11.07 4.77
CA GLY H 102 24.17 10.96 6.06
C GLY H 102 24.16 12.23 6.89
N VAL H 103 23.94 13.39 6.25
CA VAL H 103 23.82 14.63 7.01
C VAL H 103 22.47 14.66 7.72
N ILE H 104 22.51 14.91 9.03
CA ILE H 104 21.33 14.90 9.88
C ILE H 104 21.10 16.33 10.38
N ASP H 105 19.92 16.86 10.12
CA ASP H 105 19.57 18.24 10.46
C ASP H 105 18.30 18.27 11.29
N GLU H 106 18.30 19.13 12.30
CA GLU H 106 17.14 19.38 13.15
C GLU H 106 16.47 20.69 12.75
N TYR H 107 15.16 20.77 12.98
CA TYR H 107 14.42 22.00 12.81
C TYR H 107 13.39 22.09 13.93
N TRP H 108 13.25 23.28 14.51
CA TRP H 108 12.35 23.49 15.63
C TRP H 108 11.33 24.57 15.30
N GLY H 109 10.12 24.40 15.85
CA GLY H 109 9.18 25.49 15.93
C GLY H 109 9.42 26.33 17.18
N GLN H 110 8.75 27.49 17.22
CA GLN H 110 8.94 28.39 18.35
C GLN H 110 8.14 27.98 19.58
N GLY H 111 7.13 27.14 19.42
CA GLY H 111 6.43 26.64 20.58
C GLY H 111 5.02 27.19 20.69
N THR H 112 4.14 26.40 21.32
CA THR H 112 2.75 26.77 21.50
C THR H 112 2.34 26.49 22.95
N GLN H 113 1.71 27.46 23.60
CA GLN H 113 1.33 27.29 24.99
C GLN H 113 0.09 26.40 25.08
N VAL H 114 0.14 25.43 25.99
CA VAL H 114 -1.00 24.57 26.30
C VAL H 114 -1.21 24.63 27.81
N THR H 115 -2.40 25.05 28.23
CA THR H 115 -2.73 25.18 29.64
C THR H 115 -3.92 24.28 29.95
N VAL H 116 -3.82 23.53 31.03
CA VAL H 116 -4.89 22.65 31.48
C VAL H 116 -5.29 23.08 32.88
N SER H 117 -6.57 23.36 33.07
CA SER H 117 -7.07 23.81 34.36
C SER H 117 -7.43 22.63 35.26
N PHE I 8 -17.02 24.45 -42.00
CA PHE I 8 -17.78 23.21 -42.09
C PHE I 8 -17.87 22.56 -40.71
N THR I 9 -16.73 22.34 -40.09
CA THR I 9 -16.66 21.82 -38.72
C THR I 9 -15.45 22.47 -38.05
N GLU I 10 -15.70 23.42 -37.16
CA GLU I 10 -14.64 24.31 -36.69
C GLU I 10 -14.79 24.58 -35.20
N ASN I 11 -13.64 24.76 -34.54
CA ASN I 11 -13.59 25.33 -33.20
C ASN I 11 -12.53 26.43 -33.22
N ASN I 12 -12.08 26.83 -32.03
CA ASN I 12 -11.15 27.96 -31.92
C ASN I 12 -9.73 27.62 -32.36
N ARG I 13 -9.45 26.38 -32.74
CA ARG I 13 -8.08 25.97 -33.06
C ARG I 13 -7.89 25.42 -34.46
N TYR I 14 -8.91 24.83 -35.08
CA TYR I 14 -8.73 24.20 -36.38
C TYR I 14 -10.09 24.00 -37.05
N ILE I 15 -10.03 23.66 -38.33
CA ILE I 15 -11.20 23.45 -39.16
C ILE I 15 -11.06 22.10 -39.86
N VAL I 16 -12.19 21.42 -40.06
CA VAL I 16 -12.23 20.17 -40.80
C VAL I 16 -13.27 20.32 -41.90
N LYS I 17 -12.83 20.28 -43.16
CA LYS I 17 -13.68 20.43 -44.31
C LYS I 17 -13.79 19.10 -45.06
N THR I 18 -14.99 18.76 -45.50
CA THR I 18 -15.23 17.47 -46.14
C THR I 18 -14.80 17.47 -47.61
N LEU I 19 -14.91 18.61 -48.29
CA LEU I 19 -14.62 18.71 -49.72
C LEU I 19 -15.53 17.79 -50.54
N TYR I 23 -13.56 8.36 -56.75
CA TYR I 23 -14.81 8.41 -56.04
C TYR I 23 -15.56 7.10 -56.16
N SER I 24 -15.62 6.58 -57.37
CA SER I 24 -16.32 5.33 -57.67
C SER I 24 -15.59 4.11 -57.13
N SER I 25 -16.34 3.12 -56.71
CA SER I 25 -15.76 1.92 -56.17
C SER I 25 -15.35 0.89 -57.19
N GLY I 26 -14.98 -0.27 -56.71
CA GLY I 26 -14.61 -1.35 -57.59
C GLY I 26 -15.10 -2.67 -57.01
N ASP I 31 -10.86 -5.18 -53.79
CA ASP I 31 -11.29 -3.90 -53.26
C ASP I 31 -10.10 -3.07 -52.76
N GLU I 32 -8.90 -3.58 -52.98
CA GLU I 32 -7.70 -2.87 -52.54
C GLU I 32 -7.52 -1.58 -53.35
N LEU I 33 -7.17 -0.50 -52.65
CA LEU I 33 -6.97 0.80 -53.26
C LEU I 33 -5.64 1.39 -52.80
N ASN I 34 -5.02 2.17 -53.68
CA ASN I 34 -3.77 2.85 -53.39
C ASN I 34 -3.75 4.19 -54.09
N GLY I 35 -3.34 5.23 -53.37
CA GLY I 35 -3.29 6.56 -53.97
C GLY I 35 -2.82 7.58 -52.96
N TYR I 36 -2.61 8.79 -53.45
CA TYR I 36 -2.14 9.89 -52.62
C TYR I 36 -2.51 11.20 -53.31
N ILE I 37 -2.02 12.30 -52.76
CA ILE I 37 -2.32 13.63 -53.31
C ILE I 37 -1.06 14.50 -53.14
N ASP I 38 -0.55 15.03 -54.25
CA ASP I 38 0.66 15.84 -54.26
C ASP I 38 0.25 17.29 -54.50
N MET I 39 0.40 18.13 -53.47
CA MET I 39 0.00 19.53 -53.60
C MET I 39 1.05 20.38 -54.30
N GLN I 40 2.32 19.99 -54.21
CA GLN I 40 3.36 20.72 -54.93
C GLN I 40 3.19 20.57 -56.44
N ILE I 41 2.96 19.34 -56.90
CA ILE I 41 2.60 19.14 -58.29
C ILE I 41 1.21 19.73 -58.56
N GLY I 42 0.34 19.70 -57.56
CA GLY I 42 -1.01 20.23 -57.72
C GLY I 42 -2.04 19.22 -58.19
N TYR I 43 -1.76 17.92 -58.06
CA TYR I 43 -2.64 16.88 -58.57
C TYR I 43 -2.78 15.76 -57.55
N GLY I 44 -3.96 15.16 -57.54
CA GLY I 44 -4.21 13.96 -56.74
C GLY I 44 -4.38 12.76 -57.63
N LEU I 45 -4.13 11.58 -57.06
CA LEU I 45 -4.05 10.33 -57.81
C LEU I 45 -4.63 9.21 -56.97
N VAL I 46 -5.39 8.32 -57.61
CA VAL I 46 -5.93 7.16 -56.91
C VAL I 46 -6.10 6.03 -57.92
N ASN I 47 -5.73 4.81 -57.52
CA ASN I 47 -5.73 3.69 -58.45
C ASN I 47 -6.10 2.41 -57.72
N ASP I 48 -6.68 1.48 -58.50
CA ASP I 48 -6.92 0.11 -58.05
C ASP I 48 -6.05 -0.86 -58.85
N HIS I 49 -6.62 -2.01 -59.21
CA HIS I 49 -5.89 -2.99 -60.00
C HIS I 49 -6.06 -2.80 -61.50
N LYS I 50 -6.94 -1.90 -61.93
CA LYS I 50 -7.28 -1.76 -63.34
C LYS I 50 -6.87 -0.42 -63.92
N LYS I 51 -7.20 0.69 -63.26
CA LYS I 51 -6.95 2.01 -63.81
C LYS I 51 -6.50 2.95 -62.70
N VAL I 52 -5.98 4.11 -63.12
CA VAL I 52 -5.60 5.19 -62.22
C VAL I 52 -6.27 6.47 -62.67
N TYR I 53 -6.76 7.25 -61.71
CA TYR I 53 -7.40 8.53 -61.96
C TYR I 53 -6.56 9.64 -61.35
N ILE I 54 -6.33 10.68 -62.14
CA ILE I 54 -5.53 11.84 -61.75
C ILE I 54 -6.37 13.08 -61.99
N TRP I 55 -6.19 14.07 -61.12
CA TRP I 55 -7.02 15.28 -61.21
C TRP I 55 -6.37 16.41 -60.40
N ASN I 56 -6.32 17.60 -60.98
CA ASN I 56 -5.75 18.72 -60.25
C ASN I 56 -6.70 19.19 -59.16
N ILE I 57 -6.13 19.68 -58.06
CA ILE I 57 -6.91 20.07 -56.89
C ILE I 57 -7.48 21.47 -57.02
N TYR I 66 -10.00 14.95 -64.76
CA TYR I 66 -9.87 13.65 -64.11
C TYR I 66 -9.48 12.58 -65.12
N ILE I 67 -8.22 12.61 -65.56
CA ILE I 67 -7.75 11.67 -66.57
C ILE I 67 -7.64 10.27 -65.99
N THR I 68 -7.79 9.27 -66.86
CA THR I 68 -7.72 7.87 -66.49
C THR I 68 -6.68 7.18 -67.35
N VAL I 69 -5.82 6.38 -66.72
CA VAL I 69 -4.78 5.63 -67.41
C VAL I 69 -4.93 4.17 -66.99
N PRO I 70 -5.11 3.23 -67.92
CA PRO I 70 -5.21 1.83 -67.52
C PRO I 70 -3.90 1.07 -67.70
N PHE I 71 -3.86 -0.18 -67.26
CA PHE I 71 -2.67 -1.01 -67.39
C PHE I 71 -3.02 -2.49 -67.31
N PRO I 83 -0.33 -2.50 -57.96
CA PRO I 83 0.32 -1.46 -58.77
C PRO I 83 0.43 -0.15 -58.00
N ARG I 84 1.62 0.46 -58.01
CA ARG I 84 1.85 1.69 -57.24
C ARG I 84 2.33 2.79 -58.16
N CYS I 85 1.69 3.96 -58.07
CA CYS I 85 1.93 5.06 -58.99
C CYS I 85 2.44 6.27 -58.23
N ILE I 86 3.14 7.14 -58.96
CA ILE I 86 3.63 8.41 -58.42
C ILE I 86 3.63 9.44 -59.54
N LEU I 87 3.05 10.61 -59.26
CA LEU I 87 3.08 11.72 -60.21
C LEU I 87 4.47 12.36 -60.21
N THR I 88 4.99 12.65 -61.41
CA THR I 88 6.24 13.38 -61.56
C THR I 88 5.96 14.80 -62.02
N PHE I 89 7.02 15.61 -62.04
CA PHE I 89 6.88 17.01 -62.43
C PHE I 89 6.85 17.14 -63.95
N PRO I 90 6.27 18.24 -64.48
CA PRO I 90 5.80 18.23 -65.89
C PRO I 90 6.86 17.94 -66.95
N ALA I 91 7.87 18.80 -67.04
CA ALA I 91 8.87 18.77 -68.11
C ALA I 91 9.57 17.42 -68.24
N GLU I 107 -0.03 23.95 -67.61
CA GLU I 107 1.16 23.15 -67.39
C GLU I 107 0.82 21.86 -66.63
N THR I 108 1.32 20.73 -67.13
CA THR I 108 0.97 19.41 -66.61
C THR I 108 1.90 18.38 -67.24
N GLY I 109 2.20 17.32 -66.49
CA GLY I 109 2.91 16.19 -67.07
C GLY I 109 3.58 15.21 -66.11
N GLY I 110 3.56 13.93 -66.46
CA GLY I 110 4.40 12.92 -65.86
C GLY I 110 3.69 11.96 -64.91
N LEU I 111 4.01 10.67 -65.02
CA LEU I 111 3.45 9.63 -64.16
C LEU I 111 4.34 8.39 -64.26
N ILE I 112 4.68 7.80 -63.11
CA ILE I 112 5.45 6.57 -63.05
C ILE I 112 4.59 5.50 -62.40
N ILE I 113 4.55 4.32 -63.02
CA ILE I 113 3.75 3.19 -62.53
C ILE I 113 4.68 2.00 -62.36
N ILE I 114 4.67 1.41 -61.17
CA ILE I 114 5.44 0.22 -60.86
C ILE I 114 4.47 -0.93 -60.67
N LYS I 115 4.65 -1.99 -61.46
CA LYS I 115 3.89 -3.22 -61.34
C LYS I 115 4.87 -4.37 -61.36
N GLY I 116 4.86 -5.18 -60.30
CA GLY I 116 5.84 -6.25 -60.18
C GLY I 116 7.24 -5.69 -60.15
N SER I 117 8.06 -6.09 -61.12
CA SER I 117 9.41 -5.58 -61.25
C SER I 117 9.58 -4.66 -62.46
N LYS I 118 8.47 -4.17 -63.00
CA LYS I 118 8.49 -3.33 -64.21
C LYS I 118 7.99 -1.93 -63.87
N ALA I 119 8.79 -0.92 -64.21
CA ALA I 119 8.42 0.47 -64.04
C ALA I 119 8.25 1.12 -65.41
N ILE I 120 7.22 1.95 -65.53
CA ILE I 120 6.90 2.65 -66.77
C ILE I 120 6.69 4.12 -66.46
N TYR I 121 7.33 4.99 -67.24
CA TYR I 121 7.29 6.43 -67.02
C TYR I 121 6.74 7.12 -68.26
N TYR I 122 5.74 7.98 -68.04
CA TYR I 122 5.17 8.85 -69.07
C TYR I 122 5.59 10.28 -68.73
N GLU I 123 6.42 10.87 -69.59
CA GLU I 123 6.85 12.25 -69.37
C GLU I 123 5.66 13.21 -69.38
N ASP I 124 4.60 12.87 -70.10
CA ASP I 124 3.34 13.58 -70.06
C ASP I 124 2.22 12.55 -69.95
N ILE I 125 1.27 12.80 -69.05
CA ILE I 125 0.20 11.83 -68.82
C ILE I 125 -0.91 11.89 -69.85
N ASN I 126 -0.90 12.91 -70.71
CA ASN I 126 -1.97 13.07 -71.70
C ASN I 126 -1.78 12.13 -72.89
N PHE I 139 4.20 6.30 -75.65
CA PHE I 139 5.35 7.19 -75.56
C PHE I 139 5.93 7.16 -74.16
N SER I 140 6.33 5.97 -73.71
CA SER I 140 6.79 5.75 -72.35
C SER I 140 8.19 5.17 -72.33
N HIS I 141 8.83 5.28 -71.17
CA HIS I 141 10.12 4.67 -70.88
C HIS I 141 9.92 3.51 -69.93
N GLU I 142 10.64 2.41 -70.15
CA GLU I 142 10.46 1.20 -69.37
C GLU I 142 11.76 0.82 -68.67
N LEU I 143 11.63 0.18 -67.51
CA LEU I 143 12.79 -0.27 -66.76
C LEU I 143 12.44 -1.53 -65.96
N GLU I 144 13.30 -2.54 -66.06
CA GLU I 144 13.13 -3.75 -65.28
C GLU I 144 13.89 -3.60 -63.96
N LEU I 145 13.19 -3.80 -62.85
CA LEU I 145 13.81 -3.60 -61.55
C LEU I 145 14.25 -4.93 -60.94
N PRO I 146 15.30 -4.92 -60.12
CA PRO I 146 15.74 -6.17 -59.48
C PRO I 146 14.84 -6.58 -58.32
N ILE I 147 13.53 -6.45 -58.51
CA ILE I 147 12.55 -6.85 -57.51
C ILE I 147 12.14 -8.28 -57.76
N ASN I 148 12.25 -9.12 -56.73
CA ASN I 148 11.85 -10.53 -56.82
C ASN I 148 10.33 -10.60 -56.67
N SER I 149 9.63 -10.56 -57.80
CA SER I 149 8.17 -10.57 -57.76
C SER I 149 7.62 -11.94 -57.38
N SER I 150 8.33 -13.02 -57.75
CA SER I 150 7.84 -14.35 -57.42
C SER I 150 8.00 -14.64 -55.93
N GLY I 151 8.96 -13.99 -55.27
CA GLY I 151 9.17 -14.19 -53.85
C GLY I 151 8.24 -13.38 -52.98
N GLY I 152 7.09 -12.99 -53.54
CA GLY I 152 6.10 -12.23 -52.80
C GLY I 152 6.50 -10.81 -52.46
N GLU I 153 7.56 -10.28 -53.07
CA GLU I 153 8.05 -8.95 -52.76
C GLU I 153 7.37 -7.92 -53.65
N LYS I 154 6.95 -6.80 -53.05
CA LYS I 154 6.31 -5.71 -53.75
C LYS I 154 6.98 -4.40 -53.37
N CYS I 155 6.81 -3.40 -54.22
CA CYS I 155 7.19 -2.04 -53.86
C CYS I 155 6.22 -1.51 -52.81
N ASP I 156 6.75 -0.93 -51.74
CA ASP I 156 5.95 -0.45 -50.63
C ASP I 156 5.91 1.08 -50.59
N LEU I 157 7.03 1.73 -50.30
CA LEU I 157 7.11 3.17 -50.21
C LEU I 157 7.86 3.74 -51.41
N MET I 158 7.45 4.93 -51.83
CA MET I 158 8.11 5.62 -52.92
C MET I 158 7.98 7.12 -52.74
N LEU I 159 9.03 7.85 -53.11
CA LEU I 159 9.12 9.28 -52.88
C LEU I 159 9.59 9.97 -54.15
N ASN I 160 8.95 11.08 -54.50
CA ASN I 160 9.42 11.96 -55.57
C ASN I 160 10.43 12.92 -54.96
N CYS I 161 11.70 12.75 -55.32
CA CYS I 161 12.74 13.64 -54.81
C CYS I 161 13.40 14.40 -55.96
N GLU I 162 12.60 14.94 -56.86
CA GLU I 162 13.13 15.73 -57.95
C GLU I 162 13.73 17.03 -57.39
N PRO I 163 14.73 17.61 -58.07
CA PRO I 163 15.29 17.22 -59.38
C PRO I 163 16.24 16.02 -59.35
N ALA I 164 16.42 15.41 -58.18
CA ALA I 164 17.32 14.26 -58.10
C ALA I 164 16.73 13.04 -58.78
N GLY I 165 15.49 12.69 -58.43
CA GLY I 165 14.84 11.54 -59.05
C GLY I 165 13.75 10.94 -58.20
N ILE I 166 13.68 9.61 -58.17
CA ILE I 166 12.67 8.89 -57.43
C ILE I 166 13.36 7.85 -56.54
N VAL I 167 12.88 7.73 -55.30
CA VAL I 167 13.41 6.74 -54.37
C VAL I 167 12.29 5.77 -54.02
N LEU I 168 12.59 4.48 -54.16
CA LEU I 168 11.63 3.42 -53.87
C LEU I 168 12.15 2.53 -52.75
N SER I 169 11.23 2.00 -51.96
CA SER I 169 11.53 0.96 -50.99
C SER I 169 10.61 -0.23 -51.24
N THR I 170 11.05 -1.39 -50.80
CA THR I 170 10.30 -2.62 -51.00
C THR I 170 9.89 -3.21 -49.65
N ASN I 171 8.95 -4.15 -49.70
CA ASN I 171 8.53 -4.84 -48.49
C ASN I 171 9.68 -5.62 -47.86
N MET I 172 10.68 -5.99 -48.65
CA MET I 172 11.83 -6.73 -48.17
C MET I 172 12.95 -5.83 -47.66
N GLY I 173 12.81 -4.51 -47.79
CA GLY I 173 13.77 -3.59 -47.21
C GLY I 173 14.85 -3.07 -48.13
N ARG I 174 14.76 -3.36 -49.43
CA ARG I 174 15.73 -2.80 -50.36
C ARG I 174 15.29 -1.40 -50.80
N ILE I 175 16.28 -0.58 -51.15
CA ILE I 175 16.04 0.83 -51.50
C ILE I 175 16.71 1.12 -52.83
N PHE I 176 15.93 1.70 -53.75
CA PHE I 176 16.41 2.05 -55.08
C PHE I 176 16.37 3.56 -55.26
N PHE I 177 17.46 4.13 -55.76
CA PHE I 177 17.48 5.47 -56.30
C PHE I 177 17.46 5.37 -57.81
N ILE I 178 16.44 5.96 -58.44
CA ILE I 178 16.19 5.91 -59.87
C ILE I 178 16.20 7.33 -60.41
N THR I 179 16.81 7.51 -61.59
CA THR I 179 16.88 8.81 -62.24
C THR I 179 15.86 8.87 -63.38
N ILE I 180 15.23 10.03 -63.55
CA ILE I 180 14.30 10.25 -64.65
C ILE I 180 14.87 11.18 -65.71
N ARG I 181 15.87 11.98 -65.38
CA ARG I 181 16.58 12.81 -66.35
C ARG I 181 18.00 12.29 -66.53
N ASN I 182 18.51 12.35 -67.76
CA ASN I 182 19.78 11.73 -68.14
C ASN I 182 20.71 12.77 -68.77
N SER I 183 21.32 13.60 -67.92
CA SER I 183 22.47 14.44 -68.25
C SER I 183 22.19 15.52 -69.30
N MET I 184 21.09 15.38 -70.04
CA MET I 184 20.70 16.37 -71.04
C MET I 184 19.34 16.99 -70.73
N GLY I 185 18.78 16.73 -69.55
CA GLY I 185 17.37 16.99 -69.37
C GLY I 185 16.48 16.01 -70.09
N LYS I 186 17.07 14.98 -70.76
CA LYS I 186 16.35 13.97 -71.53
C LYS I 186 15.64 12.99 -70.59
N PRO I 187 14.37 12.71 -70.84
CA PRO I 187 13.62 11.76 -69.99
C PRO I 187 14.16 10.35 -70.13
N GLN I 188 14.55 9.77 -69.00
CA GLN I 188 15.05 8.40 -68.93
C GLN I 188 14.32 7.66 -67.83
N LEU I 189 14.71 6.40 -67.63
CA LEU I 189 14.23 5.59 -66.51
C LEU I 189 15.32 4.54 -66.25
N LYS I 190 16.40 4.99 -65.63
CA LYS I 190 17.57 4.16 -65.39
C LYS I 190 17.82 4.04 -63.89
N LEU I 191 18.39 2.92 -63.49
CA LEU I 191 18.69 2.68 -62.09
C LEU I 191 19.90 3.51 -61.66
N GLY I 192 19.75 4.26 -60.58
CA GLY I 192 20.83 5.06 -60.06
C GLY I 192 21.72 4.28 -59.12
N LYS I 193 21.14 3.73 -58.06
CA LYS I 193 21.92 3.00 -57.07
C LYS I 193 21.00 2.23 -56.13
N LEU I 194 21.60 1.32 -55.37
CA LEU I 194 20.95 0.70 -54.23
C LEU I 194 21.50 1.32 -52.95
N LEU I 195 20.62 1.53 -51.97
CA LEU I 195 20.98 2.17 -50.71
C LEU I 195 20.70 1.25 -49.52
N ASN I 196 20.85 -0.06 -49.72
CA ASN I 196 20.48 -1.03 -48.71
C ASN I 196 21.61 -1.97 -48.29
N LYS I 197 22.65 -2.12 -49.11
CA LYS I 197 23.77 -3.01 -48.81
C LYS I 197 23.29 -4.44 -48.53
N ASN I 211 13.30 -8.93 -40.39
CA ASN I 211 11.97 -8.40 -40.08
C ASN I 211 11.99 -6.89 -39.91
N SER I 212 12.86 -6.22 -40.68
CA SER I 212 12.96 -4.77 -40.66
C SER I 212 12.53 -4.21 -42.02
N SER I 213 12.04 -2.97 -41.99
CA SER I 213 11.55 -2.33 -43.21
C SER I 213 11.65 -0.82 -43.06
N VAL I 214 11.66 -0.14 -44.21
CA VAL I 214 11.66 1.31 -44.25
C VAL I 214 10.26 1.82 -43.91
N VAL I 215 10.18 2.84 -43.06
CA VAL I 215 8.90 3.39 -42.65
C VAL I 215 8.70 4.83 -43.11
N SER I 216 9.74 5.55 -43.53
CA SER I 216 9.56 6.93 -43.95
C SER I 216 10.65 7.31 -44.97
N LEU I 217 10.24 8.05 -46.00
CA LEU I 217 11.14 8.64 -46.98
C LEU I 217 10.75 10.12 -47.11
N ARG I 218 11.67 11.01 -46.76
CA ARG I 218 11.38 12.43 -46.71
C ARG I 218 12.36 13.21 -47.60
N ASN I 219 11.84 14.25 -48.23
CA ASN I 219 12.68 15.17 -48.99
C ASN I 219 13.39 16.14 -48.05
N GLY I 220 14.65 16.42 -48.35
CA GLY I 220 15.38 17.45 -47.65
C GLY I 220 15.54 18.66 -48.54
N PRO I 221 16.44 19.57 -48.17
CA PRO I 221 16.68 20.76 -49.00
C PRO I 221 17.23 20.37 -50.37
N ILE I 222 16.97 21.25 -51.34
CA ILE I 222 17.61 21.18 -52.65
C ILE I 222 18.92 21.95 -52.57
N LEU I 223 20.03 21.24 -52.68
CA LEU I 223 21.36 21.78 -52.43
C LEU I 223 22.03 22.34 -53.68
N GLY I 224 21.43 22.18 -54.86
CA GLY I 224 22.01 22.73 -56.07
C GLY I 224 21.26 22.23 -57.29
N LYS I 225 21.93 22.33 -58.45
CA LYS I 225 21.38 21.86 -59.71
C LYS I 225 21.30 20.34 -59.71
N GLY I 226 20.07 19.81 -59.68
CA GLY I 226 19.84 18.38 -59.77
C GLY I 226 20.09 17.59 -58.51
N THR I 227 20.59 18.20 -57.45
CA THR I 227 20.92 17.51 -56.21
C THR I 227 19.89 17.82 -55.13
N ARG I 228 19.69 16.85 -54.24
CA ARG I 228 18.67 16.94 -53.21
C ARG I 228 19.00 15.96 -52.09
N LEU I 229 18.70 16.37 -50.86
CA LEU I 229 18.85 15.50 -49.69
C LEU I 229 17.59 14.68 -49.50
N VAL I 230 17.76 13.44 -49.02
CA VAL I 230 16.66 12.54 -48.72
C VAL I 230 16.94 11.87 -47.39
N TYR I 231 15.93 11.83 -46.52
CA TYR I 231 16.03 11.19 -45.22
C TYR I 231 15.31 9.84 -45.27
N ILE I 232 15.98 8.80 -44.79
CA ILE I 232 15.44 7.45 -44.74
C ILE I 232 15.42 7.00 -43.28
N THR I 233 14.31 6.40 -42.87
CA THR I 233 14.15 5.87 -41.52
C THR I 233 13.64 4.44 -41.62
N THR I 234 14.33 3.52 -40.94
CA THR I 234 13.94 2.12 -40.93
C THR I 234 13.14 1.83 -39.68
N ASN I 235 12.50 0.67 -39.64
CA ASN I 235 11.70 0.27 -38.49
C ASN I 235 12.53 0.12 -37.22
N LYS I 236 13.73 -0.44 -37.36
CA LYS I 236 14.62 -0.67 -36.23
C LYS I 236 15.42 0.54 -35.75
N GLY I 237 15.28 1.69 -36.41
CA GLY I 237 16.02 2.83 -35.99
C GLY I 237 17.14 3.36 -36.76
N ILE I 238 17.38 2.86 -37.94
CA ILE I 238 18.43 3.40 -38.72
C ILE I 238 17.95 4.64 -39.40
N PHE I 239 18.66 5.71 -39.25
CA PHE I 239 18.35 6.99 -39.90
C PHE I 239 19.52 7.39 -40.77
N GLN I 240 19.20 7.79 -42.01
CA GLN I 240 20.22 8.11 -42.99
C GLN I 240 19.83 9.37 -43.77
N THR I 241 20.74 10.33 -43.82
CA THR I 241 20.64 11.46 -44.73
C THR I 241 21.55 11.20 -45.93
N TRP I 242 20.95 11.10 -47.11
CA TRP I 242 21.62 10.87 -48.38
C TRP I 242 21.60 12.14 -49.22
N GLN I 243 22.67 12.36 -49.99
CA GLN I 243 22.71 13.43 -50.98
C GLN I 243 22.65 12.77 -52.36
N LEU I 244 21.47 12.79 -52.97
CA LEU I 244 21.26 12.18 -54.28
C LEU I 244 21.25 13.26 -55.36
N SER I 245 21.57 12.86 -56.58
CA SER I 245 21.56 13.79 -57.70
C SER I 245 21.36 13.02 -59.01
N ALA I 246 20.79 13.71 -60.00
CA ALA I 246 20.60 13.10 -61.32
C ALA I 246 21.90 13.06 -62.10
N THR I 247 22.75 14.08 -61.96
CA THR I 247 24.01 14.16 -62.67
C THR I 247 24.94 13.01 -62.31
N SER I 249 25.86 10.67 -60.48
CA SER I 249 26.99 10.85 -59.57
C SER I 249 27.27 9.59 -58.76
N HIS I 250 27.66 9.81 -57.51
CA HIS I 250 27.82 8.73 -56.54
C HIS I 250 27.14 9.16 -55.25
N PRO I 251 26.02 8.53 -54.89
CA PRO I 251 25.34 8.90 -53.63
C PRO I 251 26.27 8.77 -52.44
N THR I 252 26.25 9.77 -51.59
CA THR I 252 27.10 9.81 -50.40
C THR I 252 26.22 10.00 -49.17
N LYS I 253 26.38 9.11 -48.20
CA LYS I 253 25.66 9.23 -46.94
C LYS I 253 26.24 10.40 -46.15
N LEU I 254 25.42 11.42 -45.90
CA LEU I 254 25.79 12.48 -44.98
C LEU I 254 25.52 12.11 -43.54
N ILE I 255 24.49 11.30 -43.27
CA ILE I 255 24.21 10.83 -41.92
C ILE I 255 23.82 9.37 -41.99
N ASP I 256 24.35 8.56 -41.07
CA ASP I 256 23.94 7.17 -40.94
C ASP I 256 24.14 6.77 -39.48
N VAL I 257 23.05 6.81 -38.70
CA VAL I 257 23.10 6.51 -37.28
C VAL I 257 21.99 5.53 -36.92
N ASN I 258 22.09 4.96 -35.73
CA ASN I 258 21.06 4.11 -35.16
C ASN I 258 20.57 4.78 -33.88
N ILE I 259 19.34 5.30 -33.92
CA ILE I 259 18.77 6.02 -32.79
C ILE I 259 17.88 5.13 -31.94
N TYR I 260 17.79 3.84 -32.26
CA TYR I 260 16.88 2.95 -31.53
C TYR I 260 17.25 2.88 -30.06
N GLU I 261 18.52 2.62 -29.76
CA GLU I 261 18.96 2.48 -28.37
C GLU I 261 18.81 3.79 -27.60
N ALA I 262 18.92 4.94 -28.28
CA ALA I 262 18.81 6.22 -27.58
C ALA I 262 17.39 6.48 -27.12
N ILE I 263 16.41 6.31 -28.02
CA ILE I 263 15.01 6.45 -27.63
C ILE I 263 14.67 5.41 -26.57
N LEU I 264 15.12 4.16 -26.76
CA LEU I 264 14.86 3.11 -25.79
C LEU I 264 15.39 3.48 -24.41
N GLU I 265 16.59 4.08 -24.37
CA GLU I 265 17.15 4.52 -23.10
C GLU I 265 16.32 5.66 -22.51
N SER I 266 15.82 6.55 -23.36
CA SER I 266 14.97 7.63 -22.88
C SER I 266 13.68 7.10 -22.28
N LEU I 267 13.24 5.89 -22.68
CA LEU I 267 11.95 5.37 -22.24
C LEU I 267 12.03 4.24 -21.23
N GLN I 268 13.17 3.56 -21.09
CA GLN I 268 13.20 2.27 -20.40
C GLN I 268 12.96 2.40 -18.89
N ASP I 269 13.40 3.50 -18.28
CA ASP I 269 13.21 3.65 -16.84
C ASP I 269 11.74 3.87 -16.50
N LEU I 270 11.11 4.84 -17.17
CA LEU I 270 9.69 5.10 -16.93
C LEU I 270 8.82 3.99 -17.49
N TYR I 271 9.17 3.45 -18.66
CA TYR I 271 8.39 2.41 -19.33
C TYR I 271 9.31 1.22 -19.62
N PRO I 272 9.48 0.33 -18.64
CA PRO I 272 10.35 -0.85 -18.87
C PRO I 272 9.87 -1.75 -19.99
N PHE I 273 8.56 -1.79 -20.25
CA PHE I 273 8.04 -2.63 -21.31
C PHE I 273 8.42 -2.14 -22.70
N ALA I 274 9.15 -1.04 -22.81
CA ALA I 274 9.63 -0.60 -24.11
C ALA I 274 10.59 -1.61 -24.72
N HIS I 275 11.30 -2.36 -23.89
CA HIS I 275 12.24 -3.37 -24.36
C HIS I 275 11.47 -4.51 -25.02
N GLY I 276 11.66 -4.67 -26.33
CA GLY I 276 10.98 -5.71 -27.08
C GLY I 276 9.76 -5.24 -27.85
N THR I 277 9.31 -4.00 -27.64
CA THR I 277 8.13 -3.47 -28.31
C THR I 277 8.34 -2.14 -29.01
N LEU I 278 9.37 -1.37 -28.65
CA LEU I 278 9.60 -0.07 -29.28
C LEU I 278 9.77 -0.23 -30.78
N LYS I 279 8.98 0.53 -31.54
CA LYS I 279 9.08 0.49 -33.00
C LYS I 279 8.86 1.89 -33.55
N ILE I 280 9.68 2.26 -34.54
CA ILE I 280 9.60 3.57 -35.17
C ILE I 280 8.62 3.50 -36.32
N TRP I 281 7.70 4.47 -36.38
CA TRP I 281 6.67 4.50 -37.40
C TRP I 281 6.88 5.54 -38.48
N ASP I 282 7.52 6.66 -38.15
CA ASP I 282 7.66 7.75 -39.11
C ASP I 282 8.66 8.77 -38.57
N SER I 283 9.15 9.62 -39.47
CA SER I 283 10.00 10.74 -39.11
C SER I 283 9.65 11.92 -40.00
N HIS I 284 10.00 13.12 -39.54
CA HIS I 284 9.70 14.34 -40.29
C HIS I 284 10.77 15.38 -40.01
N PRO I 285 11.22 16.10 -41.02
CA PRO I 285 12.19 17.19 -40.79
C PRO I 285 11.55 18.32 -40.00
N LEU I 286 12.40 19.07 -39.29
CA LEU I 286 12.00 20.28 -38.60
C LEU I 286 12.59 21.47 -39.33
N GLN I 287 12.34 22.68 -38.79
CA GLN I 287 12.82 23.89 -39.45
C GLN I 287 14.33 23.92 -39.54
N ASP I 288 15.02 23.33 -38.56
CA ASP I 288 16.46 23.19 -38.62
C ASP I 288 16.83 21.96 -39.44
N GLU I 289 17.77 22.11 -40.37
CA GLU I 289 18.18 20.99 -41.20
C GLU I 289 18.74 19.84 -40.35
N SER I 290 19.35 20.16 -39.21
CA SER I 290 20.02 19.18 -38.37
C SER I 290 19.10 18.50 -37.36
N SER I 291 17.84 18.90 -37.29
CA SER I 291 16.91 18.35 -36.31
C SER I 291 15.78 17.62 -37.01
N GLN I 292 15.37 16.50 -36.42
CA GLN I 292 14.28 15.68 -36.94
C GLN I 292 13.35 15.30 -35.79
N LEU I 293 12.11 14.97 -36.16
CA LEU I 293 11.10 14.51 -35.23
C LEU I 293 10.73 13.07 -35.57
N PHE I 294 10.74 12.20 -34.57
CA PHE I 294 10.49 10.78 -34.77
C PHE I 294 9.25 10.35 -34.00
N LEU I 295 8.37 9.61 -34.69
CA LEU I 295 7.18 9.03 -34.09
C LEU I 295 7.45 7.56 -33.84
N SER I 296 7.24 7.12 -32.59
CA SER I 296 7.50 5.74 -32.20
C SER I 296 6.34 5.25 -31.35
N SER I 297 6.33 3.94 -31.10
CA SER I 297 5.34 3.35 -30.22
C SER I 297 6.00 2.31 -29.33
N ILE I 298 5.47 2.19 -28.10
CA ILE I 298 5.81 1.10 -27.20
C ILE I 298 4.51 0.48 -26.73
N TYR I 299 4.60 -0.78 -26.30
CA TYR I 299 3.41 -1.56 -25.97
C TYR I 299 3.59 -2.21 -24.60
N ASP I 300 2.58 -2.06 -23.75
CA ASP I 300 2.52 -2.67 -22.42
C ASP I 300 1.55 -3.84 -22.52
N SER I 301 2.09 -5.06 -22.53
CA SER I 301 1.27 -6.26 -22.66
C SER I 301 0.52 -6.56 -21.37
N SER I 302 1.06 -6.15 -20.22
CA SER I 302 0.37 -6.33 -18.96
C SER I 302 -1.00 -5.66 -18.99
N CYS I 303 -1.05 -4.39 -19.41
CA CYS I 303 -2.27 -3.61 -19.40
C CYS I 303 -2.84 -3.39 -20.80
N ASN I 304 -2.28 -4.05 -21.83
CA ASN I 304 -2.79 -3.97 -23.19
C ASN I 304 -2.87 -2.52 -23.68
N GLU I 305 -1.84 -1.74 -23.37
CA GLU I 305 -1.84 -0.32 -23.73
C GLU I 305 -0.73 -0.04 -24.73
N THR I 306 -0.96 0.99 -25.56
CA THR I 306 0.04 1.42 -26.53
C THR I 306 0.31 2.90 -26.32
N TYR I 307 1.58 3.26 -26.19
CA TYR I 307 2.00 4.64 -26.02
C TYR I 307 2.75 5.09 -27.27
N TYR I 308 2.50 6.34 -27.67
CA TYR I 308 3.14 6.94 -28.83
C TYR I 308 4.04 8.08 -28.40
N ILE I 309 5.24 8.12 -28.99
CA ILE I 309 6.34 8.94 -28.51
C ILE I 309 6.85 9.82 -29.65
N LEU I 310 6.87 11.12 -29.43
CA LEU I 310 7.50 12.08 -30.32
C LEU I 310 8.86 12.43 -29.72
N SER I 311 9.93 12.05 -30.41
CA SER I 311 11.30 12.31 -29.99
C SER I 311 11.92 13.32 -30.93
N THR I 312 12.34 14.45 -30.38
CA THR I 312 13.03 15.48 -31.15
C THR I 312 14.52 15.28 -30.97
N ILE I 313 15.21 15.00 -32.09
CA ILE I 313 16.62 14.60 -32.11
C ILE I 313 17.39 15.57 -32.99
N ILE I 314 18.54 16.03 -32.51
CA ILE I 314 19.39 16.97 -33.22
C ILE I 314 20.65 16.23 -33.70
N PHE I 315 20.94 16.33 -34.98
CA PHE I 315 22.04 15.60 -35.60
C PHE I 315 23.23 16.51 -35.88
N ASP I 316 24.42 15.93 -35.86
CA ASP I 316 25.67 16.62 -36.18
C ASP I 316 26.33 15.86 -37.32
N SER I 317 26.43 16.49 -38.49
CA SER I 317 27.00 15.82 -39.65
C SER I 317 28.51 15.65 -39.54
N SER I 318 29.18 16.49 -38.74
CA SER I 318 30.63 16.42 -38.62
C SER I 318 31.06 15.09 -37.98
N SER I 319 30.39 14.69 -36.91
CA SER I 319 30.78 13.51 -36.14
C SER I 319 29.80 12.36 -36.28
N ASN I 320 28.81 12.47 -37.17
CA ASN I 320 27.80 11.42 -37.36
C ASN I 320 27.19 11.00 -36.03
N SER I 321 26.79 12.01 -35.25
CA SER I 321 26.25 11.79 -33.92
C SER I 321 24.92 12.51 -33.79
N PHE I 322 24.28 12.33 -32.63
CA PHE I 322 22.96 12.91 -32.39
C PHE I 322 22.73 13.00 -30.89
N THR I 323 21.77 13.84 -30.51
CA THR I 323 21.31 13.95 -29.13
C THR I 323 19.79 14.04 -29.11
N ILE I 324 19.17 13.30 -28.20
CA ILE I 324 17.73 13.40 -27.99
C ILE I 324 17.46 14.76 -27.34
N PHE I 325 16.83 15.67 -28.08
CA PHE I 325 16.54 16.97 -27.50
C PHE I 325 15.30 16.93 -26.62
N SER I 326 14.27 16.21 -27.05
CA SER I 326 13.07 16.16 -26.22
C SER I 326 12.29 14.88 -26.49
N THR I 327 11.42 14.54 -25.53
CA THR I 327 10.61 13.34 -25.57
C THR I 327 9.22 13.64 -25.04
N TYR I 328 8.20 13.33 -25.83
CA TYR I 328 6.80 13.62 -25.47
C TYR I 328 5.96 12.38 -25.74
N ARG I 329 5.11 12.00 -24.78
CA ARG I 329 4.19 10.90 -24.96
C ARG I 329 2.78 11.46 -25.16
N LEU I 330 2.13 11.06 -26.24
CA LEU I 330 0.81 11.58 -26.55
C LEU I 330 -0.19 11.20 -25.47
N ASN I 331 -1.05 12.15 -25.11
CA ASN I 331 -2.06 11.92 -24.09
C ASN I 331 -3.38 11.38 -24.65
N THR I 332 -3.63 11.57 -25.95
CA THR I 332 -4.98 11.45 -26.48
C THR I 332 -5.21 10.25 -27.37
N PHE I 333 -4.16 9.54 -27.80
CA PHE I 333 -4.33 8.37 -28.65
C PHE I 333 -3.44 7.25 -28.13
N MET I 334 -4.04 6.09 -27.84
CA MET I 334 -3.31 5.03 -27.16
C MET I 334 -3.75 3.63 -27.59
N GLU I 335 -4.27 3.46 -28.80
CA GLU I 335 -4.69 2.15 -29.28
C GLU I 335 -3.72 1.61 -30.33
N SER I 336 -3.58 0.30 -30.36
CA SER I 336 -2.66 -0.37 -31.26
C SER I 336 -3.13 -0.28 -32.71
N ILE I 337 -2.23 -0.61 -33.62
CA ILE I 337 -2.55 -0.64 -35.04
C ILE I 337 -2.62 -2.09 -35.49
N THR I 338 -3.80 -2.70 -35.36
CA THR I 338 -3.99 -4.08 -35.76
C THR I 338 -3.86 -4.24 -37.28
N ASP I 339 -4.31 -3.23 -38.01
CA ASP I 339 -4.16 -3.25 -39.47
C ASP I 339 -2.73 -3.14 -39.79
N THR I 340 -2.15 -4.23 -40.18
CA THR I 340 -0.72 -4.19 -40.48
C THR I 340 -0.41 -3.47 -41.79
N LYS I 341 -1.41 -3.00 -42.53
CA LYS I 341 -1.18 -2.28 -43.77
C LYS I 341 -1.09 -0.77 -43.56
N PHE I 342 -1.59 -0.25 -42.46
CA PHE I 342 -1.59 1.19 -42.23
C PHE I 342 -0.25 1.65 -41.67
N LYS I 343 0.14 2.86 -42.03
CA LYS I 343 1.36 3.49 -41.51
C LYS I 343 1.02 4.90 -41.04
N PRO I 344 1.05 5.17 -39.74
CA PRO I 344 0.74 6.52 -39.25
C PRO I 344 1.73 7.54 -39.78
N LYS I 345 1.29 8.80 -39.87
CA LYS I 345 2.13 9.79 -40.53
C LYS I 345 2.17 11.10 -39.78
N ILE I 346 3.36 11.68 -39.69
CA ILE I 346 3.56 13.03 -39.15
C ILE I 346 3.36 14.04 -40.27
N PHE I 347 2.75 15.17 -39.95
CA PHE I 347 2.63 16.29 -40.86
C PHE I 347 2.97 17.56 -40.10
N ILE I 348 3.84 18.38 -40.69
CA ILE I 348 4.15 19.69 -40.12
C ILE I 348 3.94 20.71 -41.24
N PRO I 349 2.70 21.16 -41.47
CA PRO I 349 2.39 21.89 -42.70
C PRO I 349 3.05 23.27 -42.84
N GLN I 350 3.63 23.85 -41.79
CA GLN I 350 4.31 25.13 -42.02
C GLN I 350 5.58 24.92 -42.84
N MET I 351 6.21 23.76 -42.71
CA MET I 351 7.42 23.42 -43.46
C MET I 351 7.28 23.66 -44.95
N VAL I 360 5.12 29.21 -32.86
CA VAL I 360 4.67 27.86 -32.52
C VAL I 360 4.63 26.99 -33.77
N THR I 361 4.92 25.70 -33.59
CA THR I 361 4.89 24.71 -34.66
C THR I 361 3.78 23.72 -34.36
N SER I 362 2.83 23.59 -35.27
CA SER I 362 1.73 22.64 -35.13
C SER I 362 2.10 21.35 -35.84
N ILE I 363 2.22 20.26 -35.09
CA ILE I 363 2.44 18.93 -35.65
C ILE I 363 1.12 18.17 -35.57
N LEU I 364 0.79 17.49 -36.67
CA LEU I 364 -0.35 16.60 -36.74
C LEU I 364 0.15 15.18 -36.92
N VAL I 365 -0.57 14.23 -36.36
CA VAL I 365 -0.26 12.81 -36.55
C VAL I 365 -1.54 12.13 -37.00
N MET I 366 -1.48 11.49 -38.16
CA MET I 366 -2.61 10.78 -38.73
C MET I 366 -2.50 9.31 -38.35
N PHE I 367 -3.51 8.81 -37.65
CA PHE I 367 -3.72 7.43 -37.26
C PHE I 367 -4.88 6.86 -38.09
N PRO I 368 -5.15 5.55 -37.99
CA PRO I 368 -6.23 4.97 -38.81
C PRO I 368 -7.57 5.66 -38.69
N ASN I 369 -7.97 6.09 -37.47
CA ASN I 369 -9.31 6.64 -37.27
C ASN I 369 -9.27 7.93 -36.47
N ALA I 370 -8.14 8.63 -36.47
CA ALA I 370 -8.03 9.86 -35.70
C ALA I 370 -6.87 10.70 -36.23
N VAL I 371 -6.91 11.98 -35.88
CA VAL I 371 -5.82 12.91 -36.19
C VAL I 371 -5.51 13.68 -34.91
N VAL I 372 -4.32 13.49 -34.37
CA VAL I 372 -3.89 14.17 -33.16
C VAL I 372 -3.16 15.46 -33.54
N ILE I 373 -3.54 16.58 -32.93
CA ILE I 373 -2.96 17.88 -33.23
C ILE I 373 -2.31 18.39 -31.95
N THR I 374 -1.00 18.65 -32.00
CA THR I 374 -0.31 19.22 -30.86
C THR I 374 0.60 20.34 -31.36
N GLN I 375 1.07 21.15 -30.42
CA GLN I 375 1.92 22.28 -30.73
C GLN I 375 3.19 22.23 -29.89
N VAL I 376 4.29 22.65 -30.50
CA VAL I 376 5.57 22.79 -29.84
C VAL I 376 6.13 24.16 -30.18
N ASN I 377 7.36 24.43 -29.73
CA ASN I 377 8.04 25.65 -30.10
C ASN I 377 8.94 25.41 -31.31
N SER I 378 8.93 26.36 -32.24
CA SER I 378 9.73 26.22 -33.46
C SER I 378 11.21 26.16 -33.12
N LYS I 379 11.72 27.18 -32.44
CA LYS I 379 13.12 27.21 -32.05
C LYS I 379 13.36 26.21 -30.92
N LEU I 380 14.27 25.25 -31.15
CA LEU I 380 14.63 24.26 -30.14
C LEU I 380 15.62 24.88 -29.16
N ASP I 381 15.10 25.77 -28.32
CA ASP I 381 15.90 26.53 -27.37
C ASP I 381 15.56 26.12 -25.93
N SER I 382 15.86 27.01 -24.98
CA SER I 382 15.59 26.74 -23.57
C SER I 382 14.18 27.11 -23.15
N SER I 383 13.49 27.96 -23.90
CA SER I 383 12.08 28.25 -23.68
C SER I 383 11.17 27.22 -24.34
N TYR I 384 11.72 26.06 -24.72
CA TYR I 384 10.95 25.04 -25.41
C TYR I 384 9.85 24.48 -24.53
N SER I 385 10.19 24.11 -23.29
CA SER I 385 9.23 23.54 -22.35
C SER I 385 8.78 24.56 -21.30
N MET I 386 9.02 25.85 -21.54
CA MET I 386 8.58 26.86 -20.58
C MET I 386 7.07 27.04 -20.60
N ARG I 387 6.43 26.82 -21.74
CA ARG I 387 4.98 26.94 -21.89
C ARG I 387 4.42 25.56 -22.21
N ARG I 388 3.51 25.08 -21.35
CA ARG I 388 2.86 23.81 -21.62
C ARG I 388 1.85 23.96 -22.75
N LYS I 389 1.84 22.99 -23.65
CA LYS I 389 1.05 23.07 -24.87
C LYS I 389 -0.12 22.09 -24.81
N TRP I 390 -1.19 22.42 -25.55
CA TRP I 390 -2.36 21.57 -25.61
C TRP I 390 -2.17 20.46 -26.63
N GLU I 391 -2.98 19.41 -26.49
CA GLU I 391 -2.99 18.29 -27.43
C GLU I 391 -4.45 17.90 -27.65
N ASP I 392 -4.96 18.19 -28.83
CA ASP I 392 -6.34 17.88 -29.19
C ASP I 392 -6.37 16.73 -30.19
N ILE I 393 -7.58 16.24 -30.46
CA ILE I 393 -7.75 15.10 -31.35
C ILE I 393 -9.05 15.28 -32.14
N VAL I 394 -9.01 14.90 -33.40
CA VAL I 394 -10.19 14.82 -34.25
C VAL I 394 -10.47 13.35 -34.48
N SER I 395 -11.60 12.88 -33.96
CA SER I 395 -11.98 11.47 -34.02
C SER I 395 -12.91 11.22 -35.20
N LEU I 396 -12.55 10.27 -36.04
CA LEU I 396 -13.36 9.87 -37.17
C LEU I 396 -14.12 8.59 -36.85
N ARG I 397 -15.11 8.27 -37.68
CA ARG I 397 -15.82 7.00 -37.53
C ARG I 397 -14.86 5.84 -37.77
N ASN I 398 -15.10 4.72 -37.09
CA ASN I 398 -14.22 3.56 -37.21
C ASN I 398 -14.42 2.90 -38.57
N ASP I 399 -15.31 3.47 -39.38
CA ASP I 399 -15.56 2.98 -40.73
C ASP I 399 -14.52 3.50 -41.73
N ILE I 400 -14.06 4.75 -41.56
CA ILE I 400 -13.29 5.40 -42.61
C ILE I 400 -12.02 4.61 -42.90
N ASP I 401 -11.81 4.31 -44.18
CA ASP I 401 -10.62 3.61 -44.65
C ASP I 401 -9.70 4.64 -45.28
N ILE I 402 -8.68 5.07 -44.54
CA ILE I 402 -7.70 6.01 -45.06
C ILE I 402 -6.77 5.27 -46.01
N ILE I 403 -6.67 5.76 -47.24
CA ILE I 403 -5.81 5.14 -48.26
C ILE I 403 -4.59 5.98 -48.59
N GLY I 404 -4.54 7.23 -48.18
CA GLY I 404 -3.40 8.08 -48.50
C GLY I 404 -3.59 9.47 -47.91
N SER I 405 -2.55 10.28 -48.08
CA SER I 405 -2.55 11.62 -47.50
C SER I 405 -1.73 12.56 -48.36
N GLY I 406 -1.77 13.84 -47.98
CA GLY I 406 -1.00 14.89 -48.63
C GLY I 406 -1.09 16.14 -47.79
N TYR I 407 -0.45 17.20 -48.28
CA TYR I 407 -0.37 18.41 -47.47
C TYR I 407 0.17 19.56 -48.33
N ASP I 408 -0.29 20.77 -48.01
CA ASP I 408 0.35 21.97 -48.53
C ASP I 408 0.99 22.74 -47.39
N SER I 409 0.86 24.07 -47.40
CA SER I 409 1.48 24.90 -46.37
C SER I 409 0.54 25.27 -45.24
N LYS I 410 -0.75 24.94 -45.33
CA LYS I 410 -1.71 25.32 -44.31
C LYS I 410 -2.61 24.19 -43.82
N SER I 411 -2.63 23.05 -44.51
CA SER I 411 -3.60 22.02 -44.18
C SER I 411 -3.04 20.64 -44.50
N LEU I 412 -3.78 19.63 -44.08
CA LEU I 412 -3.48 18.22 -44.32
C LEU I 412 -4.69 17.56 -44.97
N TYR I 413 -4.43 16.76 -46.00
CA TYR I 413 -5.49 16.11 -46.76
C TYR I 413 -5.42 14.61 -46.56
N VAL I 414 -6.58 14.02 -46.23
CA VAL I 414 -6.70 12.60 -45.95
C VAL I 414 -7.69 12.00 -46.92
N LEU I 415 -7.30 10.93 -47.61
CA LEU I 415 -8.13 10.29 -48.63
C LEU I 415 -8.83 9.09 -48.01
N THR I 416 -10.16 9.18 -47.90
CA THR I 416 -10.96 8.04 -47.52
C THR I 416 -11.44 7.30 -48.78
N LYS I 417 -11.98 6.10 -48.58
CA LYS I 417 -12.47 5.35 -49.72
C LYS I 417 -13.90 5.74 -50.09
N GLN I 418 -14.71 6.12 -49.10
CA GLN I 418 -16.12 6.38 -49.33
C GLN I 418 -16.61 7.72 -48.81
N MET I 419 -15.81 8.46 -48.05
CA MET I 419 -16.25 9.72 -47.44
C MET I 419 -15.50 10.93 -47.98
N GLY I 420 -14.90 10.82 -49.16
CA GLY I 420 -14.28 11.97 -49.80
C GLY I 420 -12.85 12.25 -49.38
N VAL I 421 -12.46 13.52 -49.38
CA VAL I 421 -11.12 13.96 -49.05
C VAL I 421 -11.23 14.95 -47.90
N LEU I 422 -10.89 14.51 -46.70
CA LEU I 422 -10.98 15.36 -45.52
C LEU I 422 -9.79 16.31 -45.49
N GLN I 423 -10.04 17.53 -45.02
CA GLN I 423 -9.01 18.56 -44.94
C GLN I 423 -8.96 19.13 -43.53
N PHE I 424 -7.78 19.10 -42.92
CA PHE I 424 -7.55 19.60 -41.58
C PHE I 424 -6.71 20.87 -41.68
N PHE I 425 -7.28 22.00 -41.24
CA PHE I 425 -6.67 23.31 -41.36
C PHE I 425 -6.42 23.86 -39.96
N VAL I 426 -5.16 23.92 -39.54
CA VAL I 426 -4.82 24.39 -38.21
C VAL I 426 -4.75 25.92 -38.24
N LYS I 427 -5.74 26.57 -37.63
CA LYS I 427 -5.77 28.03 -37.55
C LYS I 427 -4.72 28.51 -36.57
N GLU I 428 -3.67 29.14 -37.09
CA GLU I 428 -2.58 29.64 -36.24
C GLU I 428 -1.79 30.73 -36.96
N VAL J 2 16.54 20.75 -10.11
CA VAL J 2 16.57 19.35 -9.67
C VAL J 2 18.00 18.82 -9.76
N GLN J 3 18.52 18.32 -8.63
CA GLN J 3 19.86 17.77 -8.56
C GLN J 3 19.84 16.39 -7.91
N LEU J 4 20.60 15.46 -8.49
CA LEU J 4 20.81 14.14 -7.92
C LEU J 4 22.19 14.11 -7.29
N VAL J 5 22.27 13.65 -6.04
CA VAL J 5 23.53 13.52 -5.33
C VAL J 5 23.61 12.10 -4.77
N GLU J 6 24.72 11.41 -5.03
CA GLU J 6 24.92 10.03 -4.65
C GLU J 6 25.86 9.92 -3.45
N SER J 7 25.90 8.72 -2.87
CA SER J 7 26.72 8.45 -1.70
C SER J 7 26.97 6.95 -1.61
N GLY J 8 28.17 6.60 -1.16
CA GLY J 8 28.44 5.26 -0.70
C GLY J 8 29.37 4.39 -1.54
N GLY J 9 30.20 4.97 -2.40
CA GLY J 9 31.08 4.18 -3.22
C GLY J 9 32.36 3.78 -2.50
N GLY J 10 33.31 3.28 -3.29
CA GLY J 10 34.62 2.97 -2.75
C GLY J 10 35.17 1.68 -3.34
N LEU J 11 36.06 1.06 -2.56
CA LEU J 11 36.76 -0.15 -2.94
C LEU J 11 36.32 -1.29 -2.04
N VAL J 12 36.05 -2.46 -2.64
CA VAL J 12 35.51 -3.60 -1.92
C VAL J 12 36.14 -4.87 -2.47
N GLN J 13 36.40 -5.84 -1.58
CA GLN J 13 36.92 -7.12 -2.03
C GLN J 13 35.84 -7.93 -2.73
N ALA J 14 36.28 -8.84 -3.61
CA ALA J 14 35.35 -9.72 -4.30
C ALA J 14 34.54 -10.53 -3.29
N GLY J 15 33.23 -10.59 -3.52
CA GLY J 15 32.33 -11.20 -2.57
C GLY J 15 31.79 -10.26 -1.51
N GLY J 16 32.35 -9.05 -1.41
CA GLY J 16 31.84 -8.08 -0.47
C GLY J 16 30.52 -7.50 -0.93
N SER J 17 30.10 -6.45 -0.22
CA SER J 17 28.81 -5.82 -0.49
C SER J 17 28.94 -4.31 -0.26
N LEU J 18 28.09 -3.56 -0.97
CA LEU J 18 28.03 -2.12 -0.84
C LEU J 18 26.57 -1.69 -0.82
N ARG J 19 26.34 -0.46 -0.38
CA ARG J 19 25.02 0.15 -0.48
C ARG J 19 25.18 1.56 -1.01
N LEU J 20 24.63 1.81 -2.20
CA LEU J 20 24.59 3.14 -2.77
C LEU J 20 23.23 3.78 -2.50
N SER J 21 23.21 5.10 -2.37
CA SER J 21 21.97 5.84 -2.23
C SER J 21 22.06 7.10 -3.07
N CYS J 22 20.91 7.57 -3.54
CA CYS J 22 20.85 8.85 -4.23
C CYS J 22 19.61 9.59 -3.79
N ALA J 23 19.78 10.89 -3.50
CA ALA J 23 18.68 11.74 -3.06
C ALA J 23 18.50 12.91 -4.01
N ALA J 24 17.26 13.14 -4.42
CA ALA J 24 16.88 14.26 -5.27
C ALA J 24 16.28 15.35 -4.39
N SER J 25 17.06 16.41 -4.13
CA SER J 25 16.53 17.63 -3.55
C SER J 25 16.11 18.53 -4.70
N GLY J 26 14.81 18.78 -4.82
CA GLY J 26 14.31 19.54 -5.96
C GLY J 26 12.99 20.19 -5.68
N SER J 27 12.68 21.21 -6.50
CA SER J 27 11.42 21.91 -6.38
C SER J 27 10.24 21.04 -6.79
N ILE J 28 10.49 19.99 -7.57
CA ILE J 28 9.42 19.18 -8.14
C ILE J 28 8.86 18.22 -7.09
N GLY J 29 7.93 17.37 -7.50
CA GLY J 29 7.35 16.36 -6.65
C GLY J 29 8.06 15.02 -6.79
N SER J 30 7.29 13.96 -6.57
CA SER J 30 7.85 12.61 -6.63
C SER J 30 8.25 12.26 -8.06
N LEU J 31 9.49 11.81 -8.22
CA LEU J 31 9.96 11.35 -9.52
C LEU J 31 9.19 10.10 -9.95
N ASP J 32 8.93 9.99 -11.27
CA ASP J 32 8.16 8.86 -11.75
C ASP J 32 8.98 7.57 -11.75
N ALA J 33 10.27 7.65 -12.08
CA ALA J 33 11.12 6.47 -12.10
C ALA J 33 12.51 6.80 -11.58
N MET J 34 13.15 5.82 -10.95
CA MET J 34 14.53 6.00 -10.49
C MET J 34 15.34 4.76 -10.85
N ALA J 35 16.58 4.99 -11.27
CA ALA J 35 17.38 3.91 -11.85
C ALA J 35 18.84 4.09 -11.50
N TRP J 36 19.58 2.99 -11.60
CA TRP J 36 21.03 2.94 -11.47
C TRP J 36 21.61 2.41 -12.76
N TYR J 37 22.48 3.20 -13.37
CA TYR J 37 23.30 2.83 -14.52
C TYR J 37 24.74 2.68 -14.08
N ARG J 38 25.54 2.02 -14.91
CA ARG J 38 26.97 1.94 -14.65
C ARG J 38 27.73 1.94 -15.96
N ARG J 39 28.95 2.43 -15.90
CA ARG J 39 29.86 2.41 -17.04
C ARG J 39 31.17 1.80 -16.58
N ALA J 40 31.54 0.67 -17.17
CA ALA J 40 32.82 0.06 -16.92
C ALA J 40 33.88 0.67 -17.84
N PRO J 41 35.15 0.58 -17.45
CA PRO J 41 36.21 1.07 -18.35
C PRO J 41 36.18 0.32 -19.67
N GLY J 42 36.09 1.07 -20.76
CA GLY J 42 36.02 0.50 -22.10
C GLY J 42 34.62 0.21 -22.58
N LYS J 43 33.79 -0.40 -21.73
CA LYS J 43 32.43 -0.73 -22.10
C LYS J 43 31.57 0.53 -22.10
N GLN J 44 30.36 0.40 -22.65
CA GLN J 44 29.41 1.49 -22.74
C GLN J 44 28.40 1.41 -21.60
N ARG J 45 27.87 2.59 -21.25
CA ARG J 45 26.97 2.71 -20.10
C ARG J 45 25.73 1.84 -20.26
N GLU J 46 25.47 1.00 -19.26
CA GLU J 46 24.31 0.13 -19.25
C GLU J 46 23.48 0.40 -18.00
N ARG J 47 22.16 0.45 -18.16
CA ARG J 47 21.28 0.45 -17.01
C ARG J 47 21.53 -0.81 -16.19
N VAL J 48 21.56 -0.66 -14.88
CA VAL J 48 21.75 -1.80 -13.98
C VAL J 48 20.45 -2.20 -13.31
N ALA J 49 19.72 -1.22 -12.78
CA ALA J 49 18.45 -1.48 -12.12
C ALA J 49 17.54 -0.28 -12.34
N SER J 50 16.24 -0.51 -12.28
CA SER J 50 15.31 0.62 -12.36
C SER J 50 14.02 0.25 -11.66
N ILE J 51 13.34 1.25 -11.13
CA ILE J 51 12.09 1.06 -10.41
C ILE J 51 11.11 2.16 -10.80
N SER J 52 9.88 1.76 -11.12
CA SER J 52 8.78 2.67 -11.38
C SER J 52 7.49 1.89 -11.17
N ARG J 53 6.37 2.63 -11.19
CA ARG J 53 5.07 1.99 -11.01
C ARG J 53 4.84 0.90 -12.04
N TYR J 54 5.38 1.08 -13.24
CA TYR J 54 5.19 0.11 -14.31
C TYR J 54 6.08 -1.11 -14.20
N GLY J 55 7.06 -1.12 -13.30
CA GLY J 55 7.89 -2.29 -13.13
C GLY J 55 9.24 -1.96 -12.53
N THR J 56 9.90 -3.00 -12.05
CA THR J 56 11.25 -2.92 -11.51
C THR J 56 12.12 -3.91 -12.28
N TYR J 57 13.17 -3.40 -12.91
CA TYR J 57 14.01 -4.15 -13.84
C TYR J 57 15.41 -4.33 -13.28
N TYR J 58 15.98 -5.51 -13.52
CA TYR J 58 17.37 -5.84 -13.27
C TYR J 58 17.99 -6.45 -14.51
N VAL J 59 19.24 -6.09 -14.79
CA VAL J 59 19.98 -6.77 -15.85
C VAL J 59 20.36 -8.16 -15.36
N ASP J 60 20.46 -9.11 -16.31
CA ASP J 60 20.74 -10.50 -15.96
C ASP J 60 22.01 -10.61 -15.11
N SER J 61 23.04 -9.83 -15.45
CA SER J 61 24.34 -10.00 -14.80
C SER J 61 24.33 -9.62 -13.33
N VAL J 62 23.35 -8.83 -12.88
CA VAL J 62 23.21 -8.47 -11.48
C VAL J 62 21.98 -9.08 -10.85
N LYS J 63 21.21 -9.87 -11.59
CA LYS J 63 19.94 -10.40 -11.11
C LYS J 63 20.17 -11.36 -9.94
N GLY J 64 19.53 -11.08 -8.81
CA GLY J 64 19.67 -11.85 -7.60
C GLY J 64 20.71 -11.29 -6.63
N ARG J 65 21.69 -10.55 -7.13
CA ARG J 65 22.72 -9.96 -6.27
C ARG J 65 22.46 -8.50 -5.94
N PHE J 66 21.79 -7.77 -6.82
CA PHE J 66 21.48 -6.36 -6.61
C PHE J 66 20.00 -6.21 -6.28
N THR J 67 19.69 -5.27 -5.37
CA THR J 67 18.32 -4.96 -5.00
C THR J 67 18.14 -3.45 -5.02
N ILE J 68 17.20 -2.96 -5.82
CA ILE J 68 16.89 -1.54 -5.88
C ILE J 68 15.61 -1.28 -5.09
N SER J 69 15.64 -0.28 -4.22
CA SER J 69 14.48 0.05 -3.41
C SER J 69 14.29 1.55 -3.39
N ARG J 70 13.09 1.98 -3.12
CA ARG J 70 12.83 3.34 -3.13
C ARG J 70 11.91 3.61 -2.04
N ASP J 71 12.06 4.73 -1.41
CA ASP J 71 11.25 5.03 -0.26
C ASP J 71 9.89 5.58 -0.57
N ASN J 72 9.02 4.76 -1.13
CA ASN J 72 7.66 5.17 -1.44
C ASN J 72 7.68 6.37 -2.32
N ALA J 73 7.14 7.46 -1.81
CA ALA J 73 7.14 8.65 -2.60
C ALA J 73 8.38 9.49 -2.43
N LYS J 74 9.23 9.17 -1.49
CA LYS J 74 10.41 9.97 -1.27
C LYS J 74 11.39 9.95 -2.43
N ASN J 75 12.10 11.03 -2.65
CA ASN J 75 13.00 11.07 -3.76
C ASN J 75 14.36 10.53 -3.53
N THR J 76 14.44 9.46 -2.79
CA THR J 76 15.67 8.75 -2.49
C THR J 76 15.55 7.32 -2.98
N VAL J 77 16.57 6.86 -3.71
CA VAL J 77 16.63 5.48 -4.18
C VAL J 77 17.89 4.83 -3.62
N TYR J 78 17.79 3.53 -3.34
CA TYR J 78 18.88 2.75 -2.79
C TYR J 78 19.19 1.56 -3.69
N LEU J 79 20.48 1.23 -3.76
CA LEU J 79 20.96 0.05 -4.49
C LEU J 79 21.83 -0.76 -3.55
N GLN J 80 21.33 -1.91 -3.11
CA GLN J 80 22.09 -2.84 -2.30
C GLN J 80 22.80 -3.83 -3.22
N MET J 81 24.13 -3.80 -3.23
CA MET J 81 24.93 -4.64 -4.10
C MET J 81 25.57 -5.73 -3.26
N ASN J 82 25.07 -6.96 -3.38
CA ASN J 82 25.59 -8.12 -2.69
C ASN J 82 26.45 -8.96 -3.62
N SER J 83 27.36 -9.73 -3.01
CA SER J 83 28.24 -10.66 -3.71
C SER J 83 28.90 -10.00 -4.92
N LEU J 84 29.62 -8.92 -4.64
CA LEU J 84 30.26 -8.15 -5.69
C LEU J 84 31.36 -8.96 -6.37
N LYS J 85 31.45 -8.80 -7.69
CA LYS J 85 32.42 -9.48 -8.53
C LYS J 85 33.21 -8.45 -9.32
N PRO J 86 34.46 -8.77 -9.70
CA PRO J 86 35.29 -7.77 -10.41
C PRO J 86 34.62 -7.15 -11.62
N GLU J 87 33.74 -7.86 -12.30
CA GLU J 87 33.04 -7.29 -13.44
C GLU J 87 32.03 -6.21 -13.05
N ASP J 88 31.79 -6.01 -11.75
CA ASP J 88 30.93 -4.95 -11.26
C ASP J 88 31.65 -3.62 -11.10
N THR J 89 32.96 -3.59 -11.34
CA THR J 89 33.73 -2.36 -11.21
C THR J 89 33.32 -1.36 -12.27
N GLY J 90 33.03 -0.13 -11.85
CA GLY J 90 32.71 0.92 -12.80
C GLY J 90 32.23 2.16 -12.07
N VAL J 91 31.85 3.15 -12.88
CA VAL J 91 31.24 4.37 -12.37
C VAL J 91 29.74 4.20 -12.39
N TYR J 92 29.11 4.28 -11.23
CA TYR J 92 27.66 4.10 -11.10
C TYR J 92 27.00 5.46 -11.03
N TYR J 93 26.01 5.67 -11.90
CA TYR J 93 25.23 6.89 -11.96
C TYR J 93 23.80 6.60 -11.55
N CYS J 94 23.15 7.57 -10.92
CA CYS J 94 21.73 7.49 -10.66
C CYS J 94 20.97 8.36 -11.64
N LYS J 95 19.79 7.89 -12.04
CA LYS J 95 18.96 8.57 -13.01
C LYS J 95 17.56 8.69 -12.45
N GLY J 96 16.96 9.87 -12.61
CA GLY J 96 15.59 10.11 -12.21
C GLY J 96 14.80 10.59 -13.42
N VAL J 97 13.58 10.09 -13.55
CA VAL J 97 12.73 10.41 -14.70
C VAL J 97 11.40 10.94 -14.19
N MET J 98 11.01 12.11 -14.68
CA MET J 98 9.76 12.77 -14.34
C MET J 98 8.89 12.88 -15.58
N GLU J 99 7.61 12.54 -15.44
CA GLU J 99 6.66 12.63 -16.55
C GLU J 99 5.49 13.49 -16.11
N VAL J 100 5.27 14.61 -16.80
CA VAL J 100 4.21 15.54 -16.48
C VAL J 100 3.47 15.90 -17.76
N GLY J 101 2.20 15.52 -17.84
CA GLY J 101 1.37 15.87 -18.98
C GLY J 101 1.89 15.37 -20.31
N GLY J 102 2.70 14.31 -20.30
CA GLY J 102 3.31 13.79 -21.51
C GLY J 102 4.76 14.20 -21.69
N VAL J 103 5.21 15.24 -21.00
CA VAL J 103 6.59 15.71 -21.13
C VAL J 103 7.47 14.88 -20.20
N ILE J 104 8.54 14.31 -20.77
CA ILE J 104 9.41 13.37 -20.07
C ILE J 104 10.79 14.01 -19.93
N ASP J 105 11.27 14.11 -18.69
CA ASP J 105 12.56 14.72 -18.39
C ASP J 105 13.41 13.72 -17.60
N GLU J 106 14.71 13.70 -17.87
CA GLU J 106 15.64 12.86 -17.13
C GLU J 106 16.71 13.71 -16.47
N TYR J 107 17.15 13.27 -15.30
CA TYR J 107 18.16 13.94 -14.51
C TYR J 107 19.18 12.91 -14.06
N TRP J 108 20.45 13.30 -14.05
CA TRP J 108 21.54 12.39 -13.72
C TRP J 108 22.34 12.91 -12.55
N GLY J 109 22.80 11.99 -11.71
CA GLY J 109 23.84 12.29 -10.75
C GLY J 109 25.18 12.41 -11.47
N GLN J 110 26.22 12.70 -10.69
CA GLN J 110 27.54 12.91 -11.27
C GLN J 110 28.44 11.69 -11.17
N GLY J 111 28.04 10.64 -10.49
CA GLY J 111 28.79 9.41 -10.58
C GLY J 111 29.48 9.04 -9.27
N THR J 112 29.67 7.74 -9.07
CA THR J 112 30.34 7.21 -7.89
C THR J 112 31.17 6.01 -8.30
N GLN J 113 32.44 5.99 -7.90
CA GLN J 113 33.33 4.91 -8.29
C GLN J 113 33.13 3.70 -7.38
N VAL J 114 32.93 2.54 -7.99
CA VAL J 114 32.88 1.27 -7.28
C VAL J 114 33.95 0.36 -7.88
N THR J 115 34.96 0.03 -7.09
CA THR J 115 36.03 -0.86 -7.51
C THR J 115 35.92 -2.16 -6.71
N VAL J 116 36.03 -3.29 -7.40
CA VAL J 116 35.98 -4.60 -6.78
C VAL J 116 37.26 -5.33 -7.12
N SER J 117 37.96 -5.82 -6.09
CA SER J 117 39.21 -6.55 -6.28
C SER J 117 38.95 -8.04 -6.44
N PHE K 8 -9.60 33.81 32.57
CA PHE K 8 -8.33 34.45 32.82
C PHE K 8 -7.17 33.54 32.42
N THR K 9 -6.55 33.85 31.28
CA THR K 9 -5.34 33.16 30.85
C THR K 9 -4.53 34.13 30.01
N GLU K 10 -3.21 34.03 30.11
CA GLU K 10 -2.30 34.87 29.34
C GLU K 10 -1.18 34.04 28.75
N ASN K 11 -0.86 34.32 27.49
CA ASN K 11 0.33 33.78 26.83
C ASN K 11 0.93 34.88 25.98
N ASN K 12 1.85 34.52 25.08
CA ASN K 12 2.56 35.50 24.29
C ASN K 12 1.71 36.14 23.20
N ARG K 13 0.52 35.61 22.92
CA ARG K 13 -0.30 36.05 21.81
C ARG K 13 -1.53 36.85 22.21
N TYR K 14 -2.11 36.61 23.38
CA TYR K 14 -3.34 37.29 23.76
C TYR K 14 -3.51 37.25 25.26
N ILE K 15 -4.39 38.10 25.78
CA ILE K 15 -4.81 38.08 27.17
C ILE K 15 -6.33 37.90 27.21
N VAL K 16 -6.79 37.26 28.27
CA VAL K 16 -8.21 37.09 28.58
C VAL K 16 -8.39 37.54 30.02
N LYS K 17 -9.11 38.65 30.21
CA LYS K 17 -9.41 39.20 31.52
C LYS K 17 -10.80 38.78 31.98
N THR K 18 -10.94 38.61 33.30
CA THR K 18 -12.18 38.12 33.89
C THR K 18 -13.00 39.21 34.56
N LEU K 19 -12.38 40.30 34.99
CA LEU K 19 -13.09 41.47 35.55
C LEU K 19 -13.84 41.02 36.81
N GLN K 20 -15.06 41.48 37.03
CA GLN K 20 -15.84 41.09 38.20
C GLN K 20 -17.33 41.26 37.96
N ASP K 22 -21.47 42.82 38.69
CA ASP K 22 -21.66 41.51 39.30
C ASP K 22 -23.13 41.19 39.48
N TYR K 23 -23.84 41.08 38.36
CA TYR K 23 -25.27 40.78 38.38
C TYR K 23 -25.53 39.43 39.02
N SER K 24 -26.48 39.41 39.97
CA SER K 24 -26.79 38.21 40.74
C SER K 24 -28.29 38.05 40.85
N SER K 25 -28.75 36.80 40.77
CA SER K 25 -30.17 36.49 40.87
C SER K 25 -30.44 35.50 42.00
N ASP K 31 -34.71 32.56 35.18
CA ASP K 31 -33.59 31.67 34.92
C ASP K 31 -32.82 32.09 33.67
N GLU K 32 -33.54 32.17 32.55
CA GLU K 32 -32.94 32.54 31.27
C GLU K 32 -32.71 34.04 31.20
N LEU K 33 -31.44 34.44 31.30
CA LEU K 33 -31.07 35.85 31.16
C LEU K 33 -30.70 36.15 29.71
N ASN K 34 -30.82 37.43 29.34
CA ASN K 34 -30.40 37.91 28.04
C ASN K 34 -29.74 39.26 28.22
N GLY K 35 -29.14 39.77 27.17
CA GLY K 35 -28.50 41.07 27.22
C GLY K 35 -27.24 41.08 26.38
N TYR K 36 -26.54 42.21 26.46
CA TYR K 36 -25.32 42.43 25.69
C TYR K 36 -24.53 43.58 26.33
N ILE K 37 -23.53 44.07 25.62
CA ILE K 37 -22.68 45.13 26.15
C ILE K 37 -22.18 45.99 25.00
N ASP K 38 -22.57 47.26 24.98
CA ASP K 38 -22.19 48.17 23.90
C ASP K 38 -21.05 49.04 24.41
N MET K 39 -19.87 48.88 23.79
CA MET K 39 -18.70 49.66 24.19
C MET K 39 -18.69 51.05 23.57
N GLN K 40 -19.37 51.24 22.44
CA GLN K 40 -19.43 52.56 21.82
C GLN K 40 -20.30 53.51 22.63
N ILE K 41 -21.47 53.05 23.06
CA ILE K 41 -22.26 53.84 24.02
C ILE K 41 -21.57 53.84 25.38
N GLY K 42 -20.93 52.75 25.74
CA GLY K 42 -20.20 52.64 26.99
C GLY K 42 -20.93 51.97 28.13
N TYR K 43 -21.94 51.15 27.84
CA TYR K 43 -22.76 50.56 28.89
C TYR K 43 -23.09 49.12 28.54
N GLY K 44 -23.25 48.30 29.58
CA GLY K 44 -23.72 46.94 29.45
C GLY K 44 -25.13 46.81 29.98
N LEU K 45 -25.87 45.86 29.43
CA LEU K 45 -27.29 45.68 29.70
C LEU K 45 -27.58 44.20 29.86
N VAL K 46 -28.34 43.85 30.89
CA VAL K 46 -28.76 42.45 31.10
C VAL K 46 -30.16 42.44 31.69
N ASN K 47 -31.06 41.71 31.05
CA ASN K 47 -32.46 41.67 31.45
C ASN K 47 -32.95 40.24 31.52
N ASP K 48 -34.03 40.06 32.26
CA ASP K 48 -34.78 38.80 32.24
C ASP K 48 -36.23 39.10 31.86
N HIS K 49 -37.18 38.39 32.45
CA HIS K 49 -38.59 38.61 32.19
C HIS K 49 -39.17 39.76 33.01
N LYS K 50 -38.45 40.22 34.04
CA LYS K 50 -38.99 41.15 35.03
C LYS K 50 -38.35 42.53 34.97
N LYS K 51 -37.03 42.61 34.94
CA LYS K 51 -36.34 43.90 34.99
C LYS K 51 -35.11 43.85 34.09
N VAL K 52 -34.59 45.03 33.78
CA VAL K 52 -33.36 45.18 33.01
C VAL K 52 -32.39 46.03 33.81
N TYR K 53 -31.13 45.62 33.85
CA TYR K 53 -30.07 46.31 34.57
C TYR K 53 -29.06 46.87 33.57
N ILE K 54 -28.81 48.17 33.69
CA ILE K 54 -27.87 48.89 32.83
C ILE K 54 -26.75 49.43 33.71
N TRP K 55 -25.52 49.37 33.20
CA TRP K 55 -24.37 49.83 33.98
C TRP K 55 -23.23 50.18 33.04
N ASN K 56 -22.67 51.38 33.17
CA ASN K 56 -21.55 51.76 32.33
C ASN K 56 -20.31 50.94 32.70
N ILE K 57 -19.49 50.66 31.70
CA ILE K 57 -18.35 49.78 31.89
C ILE K 57 -17.17 50.54 32.48
N TYR K 66 -25.73 51.29 38.04
CA TYR K 66 -26.49 50.10 37.65
C TYR K 66 -27.99 50.33 37.81
N ILE K 67 -28.57 51.12 36.90
CA ILE K 67 -30.00 51.42 36.99
C ILE K 67 -30.81 50.18 36.61
N THR K 68 -32.05 50.14 37.11
CA THR K 68 -32.97 49.04 36.86
C THR K 68 -34.28 49.60 36.33
N VAL K 69 -34.77 49.03 35.23
CA VAL K 69 -36.03 49.43 34.62
C VAL K 69 -36.92 48.19 34.54
N PRO K 70 -38.12 48.21 35.13
CA PRO K 70 -39.03 47.07 35.08
C PRO K 70 -40.09 47.20 33.97
N PRO K 83 -38.66 39.61 26.36
CA PRO K 83 -38.48 41.06 26.19
C PRO K 83 -37.04 41.41 25.82
N ARG K 84 -36.84 42.07 24.68
CA ARG K 84 -35.50 42.34 24.18
C ARG K 84 -35.24 43.84 24.15
N CYS K 85 -34.08 44.25 24.67
CA CYS K 85 -33.77 45.65 24.87
C CYS K 85 -32.51 46.04 24.11
N ILE K 86 -32.39 47.34 23.85
CA ILE K 86 -31.19 47.89 23.21
C ILE K 86 -30.97 49.31 23.71
N LEU K 87 -29.73 49.63 24.07
CA LEU K 87 -29.38 50.98 24.45
C LEU K 87 -29.11 51.83 23.23
N THR K 88 -29.45 53.12 23.33
CA THR K 88 -29.26 54.05 22.23
C THR K 88 -28.30 55.16 22.66
N PHE K 89 -27.81 55.89 21.67
CA PHE K 89 -26.85 56.96 21.93
C PHE K 89 -27.56 58.17 22.54
N PRO K 90 -26.84 58.98 23.33
CA PRO K 90 -27.39 60.20 23.92
C PRO K 90 -27.77 61.25 22.87
N THR K 108 -25.08 60.19 28.65
CA THR K 108 -25.89 59.03 28.98
C THR K 108 -27.34 59.22 28.53
N GLY K 109 -27.99 58.13 28.11
CA GLY K 109 -29.40 58.19 27.77
C GLY K 109 -29.82 57.32 26.60
N GLY K 110 -30.93 56.60 26.77
CA GLY K 110 -31.53 55.85 25.67
C GLY K 110 -31.74 54.37 25.94
N LEU K 111 -32.99 53.92 25.79
CA LEU K 111 -33.30 52.50 25.96
C LEU K 111 -34.58 52.17 25.22
N ILE K 112 -34.52 51.20 24.32
CA ILE K 112 -35.70 50.72 23.59
C ILE K 112 -35.98 49.29 24.06
N ILE K 113 -37.25 49.01 24.35
CA ILE K 113 -37.71 47.71 24.82
C ILE K 113 -38.74 47.19 23.83
N ILE K 114 -38.60 45.93 23.45
CA ILE K 114 -39.55 45.25 22.58
C ILE K 114 -40.17 44.10 23.37
N LYS K 115 -41.48 44.16 23.56
CA LYS K 115 -42.24 43.12 24.25
C LYS K 115 -43.42 42.76 23.36
N GLY K 116 -43.42 41.53 22.87
CA GLY K 116 -44.46 41.12 21.92
C GLY K 116 -44.36 41.95 20.66
N SER K 117 -45.42 42.72 20.39
CA SER K 117 -45.45 43.63 19.25
C SER K 117 -45.39 45.10 19.68
N LYS K 118 -45.06 45.37 20.94
CA LYS K 118 -45.02 46.73 21.46
C LYS K 118 -43.58 47.14 21.71
N ALA K 119 -43.19 48.28 21.12
CA ALA K 119 -41.88 48.86 21.34
C ALA K 119 -42.02 50.17 22.09
N ILE K 120 -41.15 50.38 23.08
CA ILE K 120 -41.19 51.56 23.93
C ILE K 120 -39.78 52.13 24.04
N TYR K 121 -39.63 53.41 23.75
CA TYR K 121 -38.35 54.09 23.67
C TYR K 121 -38.28 55.19 24.72
N TYR K 122 -37.26 55.14 25.57
CA TYR K 122 -36.92 56.19 26.52
C TYR K 122 -35.70 56.93 25.97
N GLU K 123 -35.89 58.21 25.61
CA GLU K 123 -34.83 58.98 24.98
C GLU K 123 -33.68 59.26 25.95
N ASP K 124 -33.96 59.31 27.25
CA ASP K 124 -32.95 59.62 28.25
C ASP K 124 -33.18 58.70 29.45
N ILE K 125 -32.28 57.76 29.66
CA ILE K 125 -32.40 56.81 30.76
C ILE K 125 -31.86 57.42 32.05
N SER K 140 -42.02 58.52 27.53
CA SER K 140 -41.61 57.49 26.58
C SER K 140 -42.40 57.57 25.29
N HIS K 141 -41.87 56.96 24.23
CA HIS K 141 -42.55 56.85 22.95
C HIS K 141 -42.91 55.39 22.69
N GLU K 142 -44.04 55.16 22.02
CA GLU K 142 -44.56 53.83 21.83
C GLU K 142 -44.84 53.57 20.35
N LEU K 143 -44.74 52.30 19.97
CA LEU K 143 -44.98 51.90 18.58
C LEU K 143 -45.47 50.46 18.54
N GLU K 144 -46.59 50.24 17.87
CA GLU K 144 -47.09 48.89 17.65
C GLU K 144 -46.46 48.34 16.36
N LEU K 145 -45.79 47.19 16.46
CA LEU K 145 -45.09 46.60 15.33
C LEU K 145 -45.94 45.52 14.68
N PRO K 146 -45.73 45.25 13.38
CA PRO K 146 -46.48 44.19 12.68
C PRO K 146 -45.95 42.79 12.96
N ILE K 147 -45.71 42.48 14.24
CA ILE K 147 -45.23 41.17 14.66
C ILE K 147 -46.43 40.37 15.15
N ASN K 148 -46.65 39.20 14.55
CA ASN K 148 -47.74 38.32 14.95
C ASN K 148 -47.32 37.56 16.19
N SER K 149 -47.61 38.14 17.36
CA SER K 149 -47.20 37.53 18.62
C SER K 149 -48.02 36.26 18.93
N SER K 150 -49.25 36.18 18.42
CA SER K 150 -50.05 34.98 18.65
C SER K 150 -49.54 33.79 17.85
N GLY K 151 -48.89 34.05 16.72
CA GLY K 151 -48.35 32.98 15.89
C GLY K 151 -46.97 32.53 16.32
N GLU K 153 -44.43 34.27 17.03
CA GLU K 153 -43.31 35.01 16.46
C GLU K 153 -42.77 36.04 17.46
N LYS K 154 -41.45 36.07 17.59
CA LYS K 154 -40.78 36.99 18.50
C LYS K 154 -39.62 37.66 17.78
N CYS K 155 -39.21 38.81 18.31
CA CYS K 155 -38.02 39.48 17.81
C CYS K 155 -36.77 38.70 18.19
N ASP K 156 -35.83 38.60 17.25
CA ASP K 156 -34.62 37.80 17.43
C ASP K 156 -33.38 38.70 17.49
N LEU K 157 -32.93 39.22 16.35
CA LEU K 157 -31.75 40.07 16.29
C LEU K 157 -32.15 41.53 16.17
N MET K 158 -31.29 42.41 16.68
CA MET K 158 -31.50 43.85 16.56
C MET K 158 -30.17 44.57 16.60
N LEU K 159 -30.03 45.57 15.73
CA LEU K 159 -28.80 46.31 15.55
C LEU K 159 -29.05 47.79 15.77
N ASN K 160 -28.10 48.45 16.45
CA ASN K 160 -28.12 49.90 16.61
C ASN K 160 -27.26 50.49 15.50
N CYS K 161 -27.91 51.09 14.50
CA CYS K 161 -27.22 51.65 13.34
C CYS K 161 -27.42 53.16 13.27
N GLU K 162 -27.31 53.83 14.41
CA GLU K 162 -27.42 55.28 14.43
C GLU K 162 -26.26 55.90 13.64
N PRO K 163 -26.46 57.10 13.06
CA PRO K 163 -27.63 57.99 13.18
C PRO K 163 -28.87 57.54 12.41
N ALA K 164 -28.76 56.49 11.58
CA ALA K 164 -29.89 56.08 10.76
C ALA K 164 -31.07 55.62 11.61
N GLY K 165 -30.85 54.66 12.50
CA GLY K 165 -31.91 54.18 13.36
C GLY K 165 -31.67 52.81 13.97
N ILE K 166 -32.70 51.98 14.02
CA ILE K 166 -32.61 50.65 14.62
C ILE K 166 -33.16 49.63 13.63
N VAL K 167 -32.37 48.60 13.35
CA VAL K 167 -32.81 47.48 12.52
C VAL K 167 -33.14 46.30 13.41
N LEU K 168 -34.24 45.62 13.10
CA LEU K 168 -34.67 44.45 13.85
C LEU K 168 -34.96 43.31 12.89
N SER K 169 -34.83 42.08 13.39
CA SER K 169 -35.25 40.88 12.68
C SER K 169 -36.11 40.04 13.61
N THR K 170 -36.92 39.17 13.01
CA THR K 170 -37.81 38.31 13.77
C THR K 170 -37.44 36.86 13.55
N ASN K 171 -38.03 36.00 14.38
CA ASN K 171 -37.85 34.56 14.21
C ASN K 171 -38.43 34.07 12.88
N MET K 172 -39.35 34.82 12.29
CA MET K 172 -39.99 34.45 11.03
C MET K 172 -39.28 35.04 9.81
N GLY K 173 -38.16 35.73 9.99
CA GLY K 173 -37.40 36.25 8.88
C GLY K 173 -37.72 37.68 8.48
N ARG K 174 -38.69 38.31 9.10
CA ARG K 174 -39.03 39.69 8.77
C ARG K 174 -37.94 40.63 9.28
N ILE K 175 -37.75 41.73 8.56
CA ILE K 175 -36.72 42.73 8.86
C ILE K 175 -37.37 44.11 8.89
N PHE K 176 -37.17 44.83 9.98
CA PHE K 176 -37.71 46.16 10.16
C PHE K 176 -36.58 47.18 10.24
N PHE K 177 -36.78 48.32 9.59
CA PHE K 177 -35.98 49.52 9.81
C PHE K 177 -36.87 50.54 10.49
N ILE K 178 -36.42 51.01 11.66
CA ILE K 178 -37.18 51.91 12.53
C ILE K 178 -36.36 53.17 12.76
N THR K 179 -37.03 54.32 12.77
CA THR K 179 -36.38 55.60 13.00
C THR K 179 -36.63 56.07 14.42
N ILE K 180 -35.61 56.70 15.01
CA ILE K 180 -35.73 57.27 16.35
C ILE K 180 -35.72 58.80 16.32
N ARG K 181 -35.08 59.42 15.34
CA ARG K 181 -35.09 60.86 15.17
C ARG K 181 -35.98 61.21 13.98
N ASN K 182 -36.97 62.09 14.21
CA ASN K 182 -37.93 62.42 13.15
C ASN K 182 -37.61 63.72 12.41
N SER K 183 -36.47 63.77 11.73
CA SER K 183 -36.17 64.82 10.77
C SER K 183 -36.02 66.22 11.37
N MET K 184 -36.33 66.38 12.65
CA MET K 184 -36.19 67.68 13.32
C MET K 184 -35.40 67.55 14.61
N GLY K 185 -34.62 66.48 14.75
CA GLY K 185 -33.98 66.15 16.00
C GLY K 185 -34.93 65.67 17.08
N LYS K 186 -36.24 65.68 16.83
CA LYS K 186 -37.19 65.25 17.82
C LYS K 186 -37.16 63.73 17.97
N PRO K 187 -37.36 63.22 19.18
CA PRO K 187 -37.38 61.76 19.38
C PRO K 187 -38.70 61.16 18.91
N GLN K 188 -38.61 60.13 18.08
CA GLN K 188 -39.78 59.44 17.57
C GLN K 188 -39.56 57.94 17.67
N LEU K 189 -40.58 57.18 17.28
CA LEU K 189 -40.53 55.74 17.22
C LEU K 189 -41.50 55.31 16.12
N LYS K 190 -41.14 55.63 14.88
CA LYS K 190 -41.97 55.36 13.72
C LYS K 190 -41.32 54.32 12.83
N LEU K 191 -42.15 53.51 12.17
CA LEU K 191 -41.66 52.47 11.29
C LEU K 191 -41.08 53.08 10.03
N GLY K 192 -39.86 52.68 9.70
CA GLY K 192 -39.21 53.15 8.49
C GLY K 192 -39.59 52.33 7.28
N LYS K 193 -39.27 51.05 7.31
CA LYS K 193 -39.57 50.19 6.16
C LYS K 193 -39.43 48.73 6.56
N LEU K 194 -39.90 47.85 5.67
CA LEU K 194 -39.69 46.41 5.77
C LEU K 194 -38.71 45.97 4.69
N LEU K 195 -37.77 45.11 5.07
CA LEU K 195 -36.71 44.66 4.19
C LEU K 195 -36.66 43.14 4.12
N ASN K 196 -37.84 42.50 4.03
CA ASN K 196 -37.91 41.05 4.02
C ASN K 196 -38.79 40.47 2.91
N LYS K 197 -39.55 41.29 2.19
CA LYS K 197 -40.44 40.82 1.14
C LYS K 197 -41.43 39.79 1.67
N SER K 212 -35.87 29.77 6.60
CA SER K 212 -34.71 30.66 6.61
C SER K 212 -34.88 31.77 7.65
N SER K 213 -33.76 32.30 8.13
CA SER K 213 -33.79 33.36 9.13
C SER K 213 -32.57 34.25 8.95
N VAL K 214 -32.60 35.41 9.59
CA VAL K 214 -31.48 36.34 9.55
C VAL K 214 -30.49 35.95 10.64
N VAL K 215 -29.20 35.91 10.27
CA VAL K 215 -28.16 35.45 11.19
C VAL K 215 -27.13 36.52 11.51
N SER K 216 -27.18 37.69 10.86
CA SER K 216 -26.22 38.75 11.18
C SER K 216 -26.71 40.07 10.64
N LEU K 217 -26.59 41.10 11.48
CA LEU K 217 -26.81 42.49 11.08
C LEU K 217 -25.58 43.29 11.49
N ARG K 218 -24.96 43.98 10.53
CA ARG K 218 -23.69 44.64 10.76
C ARG K 218 -23.75 46.08 10.28
N ASN K 219 -23.02 46.96 10.98
CA ASN K 219 -22.93 48.36 10.60
C ASN K 219 -21.88 48.57 9.53
N GLY K 220 -22.18 49.45 8.59
CA GLY K 220 -21.23 49.86 7.59
C GLY K 220 -20.73 51.26 7.85
N PRO K 221 -20.07 51.87 6.87
CA PRO K 221 -19.60 53.25 7.02
C PRO K 221 -20.77 54.21 7.10
N ILE K 222 -20.48 55.43 7.55
CA ILE K 222 -21.46 56.50 7.58
C ILE K 222 -21.34 57.30 6.29
N LEU K 223 -22.38 57.28 5.47
CA LEU K 223 -22.35 57.94 4.17
C LEU K 223 -22.59 59.43 4.26
N GLY K 224 -23.25 59.91 5.31
CA GLY K 224 -23.51 61.32 5.44
C GLY K 224 -24.28 61.62 6.70
N LYS K 225 -24.95 62.77 6.70
CA LYS K 225 -25.74 63.20 7.85
C LYS K 225 -26.97 62.31 7.97
N GLY K 226 -27.00 61.46 9.00
CA GLY K 226 -28.12 60.59 9.23
C GLY K 226 -28.17 59.34 8.37
N THR K 227 -27.21 59.15 7.48
CA THR K 227 -27.21 58.02 6.57
C THR K 227 -26.06 57.07 6.90
N ARG K 228 -26.30 55.78 6.66
CA ARG K 228 -25.36 54.73 7.05
C ARG K 228 -25.71 53.44 6.31
N LEU K 229 -24.67 52.67 5.99
CA LEU K 229 -24.84 51.36 5.40
C LEU K 229 -25.05 50.30 6.48
N VAL K 230 -25.85 49.30 6.14
CA VAL K 230 -26.13 48.17 7.03
C VAL K 230 -26.09 46.89 6.20
N TYR K 231 -25.38 45.88 6.70
CA TYR K 231 -25.27 44.60 6.02
C TYR K 231 -26.21 43.58 6.66
N ILE K 232 -26.89 42.81 5.82
CA ILE K 232 -27.82 41.78 6.26
C ILE K 232 -27.39 40.46 5.64
N THR K 233 -27.42 39.40 6.44
CA THR K 233 -27.05 38.06 6.00
C THR K 233 -28.07 37.07 6.52
N THR K 234 -28.58 36.21 5.65
CA THR K 234 -29.59 35.23 6.02
C THR K 234 -28.98 33.84 6.08
N ASN K 235 -29.76 32.90 6.63
CA ASN K 235 -29.27 31.54 6.84
C ASN K 235 -29.01 30.81 5.52
N LYS K 236 -29.78 31.12 4.47
CA LYS K 236 -29.68 30.42 3.21
C LYS K 236 -28.68 31.05 2.25
N GLY K 237 -27.90 32.03 2.70
CA GLY K 237 -26.84 32.60 1.90
C GLY K 237 -27.16 33.90 1.19
N ILE K 238 -28.22 34.60 1.58
CA ILE K 238 -28.54 35.89 0.99
C ILE K 238 -27.75 36.97 1.72
N PHE K 239 -27.07 37.83 0.95
CA PHE K 239 -26.33 38.95 1.51
C PHE K 239 -26.81 40.24 0.85
N GLN K 240 -26.96 41.28 1.67
CA GLN K 240 -27.46 42.57 1.20
C GLN K 240 -26.73 43.70 1.90
N THR K 241 -26.38 44.72 1.12
CA THR K 241 -25.88 45.99 1.63
C THR K 241 -26.95 47.04 1.38
N TRP K 242 -27.46 47.64 2.45
CA TRP K 242 -28.52 48.65 2.44
C TRP K 242 -27.94 50.01 2.80
N GLN K 243 -28.55 51.06 2.25
CA GLN K 243 -28.26 52.44 2.64
C GLN K 243 -29.52 53.00 3.30
N LEU K 244 -29.47 53.13 4.60
CA LEU K 244 -30.62 53.58 5.31
C LEU K 244 -30.34 54.93 5.81
N THR K 247 -32.41 63.01 6.74
CA THR K 247 -32.61 62.77 5.32
C THR K 247 -33.19 61.38 5.06
N ASN K 248 -34.36 61.12 5.65
CA ASN K 248 -35.03 59.84 5.50
C ASN K 248 -35.72 59.71 4.15
N SER K 249 -35.28 58.75 3.34
CA SER K 249 -35.86 58.53 2.02
C SER K 249 -36.48 57.13 1.93
N PRO K 251 -35.45 53.46 1.69
CA PRO K 251 -34.26 52.60 1.76
C PRO K 251 -33.96 52.00 0.39
N THR K 252 -32.67 51.89 0.08
CA THR K 252 -32.21 51.42 -1.22
C THR K 252 -31.18 50.31 -1.05
N LYS K 253 -31.34 49.24 -1.82
CA LYS K 253 -30.39 48.14 -1.82
C LYS K 253 -29.19 48.50 -2.69
N LEU K 254 -28.02 48.56 -2.09
CA LEU K 254 -26.79 48.73 -2.86
C LEU K 254 -26.20 47.39 -3.27
N ILE K 255 -26.40 46.34 -2.48
CA ILE K 255 -25.96 45.00 -2.86
C ILE K 255 -27.05 44.00 -2.48
N ASP K 256 -27.36 43.08 -3.38
CA ASP K 256 -28.28 41.98 -3.08
C ASP K 256 -27.84 40.77 -3.90
N VAL K 257 -27.14 39.84 -3.25
CA VAL K 257 -26.62 38.65 -3.92
C VAL K 257 -26.89 37.43 -3.06
N ASN K 258 -26.59 36.26 -3.62
CA ASN K 258 -26.73 34.98 -2.95
C ASN K 258 -25.40 34.25 -3.05
N ILE K 259 -24.69 34.15 -1.93
CA ILE K 259 -23.34 33.60 -1.91
C ILE K 259 -23.33 32.11 -1.52
N TYR K 260 -24.50 31.50 -1.34
CA TYR K 260 -24.56 30.10 -0.92
C TYR K 260 -23.93 29.20 -1.97
N GLU K 261 -24.32 29.36 -3.24
CA GLU K 261 -23.80 28.49 -4.29
C GLU K 261 -22.30 28.65 -4.48
N ALA K 262 -21.77 29.85 -4.28
CA ALA K 262 -20.35 30.07 -4.48
C ALA K 262 -19.52 29.35 -3.43
N ILE K 263 -19.91 29.48 -2.16
CA ILE K 263 -19.21 28.76 -1.09
C ILE K 263 -19.35 27.27 -1.30
N LEU K 264 -20.55 26.81 -1.68
CA LEU K 264 -20.75 25.39 -1.94
C LEU K 264 -19.82 24.88 -3.04
N GLU K 265 -19.67 25.66 -4.12
CA GLU K 265 -18.75 25.30 -5.18
C GLU K 265 -17.30 25.31 -4.71
N SER K 266 -16.96 26.23 -3.81
CA SER K 266 -15.60 26.28 -3.28
C SER K 266 -15.30 25.11 -2.35
N LEU K 267 -16.34 24.45 -1.82
CA LEU K 267 -16.13 23.35 -0.89
C LEU K 267 -16.49 21.98 -1.45
N GLN K 268 -17.31 21.90 -2.51
CA GLN K 268 -17.93 20.63 -2.90
C GLN K 268 -16.91 19.60 -3.36
N ASP K 269 -15.84 20.02 -4.03
CA ASP K 269 -14.87 19.05 -4.54
C ASP K 269 -14.11 18.38 -3.40
N LEU K 270 -13.59 19.19 -2.47
CA LEU K 270 -12.85 18.63 -1.35
C LEU K 270 -13.79 17.98 -0.34
N TYR K 271 -14.97 18.55 -0.15
CA TYR K 271 -15.95 18.07 0.84
C TYR K 271 -17.30 17.90 0.15
N PRO K 272 -17.54 16.73 -0.46
CA PRO K 272 -18.81 16.53 -1.18
C PRO K 272 -20.03 16.52 -0.27
N PHE K 273 -19.87 16.19 1.01
CA PHE K 273 -20.98 16.21 1.96
C PHE K 273 -21.49 17.61 2.25
N ALA K 274 -20.87 18.65 1.67
CA ALA K 274 -21.34 20.00 1.85
C ALA K 274 -22.73 20.21 1.25
N HIS K 275 -23.10 19.40 0.26
CA HIS K 275 -24.44 19.48 -0.31
C HIS K 275 -25.46 18.94 0.68
N GLY K 276 -26.38 19.82 1.10
CA GLY K 276 -27.38 19.45 2.08
C GLY K 276 -26.99 19.70 3.52
N THR K 277 -25.79 20.23 3.76
CA THR K 277 -25.34 20.54 5.12
C THR K 277 -24.76 21.93 5.28
N LEU K 278 -24.42 22.62 4.19
CA LEU K 278 -23.83 23.95 4.28
C LEU K 278 -24.83 24.93 4.88
N LYS K 279 -24.38 25.71 5.86
CA LYS K 279 -25.23 26.73 6.47
C LYS K 279 -24.38 27.89 6.96
N ILE K 280 -24.89 29.11 6.76
CA ILE K 280 -24.20 30.32 7.19
C ILE K 280 -24.61 30.64 8.62
N TRP K 281 -23.66 31.11 9.42
CA TRP K 281 -23.91 31.43 10.82
C TRP K 281 -23.69 32.90 11.17
N ASP K 282 -22.77 33.59 10.50
CA ASP K 282 -22.47 34.97 10.83
C ASP K 282 -21.63 35.58 9.72
N SER K 283 -21.58 36.91 9.71
CA SER K 283 -20.73 37.66 8.80
C SER K 283 -20.13 38.85 9.55
N HIS K 284 -19.08 39.42 8.97
CA HIS K 284 -18.39 40.54 9.59
C HIS K 284 -17.69 41.37 8.52
N PRO K 285 -17.83 42.69 8.55
CA PRO K 285 -17.10 43.53 7.59
C PRO K 285 -15.61 43.58 7.91
N LEU K 286 -14.81 43.81 6.87
CA LEU K 286 -13.37 43.93 6.99
C LEU K 286 -12.96 45.39 6.83
N GLN K 287 -11.66 45.64 6.77
CA GLN K 287 -11.18 47.01 6.62
C GLN K 287 -11.62 47.62 5.29
N ASP K 288 -11.78 46.78 4.26
CA ASP K 288 -12.27 47.25 2.97
C ASP K 288 -13.79 47.22 2.96
N GLU K 289 -14.39 48.29 2.46
CA GLU K 289 -15.86 48.38 2.44
C GLU K 289 -16.48 47.28 1.58
N SER K 290 -15.77 46.83 0.54
CA SER K 290 -16.30 45.86 -0.39
C SER K 290 -16.06 44.41 0.04
N SER K 291 -15.30 44.19 1.11
CA SER K 291 -14.94 42.85 1.54
C SER K 291 -15.68 42.47 2.81
N GLN K 292 -16.12 41.22 2.88
CA GLN K 292 -16.81 40.68 4.03
C GLN K 292 -16.23 39.31 4.38
N LEU K 293 -16.32 38.96 5.66
CA LEU K 293 -15.93 37.66 6.15
C LEU K 293 -17.18 36.88 6.57
N PHE K 294 -17.25 35.62 6.18
CA PHE K 294 -18.43 34.80 6.40
C PHE K 294 -18.07 33.52 7.15
N LEU K 295 -18.82 33.24 8.21
CA LEU K 295 -18.69 32.00 8.96
C LEU K 295 -19.76 31.02 8.51
N SER K 296 -19.34 29.80 8.17
CA SER K 296 -20.24 28.78 7.67
C SER K 296 -19.89 27.45 8.33
N SER K 297 -20.75 26.46 8.15
CA SER K 297 -20.50 25.13 8.66
C SER K 297 -21.05 24.09 7.69
N ILE K 298 -20.30 22.99 7.56
CA ILE K 298 -20.74 21.80 6.85
C ILE K 298 -20.61 20.61 7.78
N TYR K 299 -21.31 19.53 7.45
CA TYR K 299 -21.39 18.38 8.33
C TYR K 299 -21.21 17.08 7.55
N ASP K 300 -20.27 16.25 8.01
CA ASP K 300 -20.08 14.90 7.49
C ASP K 300 -20.80 13.93 8.41
N SER K 301 -21.91 13.37 7.92
CA SER K 301 -22.71 12.44 8.71
C SER K 301 -22.07 11.06 8.79
N SER K 302 -21.16 10.75 7.88
CA SER K 302 -20.47 9.46 7.95
C SER K 302 -19.54 9.40 9.15
N CYS K 303 -18.75 10.45 9.35
CA CYS K 303 -17.82 10.52 10.47
C CYS K 303 -18.37 11.31 11.66
N ASN K 304 -19.56 11.89 11.53
CA ASN K 304 -20.17 12.71 12.57
C ASN K 304 -19.24 13.86 12.96
N GLU K 305 -18.89 14.67 11.96
CA GLU K 305 -17.96 15.77 12.16
C GLU K 305 -18.53 17.06 11.57
N THR K 306 -18.25 18.17 12.23
CA THR K 306 -18.71 19.48 11.79
C THR K 306 -17.49 20.35 11.49
N TYR K 307 -17.45 20.93 10.30
CA TYR K 307 -16.34 21.76 9.86
C TYR K 307 -16.82 23.20 9.70
N TYR K 308 -16.10 24.14 10.30
CA TYR K 308 -16.41 25.55 10.23
C TYR K 308 -15.47 26.25 9.26
N ILE K 309 -16.05 27.10 8.42
CA ILE K 309 -15.37 27.70 7.28
C ILE K 309 -15.45 29.22 7.39
N LEU K 310 -14.34 29.88 7.08
CA LEU K 310 -14.25 31.33 7.03
C LEU K 310 -13.95 31.72 5.59
N SER K 311 -14.91 32.37 4.96
CA SER K 311 -14.82 32.76 3.56
C SER K 311 -14.71 34.27 3.47
N THR K 312 -13.61 34.75 2.90
CA THR K 312 -13.45 36.17 2.61
C THR K 312 -13.90 36.43 1.18
N ILE K 313 -14.92 37.29 1.04
CA ILE K 313 -15.57 37.56 -0.24
C ILE K 313 -15.46 39.05 -0.54
N ILE K 314 -15.22 39.38 -1.80
CA ILE K 314 -15.10 40.76 -2.26
C ILE K 314 -16.28 41.07 -3.18
N PHE K 315 -16.96 42.17 -2.90
CA PHE K 315 -18.19 42.54 -3.61
C PHE K 315 -17.94 43.72 -4.54
N ASP K 316 -18.74 43.78 -5.60
CA ASP K 316 -18.69 44.86 -6.59
C ASP K 316 -20.07 45.51 -6.65
N SER K 317 -20.15 46.77 -6.22
CA SER K 317 -21.41 47.49 -6.24
C SER K 317 -21.84 47.88 -7.66
N SER K 318 -20.91 47.89 -8.61
CA SER K 318 -21.24 48.30 -9.96
C SER K 318 -22.08 47.24 -10.68
N SER K 319 -21.71 45.98 -10.54
CA SER K 319 -22.36 44.88 -11.26
C SER K 319 -23.14 43.94 -10.36
N ASN K 320 -23.23 44.23 -9.05
CA ASN K 320 -23.94 43.37 -8.11
C ASN K 320 -23.41 41.94 -8.17
N SER K 321 -22.09 41.81 -8.15
CA SER K 321 -21.42 40.53 -8.29
C SER K 321 -20.38 40.39 -7.18
N PHE K 322 -19.73 39.23 -7.13
CA PHE K 322 -18.76 38.95 -6.09
C PHE K 322 -17.86 37.80 -6.51
N THR K 323 -16.68 37.72 -5.89
CA THR K 323 -15.75 36.62 -6.05
C THR K 323 -15.26 36.20 -4.68
N ILE K 324 -15.11 34.88 -4.50
CA ILE K 324 -14.59 34.34 -3.25
C ILE K 324 -13.08 34.57 -3.23
N PHE K 325 -12.61 35.43 -2.33
CA PHE K 325 -11.17 35.68 -2.26
C PHE K 325 -10.45 34.56 -1.53
N SER K 326 -10.96 34.12 -0.38
CA SER K 326 -10.21 33.14 0.40
C SER K 326 -11.15 32.25 1.21
N THR K 327 -10.63 31.08 1.58
CA THR K 327 -11.39 30.08 2.32
C THR K 327 -10.47 29.40 3.33
N TYR K 328 -10.94 29.27 4.57
CA TYR K 328 -10.14 28.68 5.65
C TYR K 328 -11.02 27.79 6.52
N ARG K 329 -10.57 26.56 6.76
CA ARG K 329 -11.29 25.64 7.63
C ARG K 329 -10.65 25.66 9.01
N LEU K 330 -11.45 25.94 10.04
CA LEU K 330 -10.93 25.98 11.41
C LEU K 330 -10.40 24.61 11.81
N ASN K 331 -9.26 24.61 12.48
CA ASN K 331 -8.62 23.37 12.90
C ASN K 331 -8.97 22.95 14.33
N THR K 332 -9.40 23.89 15.17
CA THR K 332 -9.48 23.64 16.61
C THR K 332 -10.90 23.45 17.14
N PHE K 333 -11.93 23.71 16.34
CA PHE K 333 -13.31 23.56 16.80
C PHE K 333 -14.10 22.80 15.74
N MET K 334 -14.66 21.65 16.12
CA MET K 334 -15.33 20.79 15.15
C MET K 334 -16.59 20.12 15.70
N GLU K 335 -17.22 20.68 16.72
CA GLU K 335 -18.42 20.10 17.29
C GLU K 335 -19.66 20.89 16.86
N SER K 336 -20.77 20.18 16.71
CA SER K 336 -22.00 20.78 16.23
C SER K 336 -22.61 21.70 17.29
N ILE K 337 -23.57 22.51 16.85
CA ILE K 337 -24.30 23.39 17.76
C ILE K 337 -25.66 22.78 18.05
N THR K 338 -25.73 21.96 19.10
CA THR K 338 -27.00 21.34 19.47
C THR K 338 -27.97 22.37 20.02
N ASP K 339 -27.49 23.29 20.87
CA ASP K 339 -28.32 24.36 21.40
C ASP K 339 -28.77 25.28 20.29
N THR K 340 -30.00 25.12 19.83
CA THR K 340 -30.53 25.89 18.71
C THR K 340 -30.78 27.35 19.06
N LYS K 341 -30.60 27.75 20.32
CA LYS K 341 -30.76 29.14 20.71
C LYS K 341 -29.49 29.95 20.53
N PHE K 342 -28.33 29.32 20.63
CA PHE K 342 -27.07 30.05 20.51
C PHE K 342 -26.79 30.41 19.05
N LYS K 343 -26.12 31.53 18.86
CA LYS K 343 -25.68 31.98 17.53
C LYS K 343 -24.22 32.40 17.63
N PRO K 344 -23.30 31.66 17.01
CA PRO K 344 -21.88 32.03 17.08
C PRO K 344 -21.66 33.41 16.48
N LYS K 345 -20.58 34.07 16.92
CA LYS K 345 -20.38 35.45 16.51
C LYS K 345 -18.91 35.72 16.18
N ILE K 346 -18.68 36.44 15.08
CA ILE K 346 -17.34 36.81 14.65
C ILE K 346 -16.96 38.15 15.26
N PHE K 347 -15.66 38.33 15.51
CA PHE K 347 -15.09 39.62 15.85
C PHE K 347 -13.77 39.79 15.12
N ILE K 348 -13.52 40.99 14.60
CA ILE K 348 -12.29 41.30 13.90
C ILE K 348 -11.79 42.64 14.43
N PRO K 349 -10.60 42.72 15.00
CA PRO K 349 -10.11 44.00 15.55
C PRO K 349 -9.74 44.97 14.43
N GLN K 350 -9.47 46.20 14.85
CA GLN K 350 -9.04 47.25 13.92
C GLN K 350 -7.52 47.34 13.87
N VAL K 360 -1.43 41.86 9.20
CA VAL K 360 -1.91 40.70 9.93
C VAL K 360 -3.36 40.91 10.35
N THR K 361 -4.20 39.91 10.05
CA THR K 361 -5.63 39.97 10.34
C THR K 361 -5.96 38.88 11.36
N SER K 362 -6.48 39.30 12.50
CA SER K 362 -6.95 38.38 13.53
C SER K 362 -8.47 38.29 13.45
N ILE K 363 -8.99 37.07 13.53
CA ILE K 363 -10.43 36.86 13.62
C ILE K 363 -10.70 35.95 14.81
N LEU K 364 -11.76 36.27 15.56
CA LEU K 364 -12.20 35.48 16.69
C LEU K 364 -13.61 35.00 16.41
N VAL K 365 -13.90 33.76 16.80
CA VAL K 365 -15.23 33.21 16.69
C VAL K 365 -15.67 32.77 18.08
N MET K 366 -16.83 33.24 18.51
CA MET K 366 -17.44 32.86 19.77
C MET K 366 -18.45 31.77 19.52
N PHE K 367 -18.19 30.58 20.10
CA PHE K 367 -19.03 29.39 20.07
C PHE K 367 -19.68 29.25 21.45
N PRO K 368 -20.57 28.27 21.67
CA PRO K 368 -21.19 28.15 23.00
C PRO K 368 -20.21 28.01 24.15
N ASN K 369 -19.14 27.22 23.99
CA ASN K 369 -18.24 26.93 25.10
C ASN K 369 -16.78 27.18 24.74
N ALA K 370 -16.51 28.03 23.74
CA ALA K 370 -15.13 28.27 23.35
C ALA K 370 -15.05 29.55 22.52
N VAL K 371 -13.84 30.08 22.43
CA VAL K 371 -13.51 31.19 21.54
C VAL K 371 -12.27 30.80 20.75
N VAL K 372 -12.41 30.76 19.43
CA VAL K 372 -11.31 30.40 18.53
C VAL K 372 -10.66 31.69 18.04
N ILE K 373 -9.34 31.77 18.15
CA ILE K 373 -8.57 32.94 17.76
C ILE K 373 -7.61 32.53 16.66
N THR K 374 -7.73 33.14 15.48
CA THR K 374 -6.90 32.81 14.34
C THR K 374 -6.26 34.09 13.80
N GLN K 375 -5.00 33.99 13.39
CA GLN K 375 -4.31 35.13 12.78
C GLN K 375 -3.88 34.72 11.38
N VAL K 376 -4.20 35.57 10.40
CA VAL K 376 -3.85 35.32 9.01
C VAL K 376 -3.14 36.52 8.41
N MET K 386 -3.24 32.49 0.55
CA MET K 386 -3.35 32.91 1.94
C MET K 386 -2.47 32.04 2.81
N ARG K 387 -2.16 32.47 4.01
CA ARG K 387 -1.35 31.72 4.93
C ARG K 387 -1.88 31.90 6.33
N ARG K 388 -1.94 30.82 7.10
CA ARG K 388 -2.46 30.85 8.46
C ARG K 388 -1.28 30.85 9.42
N LYS K 389 -1.12 31.95 10.16
CA LYS K 389 0.01 32.06 11.09
C LYS K 389 -0.18 31.16 12.30
N TRP K 390 -1.35 31.18 12.92
CA TRP K 390 -1.63 30.33 14.08
C TRP K 390 -3.12 30.36 14.38
N GLU K 391 -3.63 29.24 14.89
CA GLU K 391 -5.00 29.14 15.37
C GLU K 391 -4.98 28.50 16.75
N ASP K 392 -5.39 29.25 17.76
CA ASP K 392 -5.51 28.76 19.12
C ASP K 392 -6.97 28.78 19.54
N ILE K 393 -7.28 28.09 20.64
CA ILE K 393 -8.63 27.98 21.14
C ILE K 393 -8.63 28.20 22.64
N VAL K 394 -9.53 29.04 23.14
CA VAL K 394 -9.77 29.22 24.56
C VAL K 394 -11.05 28.47 24.87
N SER K 395 -10.91 27.30 25.49
CA SER K 395 -12.05 26.45 25.82
C SER K 395 -12.56 26.81 27.22
N LEU K 396 -13.83 27.19 27.29
CA LEU K 396 -14.47 27.46 28.56
C LEU K 396 -15.13 26.20 29.08
N ARG K 397 -15.38 26.18 30.40
CA ARG K 397 -16.07 25.04 31.00
C ARG K 397 -17.41 24.83 30.33
N ASN K 398 -17.79 23.57 30.16
CA ASN K 398 -19.09 23.27 29.57
C ASN K 398 -20.25 23.74 30.42
N ASP K 399 -19.99 24.41 31.55
CA ASP K 399 -21.07 24.94 32.37
C ASP K 399 -21.47 26.35 31.99
N ILE K 400 -20.52 27.16 31.52
CA ILE K 400 -20.79 28.58 31.30
C ILE K 400 -21.89 28.75 30.25
N ASP K 401 -22.84 29.62 30.56
CA ASP K 401 -23.92 29.96 29.64
C ASP K 401 -23.64 31.37 29.11
N ILE K 402 -23.21 31.46 27.86
CA ILE K 402 -22.98 32.75 27.21
C ILE K 402 -24.33 33.36 26.85
N ILE K 403 -24.60 34.55 27.35
CA ILE K 403 -25.88 35.22 27.13
C ILE K 403 -25.78 36.47 26.26
N GLY K 404 -24.57 36.90 25.92
CA GLY K 404 -24.42 38.09 25.09
C GLY K 404 -22.95 38.44 24.90
N SER K 405 -22.73 39.39 23.99
CA SER K 405 -21.38 39.81 23.64
C SER K 405 -21.38 41.27 23.20
N GLY K 406 -20.19 41.85 23.19
CA GLY K 406 -19.91 43.19 22.74
C GLY K 406 -18.46 43.27 22.30
N TYR K 407 -18.03 44.45 21.88
CA TYR K 407 -16.70 44.56 21.34
C TYR K 407 -16.23 46.01 21.36
N ASP K 408 -14.93 46.18 21.59
CA ASP K 408 -14.24 47.45 21.45
C ASP K 408 -13.75 47.54 20.01
N SER K 409 -12.76 48.40 19.76
CA SER K 409 -12.02 48.36 18.49
C SER K 409 -10.92 47.32 18.49
N LYS K 410 -10.52 46.83 19.65
CA LYS K 410 -9.42 45.89 19.77
C LYS K 410 -9.77 44.61 20.52
N SER K 411 -10.76 44.65 21.43
CA SER K 411 -11.09 43.54 22.32
C SER K 411 -12.50 43.06 22.05
N LEU K 412 -12.81 41.89 22.62
CA LEU K 412 -14.13 41.27 22.57
C LEU K 412 -14.59 40.99 23.99
N TYR K 413 -15.90 41.08 24.23
CA TYR K 413 -16.45 40.95 25.57
C TYR K 413 -17.60 39.95 25.54
N VAL K 414 -17.56 38.99 26.46
CA VAL K 414 -18.55 37.91 26.56
C VAL K 414 -19.19 37.99 27.93
N LEU K 415 -20.48 37.68 27.99
CA LEU K 415 -21.26 37.71 29.23
C LEU K 415 -21.68 36.30 29.60
N THR K 416 -21.29 35.85 30.78
CA THR K 416 -21.75 34.59 31.32
C THR K 416 -22.87 34.84 32.33
N LYS K 417 -23.62 33.78 32.62
CA LYS K 417 -24.72 33.90 33.58
C LYS K 417 -24.24 33.81 35.02
N GLN K 418 -23.15 33.09 35.27
CA GLN K 418 -22.69 32.85 36.63
C GLN K 418 -21.20 33.09 36.86
N MET K 419 -20.42 33.41 35.82
CA MET K 419 -18.97 33.53 35.96
C MET K 419 -18.44 34.90 35.53
N GLY K 420 -19.32 35.88 35.34
CA GLY K 420 -18.87 37.23 35.06
C GLY K 420 -18.78 37.61 33.60
N VAL K 421 -17.83 38.48 33.27
CA VAL K 421 -17.67 39.01 31.92
C VAL K 421 -16.21 38.88 31.51
N LEU K 422 -15.97 38.34 30.31
CA LEU K 422 -14.64 38.02 29.84
C LEU K 422 -14.24 38.96 28.69
N GLN K 423 -12.97 39.36 28.69
CA GLN K 423 -12.42 40.24 27.66
C GLN K 423 -11.26 39.53 26.96
N PHE K 424 -11.36 39.40 25.65
CA PHE K 424 -10.33 38.81 24.81
C PHE K 424 -9.62 39.92 24.05
N PHE K 425 -8.30 40.03 24.24
CA PHE K 425 -7.48 41.01 23.54
C PHE K 425 -6.30 40.31 22.90
N VAL K 426 -6.17 40.43 21.57
CA VAL K 426 -5.08 39.81 20.83
C VAL K 426 -3.89 40.76 20.85
N LYS K 427 -2.79 40.34 21.49
CA LYS K 427 -1.58 41.15 21.50
C LYS K 427 -1.05 41.35 20.09
N GLU K 428 -0.49 42.52 19.84
CA GLU K 428 0.08 42.84 18.54
C GLU K 428 1.50 43.38 18.68
N VAL L 2 2.26 27.40 -10.29
CA VAL L 2 1.40 26.24 -10.48
C VAL L 2 0.41 26.48 -11.61
N GLN L 3 0.52 25.68 -12.67
CA GLN L 3 -0.28 25.83 -13.87
C GLN L 3 -1.10 24.57 -14.11
N LEU L 4 -2.26 24.73 -14.75
CA LEU L 4 -3.08 23.59 -15.16
C LEU L 4 -3.39 23.71 -16.65
N VAL L 5 -2.98 22.70 -17.43
CA VAL L 5 -3.23 22.64 -18.85
C VAL L 5 -3.89 21.31 -19.18
N GLU L 6 -4.83 21.33 -20.14
CA GLU L 6 -5.71 20.20 -20.40
C GLU L 6 -5.60 19.73 -21.83
N SER L 7 -5.75 18.42 -22.03
CA SER L 7 -5.68 17.80 -23.35
C SER L 7 -6.82 16.81 -23.50
N GLY L 8 -7.15 16.50 -24.75
CA GLY L 8 -8.18 15.52 -25.07
C GLY L 8 -9.39 16.09 -25.80
N GLY L 9 -9.61 17.39 -25.73
CA GLY L 9 -10.72 18.00 -26.41
C GLY L 9 -10.59 17.91 -27.92
N GLY L 10 -11.61 18.42 -28.61
CA GLY L 10 -11.60 18.40 -30.06
C GLY L 10 -12.96 18.21 -30.69
N LEU L 11 -13.01 17.36 -31.73
CA LEU L 11 -14.22 17.12 -32.52
C LEU L 11 -14.55 15.64 -32.54
N VAL L 12 -15.81 15.30 -32.25
CA VAL L 12 -16.29 13.93 -32.30
C VAL L 12 -17.72 13.96 -32.83
N GLN L 13 -18.15 12.85 -33.42
CA GLN L 13 -19.54 12.67 -33.80
C GLN L 13 -20.34 12.08 -32.62
N ALA L 14 -21.66 12.18 -32.72
CA ALA L 14 -22.52 11.67 -31.67
C ALA L 14 -22.34 10.17 -31.50
N GLY L 15 -22.30 9.73 -30.24
CA GLY L 15 -22.06 8.34 -29.93
C GLY L 15 -20.60 7.95 -29.86
N GLY L 16 -19.68 8.88 -30.13
CA GLY L 16 -18.27 8.60 -30.07
C GLY L 16 -17.73 8.71 -28.65
N SER L 17 -16.40 8.76 -28.57
CA SER L 17 -15.72 8.76 -27.29
C SER L 17 -14.60 9.80 -27.29
N LEU L 18 -14.35 10.35 -26.10
CA LEU L 18 -13.17 11.16 -25.86
C LEU L 18 -12.60 10.76 -24.51
N ARG L 19 -11.37 11.23 -24.26
CA ARG L 19 -10.75 11.06 -22.94
C ARG L 19 -9.97 12.33 -22.65
N LEU L 20 -10.57 13.23 -21.89
CA LEU L 20 -9.85 14.41 -21.45
C LEU L 20 -8.83 14.03 -20.40
N SER L 21 -7.68 14.71 -20.42
CA SER L 21 -6.66 14.54 -19.38
C SER L 21 -6.08 15.90 -19.01
N CYS L 22 -6.00 16.16 -17.70
CA CYS L 22 -5.27 17.32 -17.18
C CYS L 22 -4.25 16.81 -16.19
N ALA L 23 -2.96 16.99 -16.51
CA ALA L 23 -1.86 16.37 -15.78
C ALA L 23 -0.82 17.38 -15.30
N ALA L 24 -1.17 18.66 -15.24
CA ALA L 24 -0.17 19.70 -14.95
C ALA L 24 0.09 19.80 -13.45
N SER L 25 1.31 20.21 -13.11
CA SER L 25 1.77 20.21 -11.74
C SER L 25 2.73 21.38 -11.57
N GLY L 26 3.49 21.36 -10.47
CA GLY L 26 4.44 22.41 -10.15
C GLY L 26 5.24 22.08 -8.92
N SER L 27 5.51 23.08 -8.08
CA SER L 27 6.25 22.85 -6.84
C SER L 27 5.37 22.37 -5.70
N ILE L 28 4.05 22.37 -5.87
CA ILE L 28 3.13 21.94 -4.82
C ILE L 28 3.12 20.42 -4.72
N GLY L 29 2.49 19.90 -3.67
CA GLY L 29 2.36 18.47 -3.47
C GLY L 29 1.10 17.92 -4.10
N SER L 30 0.70 16.75 -3.62
CA SER L 30 -0.49 16.09 -4.14
C SER L 30 -1.75 16.88 -3.80
N LEU L 31 -2.53 17.22 -4.83
CA LEU L 31 -3.76 17.96 -4.64
C LEU L 31 -4.78 17.11 -3.88
N ASP L 32 -5.55 17.76 -3.01
CA ASP L 32 -6.54 17.04 -2.23
C ASP L 32 -7.73 16.60 -3.07
N ALA L 33 -8.14 17.40 -4.05
CA ALA L 33 -9.28 17.03 -4.88
C ALA L 33 -9.06 17.53 -6.31
N MET L 34 -9.61 16.77 -7.26
CA MET L 34 -9.55 17.18 -8.66
C MET L 34 -10.87 16.92 -9.34
N ALA L 35 -11.31 17.88 -10.16
CA ALA L 35 -12.65 17.85 -10.71
C ALA L 35 -12.65 18.37 -12.14
N TRP L 36 -13.65 17.94 -12.90
CA TRP L 36 -13.92 18.43 -14.24
C TRP L 36 -15.25 19.18 -14.22
N TYR L 37 -15.21 20.43 -14.66
CA TYR L 37 -16.36 21.28 -14.87
C TYR L 37 -16.55 21.52 -16.36
N ARG L 38 -17.73 21.99 -16.74
CA ARG L 38 -17.95 22.35 -18.13
C ARG L 38 -18.92 23.52 -18.22
N ARG L 39 -18.73 24.33 -19.26
CA ARG L 39 -19.63 25.42 -19.60
C ARG L 39 -20.11 25.19 -21.03
N ALA L 40 -21.38 24.82 -21.17
CA ALA L 40 -21.97 24.65 -22.49
C ALA L 40 -22.29 26.00 -23.09
N PRO L 41 -22.41 26.07 -24.43
CA PRO L 41 -22.77 27.36 -25.06
C PRO L 41 -24.14 27.85 -24.61
N GLY L 42 -24.15 28.90 -23.78
CA GLY L 42 -25.40 29.47 -23.31
C GLY L 42 -25.65 29.22 -21.83
N LYS L 43 -25.44 27.99 -21.38
CA LYS L 43 -25.73 27.61 -20.01
C LYS L 43 -24.62 28.10 -19.08
N GLN L 44 -24.76 27.77 -17.80
CA GLN L 44 -23.79 28.16 -16.78
C GLN L 44 -22.85 27.01 -16.47
N ARG L 45 -21.71 27.35 -15.87
CA ARG L 45 -20.70 26.35 -15.55
C ARG L 45 -21.22 25.42 -14.46
N GLU L 46 -21.10 24.11 -14.71
CA GLU L 46 -21.55 23.09 -13.77
C GLU L 46 -20.41 22.12 -13.51
N ARG L 47 -20.45 21.48 -12.34
CA ARG L 47 -19.49 20.43 -12.03
C ARG L 47 -19.93 19.14 -12.71
N VAL L 48 -19.05 18.58 -13.53
CA VAL L 48 -19.32 17.30 -14.19
C VAL L 48 -18.90 16.13 -13.32
N ALA L 49 -17.68 16.14 -12.81
CA ALA L 49 -17.23 15.04 -11.97
C ALA L 49 -16.16 15.55 -11.01
N SER L 50 -15.97 14.82 -9.93
CA SER L 50 -14.93 15.18 -8.97
C SER L 50 -14.41 13.92 -8.28
N ILE L 51 -13.20 14.00 -7.75
CA ILE L 51 -12.61 12.89 -7.02
C ILE L 51 -11.74 13.45 -5.90
N SER L 52 -11.89 12.89 -4.70
CA SER L 52 -11.13 13.30 -3.54
C SER L 52 -11.07 12.12 -2.58
N ARG L 53 -10.32 12.31 -1.49
CA ARG L 53 -10.21 11.27 -0.47
C ARG L 53 -11.57 10.95 0.13
N TYR L 54 -12.50 11.91 0.09
CA TYR L 54 -13.84 11.74 0.62
C TYR L 54 -14.81 11.12 -0.37
N GLY L 55 -14.34 10.74 -1.57
CA GLY L 55 -15.23 10.09 -2.52
C GLY L 55 -15.11 10.55 -3.96
N THR L 56 -15.78 9.85 -4.87
CA THR L 56 -15.79 10.19 -6.29
C THR L 56 -17.23 10.51 -6.70
N TYR L 57 -17.47 11.77 -7.06
CA TYR L 57 -18.80 12.25 -7.40
C TYR L 57 -18.96 12.36 -8.91
N TYR L 58 -20.14 11.96 -9.40
CA TYR L 58 -20.57 12.19 -10.76
C TYR L 58 -21.90 12.92 -10.76
N VAL L 59 -22.05 13.88 -11.68
CA VAL L 59 -23.36 14.48 -11.87
C VAL L 59 -24.26 13.48 -12.58
N ASP L 60 -25.57 13.61 -12.35
CA ASP L 60 -26.50 12.60 -12.83
C ASP L 60 -26.62 12.59 -14.35
N SER L 61 -26.35 13.72 -15.01
CA SER L 61 -26.47 13.77 -16.47
C SER L 61 -25.43 12.89 -17.16
N VAL L 62 -24.32 12.60 -16.49
CA VAL L 62 -23.20 11.88 -17.08
C VAL L 62 -22.99 10.51 -16.44
N LYS L 63 -23.81 10.13 -15.46
CA LYS L 63 -23.61 8.86 -14.77
C LYS L 63 -23.91 7.70 -15.72
N GLY L 64 -23.00 6.73 -15.75
CA GLY L 64 -23.10 5.63 -16.67
C GLY L 64 -22.49 5.88 -18.04
N ARG L 65 -21.99 7.09 -18.28
CA ARG L 65 -21.32 7.44 -19.53
C ARG L 65 -19.91 7.95 -19.32
N PHE L 66 -19.69 8.74 -18.27
CA PHE L 66 -18.38 9.30 -17.98
C PHE L 66 -17.71 8.50 -16.86
N THR L 67 -16.39 8.64 -16.80
CA THR L 67 -15.59 7.98 -15.78
C THR L 67 -14.42 8.88 -15.42
N ILE L 68 -14.38 9.34 -14.17
CA ILE L 68 -13.26 10.14 -13.68
C ILE L 68 -12.28 9.21 -12.99
N SER L 69 -10.99 9.41 -13.25
CA SER L 69 -9.95 8.58 -12.64
C SER L 69 -8.73 9.43 -12.36
N ARG L 70 -7.91 8.97 -11.42
CA ARG L 70 -6.73 9.73 -10.99
C ARG L 70 -5.58 8.76 -10.78
N ASP L 71 -4.42 9.10 -11.35
CA ASP L 71 -3.25 8.21 -11.33
C ASP L 71 -2.59 8.25 -9.95
N ASN L 72 -3.29 7.68 -8.98
CA ASN L 72 -2.81 7.48 -7.61
C ASN L 72 -2.47 8.86 -7.02
N ALA L 73 -1.25 9.07 -6.51
CA ALA L 73 -0.88 10.31 -5.84
C ALA L 73 -0.53 11.45 -6.80
N LYS L 74 -0.32 11.15 -8.08
CA LYS L 74 0.07 12.18 -9.03
C LYS L 74 -1.06 13.18 -9.24
N ASN L 75 -0.68 14.43 -9.54
CA ASN L 75 -1.63 15.48 -9.86
C ASN L 75 -2.06 15.41 -11.32
N THR L 76 -2.62 14.24 -11.68
CA THR L 76 -3.05 13.95 -13.05
C THR L 76 -4.43 13.32 -12.99
N VAL L 77 -5.38 13.92 -13.70
CA VAL L 77 -6.76 13.45 -13.70
C VAL L 77 -7.21 13.19 -15.13
N TYR L 78 -8.08 12.19 -15.27
CA TYR L 78 -8.65 11.79 -16.55
C TYR L 78 -10.17 11.75 -16.45
N LEU L 79 -10.82 12.17 -17.53
CA LEU L 79 -12.28 12.10 -17.67
C LEU L 79 -12.56 11.38 -18.98
N GLN L 80 -12.89 10.09 -18.88
CA GLN L 80 -13.27 9.28 -20.04
C GLN L 80 -14.74 9.51 -20.32
N MET L 81 -15.04 10.10 -21.48
CA MET L 81 -16.41 10.41 -21.87
C MET L 81 -16.84 9.46 -22.98
N ASN L 82 -17.85 8.64 -22.70
CA ASN L 82 -18.42 7.69 -23.64
C ASN L 82 -19.85 8.09 -23.99
N SER L 83 -20.31 7.60 -25.14
CA SER L 83 -21.67 7.82 -25.62
C SER L 83 -22.05 9.31 -25.57
N LEU L 84 -21.32 10.10 -26.35
CA LEU L 84 -21.50 11.54 -26.31
C LEU L 84 -22.73 11.97 -27.08
N LYS L 85 -23.30 13.08 -26.66
CA LYS L 85 -24.48 13.70 -27.25
C LYS L 85 -24.15 15.14 -27.60
N PRO L 86 -24.94 15.77 -28.46
CA PRO L 86 -24.75 17.21 -28.71
C PRO L 86 -24.87 18.07 -27.46
N GLU L 87 -25.54 17.58 -26.42
CA GLU L 87 -25.65 18.34 -25.17
C GLU L 87 -24.33 18.42 -24.42
N ASP L 88 -23.36 17.55 -24.74
CA ASP L 88 -22.07 17.55 -24.08
C ASP L 88 -21.09 18.55 -24.68
N THR L 89 -21.50 19.28 -25.72
CA THR L 89 -20.63 20.28 -26.33
C THR L 89 -20.38 21.42 -25.34
N GLY L 90 -19.15 21.93 -25.34
CA GLY L 90 -18.83 23.09 -24.54
C GLY L 90 -17.37 23.12 -24.17
N VAL L 91 -17.03 24.06 -23.29
CA VAL L 91 -15.66 24.25 -22.83
C VAL L 91 -15.50 23.54 -21.49
N TYR L 92 -14.62 22.55 -21.43
CA TYR L 92 -14.37 21.78 -20.22
C TYR L 92 -13.14 22.33 -19.51
N TYR L 93 -13.29 22.62 -18.22
CA TYR L 93 -12.22 23.10 -17.38
C TYR L 93 -11.86 22.05 -16.34
N CYS L 94 -10.59 22.05 -15.94
CA CYS L 94 -10.13 21.21 -14.84
C CYS L 94 -9.86 22.08 -13.62
N LYS L 95 -10.20 21.56 -12.44
CA LYS L 95 -10.05 22.27 -11.19
C LYS L 95 -9.32 21.40 -10.19
N GLY L 96 -8.28 21.95 -9.58
CA GLY L 96 -7.58 21.30 -8.49
C GLY L 96 -7.81 22.08 -7.21
N VAL L 97 -7.88 21.36 -6.09
CA VAL L 97 -8.15 21.95 -4.79
C VAL L 97 -7.16 21.37 -3.79
N MET L 98 -6.44 22.25 -3.08
CA MET L 98 -5.46 21.87 -2.10
C MET L 98 -5.86 22.41 -0.73
N GLU L 99 -5.63 21.63 0.31
CA GLU L 99 -5.91 22.04 1.68
C GLU L 99 -4.65 21.85 2.51
N VAL L 100 -4.09 22.95 3.01
CA VAL L 100 -2.89 22.92 3.83
C VAL L 100 -3.16 23.70 5.10
N GLY L 101 -3.14 23.01 6.24
CA GLY L 101 -3.35 23.65 7.53
C GLY L 101 -4.66 24.40 7.61
N GLY L 102 -5.67 23.91 6.90
CA GLY L 102 -6.96 24.55 6.85
C GLY L 102 -7.15 25.52 5.71
N VAL L 103 -6.06 26.08 5.18
CA VAL L 103 -6.15 26.99 4.04
C VAL L 103 -6.48 26.21 2.78
N ILE L 104 -7.53 26.62 2.09
CA ILE L 104 -8.05 25.93 0.92
C ILE L 104 -7.80 26.80 -0.31
N ASP L 105 -7.07 26.27 -1.28
CA ASP L 105 -6.73 26.98 -2.50
C ASP L 105 -7.26 26.23 -3.71
N GLU L 106 -7.76 27.00 -4.68
CA GLU L 106 -8.23 26.48 -5.95
C GLU L 106 -7.23 26.79 -7.05
N TYR L 107 -7.26 25.97 -8.11
CA TYR L 107 -6.44 26.18 -9.30
C TYR L 107 -7.24 25.73 -10.51
N TRP L 108 -7.27 26.55 -11.55
CA TRP L 108 -8.07 26.29 -12.74
C TRP L 108 -7.19 26.15 -13.97
N GLY L 109 -7.61 25.30 -14.90
CA GLY L 109 -7.04 25.30 -16.22
C GLY L 109 -7.70 26.33 -17.12
N GLN L 110 -7.14 26.51 -18.31
CA GLN L 110 -7.67 27.52 -19.23
C GLN L 110 -8.85 27.01 -20.06
N GLY L 111 -9.14 25.72 -20.02
CA GLY L 111 -10.29 25.20 -20.73
C GLY L 111 -9.91 24.57 -22.06
N THR L 112 -10.72 23.58 -22.47
CA THR L 112 -10.55 22.94 -23.76
C THR L 112 -11.92 22.72 -24.39
N GLN L 113 -12.03 23.01 -25.67
CA GLN L 113 -13.31 22.89 -26.36
C GLN L 113 -13.58 21.45 -26.75
N VAL L 114 -14.84 21.03 -26.61
CA VAL L 114 -15.30 19.72 -27.02
C VAL L 114 -16.57 19.92 -27.84
N THR L 115 -16.53 19.46 -29.10
CA THR L 115 -17.64 19.60 -30.03
C THR L 115 -18.11 18.22 -30.45
N VAL L 116 -19.42 18.00 -30.40
CA VAL L 116 -20.04 16.74 -30.79
C VAL L 116 -20.98 17.02 -31.96
N SER L 117 -20.99 16.09 -32.92
CA SER L 117 -21.81 16.24 -34.12
C SER L 117 -23.09 15.41 -34.02
#